data_9R3M
#
_entry.id   9R3M
#
_cell.length_a   208.443
_cell.length_b   112.896
_cell.length_c   189.009
_cell.angle_alpha   90
_cell.angle_beta   91.06
_cell.angle_gamma   90
#
_symmetry.space_group_name_H-M   'C 1 2 1'
#
loop_
_entity.id
_entity.type
_entity.pdbx_description
1 polymer 'Isoform L-type of Pyruvate kinase PKLR'
2 non-polymer 1,6-di-O-phosphono-beta-D-fructofuranose
3 non-polymer 'OXALATE ION'
4 non-polymer 'MAGNESIUM ION'
5 non-polymer 'POTASSIUM ION'
6 non-polymer 4-[4-[(7-piperidin-1-yl-2,1,3-benzoxadiazol-4-yl)sulfonyl]piperazin-1-yl]sulfonylbenzene-1,2-diol
7 water water
#
_entity_poly.entity_id   1
_entity_poly.type   'polypeptide(L)'
_entity_poly.pdbx_seq_one_letter_code
;GSMEGPAGYLRRADVAQLTQELGTAFFQQQQLPAAMADTFLEHLCLLDIDSEPVAARSTSIIATIGPASRSVERLKEMIK
AGMNIARLNFSHGSHEYHAESIANVREAVESFAGSPLSYRPVAIALDTKGPGSGPGLSEQDVRDLRFGVEHGVDIVFASF
VRKASDVAAVRAALGPEGHGIKIISKIENHEGVKRFDEILEVSDGIMVARGDLGIEIPAEKVFLAQKMMIGRCNLAGKPV
VCATQMLESMITKPRPTRAETSDVANAVLDGADCIMLSGETAKGNFPVEAVKMQHAIAREAEAAVYHRQLFEELRRAAPL
SRDPTEVTAIGAVEAAFKCCAAAIIVLTTTGRSAQLLSRYRPRAAVIAVTRSAQAARQVHLCRGVFPLLYREPPEAIWAD
DVDRRVQFGIESGKLRGFLRVGDLVIVVTGWRPGSGYTNIMRVLSIS
;
_entity_poly.pdbx_strand_id   A,B,C,D,E,F,G,H
#
# COMPACT_ATOMS: atom_id res chain seq x y z
N ALA A 25 -12.29 25.16 -21.72
CA ALA A 25 -11.86 24.73 -23.04
C ALA A 25 -10.77 25.64 -23.59
N PHE A 26 -10.87 26.96 -23.35
CA PHE A 26 -9.88 27.93 -23.81
C PHE A 26 -8.51 27.60 -23.24
N PHE A 27 -8.45 27.26 -21.94
CA PHE A 27 -7.19 26.96 -21.27
C PHE A 27 -6.65 25.55 -21.52
N GLN A 28 -7.35 24.71 -22.28
CA GLN A 28 -6.83 23.39 -22.65
C GLN A 28 -6.12 23.43 -24.02
N GLN A 29 -6.55 24.35 -24.91
CA GLN A 29 -6.00 24.55 -26.25
C GLN A 29 -4.68 25.34 -26.24
N GLN A 30 -4.01 25.42 -27.41
CA GLN A 30 -2.76 26.13 -27.71
C GLN A 30 -1.67 25.98 -26.63
N GLN A 31 -1.54 24.75 -26.08
CA GLN A 31 -0.56 24.40 -25.04
C GLN A 31 -0.58 25.34 -23.84
N LEU A 32 -1.77 25.86 -23.47
CA LEU A 32 -1.87 26.78 -22.34
C LEU A 32 -1.48 26.16 -21.00
N PRO A 33 -1.77 24.88 -20.69
CA PRO A 33 -1.22 24.29 -19.44
C PRO A 33 0.33 24.33 -19.44
N ALA A 34 0.98 24.00 -20.58
CA ALA A 34 2.44 24.05 -20.67
C ALA A 34 2.98 25.49 -20.60
N ALA A 35 2.19 26.46 -21.08
CA ALA A 35 2.57 27.88 -21.06
C ALA A 35 2.56 28.47 -19.65
N MET A 36 1.68 27.96 -18.77
CA MET A 36 1.61 28.45 -17.38
C MET A 36 2.66 27.84 -16.46
N ALA A 37 3.44 26.85 -16.93
CA ALA A 37 4.42 26.17 -16.09
C ALA A 37 5.48 27.08 -15.48
N ASP A 38 5.93 26.74 -14.28
CA ASP A 38 6.88 27.56 -13.55
C ASP A 38 8.34 27.33 -13.93
N THR A 39 8.65 26.21 -14.59
CA THR A 39 9.98 25.91 -15.07
C THR A 39 9.89 25.38 -16.51
N PHE A 40 10.99 25.43 -17.26
CA PHE A 40 11.03 24.90 -18.61
C PHE A 40 10.82 23.37 -18.59
N LEU A 41 11.37 22.67 -17.58
CA LEU A 41 11.22 21.23 -17.46
C LEU A 41 9.76 20.86 -17.29
N GLU A 42 9.02 21.59 -16.43
CA GLU A 42 7.59 21.36 -16.23
C GLU A 42 6.78 21.70 -17.48
N HIS A 43 7.24 22.72 -18.23
CA HIS A 43 6.64 23.13 -19.49
C HIS A 43 6.71 21.95 -20.48
N LEU A 44 7.87 21.31 -20.61
CA LEU A 44 8.01 20.15 -21.49
C LEU A 44 7.10 19.01 -21.04
N CYS A 45 7.07 18.74 -19.73
CA CYS A 45 6.24 17.68 -19.17
C CYS A 45 4.74 17.88 -19.41
N LEU A 46 4.31 19.14 -19.58
CA LEU A 46 2.91 19.48 -19.82
C LEU A 46 2.54 19.61 -21.30
N LEU A 47 3.47 19.40 -22.24
CA LEU A 47 3.15 19.49 -23.67
C LEU A 47 2.16 18.36 -24.00
N ASP A 48 1.09 18.68 -24.74
CA ASP A 48 0.00 17.75 -24.99
C ASP A 48 -0.32 17.64 -26.48
N ILE A 49 -0.20 16.42 -27.04
CA ILE A 49 -0.54 16.19 -28.45
C ILE A 49 -2.04 16.42 -28.75
N ASP A 50 -2.90 16.38 -27.71
CA ASP A 50 -4.33 16.64 -27.88
C ASP A 50 -4.68 18.12 -27.73
N SER A 51 -3.72 18.99 -27.35
CA SER A 51 -3.97 20.42 -27.21
C SER A 51 -3.84 21.05 -28.59
N GLU A 52 -4.96 21.39 -29.22
CA GLU A 52 -4.95 21.91 -30.58
C GLU A 52 -4.55 23.37 -30.72
N PRO A 53 -3.74 23.71 -31.73
CA PRO A 53 -3.36 25.11 -31.91
C PRO A 53 -4.55 25.96 -32.38
N VAL A 54 -4.74 27.15 -31.82
CA VAL A 54 -5.87 28.00 -32.20
C VAL A 54 -5.40 29.23 -32.96
N ALA A 55 -4.31 29.85 -32.49
CA ALA A 55 -3.76 31.05 -33.11
C ALA A 55 -3.31 30.81 -34.54
N ALA A 56 -3.29 31.90 -35.33
CA ALA A 56 -2.84 31.86 -36.70
C ALA A 56 -1.32 31.60 -36.73
N ARG A 57 -0.84 30.95 -37.80
CA ARG A 57 0.57 30.62 -37.96
C ARG A 57 1.41 31.89 -38.14
N SER A 58 2.31 32.13 -37.19
CA SER A 58 3.23 33.28 -37.07
C SER A 58 4.50 33.24 -37.91
N THR A 59 5.10 32.06 -38.08
CA THR A 59 6.36 31.94 -38.79
C THR A 59 6.10 31.92 -40.28
N SER A 60 6.62 32.91 -41.03
CA SER A 60 6.39 32.97 -42.46
C SER A 60 7.09 31.88 -43.22
N ILE A 61 6.47 31.44 -44.30
CA ILE A 61 7.00 30.40 -45.18
C ILE A 61 7.51 31.06 -46.45
N ILE A 62 8.79 30.84 -46.76
CA ILE A 62 9.39 31.31 -47.99
C ILE A 62 9.44 30.10 -48.91
N ALA A 63 8.82 30.18 -50.10
CA ALA A 63 8.84 29.07 -51.05
C ALA A 63 9.62 29.46 -52.28
N THR A 64 10.60 28.65 -52.68
CA THR A 64 11.39 28.93 -53.87
C THR A 64 10.57 28.58 -55.12
N ILE A 65 10.49 29.54 -56.07
CA ILE A 65 9.75 29.37 -57.30
C ILE A 65 10.61 28.70 -58.37
N GLY A 66 10.06 27.68 -59.01
CA GLY A 66 10.73 26.96 -60.08
C GLY A 66 9.75 26.23 -60.98
N PRO A 67 10.26 25.29 -61.80
CA PRO A 67 9.36 24.53 -62.69
C PRO A 67 8.15 23.88 -62.01
N ALA A 68 8.29 23.43 -60.76
CA ALA A 68 7.18 22.79 -60.04
C ALA A 68 6.17 23.77 -59.43
N SER A 69 6.50 25.06 -59.39
CA SER A 69 5.64 26.04 -58.73
C SER A 69 5.49 27.34 -59.53
N ARG A 70 5.66 27.29 -60.86
CA ARG A 70 5.59 28.51 -61.68
C ARG A 70 4.23 28.87 -62.25
N SER A 71 3.31 27.91 -62.42
CA SER A 71 2.02 28.21 -63.01
C SER A 71 1.13 29.02 -62.09
N VAL A 72 0.28 29.88 -62.66
CA VAL A 72 -0.65 30.73 -61.91
C VAL A 72 -1.59 29.89 -61.05
N GLU A 73 -2.04 28.76 -61.57
CA GLU A 73 -2.96 27.89 -60.84
C GLU A 73 -2.27 27.19 -59.65
N ARG A 74 -1.00 26.78 -59.85
CA ARG A 74 -0.19 26.15 -58.81
C ARG A 74 0.13 27.19 -57.71
N LEU A 75 0.47 28.42 -58.13
CA LEU A 75 0.76 29.53 -57.21
C LEU A 75 -0.44 29.91 -56.35
N LYS A 76 -1.66 29.78 -56.90
CA LYS A 76 -2.87 30.07 -56.12
C LYS A 76 -3.03 29.03 -55.01
N GLU A 77 -2.71 27.75 -55.32
CA GLU A 77 -2.77 26.69 -54.33
C GLU A 77 -1.71 26.89 -53.24
N MET A 78 -0.53 27.40 -53.62
CA MET A 78 0.56 27.65 -52.67
CA MET A 78 0.56 27.65 -52.67
C MET A 78 0.26 28.83 -51.75
N ILE A 79 -0.45 29.85 -52.25
CA ILE A 79 -0.85 30.99 -51.43
C ILE A 79 -1.88 30.50 -50.41
N LYS A 80 -2.84 29.66 -50.84
CA LYS A 80 -3.86 29.09 -49.96
C LYS A 80 -3.25 28.14 -48.92
N ALA A 81 -2.18 27.41 -49.29
CA ALA A 81 -1.48 26.50 -48.39
C ALA A 81 -0.67 27.25 -47.32
N GLY A 82 -0.28 28.51 -47.58
CA GLY A 82 0.44 29.32 -46.61
C GLY A 82 1.70 30.05 -47.05
N MET A 83 2.08 30.00 -48.34
CA MET A 83 3.27 30.71 -48.81
C MET A 83 3.12 32.22 -48.58
N ASN A 84 4.11 32.85 -47.94
CA ASN A 84 4.07 34.29 -47.66
C ASN A 84 5.07 35.05 -48.49
N ILE A 85 6.21 34.41 -48.85
CA ILE A 85 7.28 35.03 -49.61
C ILE A 85 7.69 34.09 -50.73
N ALA A 86 7.74 34.60 -51.96
CA ALA A 86 8.16 33.82 -53.11
C ALA A 86 9.65 34.12 -53.37
N ARG A 87 10.50 33.09 -53.34
CA ARG A 87 11.93 33.27 -53.55
C ARG A 87 12.31 32.96 -54.99
N LEU A 88 13.07 33.86 -55.60
CA LEU A 88 13.53 33.68 -56.97
C LEU A 88 15.01 33.41 -56.87
N ASN A 89 15.43 32.20 -57.25
CA ASN A 89 16.85 31.86 -57.15
C ASN A 89 17.56 32.29 -58.42
N PHE A 90 18.30 33.40 -58.36
CA PHE A 90 19.01 33.90 -59.53
C PHE A 90 20.30 33.12 -59.87
N SER A 91 20.53 31.98 -59.22
CA SER A 91 21.63 31.09 -59.60
C SER A 91 21.28 30.35 -60.91
N HIS A 92 19.97 30.17 -61.20
CA HIS A 92 19.46 29.51 -62.39
C HIS A 92 18.42 30.39 -63.07
N GLY A 93 18.26 30.24 -64.37
CA GLY A 93 17.26 30.98 -65.13
C GLY A 93 17.69 32.36 -65.58
N SER A 94 17.10 32.80 -66.68
CA SER A 94 17.38 34.10 -67.27
C SER A 94 16.50 35.21 -66.65
N HIS A 95 16.77 36.47 -66.99
CA HIS A 95 15.94 37.57 -66.54
C HIS A 95 14.50 37.42 -67.07
N GLU A 96 14.35 36.91 -68.31
CA GLU A 96 13.05 36.67 -68.93
C GLU A 96 12.27 35.62 -68.15
N TYR A 97 12.96 34.57 -67.68
CA TYR A 97 12.37 33.50 -66.90
C TYR A 97 11.85 34.04 -65.56
N HIS A 98 12.68 34.82 -64.85
CA HIS A 98 12.31 35.39 -63.57
C HIS A 98 11.21 36.43 -63.67
N ALA A 99 11.19 37.23 -64.76
CA ALA A 99 10.13 38.22 -64.96
C ALA A 99 8.77 37.53 -65.13
N GLU A 100 8.77 36.36 -65.80
CA GLU A 100 7.55 35.59 -65.98
C GLU A 100 7.09 34.98 -64.65
N SER A 101 8.05 34.54 -63.81
CA SER A 101 7.76 34.00 -62.48
C SER A 101 7.09 35.09 -61.63
N ILE A 102 7.66 36.33 -61.66
CA ILE A 102 7.15 37.49 -60.94
C ILE A 102 5.71 37.82 -61.39
N ALA A 103 5.48 37.86 -62.71
CA ALA A 103 4.17 38.15 -63.26
C ALA A 103 3.14 37.11 -62.84
N ASN A 104 3.55 35.81 -62.82
CA ASN A 104 2.66 34.73 -62.42
C ASN A 104 2.32 34.80 -60.95
N VAL A 105 3.30 35.17 -60.11
CA VAL A 105 3.09 35.33 -58.68
C VAL A 105 2.10 36.46 -58.46
N ARG A 106 2.35 37.64 -59.06
CA ARG A 106 1.46 38.79 -58.96
C ARG A 106 0.04 38.51 -59.46
N GLU A 107 -0.10 37.72 -60.53
CA GLU A 107 -1.42 37.37 -61.05
C GLU A 107 -2.17 36.48 -60.04
N ALA A 108 -1.48 35.49 -59.48
CA ALA A 108 -2.08 34.60 -58.48
C ALA A 108 -2.44 35.37 -57.20
N VAL A 109 -1.58 36.29 -56.76
CA VAL A 109 -1.82 37.11 -55.57
C VAL A 109 -3.03 38.03 -55.77
N GLU A 110 -3.07 38.73 -56.91
CA GLU A 110 -4.16 39.67 -57.18
C GLU A 110 -5.49 39.01 -57.50
N SER A 111 -5.51 37.70 -57.77
CA SER A 111 -6.77 37.00 -58.00
C SER A 111 -7.68 36.97 -56.73
N PHE A 112 -7.10 37.23 -55.55
CA PHE A 112 -7.82 37.27 -54.28
C PHE A 112 -8.12 38.71 -53.79
N ALA A 113 -7.70 39.74 -54.55
CA ALA A 113 -7.91 41.16 -54.19
C ALA A 113 -9.37 41.62 -54.18
N GLY A 114 -10.26 40.83 -54.80
CA GLY A 114 -11.69 41.13 -54.83
C GLY A 114 -12.35 41.10 -53.47
N SER A 115 -11.73 40.40 -52.49
CA SER A 115 -12.23 40.32 -51.12
C SER A 115 -11.17 40.97 -50.22
N PRO A 116 -11.26 42.30 -49.99
CA PRO A 116 -10.21 43.00 -49.22
C PRO A 116 -10.05 42.61 -47.75
N LEU A 117 -11.13 42.15 -47.07
CA LEU A 117 -11.00 41.72 -45.68
C LEU A 117 -10.31 40.34 -45.54
N SER A 118 -9.97 39.66 -46.66
CA SER A 118 -9.27 38.37 -46.59
C SER A 118 -8.02 38.28 -47.51
N TYR A 119 -7.73 39.35 -48.29
CA TYR A 119 -6.58 39.40 -49.20
C TYR A 119 -5.24 39.23 -48.45
N ARG A 120 -4.42 38.31 -48.95
CA ARG A 120 -3.11 38.04 -48.37
C ARG A 120 -1.98 38.56 -49.24
N PRO A 121 -1.24 39.56 -48.76
CA PRO A 121 -0.07 40.03 -49.51
C PRO A 121 1.03 38.96 -49.58
N VAL A 122 1.80 38.90 -50.67
CA VAL A 122 2.89 37.94 -50.81
C VAL A 122 4.14 38.68 -51.26
N ALA A 123 5.23 38.60 -50.51
CA ALA A 123 6.47 39.28 -50.88
C ALA A 123 7.21 38.54 -52.00
N ILE A 124 8.07 39.27 -52.72
CA ILE A 124 8.90 38.68 -53.76
C ILE A 124 10.32 38.96 -53.37
N ALA A 125 11.11 37.90 -53.19
CA ALA A 125 12.51 38.02 -52.77
C ALA A 125 13.43 37.53 -53.86
N LEU A 126 14.51 38.27 -54.11
CA LEU A 126 15.48 37.91 -55.13
C LEU A 126 16.69 37.33 -54.41
N ASP A 127 17.04 36.08 -54.67
CA ASP A 127 18.20 35.45 -54.07
C ASP A 127 19.34 35.54 -55.08
N THR A 128 20.42 36.27 -54.75
CA THR A 128 21.54 36.47 -55.68
C THR A 128 22.40 35.22 -55.91
N LYS A 129 23.08 35.19 -57.07
CA LYS A 129 23.96 34.08 -57.43
C LYS A 129 25.20 34.05 -56.51
N GLY A 130 25.75 35.22 -56.20
CA GLY A 130 26.88 35.31 -55.30
C GLY A 130 28.17 35.78 -55.93
N PRO A 131 29.22 35.98 -55.10
CA PRO A 131 30.49 36.49 -55.63
C PRO A 131 31.37 35.44 -56.32
N GLY A 132 31.15 34.16 -56.02
CA GLY A 132 31.96 33.07 -56.55
C GLY A 132 33.39 33.19 -56.08
N SER A 133 34.34 33.12 -57.03
CA SER A 133 35.76 33.28 -56.70
C SER A 133 36.19 34.75 -56.54
N GLY A 134 35.32 35.69 -56.96
CA GLY A 134 35.57 37.13 -56.89
C GLY A 134 35.64 37.72 -55.51
N PRO A 135 36.33 38.88 -55.39
CA PRO A 135 36.50 39.50 -54.07
C PRO A 135 35.30 40.29 -53.54
N GLY A 136 34.54 40.86 -54.48
CA GLY A 136 33.39 41.67 -54.13
C GLY A 136 32.15 41.32 -54.91
N LEU A 137 31.30 42.32 -55.15
CA LEU A 137 30.06 42.13 -55.87
C LEU A 137 30.31 41.80 -57.33
N SER A 138 29.86 40.60 -57.75
CA SER A 138 30.04 40.13 -59.13
C SER A 138 29.25 40.99 -60.12
N GLU A 139 29.66 40.98 -61.40
CA GLU A 139 28.97 41.75 -62.42
C GLU A 139 27.57 41.21 -62.68
N GLN A 140 27.38 39.88 -62.54
CA GLN A 140 26.04 39.31 -62.72
C GLN A 140 25.12 39.77 -61.60
N ASP A 141 25.63 39.86 -60.35
CA ASP A 141 24.85 40.34 -59.24
C ASP A 141 24.44 41.78 -59.44
N VAL A 142 25.32 42.62 -59.99
CA VAL A 142 24.98 44.02 -60.28
C VAL A 142 23.80 44.11 -61.26
N ARG A 143 23.79 43.23 -62.27
CA ARG A 143 22.72 43.19 -63.25
C ARG A 143 21.41 42.64 -62.68
N ASP A 144 21.52 41.58 -61.86
CA ASP A 144 20.36 40.95 -61.23
C ASP A 144 19.72 41.88 -60.19
N LEU A 145 20.54 42.61 -59.41
CA LEU A 145 20.04 43.57 -58.44
C LEU A 145 19.29 44.68 -59.16
N ARG A 146 19.87 45.18 -60.27
CA ARG A 146 19.22 46.21 -61.10
C ARG A 146 17.87 45.70 -61.63
N PHE A 147 17.82 44.43 -62.04
CA PHE A 147 16.59 43.77 -62.49
C PHE A 147 15.55 43.80 -61.36
N GLY A 148 15.98 43.47 -60.14
CA GLY A 148 15.11 43.44 -58.96
C GLY A 148 14.46 44.78 -58.69
N VAL A 149 15.25 45.86 -58.78
CA VAL A 149 14.72 47.21 -58.57
C VAL A 149 13.70 47.54 -59.65
N GLU A 150 14.01 47.22 -60.91
CA GLU A 150 13.14 47.50 -62.04
C GLU A 150 11.85 46.69 -61.99
N HIS A 151 11.90 45.48 -61.41
CA HIS A 151 10.71 44.65 -61.28
C HIS A 151 10.01 44.75 -59.93
N GLY A 152 10.43 45.68 -59.09
CA GLY A 152 9.81 45.94 -57.80
C GLY A 152 9.87 44.84 -56.75
N VAL A 153 11.02 44.13 -56.65
CA VAL A 153 11.16 43.09 -55.63
C VAL A 153 11.19 43.75 -54.23
N ASP A 154 10.71 43.02 -53.23
CA ASP A 154 10.63 43.56 -51.88
C ASP A 154 11.87 43.30 -51.06
N ILE A 155 12.53 42.15 -51.29
CA ILE A 155 13.66 41.69 -50.50
C ILE A 155 14.77 41.15 -51.38
N VAL A 156 16.01 41.25 -50.90
CA VAL A 156 17.17 40.64 -51.54
C VAL A 156 17.79 39.68 -50.52
N PHE A 157 17.98 38.42 -50.88
CA PHE A 157 18.69 37.45 -50.04
C PHE A 157 20.09 37.49 -50.64
N ALA A 158 21.01 38.25 -50.02
CA ALA A 158 22.36 38.39 -50.56
C ALA A 158 23.25 37.22 -50.23
N SER A 159 23.63 36.43 -51.25
CA SER A 159 24.47 35.25 -51.07
C SER A 159 25.89 35.56 -50.66
N PHE A 160 26.46 34.65 -49.86
CA PHE A 160 27.83 34.66 -49.37
C PHE A 160 28.30 36.00 -48.80
N VAL A 161 27.54 36.56 -47.85
CA VAL A 161 27.94 37.80 -47.21
C VAL A 161 29.03 37.44 -46.21
N ARG A 162 30.22 38.04 -46.36
CA ARG A 162 31.38 37.74 -45.53
C ARG A 162 31.77 38.86 -44.60
N LYS A 163 31.31 40.10 -44.84
CA LYS A 163 31.67 41.30 -44.07
C LYS A 163 30.68 42.45 -44.35
N ALA A 164 30.74 43.52 -43.55
CA ALA A 164 29.87 44.67 -43.72
C ALA A 164 29.99 45.35 -45.10
N SER A 165 31.20 45.39 -45.69
CA SER A 165 31.38 46.02 -47.00
C SER A 165 30.63 45.29 -48.14
N ASP A 166 30.37 43.98 -47.97
CA ASP A 166 29.59 43.22 -48.94
C ASP A 166 28.14 43.73 -48.95
N VAL A 167 27.59 44.04 -47.77
CA VAL A 167 26.24 44.56 -47.65
C VAL A 167 26.15 45.96 -48.25
N ALA A 168 27.18 46.80 -48.01
CA ALA A 168 27.23 48.14 -48.57
C ALA A 168 27.25 48.09 -50.10
N ALA A 169 27.95 47.09 -50.68
CA ALA A 169 28.02 46.92 -52.13
C ALA A 169 26.67 46.54 -52.69
N VAL A 170 25.94 45.63 -52.01
CA VAL A 170 24.59 45.23 -52.45
C VAL A 170 23.64 46.42 -52.40
N ARG A 171 23.75 47.22 -51.33
CA ARG A 171 22.96 48.42 -51.12
C ARG A 171 23.21 49.44 -52.21
N ALA A 172 24.49 49.65 -52.56
CA ALA A 172 24.87 50.59 -53.60
C ALA A 172 24.37 50.14 -54.98
N ALA A 173 24.43 48.84 -55.27
CA ALA A 173 23.93 48.31 -56.54
C ALA A 173 22.41 48.41 -56.70
N LEU A 174 21.68 48.53 -55.59
CA LEU A 174 20.23 48.73 -55.64
C LEU A 174 19.89 50.20 -56.05
N GLY A 175 20.82 51.13 -55.80
CA GLY A 175 20.70 52.53 -56.17
C GLY A 175 19.66 53.31 -55.40
N PRO A 176 19.38 54.54 -55.88
CA PRO A 176 18.39 55.38 -55.19
C PRO A 176 16.94 54.88 -55.29
N GLU A 177 16.60 54.11 -56.35
CA GLU A 177 15.22 53.59 -56.48
C GLU A 177 14.96 52.33 -55.61
N GLY A 178 16.02 51.67 -55.16
CA GLY A 178 15.92 50.47 -54.33
C GLY A 178 16.24 50.70 -52.87
N HIS A 179 16.04 51.96 -52.41
CA HIS A 179 16.27 52.40 -51.03
C HIS A 179 15.42 51.60 -50.02
N GLY A 180 14.21 51.22 -50.43
CA GLY A 180 13.22 50.54 -49.61
C GLY A 180 13.27 49.03 -49.62
N ILE A 181 14.11 48.44 -50.46
CA ILE A 181 14.25 46.98 -50.53
C ILE A 181 15.00 46.48 -49.29
N LYS A 182 14.52 45.39 -48.66
CA LYS A 182 15.17 44.84 -47.49
C LYS A 182 16.32 43.93 -47.88
N ILE A 183 17.48 44.09 -47.23
CA ILE A 183 18.63 43.22 -47.51
C ILE A 183 18.79 42.21 -46.39
N ILE A 184 18.59 40.94 -46.73
CA ILE A 184 18.77 39.84 -45.78
C ILE A 184 20.08 39.19 -46.15
N SER A 185 21.09 39.29 -45.29
CA SER A 185 22.40 38.72 -45.57
C SER A 185 22.44 37.22 -45.30
N LYS A 186 22.82 36.43 -46.31
CA LYS A 186 22.96 35.00 -46.15
C LYS A 186 24.35 34.67 -45.58
N ILE A 187 24.39 34.00 -44.42
CA ILE A 187 25.65 33.59 -43.80
C ILE A 187 25.90 32.16 -44.25
N GLU A 188 26.94 31.95 -45.07
CA GLU A 188 27.19 30.64 -45.68
C GLU A 188 28.58 30.09 -45.46
N ASN A 189 29.44 30.77 -44.70
CA ASN A 189 30.80 30.28 -44.49
C ASN A 189 31.37 30.71 -43.13
N HIS A 190 32.60 30.25 -42.81
CA HIS A 190 33.24 30.57 -41.55
C HIS A 190 33.40 32.07 -41.35
N GLU A 191 33.79 32.81 -42.41
CA GLU A 191 34.00 34.27 -42.28
C GLU A 191 32.73 35.00 -41.92
N GLY A 192 31.63 34.64 -42.56
CA GLY A 192 30.33 35.22 -42.27
C GLY A 192 29.91 35.00 -40.82
N VAL A 193 30.21 33.79 -40.27
CA VAL A 193 29.91 33.46 -38.88
C VAL A 193 30.79 34.30 -37.94
N LYS A 194 32.10 34.38 -38.25
CA LYS A 194 33.02 35.14 -37.39
C LYS A 194 32.77 36.64 -37.42
N ARG A 195 32.39 37.17 -38.57
CA ARG A 195 32.08 38.60 -38.70
C ARG A 195 30.59 38.88 -38.62
N PHE A 196 29.80 37.96 -38.03
CA PHE A 196 28.34 38.08 -37.89
C PHE A 196 27.87 39.41 -37.33
N ASP A 197 28.42 39.85 -36.21
CA ASP A 197 27.98 41.09 -35.58
C ASP A 197 28.05 42.32 -36.50
N GLU A 198 29.14 42.45 -37.27
CA GLU A 198 29.26 43.59 -38.18
C GLU A 198 28.31 43.46 -39.38
N ILE A 199 27.99 42.24 -39.80
CA ILE A 199 27.07 42.00 -40.90
C ILE A 199 25.64 42.33 -40.48
N LEU A 200 25.22 41.83 -39.31
CA LEU A 200 23.87 42.07 -38.80
C LEU A 200 23.63 43.56 -38.57
N GLU A 201 24.63 44.29 -38.08
CA GLU A 201 24.54 45.71 -37.82
C GLU A 201 24.14 46.53 -39.04
N VAL A 202 24.64 46.16 -40.23
CA VAL A 202 24.30 46.88 -41.46
C VAL A 202 23.22 46.21 -42.30
N SER A 203 22.74 45.02 -41.92
CA SER A 203 21.73 44.32 -42.70
C SER A 203 20.35 44.51 -42.08
N ASP A 204 19.29 44.24 -42.87
CA ASP A 204 17.94 44.27 -42.32
C ASP A 204 17.59 42.95 -41.57
N GLY A 205 18.29 41.88 -41.92
CA GLY A 205 18.10 40.56 -41.33
C GLY A 205 19.10 39.57 -41.84
N ILE A 206 18.95 38.31 -41.43
CA ILE A 206 19.92 37.26 -41.76
C ILE A 206 19.23 36.00 -42.26
N MET A 207 19.92 35.25 -43.11
CA MET A 207 19.46 33.93 -43.51
C MET A 207 20.56 32.95 -43.08
N VAL A 208 20.20 31.90 -42.34
CA VAL A 208 21.13 30.84 -41.97
C VAL A 208 21.09 29.91 -43.17
N ALA A 209 22.02 30.10 -44.13
CA ALA A 209 22.06 29.35 -45.38
C ALA A 209 22.82 28.07 -45.13
N ARG A 210 22.12 27.07 -44.57
CA ARG A 210 22.69 25.81 -44.10
C ARG A 210 23.32 24.90 -45.15
N GLY A 211 22.89 24.99 -46.41
CA GLY A 211 23.46 24.20 -47.49
C GLY A 211 24.95 24.45 -47.66
N ASP A 212 25.33 25.68 -48.00
CA ASP A 212 26.73 26.03 -48.14
C ASP A 212 27.44 26.02 -46.82
N LEU A 213 26.78 26.49 -45.75
CA LEU A 213 27.38 26.53 -44.42
C LEU A 213 27.81 25.12 -43.96
N GLY A 214 27.01 24.11 -44.30
CA GLY A 214 27.28 22.71 -43.98
C GLY A 214 28.44 22.09 -44.74
N ILE A 215 28.91 22.75 -45.82
CA ILE A 215 30.07 22.35 -46.60
C ILE A 215 31.28 23.20 -46.17
N GLU A 216 31.07 24.48 -45.85
CA GLU A 216 32.11 25.41 -45.47
C GLU A 216 32.67 25.17 -44.07
N ILE A 217 31.82 24.70 -43.16
CA ILE A 217 32.21 24.34 -41.79
C ILE A 217 31.77 22.87 -41.54
N PRO A 218 32.32 22.16 -40.53
CA PRO A 218 31.87 20.78 -40.27
C PRO A 218 30.35 20.69 -40.09
N ALA A 219 29.73 19.68 -40.72
CA ALA A 219 28.28 19.49 -40.68
C ALA A 219 27.72 19.43 -39.28
N GLU A 220 28.47 18.83 -38.33
CA GLU A 220 28.07 18.71 -36.93
C GLU A 220 28.13 20.04 -36.16
N LYS A 221 28.58 21.13 -36.79
CA LYS A 221 28.66 22.43 -36.14
C LYS A 221 27.57 23.40 -36.64
N VAL A 222 26.88 23.09 -37.75
CA VAL A 222 25.85 23.98 -38.28
C VAL A 222 24.77 24.36 -37.26
N PHE A 223 24.32 23.43 -36.40
CA PHE A 223 23.32 23.74 -35.40
C PHE A 223 23.79 24.81 -34.43
N LEU A 224 25.09 24.86 -34.13
CA LEU A 224 25.62 25.88 -33.22
C LEU A 224 25.53 27.26 -33.89
N ALA A 225 25.87 27.34 -35.18
CA ALA A 225 25.82 28.58 -35.92
C ALA A 225 24.36 29.03 -36.09
N GLN A 226 23.44 28.09 -36.35
CA GLN A 226 22.02 28.43 -36.49
C GLN A 226 21.47 28.97 -35.18
N LYS A 227 21.70 28.27 -34.06
CA LYS A 227 21.17 28.69 -32.78
C LYS A 227 21.77 30.01 -32.31
N MET A 228 23.07 30.23 -32.55
CA MET A 228 23.73 31.48 -32.19
C MET A 228 23.16 32.63 -33.02
N MET A 229 23.06 32.46 -34.35
CA MET A 229 22.58 33.53 -35.23
C MET A 229 21.14 33.89 -34.97
N ILE A 230 20.28 32.88 -34.71
CA ILE A 230 18.89 33.15 -34.37
C ILE A 230 18.81 33.94 -33.07
N GLY A 231 19.58 33.53 -32.07
CA GLY A 231 19.64 34.23 -30.79
C GLY A 231 20.07 35.68 -30.91
N ARG A 232 21.15 35.93 -31.67
CA ARG A 232 21.64 37.28 -31.87
C ARG A 232 20.66 38.15 -32.68
N CYS A 233 19.96 37.56 -33.65
CA CYS A 233 18.95 38.31 -34.41
C CYS A 233 17.76 38.63 -33.53
N ASN A 234 17.34 37.67 -32.67
CA ASN A 234 16.22 37.92 -31.74
C ASN A 234 16.58 39.04 -30.76
N LEU A 235 17.84 39.05 -30.29
CA LEU A 235 18.34 40.09 -29.38
CA LEU A 235 18.35 40.08 -29.39
C LEU A 235 18.31 41.46 -30.10
N ALA A 236 18.73 41.49 -31.37
CA ALA A 236 18.75 42.70 -32.17
C ALA A 236 17.36 43.15 -32.68
N GLY A 237 16.36 42.28 -32.61
CA GLY A 237 15.03 42.57 -33.10
C GLY A 237 14.99 42.63 -34.62
N LYS A 238 15.85 41.82 -35.29
CA LYS A 238 15.91 41.79 -36.75
C LYS A 238 15.54 40.40 -37.26
N PRO A 239 14.83 40.33 -38.41
CA PRO A 239 14.40 39.01 -38.91
C PRO A 239 15.50 38.01 -39.20
N VAL A 240 15.24 36.73 -38.88
CA VAL A 240 16.17 35.64 -39.18
C VAL A 240 15.41 34.51 -39.87
N VAL A 241 15.98 33.99 -40.96
CA VAL A 241 15.39 32.92 -41.75
C VAL A 241 16.18 31.65 -41.57
N CYS A 242 15.50 30.51 -41.30
CA CYS A 242 16.19 29.23 -41.30
C CYS A 242 15.97 28.61 -42.66
N ALA A 243 17.04 28.16 -43.33
CA ALA A 243 16.91 27.67 -44.69
C ALA A 243 17.66 26.37 -44.96
N THR A 244 17.21 25.65 -46.02
CA THR A 244 17.80 24.49 -46.71
C THR A 244 17.63 23.14 -46.05
N GLN A 245 17.08 22.20 -46.83
CA GLN A 245 16.86 20.81 -46.51
C GLN A 245 15.95 20.56 -45.33
N MET A 246 15.04 21.52 -45.03
CA MET A 246 14.11 21.37 -43.92
C MET A 246 13.16 20.20 -44.12
N LEU A 247 12.68 20.00 -45.37
CA LEU A 247 11.79 18.90 -45.73
C LEU A 247 12.31 18.22 -47.02
N GLU A 248 13.63 18.10 -47.16
CA GLU A 248 14.30 17.57 -48.34
C GLU A 248 13.66 16.33 -48.98
N SER A 249 13.34 15.31 -48.19
CA SER A 249 12.76 14.08 -48.72
C SER A 249 11.42 14.31 -49.44
N MET A 250 10.72 15.42 -49.15
CA MET A 250 9.46 15.73 -49.82
C MET A 250 9.63 16.16 -51.29
N ILE A 251 10.88 16.25 -51.79
CA ILE A 251 11.13 16.50 -53.20
C ILE A 251 10.58 15.29 -54.01
N THR A 252 10.74 14.05 -53.48
CA THR A 252 10.25 12.84 -54.13
C THR A 252 9.15 12.08 -53.34
N LYS A 253 9.05 12.30 -52.01
CA LYS A 253 8.08 11.56 -51.20
C LYS A 253 6.95 12.43 -50.69
N PRO A 254 5.72 11.90 -50.55
CA PRO A 254 4.59 12.75 -50.08
C PRO A 254 4.61 13.13 -48.59
N ARG A 255 5.39 12.39 -47.79
CA ARG A 255 5.50 12.64 -46.35
C ARG A 255 6.97 12.85 -46.01
N PRO A 256 7.26 13.76 -45.07
CA PRO A 256 8.67 13.97 -44.67
C PRO A 256 9.19 12.92 -43.67
N THR A 257 10.49 12.94 -43.39
CA THR A 257 11.07 12.06 -42.39
C THR A 257 10.82 12.64 -40.97
N ARG A 258 11.09 11.83 -39.92
CA ARG A 258 10.93 12.27 -38.55
C ARG A 258 11.96 13.35 -38.19
N ALA A 259 13.16 13.31 -38.80
CA ALA A 259 14.17 14.34 -38.60
C ALA A 259 13.73 15.68 -39.20
N GLU A 260 13.04 15.63 -40.35
CA GLU A 260 12.59 16.81 -41.06
C GLU A 260 11.49 17.58 -40.31
N THR A 261 10.48 16.91 -39.77
CA THR A 261 9.43 17.59 -39.00
C THR A 261 10.03 18.19 -37.71
N SER A 262 10.96 17.47 -37.09
CA SER A 262 11.67 17.91 -35.90
C SER A 262 12.50 19.17 -36.23
N ASP A 263 13.14 19.21 -37.41
CA ASP A 263 13.96 20.35 -37.82
C ASP A 263 13.11 21.62 -37.98
N VAL A 264 11.92 21.49 -38.59
CA VAL A 264 11.03 22.62 -38.77
C VAL A 264 10.55 23.11 -37.42
N ALA A 265 10.13 22.20 -36.54
CA ALA A 265 9.67 22.57 -35.20
C ALA A 265 10.76 23.25 -34.40
N ASN A 266 12.01 22.71 -34.49
CA ASN A 266 13.13 23.25 -33.73
C ASN A 266 13.60 24.58 -34.27
N ALA A 267 13.45 24.84 -35.58
CA ALA A 267 13.80 26.18 -36.11
C ALA A 267 12.85 27.22 -35.51
N VAL A 268 11.57 26.88 -35.35
CA VAL A 268 10.57 27.77 -34.76
C VAL A 268 10.87 27.93 -33.26
N LEU A 269 11.11 26.82 -32.53
CA LEU A 269 11.46 26.89 -31.12
C LEU A 269 12.76 27.64 -30.87
N ASP A 270 13.70 27.61 -31.83
CA ASP A 270 14.97 28.36 -31.75
C ASP A 270 14.70 29.86 -31.78
N GLY A 271 13.65 30.30 -32.50
CA GLY A 271 13.28 31.70 -32.60
C GLY A 271 13.32 32.27 -34.01
N ALA A 272 13.35 31.40 -35.04
CA ALA A 272 13.39 31.85 -36.44
C ALA A 272 12.10 32.58 -36.81
N ASP A 273 12.24 33.68 -37.53
CA ASP A 273 11.08 34.44 -38.01
C ASP A 273 10.49 33.77 -39.24
N CYS A 274 11.34 33.22 -40.12
CA CYS A 274 10.91 32.58 -41.35
C CYS A 274 11.53 31.21 -41.49
N ILE A 275 10.83 30.33 -42.18
CA ILE A 275 11.31 29.01 -42.57
C ILE A 275 11.22 28.93 -44.10
N MET A 276 12.15 28.22 -44.73
CA MET A 276 12.24 28.19 -46.18
C MET A 276 12.14 26.80 -46.78
N LEU A 277 11.69 26.76 -48.04
CA LEU A 277 11.63 25.55 -48.86
C LEU A 277 12.38 25.89 -50.15
N SER A 278 13.31 25.01 -50.58
CA SER A 278 14.05 25.24 -51.81
C SER A 278 13.59 24.26 -52.89
N GLY A 279 14.30 23.14 -53.08
CA GLY A 279 13.93 22.11 -54.04
C GLY A 279 12.55 21.55 -53.80
N GLU A 280 12.10 21.54 -52.53
CA GLU A 280 10.78 21.03 -52.14
C GLU A 280 9.67 21.72 -52.93
N THR A 281 9.84 23.03 -53.22
CA THR A 281 8.82 23.76 -53.98
C THR A 281 9.26 24.12 -55.41
N ALA A 282 10.58 24.32 -55.61
CA ALA A 282 11.11 24.69 -56.92
C ALA A 282 11.07 23.55 -57.95
N LYS A 283 11.45 22.33 -57.55
CA LYS A 283 11.50 21.23 -58.49
C LYS A 283 10.82 19.94 -58.05
N GLY A 284 10.39 19.86 -56.80
CA GLY A 284 9.80 18.66 -56.23
C GLY A 284 8.39 18.30 -56.66
N ASN A 285 8.02 17.03 -56.46
CA ASN A 285 6.71 16.52 -56.85
C ASN A 285 5.58 16.92 -55.92
N PHE A 286 5.89 17.49 -54.75
CA PHE A 286 4.84 17.86 -53.79
C PHE A 286 5.03 19.30 -53.26
N PRO A 287 5.10 20.34 -54.14
CA PRO A 287 5.33 21.71 -53.64
C PRO A 287 4.27 22.23 -52.68
N VAL A 288 3.00 22.00 -52.98
CA VAL A 288 1.88 22.44 -52.15
C VAL A 288 1.87 21.67 -50.82
N GLU A 289 2.16 20.37 -50.88
CA GLU A 289 2.20 19.53 -49.68
C GLU A 289 3.36 19.94 -48.76
N ALA A 290 4.49 20.37 -49.33
CA ALA A 290 5.64 20.83 -48.54
C ALA A 290 5.27 22.12 -47.79
N VAL A 291 4.54 23.03 -48.46
CA VAL A 291 4.06 24.27 -47.81
C VAL A 291 3.04 23.92 -46.71
N LYS A 292 2.10 23.01 -47.00
CA LYS A 292 1.11 22.60 -46.00
C LYS A 292 1.77 21.98 -44.77
N MET A 293 2.82 21.18 -44.98
CA MET A 293 3.55 20.53 -43.91
C MET A 293 4.28 21.56 -43.03
N GLN A 294 4.97 22.54 -43.64
CA GLN A 294 5.63 23.59 -42.86
C GLN A 294 4.61 24.40 -42.06
N HIS A 295 3.44 24.66 -42.67
CA HIS A 295 2.38 25.39 -42.00
C HIS A 295 1.89 24.61 -40.78
N ALA A 296 1.61 23.30 -40.95
CA ALA A 296 1.10 22.46 -39.87
C ALA A 296 2.09 22.36 -38.72
N ILE A 297 3.39 22.15 -39.01
CA ILE A 297 4.41 22.03 -37.97
C ILE A 297 4.61 23.35 -37.23
N ALA A 298 4.75 24.47 -37.97
CA ALA A 298 4.94 25.79 -37.37
C ALA A 298 3.84 26.16 -36.39
N ARG A 299 2.56 25.90 -36.71
CA ARG A 299 1.47 26.22 -35.78
C ARG A 299 1.61 25.45 -34.48
N GLU A 300 1.96 24.15 -34.59
CA GLU A 300 2.15 23.29 -33.43
C GLU A 300 3.33 23.80 -32.59
N ALA A 301 4.46 24.15 -33.24
CA ALA A 301 5.67 24.63 -32.56
C ALA A 301 5.47 25.97 -31.90
N GLU A 302 4.75 26.90 -32.55
CA GLU A 302 4.49 28.23 -31.99
C GLU A 302 3.69 28.16 -30.70
N ALA A 303 2.73 27.22 -30.62
CA ALA A 303 1.96 27.04 -29.39
C ALA A 303 2.83 26.44 -28.27
N ALA A 304 3.85 25.64 -28.62
CA ALA A 304 4.78 25.01 -27.67
C ALA A 304 5.89 25.97 -27.19
N VAL A 305 5.94 27.22 -27.68
CA VAL A 305 6.92 28.21 -27.23
C VAL A 305 6.66 28.55 -25.75
N TYR A 306 7.73 28.57 -24.93
CA TYR A 306 7.61 28.86 -23.52
C TYR A 306 7.69 30.38 -23.31
N HIS A 307 6.58 31.08 -23.57
CA HIS A 307 6.50 32.55 -23.51
C HIS A 307 6.91 33.13 -22.17
N ARG A 308 6.66 32.43 -21.07
CA ARG A 308 7.02 32.94 -19.74
C ARG A 308 8.51 33.29 -19.63
N GLN A 309 9.38 32.38 -20.09
CA GLN A 309 10.81 32.65 -20.06
C GLN A 309 11.25 33.50 -21.25
N LEU A 310 10.70 33.21 -22.42
CA LEU A 310 11.05 33.95 -23.63
C LEU A 310 10.79 35.47 -23.48
N PHE A 311 9.59 35.85 -23.03
CA PHE A 311 9.27 37.26 -22.86
C PHE A 311 10.14 37.89 -21.81
N GLU A 312 10.33 37.21 -20.67
CA GLU A 312 11.18 37.70 -19.60
C GLU A 312 12.59 37.99 -20.06
N GLU A 313 13.15 37.08 -20.87
CA GLU A 313 14.50 37.24 -21.36
C GLU A 313 14.63 38.30 -22.41
N LEU A 314 13.64 38.39 -23.33
CA LEU A 314 13.65 39.41 -24.37
C LEU A 314 13.50 40.78 -23.77
N ARG A 315 12.57 40.91 -22.81
CA ARG A 315 12.27 42.10 -22.05
C ARG A 315 13.49 42.57 -21.27
N ARG A 316 14.19 41.66 -20.57
CA ARG A 316 15.38 42.03 -19.80
C ARG A 316 16.51 42.47 -20.72
N ALA A 317 16.75 41.72 -21.82
CA ALA A 317 17.84 41.99 -22.75
C ALA A 317 17.69 43.23 -23.62
N ALA A 318 16.45 43.67 -23.93
CA ALA A 318 16.18 44.84 -24.76
C ALA A 318 16.58 46.10 -23.99
N PRO A 319 17.47 46.96 -24.55
CA PRO A 319 17.97 48.09 -23.77
C PRO A 319 16.93 49.12 -23.43
N LEU A 320 17.19 49.93 -22.40
CA LEU A 320 16.31 51.04 -22.04
C LEU A 320 16.28 52.03 -23.22
N SER A 321 15.12 52.62 -23.48
CA SER A 321 14.99 53.48 -24.65
C SER A 321 14.13 54.67 -24.41
N ARG A 322 14.44 55.77 -25.10
CA ARG A 322 13.64 56.97 -25.04
CA ARG A 322 13.62 56.96 -25.02
C ARG A 322 12.88 57.21 -26.35
N ASP A 323 12.83 56.20 -27.25
CA ASP A 323 12.11 56.26 -28.51
C ASP A 323 10.67 55.84 -28.17
N PRO A 324 9.69 56.73 -28.42
CA PRO A 324 8.30 56.42 -28.06
C PRO A 324 7.72 55.19 -28.72
N THR A 325 8.18 54.81 -29.92
CA THR A 325 7.67 53.62 -30.59
C THR A 325 8.14 52.39 -29.81
N GLU A 326 9.44 52.37 -29.42
CA GLU A 326 10.06 51.30 -28.64
C GLU A 326 9.34 51.20 -27.26
N VAL A 327 9.11 52.36 -26.60
CA VAL A 327 8.45 52.40 -25.30
C VAL A 327 6.99 51.90 -25.42
N THR A 328 6.27 52.28 -26.48
CA THR A 328 4.89 51.86 -26.65
C THR A 328 4.82 50.37 -26.94
N ALA A 329 5.76 49.86 -27.76
CA ALA A 329 5.78 48.45 -28.13
C ALA A 329 5.85 47.50 -26.91
N ILE A 330 6.75 47.79 -25.93
CA ILE A 330 6.89 47.00 -24.71
C ILE A 330 5.63 47.08 -23.87
N GLY A 331 5.09 48.29 -23.74
CA GLY A 331 3.84 48.48 -22.99
C GLY A 331 2.69 47.69 -23.59
N ALA A 332 2.60 47.67 -24.91
CA ALA A 332 1.52 46.95 -25.61
C ALA A 332 1.67 45.45 -25.49
N VAL A 333 2.90 44.91 -25.58
CA VAL A 333 3.11 43.45 -25.45
C VAL A 333 2.81 42.97 -24.01
N GLU A 334 3.19 43.78 -23.03
CA GLU A 334 2.93 43.49 -21.63
C GLU A 334 1.42 43.50 -21.39
N ALA A 335 0.71 44.52 -21.91
CA ALA A 335 -0.76 44.64 -21.79
C ALA A 335 -1.44 43.47 -22.48
N ALA A 336 -0.95 43.03 -23.65
CA ALA A 336 -1.52 41.89 -24.35
C ALA A 336 -1.43 40.60 -23.52
N PHE A 337 -0.26 40.34 -22.89
CA PHE A 337 -0.12 39.16 -22.06
C PHE A 337 -1.01 39.22 -20.82
N LYS A 338 -1.17 40.41 -20.24
CA LYS A 338 -2.00 40.60 -19.04
C LYS A 338 -3.46 40.21 -19.24
N CYS A 339 -4.02 40.45 -20.43
CA CYS A 339 -5.42 40.15 -20.67
C CYS A 339 -5.65 39.01 -21.66
N CYS A 340 -4.59 38.29 -22.11
CA CYS A 340 -4.71 37.24 -23.14
C CYS A 340 -5.35 37.85 -24.39
N ALA A 341 -4.86 39.03 -24.80
CA ALA A 341 -5.40 39.73 -25.95
C ALA A 341 -5.35 38.87 -27.20
N ALA A 342 -6.45 38.84 -27.96
CA ALA A 342 -6.49 38.05 -29.19
C ALA A 342 -5.54 38.63 -30.24
N ALA A 343 -5.36 39.96 -30.24
CA ALA A 343 -4.50 40.61 -31.21
C ALA A 343 -4.01 41.97 -30.70
N ILE A 344 -2.93 42.45 -31.33
CA ILE A 344 -2.42 43.78 -31.16
C ILE A 344 -2.59 44.37 -32.57
N ILE A 345 -3.48 45.37 -32.73
CA ILE A 345 -3.70 45.98 -34.02
C ILE A 345 -2.84 47.22 -34.09
N VAL A 346 -1.95 47.32 -35.07
CA VAL A 346 -1.04 48.45 -35.17
C VAL A 346 -1.13 49.14 -36.53
N LEU A 347 -1.05 50.48 -36.55
CA LEU A 347 -1.04 51.24 -37.80
C LEU A 347 0.41 51.48 -38.11
N THR A 348 0.83 51.11 -39.32
CA THR A 348 2.22 51.31 -39.68
C THR A 348 2.38 51.74 -41.12
N THR A 349 3.34 52.62 -41.38
CA THR A 349 3.61 53.09 -42.73
C THR A 349 4.74 52.27 -43.32
N THR A 350 5.83 52.10 -42.57
CA THR A 350 7.01 51.38 -43.02
C THR A 350 7.10 49.94 -42.50
N GLY A 351 6.26 49.59 -41.52
CA GLY A 351 6.32 48.28 -40.89
C GLY A 351 7.06 48.30 -39.55
N ARG A 352 7.83 49.38 -39.28
CA ARG A 352 8.64 49.51 -38.07
C ARG A 352 7.87 49.33 -36.76
N SER A 353 6.69 49.93 -36.60
CA SER A 353 5.92 49.77 -35.36
C SER A 353 5.53 48.32 -35.13
N ALA A 354 5.22 47.59 -36.21
CA ALA A 354 4.87 46.17 -36.10
C ALA A 354 6.11 45.32 -35.78
N GLN A 355 7.26 45.68 -36.37
CA GLN A 355 8.51 44.99 -36.11
C GLN A 355 8.92 45.13 -34.62
N LEU A 356 8.74 46.34 -34.04
CA LEU A 356 9.08 46.56 -32.65
C LEU A 356 8.15 45.80 -31.69
N LEU A 357 6.91 45.50 -32.12
CA LEU A 357 6.02 44.69 -31.30
C LEU A 357 6.47 43.20 -31.40
N SER A 358 6.79 42.76 -32.63
CA SER A 358 7.24 41.41 -32.99
C SER A 358 8.50 40.97 -32.23
N ARG A 359 9.44 41.89 -31.97
CA ARG A 359 10.68 41.56 -31.27
C ARG A 359 10.44 41.03 -29.84
N TYR A 360 9.29 41.36 -29.23
CA TYR A 360 8.97 40.86 -27.90
C TYR A 360 8.21 39.53 -27.91
N ARG A 361 8.01 38.94 -29.08
CA ARG A 361 7.34 37.68 -29.32
C ARG A 361 6.02 37.52 -28.58
N PRO A 362 5.07 38.46 -28.80
CA PRO A 362 3.77 38.30 -28.14
C PRO A 362 3.06 37.04 -28.62
N ARG A 363 2.23 36.46 -27.76
CA ARG A 363 1.39 35.34 -28.18
C ARG A 363 0.26 35.93 -29.10
N ALA A 364 -0.21 37.17 -28.80
CA ALA A 364 -1.23 37.87 -29.56
C ALA A 364 -0.71 38.20 -30.95
N ALA A 365 -1.56 37.96 -31.97
CA ALA A 365 -1.20 38.24 -33.36
C ALA A 365 -1.03 39.74 -33.53
N VAL A 366 -0.01 40.16 -34.28
CA VAL A 366 0.19 41.57 -34.55
C VAL A 366 -0.43 41.86 -35.90
N ILE A 367 -1.63 42.44 -35.91
CA ILE A 367 -2.32 42.78 -37.14
C ILE A 367 -1.86 44.16 -37.59
N ALA A 368 -1.04 44.22 -38.64
CA ALA A 368 -0.48 45.49 -39.10
C ALA A 368 -1.34 46.06 -40.25
N VAL A 369 -2.09 47.14 -40.00
CA VAL A 369 -2.93 47.80 -41.03
C VAL A 369 -2.07 48.89 -41.68
N THR A 370 -1.76 48.73 -42.98
CA THR A 370 -0.91 49.68 -43.70
C THR A 370 -1.49 50.03 -45.06
N ARG A 371 -1.20 51.24 -45.54
CA ARG A 371 -1.60 51.63 -46.89
C ARG A 371 -0.52 51.24 -47.93
N SER A 372 0.75 51.10 -47.49
CA SER A 372 1.86 50.72 -48.34
C SER A 372 1.76 49.25 -48.70
N ALA A 373 1.67 48.93 -50.00
CA ALA A 373 1.64 47.55 -50.45
C ALA A 373 3.01 46.88 -50.23
N GLN A 374 4.11 47.64 -50.42
CA GLN A 374 5.45 47.08 -50.19
C GLN A 374 5.70 46.73 -48.72
N ALA A 375 5.37 47.63 -47.77
CA ALA A 375 5.50 47.35 -46.35
C ALA A 375 4.68 46.13 -45.96
N ALA A 376 3.46 46.01 -46.50
CA ALA A 376 2.59 44.86 -46.23
C ALA A 376 3.27 43.56 -46.66
N ARG A 377 3.99 43.58 -47.77
CA ARG A 377 4.71 42.39 -48.23
C ARG A 377 5.94 42.12 -47.37
N GLN A 378 6.71 43.17 -47.05
CA GLN A 378 7.94 43.03 -46.29
C GLN A 378 7.78 42.62 -44.82
N VAL A 379 6.66 42.97 -44.16
CA VAL A 379 6.50 42.62 -42.75
C VAL A 379 6.30 41.11 -42.53
N HIS A 380 6.17 40.32 -43.61
CA HIS A 380 6.15 38.87 -43.51
C HIS A 380 7.50 38.37 -42.93
N LEU A 381 8.58 39.17 -43.03
CA LEU A 381 9.87 38.82 -42.47
C LEU A 381 9.84 38.77 -40.92
N CYS A 382 8.90 39.49 -40.28
CA CYS A 382 8.79 39.58 -38.83
C CYS A 382 7.75 38.62 -38.29
N ARG A 383 8.18 37.69 -37.40
CA ARG A 383 7.29 36.70 -36.86
C ARG A 383 6.09 37.29 -36.16
N GLY A 384 4.91 36.74 -36.46
CA GLY A 384 3.66 37.15 -35.82
C GLY A 384 3.04 38.41 -36.36
N VAL A 385 3.57 38.96 -37.46
CA VAL A 385 2.97 40.13 -38.09
C VAL A 385 2.09 39.66 -39.24
N PHE A 386 0.79 39.99 -39.16
CA PHE A 386 -0.24 39.68 -40.15
C PHE A 386 -0.59 40.99 -40.90
N PRO A 387 -0.01 41.18 -42.09
CA PRO A 387 -0.27 42.44 -42.82
C PRO A 387 -1.64 42.55 -43.50
N LEU A 388 -2.26 43.71 -43.35
CA LEU A 388 -3.55 44.02 -43.97
C LEU A 388 -3.36 45.25 -44.83
N LEU A 389 -3.61 45.12 -46.15
CA LEU A 389 -3.50 46.27 -47.04
C LEU A 389 -4.79 47.10 -47.03
N TYR A 390 -4.71 48.33 -46.53
CA TYR A 390 -5.84 49.23 -46.42
C TYR A 390 -6.14 49.93 -47.77
N ARG A 391 -7.31 49.60 -48.36
CA ARG A 391 -7.77 50.17 -49.64
C ARG A 391 -9.20 50.76 -49.52
N GLU A 392 -9.61 51.16 -48.31
CA GLU A 392 -10.92 51.73 -48.12
CA GLU A 392 -10.92 51.75 -48.07
C GLU A 392 -10.85 53.26 -48.31
N PRO A 393 -11.97 53.92 -48.67
CA PRO A 393 -11.91 55.38 -48.90
C PRO A 393 -11.40 56.22 -47.72
N PRO A 394 -10.65 57.30 -48.03
CA PRO A 394 -10.13 58.15 -46.94
C PRO A 394 -11.18 58.95 -46.19
N GLU A 395 -10.93 59.17 -44.91
CA GLU A 395 -11.78 60.02 -44.11
C GLU A 395 -11.12 61.41 -44.13
N ALA A 396 -11.95 62.46 -44.10
CA ALA A 396 -11.48 63.83 -44.15
C ALA A 396 -10.81 64.22 -42.81
N ILE A 397 -11.34 63.73 -41.69
CA ILE A 397 -10.75 64.01 -40.38
C ILE A 397 -9.72 62.91 -40.05
N TRP A 398 -8.41 63.28 -39.88
CA TRP A 398 -7.34 62.29 -39.59
C TRP A 398 -7.70 61.34 -38.46
N ALA A 399 -8.25 61.85 -37.35
CA ALA A 399 -8.66 61.00 -36.23
C ALA A 399 -9.73 59.98 -36.65
N ASP A 400 -10.67 60.39 -37.52
CA ASP A 400 -11.74 59.54 -38.08
C ASP A 400 -11.16 58.44 -38.99
N ASP A 401 -10.13 58.81 -39.76
CA ASP A 401 -9.44 57.91 -40.70
C ASP A 401 -8.72 56.82 -39.92
N VAL A 402 -8.06 57.20 -38.78
CA VAL A 402 -7.33 56.33 -37.88
C VAL A 402 -8.30 55.32 -37.33
N ASP A 403 -9.43 55.77 -36.73
CA ASP A 403 -10.43 54.86 -36.18
CA ASP A 403 -10.44 54.86 -36.18
C ASP A 403 -11.00 53.92 -37.23
N ARG A 404 -11.00 54.34 -38.51
CA ARG A 404 -11.49 53.52 -39.60
C ARG A 404 -10.51 52.40 -39.92
N ARG A 405 -9.21 52.72 -39.94
CA ARG A 405 -8.20 51.69 -40.15
C ARG A 405 -8.23 50.64 -39.00
N VAL A 406 -8.51 51.09 -37.77
CA VAL A 406 -8.64 50.24 -36.59
C VAL A 406 -9.86 49.32 -36.72
N GLN A 407 -11.04 49.87 -37.09
CA GLN A 407 -12.25 49.05 -37.30
C GLN A 407 -12.06 48.08 -38.49
N PHE A 408 -11.23 48.46 -39.46
CA PHE A 408 -10.90 47.60 -40.58
C PHE A 408 -10.16 46.34 -40.07
N GLY A 409 -9.12 46.53 -39.22
CA GLY A 409 -8.35 45.46 -38.63
C GLY A 409 -9.25 44.51 -37.85
N ILE A 410 -10.24 45.07 -37.15
CA ILE A 410 -11.20 44.29 -36.39
C ILE A 410 -12.15 43.47 -37.28
N GLU A 411 -12.54 44.00 -38.45
CA GLU A 411 -13.42 43.26 -39.37
C GLU A 411 -12.65 42.17 -40.12
N SER A 412 -11.43 42.50 -40.61
CA SER A 412 -10.57 41.48 -41.23
C SER A 412 -10.22 40.39 -40.17
N GLY A 413 -9.99 40.79 -38.92
CA GLY A 413 -9.67 39.88 -37.84
C GLY A 413 -10.82 38.94 -37.55
N LYS A 414 -12.05 39.47 -37.52
CA LYS A 414 -13.23 38.66 -37.27
C LYS A 414 -13.43 37.68 -38.41
N LEU A 415 -13.28 38.14 -39.66
CA LEU A 415 -13.47 37.31 -40.84
C LEU A 415 -12.45 36.17 -40.89
N ARG A 416 -11.18 36.46 -40.55
CA ARG A 416 -10.14 35.46 -40.62
C ARG A 416 -10.03 34.54 -39.41
N GLY A 417 -10.85 34.75 -38.39
CA GLY A 417 -10.82 33.91 -37.20
C GLY A 417 -9.92 34.39 -36.08
N PHE A 418 -9.19 35.51 -36.26
CA PHE A 418 -8.33 36.04 -35.21
C PHE A 418 -9.15 36.59 -34.04
N LEU A 419 -10.31 37.21 -34.32
CA LEU A 419 -11.09 37.88 -33.29
C LEU A 419 -12.53 37.42 -33.24
N ARG A 420 -13.12 37.54 -32.05
CA ARG A 420 -14.51 37.24 -31.79
C ARG A 420 -15.07 38.32 -30.87
N VAL A 421 -16.38 38.51 -30.86
CA VAL A 421 -17.05 39.48 -29.98
C VAL A 421 -16.76 39.10 -28.53
N GLY A 422 -16.37 40.08 -27.73
CA GLY A 422 -16.01 39.81 -26.35
C GLY A 422 -14.51 39.76 -26.11
N ASP A 423 -13.71 39.56 -27.17
CA ASP A 423 -12.25 39.55 -27.05
C ASP A 423 -11.71 40.93 -26.70
N LEU A 424 -10.52 40.99 -26.12
CA LEU A 424 -9.84 42.24 -25.87
C LEU A 424 -8.71 42.35 -26.89
N VAL A 425 -8.47 43.53 -27.40
CA VAL A 425 -7.39 43.80 -28.32
C VAL A 425 -6.61 45.01 -27.83
N ILE A 426 -5.34 45.07 -28.18
CA ILE A 426 -4.50 46.21 -27.85
C ILE A 426 -4.33 46.95 -29.16
N VAL A 427 -4.61 48.26 -29.18
CA VAL A 427 -4.51 49.05 -30.42
C VAL A 427 -3.35 50.03 -30.33
N VAL A 428 -2.43 49.98 -31.28
CA VAL A 428 -1.25 50.82 -31.27
C VAL A 428 -1.28 51.82 -32.42
N THR A 429 -1.31 53.12 -32.10
CA THR A 429 -1.36 54.21 -33.07
C THR A 429 -0.34 55.32 -32.69
N GLY A 430 -0.35 56.43 -33.43
CA GLY A 430 0.51 57.59 -33.20
C GLY A 430 -0.28 58.87 -33.00
N TRP A 431 0.42 59.97 -32.68
CA TRP A 431 -0.25 61.23 -32.36
C TRP A 431 -0.41 62.19 -33.57
N ARG A 432 0.30 61.92 -34.67
CA ARG A 432 0.24 62.73 -35.89
C ARG A 432 0.54 61.86 -37.12
N PRO A 433 0.06 62.24 -38.32
CA PRO A 433 0.34 61.42 -39.53
C PRO A 433 1.83 61.31 -39.86
N GLY A 434 2.19 60.32 -40.68
CA GLY A 434 3.58 60.08 -41.05
C GLY A 434 4.26 59.07 -40.15
N SER A 435 5.31 58.43 -40.66
CA SER A 435 6.09 57.42 -39.94
C SER A 435 6.90 58.03 -38.80
N GLY A 436 7.11 57.25 -37.73
CA GLY A 436 7.94 57.64 -36.60
C GLY A 436 7.25 58.26 -35.41
N TYR A 437 5.91 58.33 -35.40
CA TYR A 437 5.21 58.98 -34.30
C TYR A 437 4.31 58.07 -33.48
N THR A 438 4.50 56.73 -33.54
CA THR A 438 3.71 55.80 -32.70
C THR A 438 4.01 56.11 -31.22
N ASN A 439 2.97 56.30 -30.41
CA ASN A 439 3.13 56.61 -29.00
C ASN A 439 1.88 56.27 -28.18
N ILE A 440 0.88 55.59 -28.77
CA ILE A 440 -0.36 55.32 -28.08
C ILE A 440 -0.72 53.86 -28.05
N MET A 441 -1.16 53.39 -26.89
CA MET A 441 -1.63 52.03 -26.74
CA MET A 441 -1.60 52.01 -26.68
C MET A 441 -2.99 52.09 -26.06
N ARG A 442 -4.00 51.39 -26.63
CA ARG A 442 -5.35 51.40 -26.06
C ARG A 442 -5.89 49.99 -25.88
N VAL A 443 -6.66 49.76 -24.82
CA VAL A 443 -7.27 48.46 -24.57
C VAL A 443 -8.72 48.54 -25.05
N LEU A 444 -9.07 47.74 -26.06
CA LEU A 444 -10.38 47.77 -26.69
C LEU A 444 -11.14 46.44 -26.59
N SER A 445 -12.43 46.51 -26.30
CA SER A 445 -13.29 45.32 -26.25
C SER A 445 -13.94 45.16 -27.62
N ILE A 446 -13.89 43.95 -28.19
CA ILE A 446 -14.48 43.69 -29.49
C ILE A 446 -16.03 43.59 -29.43
N SER A 447 -16.66 44.50 -30.20
CA SER A 447 -18.11 44.70 -30.44
C SER A 447 -18.90 45.11 -29.19
N ARG B 12 25.25 46.37 -18.51
CA ARG B 12 25.88 47.49 -19.22
C ARG B 12 25.33 47.70 -20.66
N ALA B 13 25.18 46.64 -21.47
CA ALA B 13 24.67 46.78 -22.83
C ALA B 13 23.17 47.15 -22.85
N ASP B 14 22.42 46.76 -21.81
CA ASP B 14 21.00 47.11 -21.66
C ASP B 14 20.80 48.58 -21.22
N VAL B 15 21.86 49.28 -20.82
CA VAL B 15 21.77 50.68 -20.38
C VAL B 15 22.74 51.60 -21.12
N ALA B 16 23.56 51.08 -22.06
CA ALA B 16 24.62 51.84 -22.73
C ALA B 16 24.15 53.10 -23.50
N GLN B 17 23.15 52.97 -24.38
CA GLN B 17 22.65 54.12 -25.13
C GLN B 17 21.98 55.13 -24.21
N LEU B 18 21.22 54.65 -23.21
CA LEU B 18 20.58 55.57 -22.27
C LEU B 18 21.60 56.25 -21.35
N THR B 19 22.72 55.57 -21.07
CA THR B 19 23.79 56.15 -20.26
C THR B 19 24.46 57.27 -21.06
N GLN B 20 24.69 57.03 -22.35
CA GLN B 20 25.28 58.03 -23.23
C GLN B 20 24.37 59.26 -23.35
N GLU B 21 23.04 59.05 -23.37
CA GLU B 21 22.09 60.14 -23.51
C GLU B 21 21.83 60.93 -22.22
N LEU B 22 21.54 60.20 -21.12
CA LEU B 22 21.23 60.82 -19.83
C LEU B 22 22.47 61.17 -18.99
N GLY B 23 23.59 60.53 -19.29
CA GLY B 23 24.83 60.79 -18.58
C GLY B 23 25.15 59.79 -17.47
N THR B 24 26.43 59.66 -17.12
CA THR B 24 26.83 58.77 -16.04
C THR B 24 26.35 59.29 -14.69
N ALA B 25 26.26 60.62 -14.50
CA ALA B 25 25.75 61.17 -13.24
C ALA B 25 24.33 60.73 -12.96
N PHE B 26 23.48 60.68 -14.00
CA PHE B 26 22.08 60.23 -13.84
C PHE B 26 22.03 58.79 -13.29
N PHE B 27 22.88 57.91 -13.83
CA PHE B 27 22.90 56.51 -13.44
C PHE B 27 23.69 56.25 -12.14
N GLN B 28 24.28 57.27 -11.50
CA GLN B 28 24.92 57.08 -10.20
C GLN B 28 23.92 57.40 -9.07
N GLN B 29 22.93 58.28 -9.33
CA GLN B 29 21.92 58.72 -8.37
C GLN B 29 20.81 57.69 -8.19
N GLN B 30 19.93 57.91 -7.18
CA GLN B 30 18.74 57.15 -6.80
C GLN B 30 18.96 55.62 -6.79
N GLN B 31 20.14 55.18 -6.32
CA GLN B 31 20.54 53.77 -6.26
C GLN B 31 20.38 53.02 -7.57
N LEU B 32 20.58 53.71 -8.71
CA LEU B 32 20.43 53.09 -10.01
C LEU B 32 21.42 51.96 -10.26
N PRO B 33 22.70 52.00 -9.84
CA PRO B 33 23.55 50.79 -10.01
C PRO B 33 22.95 49.60 -9.25
N ALA B 34 22.44 49.80 -8.01
CA ALA B 34 21.84 48.72 -7.24
C ALA B 34 20.53 48.23 -7.86
N ALA B 35 19.79 49.12 -8.54
CA ALA B 35 18.53 48.79 -9.21
C ALA B 35 18.74 47.93 -10.45
N MET B 36 19.85 48.12 -11.16
CA MET B 36 20.14 47.34 -12.35
C MET B 36 20.77 45.96 -12.06
N ALA B 37 21.03 45.62 -10.79
CA ALA B 37 21.66 44.37 -10.43
C ALA B 37 20.86 43.17 -10.84
N ASP B 38 21.56 42.09 -11.18
CA ASP B 38 20.91 40.87 -11.65
C ASP B 38 20.42 39.97 -10.53
N THR B 39 20.92 40.13 -9.30
CA THR B 39 20.46 39.36 -8.14
C THR B 39 20.24 40.30 -6.95
N PHE B 40 19.44 39.85 -5.96
CA PHE B 40 19.20 40.63 -4.73
C PHE B 40 20.50 40.82 -3.94
N LEU B 41 21.37 39.79 -3.90
CA LEU B 41 22.65 39.87 -3.21
C LEU B 41 23.52 40.97 -3.83
N GLU B 42 23.60 41.01 -5.16
CA GLU B 42 24.38 42.03 -5.86
C GLU B 42 23.75 43.41 -5.67
N HIS B 43 22.41 43.48 -5.56
CA HIS B 43 21.68 44.71 -5.32
C HIS B 43 22.12 45.29 -3.97
N LEU B 44 22.19 44.45 -2.92
CA LEU B 44 22.66 44.91 -1.62
C LEU B 44 24.10 45.38 -1.69
N CYS B 45 24.97 44.60 -2.35
CA CYS B 45 26.38 44.94 -2.48
C CYS B 45 26.60 46.29 -3.17
N LEU B 46 25.66 46.68 -4.06
CA LEU B 46 25.77 47.94 -4.80
C LEU B 46 25.09 49.13 -4.14
N LEU B 47 24.45 48.96 -2.96
CA LEU B 47 23.81 50.09 -2.29
C LEU B 47 24.90 51.10 -1.90
N ASP B 48 24.69 52.38 -2.18
CA ASP B 48 25.72 53.39 -2.00
C ASP B 48 25.21 54.59 -1.20
N ILE B 49 25.85 54.88 -0.06
CA ILE B 49 25.48 56.05 0.76
C ILE B 49 25.72 57.40 0.01
N ASP B 50 26.58 57.39 -1.01
CA ASP B 50 26.81 58.59 -1.83
C ASP B 50 25.82 58.73 -3.00
N SER B 51 24.95 57.74 -3.23
CA SER B 51 23.96 57.80 -4.29
C SER B 51 22.76 58.55 -3.76
N GLU B 52 22.61 59.81 -4.15
CA GLU B 52 21.54 60.65 -3.62
C GLU B 52 20.17 60.40 -4.20
N PRO B 53 19.12 60.39 -3.36
CA PRO B 53 17.76 60.23 -3.91
C PRO B 53 17.34 61.46 -4.73
N VAL B 54 16.72 61.24 -5.89
CA VAL B 54 16.27 62.33 -6.76
C VAL B 54 14.75 62.41 -6.76
N ALA B 55 14.07 61.25 -6.80
CA ALA B 55 12.63 61.17 -6.84
C ALA B 55 11.95 61.81 -5.64
N ALA B 56 10.71 62.26 -5.83
CA ALA B 56 9.90 62.82 -4.75
C ALA B 56 9.52 61.64 -3.82
N ARG B 57 9.34 61.92 -2.52
CA ARG B 57 9.01 60.92 -1.54
C ARG B 57 7.63 60.36 -1.77
N SER B 58 7.55 59.06 -2.01
CA SER B 58 6.32 58.39 -2.36
C SER B 58 5.54 57.73 -1.19
N THR B 59 6.17 57.42 -0.05
CA THR B 59 5.46 56.81 1.08
C THR B 59 4.85 57.93 1.88
N SER B 60 3.54 57.92 2.06
CA SER B 60 2.88 58.99 2.81
C SER B 60 3.16 58.94 4.28
N ILE B 61 3.19 60.11 4.89
CA ILE B 61 3.41 60.25 6.32
C ILE B 61 2.10 60.63 6.96
N ILE B 62 1.68 59.82 7.93
CA ILE B 62 0.49 60.09 8.70
C ILE B 62 1.00 60.67 10.03
N ALA B 63 0.58 61.89 10.39
CA ALA B 63 1.00 62.50 11.64
C ALA B 63 -0.20 62.62 12.57
N THR B 64 -0.09 62.11 13.80
CA THR B 64 -1.18 62.21 14.78
C THR B 64 -1.23 63.63 15.34
N ILE B 65 -2.42 64.24 15.31
CA ILE B 65 -2.61 65.61 15.77
C ILE B 65 -2.89 65.61 17.26
N GLY B 66 -2.17 66.47 17.96
CA GLY B 66 -2.30 66.65 19.40
C GLY B 66 -1.78 68.00 19.84
N PRO B 67 -1.60 68.19 21.15
CA PRO B 67 -1.11 69.47 21.68
C PRO B 67 0.15 70.04 21.04
N ALA B 68 1.08 69.18 20.62
CA ALA B 68 2.33 69.65 19.99
C ALA B 68 2.19 69.97 18.50
N SER B 69 1.08 69.59 17.87
CA SER B 69 0.87 69.74 16.43
C SER B 69 -0.53 70.28 16.10
N ARG B 70 -1.07 71.17 16.94
CA ARG B 70 -2.44 71.66 16.76
C ARG B 70 -2.58 73.07 16.23
N SER B 71 -1.61 73.95 16.52
CA SER B 71 -1.70 75.32 16.05
C SER B 71 -1.60 75.41 14.52
N VAL B 72 -2.28 76.39 13.94
CA VAL B 72 -2.27 76.60 12.51
C VAL B 72 -0.86 76.85 11.98
N GLU B 73 -0.04 77.57 12.74
CA GLU B 73 1.33 77.87 12.33
C GLU B 73 2.22 76.63 12.37
N ARG B 74 2.02 75.76 13.39
CA ARG B 74 2.77 74.51 13.54
C ARG B 74 2.35 73.54 12.40
N LEU B 75 1.05 73.49 12.10
CA LEU B 75 0.51 72.64 11.04
C LEU B 75 1.04 73.05 9.67
N LYS B 76 1.28 74.34 9.45
CA LYS B 76 1.86 74.80 8.18
C LYS B 76 3.28 74.27 8.04
N GLU B 77 4.06 74.27 9.14
CA GLU B 77 5.41 73.74 9.14
C GLU B 77 5.40 72.22 8.89
N MET B 78 4.40 71.50 9.43
CA MET B 78 4.29 70.06 9.26
CA MET B 78 4.29 70.06 9.26
C MET B 78 3.89 69.68 7.84
N ILE B 79 3.08 70.52 7.17
CA ILE B 79 2.69 70.28 5.79
C ILE B 79 3.96 70.46 4.92
N LYS B 80 4.74 71.52 5.19
CA LYS B 80 5.99 71.78 4.47
C LYS B 80 7.04 70.69 4.71
N ALA B 81 7.07 70.11 5.92
CA ALA B 81 7.98 69.02 6.26
C ALA B 81 7.62 67.69 5.57
N GLY B 82 6.34 67.53 5.18
CA GLY B 82 5.90 66.34 4.48
C GLY B 82 4.67 65.60 4.97
N MET B 83 3.96 66.10 5.99
CA MET B 83 2.74 65.44 6.46
C MET B 83 1.69 65.38 5.33
N ASN B 84 1.16 64.19 5.06
CA ASN B 84 0.15 64.01 4.01
C ASN B 84 -1.24 63.71 4.58
N ILE B 85 -1.28 63.06 5.76
CA ILE B 85 -2.51 62.66 6.40
C ILE B 85 -2.45 63.07 7.87
N ALA B 86 -3.47 63.74 8.36
CA ALA B 86 -3.57 64.15 9.76
C ALA B 86 -4.46 63.14 10.47
N ARG B 87 -3.94 62.48 11.51
CA ARG B 87 -4.69 61.48 12.25
C ARG B 87 -5.29 62.07 13.53
N LEU B 88 -6.60 61.89 13.74
CA LEU B 88 -7.27 62.36 14.94
C LEU B 88 -7.54 61.13 15.78
N ASN B 89 -6.89 61.01 16.94
CA ASN B 89 -7.07 59.85 17.79
C ASN B 89 -8.26 60.05 18.69
N PHE B 90 -9.37 59.39 18.37
CA PHE B 90 -10.60 59.54 19.17
C PHE B 90 -10.60 58.75 20.48
N SER B 91 -9.45 58.21 20.88
CA SER B 91 -9.31 57.59 22.20
C SER B 91 -9.22 58.70 23.28
N HIS B 92 -8.77 59.92 22.90
CA HIS B 92 -8.64 61.07 23.77
C HIS B 92 -9.31 62.29 23.13
N GLY B 93 -9.72 63.24 23.95
CA GLY B 93 -10.33 64.48 23.46
C GLY B 93 -11.80 64.40 23.14
N SER B 94 -12.48 65.53 23.26
CA SER B 94 -13.91 65.63 22.99
C SER B 94 -14.17 65.91 21.51
N HIS B 95 -15.45 65.88 21.09
CA HIS B 95 -15.84 66.22 19.73
C HIS B 95 -15.45 67.68 19.43
N GLU B 96 -15.57 68.58 20.41
CA GLU B 96 -15.21 69.98 20.26
C GLU B 96 -13.70 70.13 20.02
N TYR B 97 -12.89 69.32 20.70
CA TYR B 97 -11.45 69.33 20.56
C TYR B 97 -11.06 68.89 19.14
N HIS B 98 -11.64 67.78 18.67
CA HIS B 98 -11.36 67.26 17.35
C HIS B 98 -11.85 68.16 16.23
N ALA B 99 -13.01 68.84 16.41
CA ALA B 99 -13.51 69.78 15.41
C ALA B 99 -12.56 70.96 15.24
N GLU B 100 -11.94 71.41 16.34
CA GLU B 100 -10.99 72.50 16.30
C GLU B 100 -9.70 72.06 15.61
N SER B 101 -9.27 70.80 15.84
CA SER B 101 -8.10 70.22 15.20
C SER B 101 -8.34 70.19 13.67
N ILE B 102 -9.52 69.72 13.24
CA ILE B 102 -9.93 69.66 11.85
C ILE B 102 -9.92 71.05 11.21
N ALA B 103 -10.50 72.04 11.90
CA ALA B 103 -10.55 73.42 11.38
C ALA B 103 -9.14 74.00 11.24
N ASN B 104 -8.24 73.71 12.20
CA ASN B 104 -6.87 74.20 12.14
C ASN B 104 -6.09 73.54 11.01
N VAL B 105 -6.33 72.24 10.78
CA VAL B 105 -5.70 71.52 9.68
C VAL B 105 -6.17 72.15 8.35
N ARG B 106 -7.49 72.28 8.17
CA ARG B 106 -8.07 72.89 6.97
C ARG B 106 -7.59 74.32 6.73
N GLU B 107 -7.44 75.12 7.79
CA GLU B 107 -6.94 76.48 7.64
C GLU B 107 -5.49 76.47 7.17
N ALA B 108 -4.64 75.59 7.75
CA ALA B 108 -3.23 75.48 7.35
C ALA B 108 -3.12 74.96 5.93
N VAL B 109 -3.96 73.99 5.54
CA VAL B 109 -3.95 73.43 4.19
C VAL B 109 -4.37 74.48 3.17
N GLU B 110 -5.48 75.19 3.43
CA GLU B 110 -5.97 76.19 2.50
C GLU B 110 -5.13 77.46 2.43
N SER B 111 -4.19 77.67 3.35
CA SER B 111 -3.29 78.82 3.27
C SER B 111 -2.34 78.74 2.05
N PHE B 112 -2.18 77.55 1.45
CA PHE B 112 -1.35 77.33 0.28
C PHE B 112 -2.16 77.20 -1.03
N ALA B 113 -3.51 77.30 -0.98
CA ALA B 113 -4.41 77.16 -2.11
C ALA B 113 -4.45 78.33 -3.12
N GLY B 114 -3.33 79.01 -3.31
CA GLY B 114 -3.26 80.12 -4.27
C GLY B 114 -2.75 79.73 -5.65
N SER B 115 -2.12 78.56 -5.74
CA SER B 115 -1.54 78.05 -6.97
C SER B 115 -1.46 76.51 -6.87
N PRO B 116 -1.74 75.78 -7.98
CA PRO B 116 -1.64 74.32 -7.92
C PRO B 116 -0.21 73.82 -7.75
N LEU B 117 0.81 74.63 -8.11
CA LEU B 117 2.19 74.20 -7.90
C LEU B 117 2.71 74.50 -6.46
N SER B 118 1.83 74.99 -5.57
CA SER B 118 2.13 75.18 -4.15
C SER B 118 1.07 74.50 -3.23
N TYR B 119 -0.10 74.10 -3.80
CA TYR B 119 -1.17 73.48 -3.03
C TYR B 119 -0.81 72.06 -2.66
N ARG B 120 -1.08 71.66 -1.43
CA ARG B 120 -0.80 70.31 -0.94
C ARG B 120 -2.04 69.74 -0.24
N PRO B 121 -2.78 68.87 -0.93
CA PRO B 121 -3.96 68.25 -0.27
C PRO B 121 -3.54 67.40 0.92
N VAL B 122 -4.27 67.51 2.03
CA VAL B 122 -3.96 66.76 3.23
C VAL B 122 -5.20 66.02 3.67
N ALA B 123 -5.13 64.69 3.79
CA ALA B 123 -6.27 63.91 4.22
C ALA B 123 -6.48 64.02 5.72
N ILE B 124 -7.72 63.79 6.17
CA ILE B 124 -8.05 63.81 7.59
C ILE B 124 -8.57 62.44 7.91
N ALA B 125 -7.91 61.74 8.83
CA ALA B 125 -8.30 60.39 9.21
C ALA B 125 -8.78 60.34 10.65
N LEU B 126 -9.88 59.63 10.91
CA LEU B 126 -10.41 59.49 12.25
C LEU B 126 -10.04 58.11 12.76
N ASP B 127 -9.27 58.04 13.86
CA ASP B 127 -8.90 56.76 14.45
C ASP B 127 -9.87 56.49 15.60
N THR B 128 -10.67 55.42 15.49
CA THR B 128 -11.67 55.11 16.51
C THR B 128 -11.11 54.62 17.85
N LYS B 129 -11.88 54.80 18.93
CA LYS B 129 -11.51 54.36 20.26
C LYS B 129 -11.48 52.82 20.34
N GLY B 130 -12.44 52.16 19.70
CA GLY B 130 -12.48 50.71 19.67
C GLY B 130 -13.63 50.08 20.42
N PRO B 131 -13.74 48.73 20.33
CA PRO B 131 -14.85 48.03 21.00
C PRO B 131 -14.68 47.79 22.50
N GLY B 132 -13.45 47.91 23.00
CA GLY B 132 -13.16 47.65 24.40
C GLY B 132 -13.40 46.20 24.75
N SER B 133 -14.15 45.96 25.84
CA SER B 133 -14.49 44.58 26.20
C SER B 133 -15.67 43.99 25.39
N GLY B 134 -16.40 44.85 24.68
CA GLY B 134 -17.56 44.47 23.89
C GLY B 134 -17.27 43.61 22.68
N PRO B 135 -18.28 42.83 22.24
CA PRO B 135 -18.07 41.97 21.08
C PRO B 135 -18.19 42.67 19.72
N GLY B 136 -18.94 43.78 19.67
CA GLY B 136 -19.16 44.52 18.45
C GLY B 136 -18.88 46.00 18.54
N LEU B 137 -19.46 46.78 17.62
CA LEU B 137 -19.25 48.21 17.58
C LEU B 137 -19.76 48.90 18.85
N SER B 138 -18.91 49.71 19.46
CA SER B 138 -19.28 50.42 20.69
C SER B 138 -20.17 51.64 20.39
N GLU B 139 -20.95 52.08 21.41
CA GLU B 139 -21.81 53.24 21.23
C GLU B 139 -21.02 54.52 21.03
N GLN B 140 -19.82 54.63 21.64
CA GLN B 140 -18.98 55.81 21.44
C GLN B 140 -18.47 55.85 20.00
N ASP B 141 -18.11 54.68 19.44
CA ASP B 141 -17.67 54.61 18.05
C ASP B 141 -18.78 55.02 17.11
N VAL B 142 -20.04 54.64 17.38
CA VAL B 142 -21.17 55.06 16.56
C VAL B 142 -21.30 56.59 16.53
N ARG B 143 -21.10 57.23 17.69
CA ARG B 143 -21.16 58.70 17.78
C ARG B 143 -19.98 59.38 17.10
N ASP B 144 -18.78 58.83 17.27
CA ASP B 144 -17.55 59.36 16.68
C ASP B 144 -17.56 59.20 15.17
N LEU B 145 -18.06 58.05 14.68
CA LEU B 145 -18.15 57.77 13.25
C LEU B 145 -19.18 58.70 12.58
N ARG B 146 -20.26 59.07 13.30
CA ARG B 146 -21.23 60.02 12.78
C ARG B 146 -20.61 61.42 12.76
N PHE B 147 -19.78 61.76 13.79
CA PHE B 147 -19.05 63.03 13.85
C PHE B 147 -18.15 63.15 12.62
N GLY B 148 -17.45 62.06 12.27
CA GLY B 148 -16.56 62.00 11.13
C GLY B 148 -17.26 62.30 9.82
N VAL B 149 -18.44 61.71 9.62
CA VAL B 149 -19.25 61.96 8.43
C VAL B 149 -19.68 63.43 8.37
N GLU B 150 -20.15 63.96 9.51
CA GLU B 150 -20.59 65.35 9.60
C GLU B 150 -19.46 66.35 9.39
N HIS B 151 -18.24 65.99 9.78
CA HIS B 151 -17.09 66.86 9.58
C HIS B 151 -16.27 66.56 8.32
N GLY B 152 -16.77 65.68 7.46
CA GLY B 152 -16.12 65.35 6.20
C GLY B 152 -14.76 64.69 6.24
N VAL B 153 -14.57 63.75 7.18
CA VAL B 153 -13.29 63.03 7.24
C VAL B 153 -13.13 62.15 5.98
N ASP B 154 -11.89 61.93 5.56
CA ASP B 154 -11.63 61.15 4.37
C ASP B 154 -11.45 59.67 4.64
N ILE B 155 -10.89 59.34 5.82
CA ILE B 155 -10.52 57.96 6.19
C ILE B 155 -10.91 57.64 7.61
N VAL B 156 -11.18 56.38 7.89
CA VAL B 156 -11.42 55.89 9.24
C VAL B 156 -10.38 54.79 9.49
N PHE B 157 -9.61 54.90 10.59
CA PHE B 157 -8.69 53.84 11.01
C PHE B 157 -9.51 53.11 12.06
N ALA B 158 -10.13 52.00 11.70
CA ALA B 158 -11.00 51.26 12.63
C ALA B 158 -10.22 50.39 13.59
N SER B 159 -10.23 50.74 14.88
CA SER B 159 -9.51 49.98 15.90
C SER B 159 -10.07 48.59 16.16
N PHE B 160 -9.17 47.67 16.51
CA PHE B 160 -9.43 46.27 16.88
C PHE B 160 -10.39 45.52 15.94
N VAL B 161 -10.10 45.56 14.62
CA VAL B 161 -10.90 44.79 13.68
C VAL B 161 -10.52 43.33 13.83
N ARG B 162 -11.49 42.47 14.17
CA ARG B 162 -11.27 41.04 14.41
C ARG B 162 -11.87 40.11 13.36
N LYS B 163 -12.80 40.61 12.53
CA LYS B 163 -13.49 39.82 11.52
C LYS B 163 -14.20 40.74 10.50
N ALA B 164 -14.68 40.18 9.38
CA ALA B 164 -15.37 40.96 8.35
C ALA B 164 -16.61 41.73 8.87
N SER B 165 -17.37 41.14 9.80
CA SER B 165 -18.56 41.81 10.33
C SER B 165 -18.25 43.10 11.09
N ASP B 166 -17.05 43.21 11.65
CA ASP B 166 -16.63 44.44 12.34
C ASP B 166 -16.53 45.59 11.33
N VAL B 167 -16.00 45.31 10.13
CA VAL B 167 -15.84 46.35 9.13
C VAL B 167 -17.24 46.72 8.60
N ALA B 168 -18.14 45.73 8.40
CA ALA B 168 -19.51 46.00 7.95
C ALA B 168 -20.24 46.91 8.95
N ALA B 169 -19.97 46.72 10.26
CA ALA B 169 -20.57 47.56 11.30
C ALA B 169 -20.06 49.00 11.21
N VAL B 170 -18.75 49.19 10.95
CA VAL B 170 -18.18 50.53 10.78
C VAL B 170 -18.79 51.20 9.55
N ARG B 171 -18.95 50.43 8.46
CA ARG B 171 -19.55 50.91 7.22
CA ARG B 171 -19.54 50.92 7.22
C ARG B 171 -21.00 51.34 7.44
N ALA B 172 -21.77 50.54 8.18
CA ALA B 172 -23.17 50.83 8.49
C ALA B 172 -23.28 52.10 9.34
N ALA B 173 -22.40 52.27 10.34
CA ALA B 173 -22.43 53.44 11.19
C ALA B 173 -22.06 54.75 10.45
N LEU B 174 -21.36 54.64 9.32
CA LEU B 174 -21.04 55.82 8.51
C LEU B 174 -22.29 56.31 7.72
N GLY B 175 -23.25 55.41 7.49
CA GLY B 175 -24.51 55.73 6.81
C GLY B 175 -24.39 56.00 5.33
N PRO B 176 -25.49 56.46 4.72
CA PRO B 176 -25.48 56.72 3.27
C PRO B 176 -24.58 57.87 2.84
N GLU B 177 -24.38 58.87 3.71
CA GLU B 177 -23.53 60.02 3.39
C GLU B 177 -22.03 59.74 3.51
N GLY B 178 -21.65 58.70 4.27
CA GLY B 178 -20.25 58.33 4.45
C GLY B 178 -19.81 57.16 3.59
N HIS B 179 -20.47 56.96 2.44
CA HIS B 179 -20.14 55.86 1.54
C HIS B 179 -18.76 56.01 0.89
N GLY B 180 -18.31 57.26 0.72
CA GLY B 180 -17.02 57.58 0.10
C GLY B 180 -15.83 57.55 1.02
N ILE B 181 -16.05 57.44 2.34
CA ILE B 181 -14.98 57.38 3.32
C ILE B 181 -14.24 56.05 3.24
N LYS B 182 -12.89 56.08 3.25
CA LYS B 182 -12.10 54.85 3.18
C LYS B 182 -11.99 54.20 4.55
N ILE B 183 -12.19 52.89 4.64
CA ILE B 183 -12.05 52.19 5.91
C ILE B 183 -10.74 51.40 5.91
N ILE B 184 -9.83 51.80 6.79
CA ILE B 184 -8.56 51.10 6.98
C ILE B 184 -8.69 50.31 8.27
N SER B 185 -8.72 48.98 8.17
CA SER B 185 -8.87 48.14 9.35
C SER B 185 -7.56 47.97 10.11
N LYS B 186 -7.56 48.32 11.41
CA LYS B 186 -6.38 48.14 12.25
C LYS B 186 -6.34 46.71 12.78
N ILE B 187 -5.25 45.97 12.48
CA ILE B 187 -5.07 44.60 12.96
C ILE B 187 -4.24 44.71 14.22
N GLU B 188 -4.83 44.39 15.38
CA GLU B 188 -4.19 44.58 16.67
C GLU B 188 -4.14 43.36 17.56
N ASN B 189 -4.60 42.20 17.10
CA ASN B 189 -4.59 41.00 17.93
C ASN B 189 -4.48 39.70 17.12
N HIS B 190 -4.39 38.55 17.79
CA HIS B 190 -4.26 37.26 17.13
C HIS B 190 -5.43 36.96 16.21
N GLU B 191 -6.66 37.27 16.62
CA GLU B 191 -7.83 36.99 15.78
C GLU B 191 -7.81 37.78 14.47
N GLY B 192 -7.45 39.06 14.54
CA GLY B 192 -7.31 39.90 13.36
C GLY B 192 -6.27 39.35 12.39
N VAL B 193 -5.15 38.79 12.91
CA VAL B 193 -4.11 38.20 12.08
C VAL B 193 -4.62 36.90 11.44
N LYS B 194 -5.28 36.05 12.23
CA LYS B 194 -5.80 34.77 11.70
C LYS B 194 -6.94 34.95 10.69
N ARG B 195 -7.77 35.96 10.91
CA ARG B 195 -8.88 36.25 9.99
C ARG B 195 -8.54 37.38 9.02
N PHE B 196 -7.23 37.66 8.81
CA PHE B 196 -6.74 38.73 7.94
C PHE B 196 -7.38 38.73 6.56
N ASP B 197 -7.39 37.59 5.85
CA ASP B 197 -7.92 37.53 4.50
C ASP B 197 -9.37 38.00 4.38
N GLU B 198 -10.24 37.60 5.33
CA GLU B 198 -11.63 38.04 5.27
C GLU B 198 -11.77 39.53 5.62
N ILE B 199 -10.87 40.07 6.44
CA ILE B 199 -10.88 41.48 6.81
C ILE B 199 -10.42 42.35 5.64
N LEU B 200 -9.32 41.97 4.99
CA LEU B 200 -8.78 42.71 3.86
C LEU B 200 -9.77 42.74 2.71
N GLU B 201 -10.48 41.63 2.48
CA GLU B 201 -11.45 41.52 1.40
C GLU B 201 -12.53 42.59 1.47
N VAL B 202 -13.01 42.92 2.67
CA VAL B 202 -14.06 43.93 2.83
C VAL B 202 -13.55 45.33 3.22
N SER B 203 -12.24 45.49 3.46
CA SER B 203 -11.68 46.77 3.84
C SER B 203 -11.05 47.47 2.65
N ASP B 204 -10.83 48.78 2.75
CA ASP B 204 -10.10 49.52 1.72
C ASP B 204 -8.57 49.35 1.89
N GLY B 205 -8.13 49.06 3.11
CA GLY B 205 -6.73 48.88 3.45
C GLY B 205 -6.55 48.40 4.87
N ILE B 206 -5.30 48.29 5.31
CA ILE B 206 -4.96 47.77 6.62
C ILE B 206 -3.94 48.63 7.35
N MET B 207 -4.01 48.65 8.68
CA MET B 207 -2.99 49.29 9.49
C MET B 207 -2.40 48.20 10.37
N VAL B 208 -1.06 48.04 10.35
CA VAL B 208 -0.38 47.10 11.23
C VAL B 208 -0.20 47.91 12.52
N ALA B 209 -1.12 47.74 13.44
CA ALA B 209 -1.16 48.46 14.70
C ALA B 209 -0.27 47.70 15.65
N ARG B 210 1.03 48.04 15.63
CA ARG B 210 2.05 47.30 16.37
C ARG B 210 2.03 47.46 17.88
N GLY B 211 1.52 48.58 18.40
CA GLY B 211 1.43 48.80 19.84
C GLY B 211 0.60 47.72 20.53
N ASP B 212 -0.70 47.61 20.17
CA ASP B 212 -1.54 46.57 20.77
C ASP B 212 -1.15 45.20 20.28
N LEU B 213 -0.76 45.07 19.01
CA LEU B 213 -0.36 43.78 18.46
C LEU B 213 0.83 43.17 19.25
N GLY B 214 1.76 44.03 19.67
CA GLY B 214 2.92 43.64 20.46
C GLY B 214 2.62 43.18 21.88
N ILE B 215 1.41 43.47 22.36
CA ILE B 215 0.92 43.03 23.68
C ILE B 215 0.02 41.79 23.49
N GLU B 216 -0.75 41.75 22.39
CA GLU B 216 -1.68 40.66 22.13
C GLU B 216 -0.99 39.36 21.70
N ILE B 217 0.12 39.50 20.97
CA ILE B 217 0.93 38.34 20.54
C ILE B 217 2.37 38.56 21.05
N PRO B 218 3.24 37.51 21.09
CA PRO B 218 4.62 37.72 21.57
C PRO B 218 5.33 38.82 20.78
N ALA B 219 6.04 39.70 21.47
CA ALA B 219 6.72 40.83 20.84
C ALA B 219 7.68 40.39 19.71
N GLU B 220 8.33 39.23 19.87
CA GLU B 220 9.25 38.71 18.88
C GLU B 220 8.56 38.17 17.61
N LYS B 221 7.22 38.18 17.56
CA LYS B 221 6.47 37.70 16.39
C LYS B 221 5.86 38.84 15.59
N VAL B 222 5.82 40.09 16.12
CA VAL B 222 5.20 41.21 15.43
C VAL B 222 5.76 41.42 14.01
N PHE B 223 7.09 41.29 13.82
CA PHE B 223 7.69 41.47 12.50
C PHE B 223 7.14 40.49 11.48
N LEU B 224 6.77 39.27 11.91
CA LEU B 224 6.22 38.27 11.01
C LEU B 224 4.84 38.72 10.54
N ALA B 225 4.03 39.25 11.47
CA ALA B 225 2.69 39.72 11.17
C ALA B 225 2.78 40.96 10.27
N GLN B 226 3.74 41.87 10.54
CA GLN B 226 3.90 43.06 9.73
C GLN B 226 4.28 42.68 8.29
N LYS B 227 5.31 41.83 8.13
CA LYS B 227 5.78 41.44 6.82
C LYS B 227 4.74 40.65 6.03
N MET B 228 4.00 39.76 6.71
CA MET B 228 2.92 38.98 6.08
C MET B 228 1.78 39.92 5.61
N MET B 229 1.32 40.82 6.49
CA MET B 229 0.22 41.72 6.14
C MET B 229 0.58 42.68 5.05
N ILE B 230 1.80 43.23 5.06
CA ILE B 230 2.25 44.13 4.00
C ILE B 230 2.28 43.38 2.66
N GLY B 231 2.83 42.15 2.68
CA GLY B 231 2.91 41.32 1.50
C GLY B 231 1.54 41.00 0.92
N ARG B 232 0.57 40.60 1.77
CA ARG B 232 -0.78 40.31 1.31
C ARG B 232 -1.50 41.56 0.79
N CYS B 233 -1.28 42.74 1.41
CA CYS B 233 -1.86 43.98 0.93
C CYS B 233 -1.26 44.37 -0.41
N ASN B 234 0.05 44.18 -0.59
CA ASN B 234 0.71 44.49 -1.85
C ASN B 234 0.18 43.56 -2.96
N LEU B 235 -0.04 42.29 -2.64
CA LEU B 235 -0.58 41.31 -3.58
C LEU B 235 -2.03 41.71 -3.96
N ALA B 236 -2.83 42.19 -2.98
CA ALA B 236 -4.20 42.63 -3.21
C ALA B 236 -4.30 44.04 -3.84
N GLY B 237 -3.22 44.79 -3.85
CA GLY B 237 -3.20 46.15 -4.37
C GLY B 237 -3.97 47.11 -3.48
N LYS B 238 -3.99 46.85 -2.17
CA LYS B 238 -4.70 47.73 -1.23
C LYS B 238 -3.72 48.39 -0.26
N PRO B 239 -3.97 49.64 0.14
CA PRO B 239 -3.02 50.33 1.02
C PRO B 239 -2.75 49.69 2.38
N VAL B 240 -1.49 49.74 2.81
CA VAL B 240 -1.10 49.19 4.10
C VAL B 240 -0.26 50.24 4.84
N VAL B 241 -0.59 50.48 6.11
CA VAL B 241 0.09 51.47 6.94
C VAL B 241 0.93 50.74 7.99
N CYS B 242 2.19 51.17 8.18
CA CYS B 242 2.98 50.63 9.28
C CYS B 242 2.89 51.67 10.39
N ALA B 243 2.53 51.25 11.61
CA ALA B 243 2.33 52.21 12.69
C ALA B 243 2.97 51.81 14.01
N THR B 244 3.20 52.84 14.88
CA THR B 244 3.57 52.83 16.30
C THR B 244 5.04 52.58 16.61
N GLN B 245 5.61 53.53 17.35
CA GLN B 245 6.96 53.54 17.90
C GLN B 245 8.03 53.55 16.84
N MET B 246 7.73 54.03 15.63
CA MET B 246 8.71 54.09 14.56
C MET B 246 9.90 54.99 14.91
N LEU B 247 9.62 56.16 15.55
CA LEU B 247 10.66 57.10 15.97
C LEU B 247 10.39 57.52 17.42
N GLU B 248 9.92 56.59 18.27
CA GLU B 248 9.54 56.81 19.66
C GLU B 248 10.45 57.75 20.45
N SER B 249 11.77 57.54 20.42
CA SER B 249 12.72 58.36 21.17
C SER B 249 12.69 59.84 20.77
N MET B 250 12.17 60.16 19.57
CA MET B 250 12.07 61.55 19.13
C MET B 250 10.97 62.35 19.85
N ILE B 251 10.20 61.70 20.75
CA ILE B 251 9.25 62.39 21.59
C ILE B 251 10.03 63.39 22.50
N THR B 252 11.22 62.96 23.02
CA THR B 252 12.06 63.80 23.87
C THR B 252 13.43 64.15 23.26
N LYS B 253 13.92 63.39 22.28
CA LYS B 253 15.24 63.65 21.71
C LYS B 253 15.19 64.19 20.29
N PRO B 254 16.13 65.08 19.90
CA PRO B 254 16.10 65.62 18.53
C PRO B 254 16.53 64.66 17.43
N ARG B 255 17.23 63.56 17.80
CA ARG B 255 17.68 62.54 16.87
C ARG B 255 17.14 61.15 17.29
N PRO B 256 16.74 60.32 16.32
CA PRO B 256 16.25 58.97 16.69
C PRO B 256 17.38 57.95 16.97
N THR B 257 17.02 56.76 17.46
CA THR B 257 18.00 55.71 17.68
C THR B 257 18.32 54.99 16.34
N ARG B 258 19.35 54.14 16.33
CA ARG B 258 19.73 53.40 15.14
C ARG B 258 18.67 52.35 14.77
N ALA B 259 17.96 51.81 15.79
CA ALA B 259 16.87 50.87 15.56
C ALA B 259 15.67 51.57 14.92
N GLU B 260 15.41 52.82 15.32
CA GLU B 260 14.29 53.59 14.80
C GLU B 260 14.41 53.97 13.34
N THR B 261 15.59 54.44 12.90
CA THR B 261 15.76 54.76 11.48
C THR B 261 15.67 53.48 10.63
N SER B 262 16.23 52.39 11.15
CA SER B 262 16.20 51.10 10.50
C SER B 262 14.75 50.63 10.36
N ASP B 263 13.92 50.82 11.40
CA ASP B 263 12.51 50.42 11.38
C ASP B 263 11.72 51.16 10.28
N VAL B 264 11.96 52.47 10.13
CA VAL B 264 11.31 53.26 9.11
C VAL B 264 11.74 52.78 7.73
N ALA B 265 13.04 52.60 7.52
CA ALA B 265 13.55 52.15 6.24
C ALA B 265 13.02 50.78 5.87
N ASN B 266 12.95 49.86 6.86
CA ASN B 266 12.49 48.51 6.65
C ASN B 266 11.00 48.45 6.42
N ALA B 267 10.21 49.37 6.99
CA ALA B 267 8.76 49.37 6.71
C ALA B 267 8.54 49.72 5.22
N VAL B 268 9.34 50.67 4.70
CA VAL B 268 9.28 51.05 3.30
C VAL B 268 9.76 49.90 2.42
N LEU B 269 10.91 49.27 2.76
CA LEU B 269 11.42 48.13 1.99
C LEU B 269 10.46 46.93 2.05
N ASP B 270 9.70 46.79 3.14
CA ASP B 270 8.71 45.72 3.29
C ASP B 270 7.59 45.91 2.27
N GLY B 271 7.27 47.17 1.93
CA GLY B 271 6.22 47.49 0.96
C GLY B 271 5.08 48.33 1.51
N ALA B 272 5.28 48.97 2.68
CA ALA B 272 4.22 49.79 3.27
C ALA B 272 3.91 51.01 2.41
N ASP B 273 2.62 51.31 2.26
CA ASP B 273 2.21 52.51 1.52
C ASP B 273 2.36 53.75 2.39
N CYS B 274 2.06 53.64 3.68
CA CYS B 274 2.13 54.74 4.62
C CYS B 274 2.93 54.39 5.85
N ILE B 275 3.56 55.40 6.43
CA ILE B 275 4.25 55.27 7.71
C ILE B 275 3.60 56.29 8.66
N MET B 276 3.54 55.97 9.94
CA MET B 276 2.84 56.82 10.90
C MET B 276 3.70 57.31 12.05
N LEU B 277 3.31 58.44 12.63
CA LEU B 277 3.89 59.03 13.82
C LEU B 277 2.73 59.23 14.80
N SER B 278 2.91 58.83 16.07
CA SER B 278 1.87 58.99 17.07
C SER B 278 2.31 60.09 18.09
N GLY B 279 2.84 59.71 19.25
CA GLY B 279 3.36 60.64 20.25
C GLY B 279 4.44 61.54 19.70
N GLU B 280 5.19 61.07 18.70
CA GLU B 280 6.26 61.86 18.08
C GLU B 280 5.76 63.22 17.57
N THR B 281 4.51 63.27 17.10
CA THR B 281 3.94 64.52 16.59
C THR B 281 2.79 65.04 17.46
N ALA B 282 2.08 64.14 18.15
CA ALA B 282 0.98 64.55 19.00
C ALA B 282 1.45 65.30 20.26
N LYS B 283 2.45 64.75 20.97
CA LYS B 283 2.89 65.33 22.23
C LYS B 283 4.36 65.64 22.33
N GLY B 284 5.17 65.21 21.36
CA GLY B 284 6.61 65.35 21.44
C GLY B 284 7.17 66.75 21.29
N ASN B 285 8.42 66.91 21.70
CA ASN B 285 9.11 68.20 21.58
C ASN B 285 9.64 68.47 20.18
N PHE B 286 9.62 67.47 19.28
CA PHE B 286 10.14 67.68 17.93
C PHE B 286 9.16 67.17 16.86
N PRO B 287 7.88 67.63 16.82
CA PRO B 287 6.93 67.11 15.82
C PRO B 287 7.35 67.32 14.36
N VAL B 288 7.85 68.51 14.04
CA VAL B 288 8.28 68.84 12.69
C VAL B 288 9.54 68.04 12.32
N GLU B 289 10.46 67.88 13.29
CA GLU B 289 11.70 67.12 13.07
C GLU B 289 11.41 65.64 12.88
N ALA B 290 10.37 65.09 13.57
CA ALA B 290 9.98 63.70 13.41
C ALA B 290 9.44 63.46 11.99
N VAL B 291 8.63 64.43 11.46
CA VAL B 291 8.11 64.37 10.09
C VAL B 291 9.28 64.47 9.10
N LYS B 292 10.21 65.41 9.32
CA LYS B 292 11.37 65.57 8.44
C LYS B 292 12.22 64.31 8.40
N MET B 293 12.38 63.63 9.56
CA MET B 293 13.16 62.42 9.67
C MET B 293 12.50 61.28 8.91
N GLN B 294 11.19 61.09 9.06
CA GLN B 294 10.49 60.06 8.28
C GLN B 294 10.56 60.34 6.79
N HIS B 295 10.51 61.62 6.39
CA HIS B 295 10.60 62.02 5.00
C HIS B 295 12.01 61.65 4.46
N ALA B 296 13.06 62.01 5.21
CA ALA B 296 14.43 61.73 4.78
C ALA B 296 14.68 60.24 4.66
N ILE B 297 14.23 59.42 5.63
CA ILE B 297 14.45 57.98 5.59
C ILE B 297 13.67 57.33 4.45
N ALA B 298 12.38 57.70 4.29
CA ALA B 298 11.54 57.13 3.23
C ALA B 298 12.11 57.38 1.87
N ARG B 299 12.63 58.59 1.60
CA ARG B 299 13.25 58.87 0.29
C ARG B 299 14.45 57.96 0.02
N GLU B 300 15.30 57.75 1.02
CA GLU B 300 16.45 56.89 0.89
C GLU B 300 16.01 55.45 0.65
N ALA B 301 15.00 54.96 1.41
CA ALA B 301 14.53 53.59 1.33
C ALA B 301 13.81 53.29 0.03
N GLU B 302 13.04 54.27 -0.50
CA GLU B 302 12.34 54.09 -1.77
C GLU B 302 13.30 53.89 -2.92
N ALA B 303 14.42 54.60 -2.92
CA ALA B 303 15.43 54.45 -3.96
C ALA B 303 16.13 53.08 -3.84
N ALA B 304 16.24 52.53 -2.61
CA ALA B 304 16.87 51.22 -2.34
C ALA B 304 15.97 50.02 -2.66
N VAL B 305 14.72 50.24 -3.04
CA VAL B 305 13.80 49.16 -3.38
C VAL B 305 14.34 48.41 -4.63
N TYR B 306 14.32 47.07 -4.60
CA TYR B 306 14.83 46.28 -5.72
C TYR B 306 13.69 46.07 -6.71
N HIS B 307 13.40 47.10 -7.51
CA HIS B 307 12.29 47.11 -8.47
C HIS B 307 12.31 45.97 -9.45
N ARG B 308 13.50 45.53 -9.90
CA ARG B 308 13.60 44.44 -10.85
C ARG B 308 12.87 43.18 -10.39
N GLN B 309 13.08 42.76 -9.13
CA GLN B 309 12.42 41.59 -8.62
C GLN B 309 11.01 41.91 -8.17
N LEU B 310 10.82 43.06 -7.53
CA LEU B 310 9.50 43.48 -7.06
C LEU B 310 8.47 43.53 -8.20
N PHE B 311 8.81 44.19 -9.32
CA PHE B 311 7.90 44.28 -10.48
C PHE B 311 7.63 42.91 -11.08
N GLU B 312 8.67 42.09 -11.26
CA GLU B 312 8.55 40.74 -11.80
C GLU B 312 7.65 39.87 -10.93
N GLU B 313 7.76 40.00 -9.61
CA GLU B 313 6.95 39.23 -8.69
C GLU B 313 5.52 39.72 -8.63
N LEU B 314 5.30 41.05 -8.70
CA LEU B 314 3.94 41.62 -8.72
C LEU B 314 3.24 41.15 -10.00
N ARG B 315 3.95 41.09 -11.15
CA ARG B 315 3.39 40.57 -12.41
C ARG B 315 3.10 39.08 -12.36
N ARG B 316 4.04 38.29 -11.85
CA ARG B 316 3.84 36.83 -11.74
C ARG B 316 2.67 36.51 -10.80
N ALA B 317 2.56 37.23 -9.67
CA ALA B 317 1.53 36.95 -8.69
C ALA B 317 0.17 37.47 -9.07
N ALA B 318 0.10 38.62 -9.77
CA ALA B 318 -1.17 39.22 -10.13
C ALA B 318 -1.86 38.34 -11.17
N PRO B 319 -3.15 38.02 -10.95
CA PRO B 319 -3.86 37.19 -11.92
C PRO B 319 -4.14 37.95 -13.21
N LEU B 320 -4.38 37.21 -14.31
CA LEU B 320 -4.72 37.81 -15.58
C LEU B 320 -6.00 38.64 -15.43
N SER B 321 -6.08 39.75 -16.16
CA SER B 321 -7.23 40.62 -15.98
C SER B 321 -7.83 41.06 -17.26
N ARG B 322 -9.15 41.14 -17.28
CA ARG B 322 -9.88 41.63 -18.43
C ARG B 322 -10.40 43.07 -18.20
N ASP B 323 -10.02 43.71 -17.06
CA ASP B 323 -10.40 45.06 -16.75
C ASP B 323 -9.43 45.99 -17.46
N PRO B 324 -9.93 46.84 -18.36
CA PRO B 324 -9.02 47.72 -19.11
C PRO B 324 -8.20 48.69 -18.27
N THR B 325 -8.68 49.08 -17.08
CA THR B 325 -7.92 49.98 -16.20
C THR B 325 -6.69 49.22 -15.71
N GLU B 326 -6.90 47.97 -15.26
CA GLU B 326 -5.85 47.09 -14.79
C GLU B 326 -4.84 46.79 -15.93
N VAL B 327 -5.34 46.49 -17.13
CA VAL B 327 -4.49 46.21 -18.28
C VAL B 327 -3.66 47.45 -18.69
N THR B 328 -4.27 48.65 -18.65
CA THR B 328 -3.57 49.88 -19.01
C THR B 328 -2.51 50.21 -17.97
N ALA B 329 -2.84 50.01 -16.68
CA ALA B 329 -1.92 50.28 -15.58
C ALA B 329 -0.61 49.50 -15.71
N ILE B 330 -0.68 48.18 -16.01
CA ILE B 330 0.55 47.39 -16.14
C ILE B 330 1.35 47.79 -17.37
N GLY B 331 0.68 48.13 -18.46
CA GLY B 331 1.35 48.59 -19.66
C GLY B 331 2.05 49.91 -19.44
N ALA B 332 1.41 50.82 -18.68
CA ALA B 332 1.99 52.13 -18.37
C ALA B 332 3.20 52.02 -17.44
N VAL B 333 3.15 51.10 -16.46
CA VAL B 333 4.27 50.91 -15.54
C VAL B 333 5.46 50.30 -16.28
N GLU B 334 5.20 49.35 -17.18
CA GLU B 334 6.22 48.72 -18.01
C GLU B 334 6.89 49.78 -18.90
N ALA B 335 6.07 50.66 -19.53
CA ALA B 335 6.57 51.71 -20.40
C ALA B 335 7.41 52.70 -19.59
N ALA B 336 6.97 53.05 -18.37
CA ALA B 336 7.71 53.96 -17.53
C ALA B 336 9.11 53.41 -17.16
N PHE B 337 9.21 52.10 -16.83
CA PHE B 337 10.50 51.49 -16.51
C PHE B 337 11.40 51.49 -17.73
N LYS B 338 10.84 51.21 -18.92
CA LYS B 338 11.60 51.13 -20.17
C LYS B 338 12.36 52.39 -20.51
N CYS B 339 11.76 53.55 -20.23
CA CYS B 339 12.39 54.83 -20.59
C CYS B 339 12.85 55.66 -19.42
N CYS B 340 12.75 55.14 -18.17
CA CYS B 340 13.08 55.90 -16.95
C CYS B 340 12.19 57.15 -16.93
N ALA B 341 10.88 56.97 -17.18
CA ALA B 341 9.94 58.08 -17.21
C ALA B 341 9.97 58.84 -15.90
N ALA B 342 9.97 60.15 -16.00
CA ALA B 342 9.99 60.99 -14.81
C ALA B 342 8.65 60.87 -14.05
N ALA B 343 7.53 60.65 -14.78
CA ALA B 343 6.24 60.54 -14.14
C ALA B 343 5.24 59.78 -15.01
N ILE B 344 4.17 59.31 -14.40
CA ILE B 344 3.03 58.75 -15.04
C ILE B 344 1.91 59.72 -14.65
N ILE B 345 1.33 60.47 -15.60
CA ILE B 345 0.24 61.40 -15.29
C ILE B 345 -1.07 60.68 -15.56
N VAL B 346 -1.94 60.59 -14.59
CA VAL B 346 -3.20 59.87 -14.75
C VAL B 346 -4.39 60.75 -14.37
N LEU B 347 -5.46 60.65 -15.15
CA LEU B 347 -6.70 61.38 -14.86
C LEU B 347 -7.55 60.39 -14.09
N THR B 348 -8.08 60.82 -12.94
CA THR B 348 -8.90 59.93 -12.12
C THR B 348 -10.03 60.65 -11.41
N THR B 349 -11.18 59.99 -11.26
CA THR B 349 -12.33 60.57 -10.58
C THR B 349 -12.34 60.09 -9.13
N THR B 350 -12.21 58.79 -8.95
CA THR B 350 -12.23 58.19 -7.61
C THR B 350 -10.85 57.90 -7.02
N GLY B 351 -9.81 57.96 -7.84
CA GLY B 351 -8.46 57.60 -7.42
C GLY B 351 -8.08 56.20 -7.87
N ARG B 352 -9.05 55.37 -8.30
CA ARG B 352 -8.84 53.98 -8.69
C ARG B 352 -7.78 53.78 -9.78
N SER B 353 -7.76 54.60 -10.84
CA SER B 353 -6.76 54.43 -11.90
C SER B 353 -5.34 54.66 -11.34
N ALA B 354 -5.19 55.61 -10.40
CA ALA B 354 -3.91 55.90 -9.80
C ALA B 354 -3.50 54.74 -8.84
N GLN B 355 -4.48 54.15 -8.13
CA GLN B 355 -4.25 53.05 -7.24
C GLN B 355 -3.76 51.82 -8.03
N LEU B 356 -4.35 51.57 -9.21
CA LEU B 356 -3.94 50.43 -10.01
C LEU B 356 -2.54 50.61 -10.60
N LEU B 357 -2.09 51.86 -10.81
CA LEU B 357 -0.72 52.10 -11.26
C LEU B 357 0.23 51.84 -10.08
N SER B 358 -0.12 52.35 -8.90
CA SER B 358 0.59 52.27 -7.65
C SER B 358 0.84 50.81 -7.20
N ARG B 359 -0.09 49.87 -7.44
CA ARG B 359 0.08 48.47 -7.06
C ARG B 359 1.27 47.79 -7.75
N TYR B 360 1.71 48.30 -8.92
CA TYR B 360 2.88 47.73 -9.61
C TYR B 360 4.18 48.36 -9.19
N ARG B 361 4.14 49.28 -8.23
CA ARG B 361 5.27 49.97 -7.63
C ARG B 361 6.22 50.56 -8.64
N PRO B 362 5.72 51.46 -9.52
CA PRO B 362 6.63 52.12 -10.46
C PRO B 362 7.62 53.01 -9.73
N ARG B 363 8.79 53.16 -10.31
CA ARG B 363 9.77 54.10 -9.79
C ARG B 363 9.29 55.54 -10.13
N ALA B 364 8.62 55.73 -11.30
CA ALA B 364 8.08 57.01 -11.77
C ALA B 364 6.95 57.45 -10.86
N ALA B 365 6.93 58.75 -10.55
CA ALA B 365 5.89 59.36 -9.71
C ALA B 365 4.55 59.26 -10.45
N VAL B 366 3.48 58.92 -9.74
CA VAL B 366 2.16 58.85 -10.35
C VAL B 366 1.46 60.16 -10.01
N ILE B 367 1.40 61.08 -10.95
CA ILE B 367 0.76 62.38 -10.75
C ILE B 367 -0.73 62.21 -11.09
N ALA B 368 -1.58 62.21 -10.08
CA ALA B 368 -3.01 61.99 -10.29
C ALA B 368 -3.79 63.28 -10.36
N VAL B 369 -4.39 63.58 -11.53
CA VAL B 369 -5.15 64.80 -11.81
C VAL B 369 -6.62 64.53 -11.62
N THR B 370 -7.21 65.19 -10.62
CA THR B 370 -8.60 64.95 -10.29
C THR B 370 -9.37 66.24 -9.97
N ARG B 371 -10.68 66.22 -10.20
CA ARG B 371 -11.55 67.33 -9.80
C ARG B 371 -12.12 67.07 -8.39
N SER B 372 -12.11 65.81 -7.92
CA SER B 372 -12.61 65.46 -6.60
C SER B 372 -11.59 65.81 -5.51
N ALA B 373 -11.93 66.76 -4.64
CA ALA B 373 -11.07 67.17 -3.53
C ALA B 373 -10.88 65.99 -2.56
N GLN B 374 -11.93 65.20 -2.33
CA GLN B 374 -11.83 64.05 -1.46
C GLN B 374 -10.90 62.97 -2.03
N ALA B 375 -11.03 62.64 -3.33
CA ALA B 375 -10.16 61.66 -3.94
C ALA B 375 -8.71 62.14 -3.92
N ALA B 376 -8.47 63.45 -4.11
CA ALA B 376 -7.13 64.00 -4.04
C ALA B 376 -6.52 63.78 -2.63
N ARG B 377 -7.34 63.88 -1.58
CA ARG B 377 -6.86 63.64 -0.22
C ARG B 377 -6.65 62.13 0.04
N GLN B 378 -7.60 61.30 -0.39
CA GLN B 378 -7.53 59.86 -0.14
C GLN B 378 -6.43 59.12 -0.89
N VAL B 379 -5.98 59.61 -2.06
CA VAL B 379 -4.95 58.88 -2.81
C VAL B 379 -3.58 58.94 -2.12
N HIS B 380 -3.44 59.73 -1.05
CA HIS B 380 -2.23 59.72 -0.24
C HIS B 380 -2.04 58.30 0.42
N LEU B 381 -3.10 57.48 0.51
CA LEU B 381 -2.99 56.14 1.02
C LEU B 381 -2.19 55.22 0.09
N CYS B 382 -2.08 55.55 -1.21
CA CYS B 382 -1.42 54.73 -2.22
C CYS B 382 -0.05 55.24 -2.51
N ARG B 383 0.96 54.36 -2.28
CA ARG B 383 2.35 54.75 -2.47
C ARG B 383 2.65 55.29 -3.86
N GLY B 384 3.31 56.43 -3.90
CA GLY B 384 3.75 57.02 -5.15
C GLY B 384 2.73 57.85 -5.88
N VAL B 385 1.57 58.10 -5.27
CA VAL B 385 0.56 58.92 -5.89
C VAL B 385 0.65 60.37 -5.37
N PHE B 386 0.89 61.31 -6.28
CA PHE B 386 1.00 62.74 -6.02
C PHE B 386 -0.28 63.45 -6.55
N PRO B 387 -1.24 63.72 -5.66
CA PRO B 387 -2.51 64.32 -6.09
C PRO B 387 -2.47 65.79 -6.51
N LEU B 388 -3.16 66.09 -7.63
CA LEU B 388 -3.30 67.45 -8.12
C LEU B 388 -4.77 67.76 -8.24
N LEU B 389 -5.24 68.77 -7.53
CA LEU B 389 -6.64 69.16 -7.60
C LEU B 389 -6.84 70.18 -8.74
N TYR B 390 -7.60 69.78 -9.79
CA TYR B 390 -7.94 70.60 -10.95
C TYR B 390 -9.15 71.43 -10.58
N ARG B 391 -9.07 72.75 -10.74
CA ARG B 391 -10.19 73.59 -10.37
C ARG B 391 -10.92 74.26 -11.54
N GLU B 392 -10.37 74.18 -12.76
CA GLU B 392 -11.00 74.81 -13.93
C GLU B 392 -12.34 74.20 -14.31
N PRO B 393 -13.27 75.05 -14.76
CA PRO B 393 -14.58 74.54 -15.19
C PRO B 393 -14.47 73.72 -16.47
N PRO B 394 -15.33 72.70 -16.63
CA PRO B 394 -15.25 71.86 -17.83
C PRO B 394 -15.32 72.62 -19.16
N GLU B 395 -14.46 72.25 -20.10
CA GLU B 395 -14.44 72.77 -21.47
C GLU B 395 -15.70 72.24 -22.21
N ALA B 396 -16.10 72.92 -23.30
CA ALA B 396 -17.26 72.50 -24.08
C ALA B 396 -17.04 71.13 -24.70
N ILE B 397 -15.86 70.92 -25.29
CA ILE B 397 -15.54 69.63 -25.89
C ILE B 397 -14.79 68.78 -24.85
N TRP B 398 -15.33 67.58 -24.53
CA TRP B 398 -14.73 66.65 -23.57
C TRP B 398 -13.26 66.32 -23.89
N ALA B 399 -12.94 66.09 -25.16
CA ALA B 399 -11.57 65.80 -25.61
C ALA B 399 -10.57 66.95 -25.33
N ASP B 400 -11.06 68.19 -25.25
CA ASP B 400 -10.23 69.35 -24.92
C ASP B 400 -10.08 69.48 -23.40
N ASP B 401 -11.14 69.14 -22.66
CA ASP B 401 -11.15 69.18 -21.19
C ASP B 401 -10.07 68.22 -20.65
N VAL B 402 -10.01 67.00 -21.24
CA VAL B 402 -9.05 65.96 -20.92
C VAL B 402 -7.65 66.48 -21.17
N ASP B 403 -7.38 67.00 -22.38
CA ASP B 403 -6.09 67.54 -22.78
C ASP B 403 -5.62 68.68 -21.88
N ARG B 404 -6.55 69.52 -21.43
CA ARG B 404 -6.18 70.61 -20.54
C ARG B 404 -5.72 70.08 -19.20
N ARG B 405 -6.39 69.03 -18.70
CA ARG B 405 -6.01 68.39 -17.43
C ARG B 405 -4.61 67.76 -17.51
N VAL B 406 -4.28 67.12 -18.64
CA VAL B 406 -2.96 66.53 -18.87
C VAL B 406 -1.88 67.62 -18.91
N GLN B 407 -2.16 68.73 -19.63
CA GLN B 407 -1.26 69.87 -19.71
C GLN B 407 -1.07 70.54 -18.36
N PHE B 408 -2.11 70.52 -17.52
CA PHE B 408 -2.09 71.03 -16.15
C PHE B 408 -1.10 70.21 -15.32
N GLY B 409 -1.10 68.88 -15.49
CA GLY B 409 -0.20 67.96 -14.81
C GLY B 409 1.23 68.14 -15.30
N ILE B 410 1.42 68.43 -16.59
CA ILE B 410 2.75 68.67 -17.13
C ILE B 410 3.32 70.00 -16.64
N GLU B 411 2.51 71.07 -16.70
CA GLU B 411 2.94 72.39 -16.24
C GLU B 411 3.19 72.42 -14.75
N SER B 412 2.33 71.77 -13.97
CA SER B 412 2.54 71.68 -12.52
C SER B 412 3.77 70.82 -12.25
N GLY B 413 3.94 69.73 -12.98
CA GLY B 413 5.08 68.85 -12.84
C GLY B 413 6.40 69.53 -13.11
N LYS B 414 6.43 70.42 -14.10
CA LYS B 414 7.62 71.20 -14.47
C LYS B 414 7.93 72.22 -13.40
N LEU B 415 6.91 72.93 -12.95
CA LEU B 415 7.08 73.93 -11.92
C LEU B 415 7.40 73.34 -10.56
N ARG B 416 7.00 72.08 -10.30
CA ARG B 416 7.28 71.40 -9.02
C ARG B 416 8.58 70.57 -9.00
N GLY B 417 9.29 70.54 -10.12
CA GLY B 417 10.55 69.81 -10.22
C GLY B 417 10.44 68.35 -10.63
N PHE B 418 9.21 67.81 -10.76
CA PHE B 418 9.05 66.41 -11.18
C PHE B 418 9.49 66.23 -12.63
N LEU B 419 9.21 67.22 -13.49
CA LEU B 419 9.49 67.09 -14.91
C LEU B 419 10.40 68.18 -15.47
N ARG B 420 11.15 67.82 -16.48
CA ARG B 420 12.10 68.69 -17.14
C ARG B 420 11.96 68.56 -18.67
N VAL B 421 12.41 69.59 -19.42
CA VAL B 421 12.39 69.51 -20.87
C VAL B 421 13.31 68.36 -21.32
N GLY B 422 12.81 67.51 -22.21
CA GLY B 422 13.55 66.34 -22.67
C GLY B 422 13.09 65.05 -22.00
N ASP B 423 12.40 65.16 -20.83
CA ASP B 423 11.89 63.98 -20.13
C ASP B 423 10.79 63.30 -20.92
N LEU B 424 10.57 62.02 -20.63
CA LEU B 424 9.44 61.29 -21.17
C LEU B 424 8.46 61.10 -20.01
N VAL B 425 7.18 61.22 -20.30
CA VAL B 425 6.12 61.00 -19.33
C VAL B 425 5.12 60.02 -19.97
N ILE B 426 4.49 59.20 -19.13
CA ILE B 426 3.48 58.28 -19.59
C ILE B 426 2.16 58.91 -19.17
N VAL B 427 1.18 59.04 -20.08
CA VAL B 427 -0.10 59.67 -19.75
C VAL B 427 -1.22 58.65 -19.82
N VAL B 428 -1.98 58.49 -18.75
CA VAL B 428 -3.05 57.52 -18.66
C VAL B 428 -4.44 58.18 -18.56
N THR B 429 -5.29 57.93 -19.57
CA THR B 429 -6.65 58.52 -19.70
C THR B 429 -7.68 57.42 -20.10
N GLY B 430 -8.95 57.81 -20.29
CA GLY B 430 -10.03 56.91 -20.69
C GLY B 430 -10.70 57.34 -21.99
N TRP B 431 -11.63 56.51 -22.50
CA TRP B 431 -12.28 56.76 -23.79
C TRP B 431 -13.61 57.54 -23.68
N ARG B 432 -14.17 57.65 -22.48
CA ARG B 432 -15.42 58.36 -22.24
C ARG B 432 -15.45 58.96 -20.82
N PRO B 433 -16.29 59.99 -20.55
CA PRO B 433 -16.35 60.55 -19.20
C PRO B 433 -16.88 59.57 -18.16
N GLY B 434 -16.62 59.87 -16.90
CA GLY B 434 -17.05 59.02 -15.81
C GLY B 434 -15.98 58.03 -15.39
N SER B 435 -16.09 57.55 -14.16
CA SER B 435 -15.19 56.58 -13.56
C SER B 435 -15.32 55.21 -14.21
N GLY B 436 -14.22 54.46 -14.29
CA GLY B 436 -14.20 53.09 -14.78
C GLY B 436 -13.85 52.87 -16.24
N TYR B 437 -13.47 53.92 -16.97
CA TYR B 437 -13.21 53.78 -18.41
C TYR B 437 -11.80 54.06 -18.84
N THR B 438 -10.81 54.03 -17.91
CA THR B 438 -9.40 54.20 -18.28
C THR B 438 -8.99 53.06 -19.20
N ASN B 439 -8.38 53.38 -20.34
CA ASN B 439 -7.95 52.36 -21.29
C ASN B 439 -6.86 52.87 -22.23
N ILE B 440 -6.31 54.06 -22.00
CA ILE B 440 -5.33 54.64 -22.91
C ILE B 440 -4.01 54.99 -22.21
N MET B 441 -2.90 54.67 -22.84
CA MET B 441 -1.58 55.03 -22.34
CA MET B 441 -1.56 54.96 -22.36
C MET B 441 -0.82 55.69 -23.49
N ARG B 442 -0.23 56.86 -23.22
CA ARG B 442 0.51 57.60 -24.26
C ARG B 442 1.91 57.96 -23.79
N VAL B 443 2.89 57.92 -24.68
CA VAL B 443 4.26 58.30 -24.36
C VAL B 443 4.45 59.71 -24.89
N LEU B 444 4.67 60.67 -23.98
CA LEU B 444 4.85 62.08 -24.38
CA LEU B 444 4.84 62.06 -24.36
C LEU B 444 6.23 62.63 -24.02
N SER B 445 6.82 63.39 -24.93
CA SER B 445 8.11 64.02 -24.73
C SER B 445 7.87 65.43 -24.19
N ILE B 446 8.55 65.81 -23.09
CA ILE B 446 8.36 67.14 -22.51
C ILE B 446 9.12 68.21 -23.30
N SER B 447 8.40 69.19 -23.84
CA SER B 447 9.06 70.28 -24.59
C SER B 447 9.06 71.60 -23.81
N GLU C 21 45.91 28.61 -13.06
CA GLU C 21 45.66 27.25 -12.56
C GLU C 21 45.12 26.33 -13.67
N LEU C 22 44.11 26.79 -14.44
CA LEU C 22 43.56 26.02 -15.56
C LEU C 22 43.91 26.66 -16.91
N GLY C 23 44.02 27.98 -16.95
CA GLY C 23 44.36 28.72 -18.16
C GLY C 23 43.17 29.29 -18.92
N THR C 24 43.43 30.31 -19.75
CA THR C 24 42.37 30.91 -20.57
C THR C 24 41.91 29.95 -21.68
N ALA C 25 42.82 29.10 -22.20
CA ALA C 25 42.49 28.13 -23.23
C ALA C 25 41.43 27.16 -22.73
N PHE C 26 41.51 26.73 -21.44
CA PHE C 26 40.53 25.83 -20.84
C PHE C 26 39.13 26.43 -20.90
N PHE C 27 39.01 27.73 -20.57
CA PHE C 27 37.72 28.39 -20.55
C PHE C 27 37.20 28.85 -21.92
N GLN C 28 37.96 28.61 -23.01
CA GLN C 28 37.47 28.91 -24.35
C GLN C 28 36.84 27.64 -25.01
N GLN C 29 37.29 26.44 -24.60
CA GLN C 29 36.82 25.15 -25.10
C GLN C 29 35.47 24.74 -24.46
N GLN C 30 34.87 23.64 -24.98
CA GLN C 30 33.63 23.00 -24.55
C GLN C 30 32.48 23.98 -24.22
N GLN C 31 32.35 25.04 -25.04
CA GLN C 31 31.34 26.09 -24.92
C GLN C 31 31.26 26.69 -23.50
N LEU C 32 32.42 26.80 -22.81
CA LEU C 32 32.44 27.35 -21.46
C LEU C 32 31.97 28.80 -21.40
N PRO C 33 32.29 29.72 -22.35
CA PRO C 33 31.68 31.07 -22.29
C PRO C 33 30.14 30.99 -22.34
N ALA C 34 29.56 30.13 -23.21
CA ALA C 34 28.09 29.97 -23.29
C ALA C 34 27.52 29.31 -22.02
N ALA C 35 28.30 28.46 -21.36
CA ALA C 35 27.88 27.79 -20.12
C ALA C 35 27.80 28.73 -18.94
N MET C 36 28.66 29.76 -18.91
CA MET C 36 28.66 30.72 -17.80
C MET C 36 27.59 31.80 -17.95
N ALA C 37 26.85 31.86 -19.07
CA ALA C 37 25.86 32.89 -19.32
C ALA C 37 24.77 32.94 -18.27
N ASP C 38 24.29 34.15 -18.00
CA ASP C 38 23.28 34.37 -16.99
C ASP C 38 21.86 34.13 -17.48
N THR C 39 21.64 34.09 -18.80
CA THR C 39 20.32 33.79 -19.37
C THR C 39 20.48 32.78 -20.51
N PHE C 40 19.38 32.09 -20.87
CA PHE C 40 19.40 31.16 -22.00
C PHE C 40 19.66 31.92 -23.33
N LEU C 41 19.09 33.13 -23.49
CA LEU C 41 19.28 33.94 -24.69
C LEU C 41 20.78 34.30 -24.84
N GLU C 42 21.43 34.69 -23.75
CA GLU C 42 22.87 35.01 -23.78
C GLU C 42 23.70 33.77 -24.04
N HIS C 43 23.24 32.61 -23.54
CA HIS C 43 23.88 31.32 -23.75
C HIS C 43 23.90 31.02 -25.24
N LEU C 44 22.76 31.20 -25.94
CA LEU C 44 22.69 30.99 -27.39
C LEU C 44 23.62 31.95 -28.12
N CYS C 45 23.59 33.22 -27.74
CA CYS C 45 24.43 34.24 -28.37
C CYS C 45 25.92 33.95 -28.25
N LEU C 46 26.33 33.22 -27.20
CA LEU C 46 27.73 32.90 -26.93
C LEU C 46 28.17 31.54 -27.49
N LEU C 47 27.27 30.78 -28.16
CA LEU C 47 27.67 29.49 -28.75
C LEU C 47 28.68 29.77 -29.85
N ASP C 48 29.79 29.03 -29.86
CA ASP C 48 30.91 29.30 -30.76
C ASP C 48 31.32 28.07 -31.55
N ILE C 49 31.25 28.15 -32.90
CA ILE C 49 31.69 27.05 -33.77
C ILE C 49 33.20 26.74 -33.62
N ASP C 50 33.99 27.70 -33.11
CA ASP C 50 35.42 27.46 -32.89
C ASP C 50 35.71 26.86 -31.51
N SER C 51 34.73 26.78 -30.60
CA SER C 51 34.93 26.21 -29.27
C SER C 51 34.82 24.69 -29.40
N GLU C 52 35.97 24.01 -29.33
CA GLU C 52 36.03 22.56 -29.53
C GLU C 52 35.60 21.76 -28.33
N PRO C 53 34.83 20.67 -28.57
CA PRO C 53 34.44 19.82 -27.45
C PRO C 53 35.63 19.04 -26.89
N VAL C 54 35.75 18.95 -25.57
CA VAL C 54 36.88 18.24 -24.97
C VAL C 54 36.44 16.96 -24.30
N ALA C 55 35.32 17.03 -23.59
CA ALA C 55 34.78 15.88 -22.87
C ALA C 55 34.45 14.69 -23.78
N ALA C 56 34.49 13.49 -23.20
CA ALA C 56 34.11 12.27 -23.91
C ALA C 56 32.56 12.35 -24.21
N ARG C 57 32.14 11.72 -25.31
CA ARG C 57 30.74 11.72 -25.73
C ARG C 57 29.89 10.94 -24.74
N SER C 58 28.92 11.60 -24.15
CA SER C 58 28.11 11.03 -23.09
C SER C 58 26.76 10.41 -23.52
N THR C 59 26.21 10.78 -24.70
CA THR C 59 24.95 10.19 -25.19
C THR C 59 25.28 8.87 -25.89
N SER C 60 24.75 7.75 -25.43
CA SER C 60 25.06 6.46 -26.04
C SER C 60 24.42 6.32 -27.42
N ILE C 61 25.12 5.58 -28.29
CA ILE C 61 24.64 5.31 -29.63
C ILE C 61 24.18 3.85 -29.68
N ILE C 62 22.90 3.65 -30.09
CA ILE C 62 22.36 2.33 -30.27
C ILE C 62 22.39 2.10 -31.79
N ALA C 63 23.05 1.02 -32.23
CA ALA C 63 23.08 0.71 -33.67
C ALA C 63 22.35 -0.59 -33.93
N THR C 64 21.41 -0.57 -34.89
CA THR C 64 20.68 -1.78 -35.24
C THR C 64 21.56 -2.69 -36.09
N ILE C 65 21.65 -3.95 -35.69
CA ILE C 65 22.46 -4.95 -36.40
C ILE C 65 21.63 -5.58 -37.53
N GLY C 66 22.21 -5.65 -38.71
CA GLY C 66 21.60 -6.27 -39.88
C GLY C 66 22.62 -6.70 -40.89
N PRO C 67 22.20 -7.00 -42.13
CA PRO C 67 23.18 -7.41 -43.16
C PRO C 67 24.38 -6.46 -43.35
N ALA C 68 24.16 -5.14 -43.22
CA ALA C 68 25.25 -4.16 -43.39
C ALA C 68 26.18 -4.02 -42.21
N SER C 69 25.87 -4.66 -41.07
CA SER C 69 26.67 -4.47 -39.87
C SER C 69 26.73 -5.73 -39.04
N ARG C 70 26.81 -6.89 -39.68
CA ARG C 70 26.78 -8.17 -38.98
C ARG C 70 28.10 -8.87 -38.83
N SER C 71 28.99 -8.68 -39.80
CA SER C 71 30.30 -9.33 -39.76
C SER C 71 31.11 -8.84 -38.58
N VAL C 72 31.99 -9.70 -38.06
CA VAL C 72 32.86 -9.40 -36.93
C VAL C 72 33.77 -8.21 -37.25
N GLU C 73 34.26 -8.13 -38.49
CA GLU C 73 35.14 -7.04 -38.89
C GLU C 73 34.42 -5.69 -38.99
N ARG C 74 33.17 -5.71 -39.47
CA ARG C 74 32.36 -4.51 -39.58
C ARG C 74 31.96 -4.04 -38.16
N LEU C 75 31.63 -4.99 -37.27
CA LEU C 75 31.28 -4.70 -35.88
C LEU C 75 32.45 -4.08 -35.10
N LYS C 76 33.70 -4.48 -35.42
CA LYS C 76 34.87 -3.89 -34.78
C LYS C 76 35.00 -2.42 -35.18
N GLU C 77 34.71 -2.11 -36.44
CA GLU C 77 34.75 -0.74 -36.92
C GLU C 77 33.66 0.12 -36.27
N MET C 78 32.48 -0.50 -36.02
CA MET C 78 31.36 0.19 -35.40
CA MET C 78 31.37 0.20 -35.39
C MET C 78 31.60 0.46 -33.92
N ILE C 79 32.31 -0.44 -33.24
CA ILE C 79 32.66 -0.26 -31.84
C ILE C 79 33.67 0.92 -31.76
N LYS C 80 34.65 0.96 -32.69
CA LYS C 80 35.64 2.03 -32.73
C LYS C 80 35.02 3.38 -33.07
N ALA C 81 33.98 3.36 -33.91
CA ALA C 81 33.27 4.57 -34.29
C ALA C 81 32.40 5.14 -33.12
N GLY C 82 32.02 4.30 -32.16
CA GLY C 82 31.23 4.74 -31.03
C GLY C 82 29.98 3.97 -30.63
N MET C 83 29.64 2.85 -31.31
CA MET C 83 28.48 2.05 -30.93
C MET C 83 28.59 1.53 -29.51
N ASN C 84 27.56 1.78 -28.67
CA ASN C 84 27.58 1.33 -27.27
C ASN C 84 26.57 0.20 -27.02
N ILE C 85 25.47 0.18 -27.81
CA ILE C 85 24.40 -0.79 -27.68
C ILE C 85 24.09 -1.36 -29.04
N ALA C 86 24.06 -2.69 -29.16
CA ALA C 86 23.71 -3.36 -30.40
C ALA C 86 22.25 -3.76 -30.32
N ARG C 87 21.43 -3.29 -31.27
CA ARG C 87 20.00 -3.60 -31.30
C ARG C 87 19.69 -4.74 -32.25
N LEU C 88 19.01 -5.77 -31.76
CA LEU C 88 18.57 -6.90 -32.61
C LEU C 88 17.07 -6.74 -32.85
N ASN C 89 16.68 -6.45 -34.09
CA ASN C 89 15.27 -6.24 -34.42
C ASN C 89 14.59 -7.57 -34.69
N PHE C 90 13.81 -8.05 -33.71
CA PHE C 90 13.14 -9.34 -33.85
C PHE C 90 11.89 -9.29 -34.75
N SER C 91 11.67 -8.18 -35.46
CA SER C 91 10.61 -8.13 -36.46
C SER C 91 11.05 -8.94 -37.71
N HIS C 92 12.36 -9.13 -37.93
CA HIS C 92 12.90 -9.88 -39.05
C HIS C 92 13.95 -10.87 -38.53
N GLY C 93 14.16 -11.96 -39.27
CA GLY C 93 15.18 -12.93 -38.92
C GLY C 93 14.76 -13.96 -37.91
N SER C 94 15.40 -15.12 -38.01
CA SER C 94 15.12 -16.26 -37.14
C SER C 94 15.93 -16.19 -35.85
N HIS C 95 15.65 -17.09 -34.90
CA HIS C 95 16.42 -17.18 -33.67
C HIS C 95 17.90 -17.51 -33.99
N GLU C 96 18.12 -18.36 -35.00
CA GLU C 96 19.46 -18.76 -35.44
C GLU C 96 20.23 -17.55 -35.99
N TYR C 97 19.54 -16.68 -36.73
CA TYR C 97 20.12 -15.47 -37.31
C TYR C 97 20.54 -14.51 -36.17
N HIS C 98 19.65 -14.29 -35.19
CA HIS C 98 19.95 -13.40 -34.07
C HIS C 98 21.03 -13.94 -33.15
N ALA C 99 21.08 -15.27 -32.94
CA ALA C 99 22.14 -15.87 -32.11
C ALA C 99 23.51 -15.64 -32.74
N GLU C 100 23.58 -15.69 -34.08
CA GLU C 100 24.81 -15.43 -34.81
C GLU C 100 25.20 -13.95 -34.71
N SER C 101 24.22 -13.04 -34.77
CA SER C 101 24.45 -11.63 -34.60
C SER C 101 25.05 -11.36 -33.19
N ILE C 102 24.48 -11.97 -32.14
CA ILE C 102 24.94 -11.86 -30.76
C ILE C 102 26.38 -12.38 -30.62
N ALA C 103 26.66 -13.57 -31.19
CA ALA C 103 28.00 -14.14 -31.14
C ALA C 103 29.02 -13.24 -31.84
N ASN C 104 28.64 -12.66 -32.99
CA ASN C 104 29.54 -11.77 -33.73
C ASN C 104 29.80 -10.47 -32.96
N VAL C 105 28.77 -9.93 -32.27
CA VAL C 105 28.93 -8.74 -31.46
C VAL C 105 29.90 -9.05 -30.31
N ARG C 106 29.65 -10.14 -29.56
CA ARG C 106 30.51 -10.56 -28.46
C ARG C 106 31.96 -10.83 -28.90
N GLU C 107 32.16 -11.42 -30.08
CA GLU C 107 33.50 -11.66 -30.61
C GLU C 107 34.20 -10.35 -30.92
N ALA C 108 33.49 -9.39 -31.54
CA ALA C 108 34.07 -8.09 -31.86
C ALA C 108 34.38 -7.31 -30.59
N VAL C 109 33.51 -7.39 -29.57
CA VAL C 109 33.72 -6.70 -28.29
C VAL C 109 34.92 -7.28 -27.56
N GLU C 110 35.00 -8.62 -27.47
CA GLU C 110 36.10 -9.26 -26.75
C GLU C 110 37.44 -9.21 -27.47
N SER C 111 37.47 -8.83 -28.76
CA SER C 111 38.74 -8.67 -29.47
C SER C 111 39.58 -7.50 -28.92
N PHE C 112 38.97 -6.59 -28.14
CA PHE C 112 39.65 -5.47 -27.51
C PHE C 112 39.98 -5.71 -26.04
N ALA C 113 39.68 -6.91 -25.47
CA ALA C 113 39.96 -7.18 -24.05
C ALA C 113 41.42 -7.01 -23.63
N GLY C 114 42.34 -6.94 -24.61
CA GLY C 114 43.74 -6.73 -24.33
C GLY C 114 43.98 -5.31 -23.85
N SER C 115 44.04 -4.37 -24.81
CA SER C 115 44.22 -2.95 -24.56
C SER C 115 43.08 -2.32 -23.73
N PRO C 116 43.38 -1.87 -22.50
CA PRO C 116 42.34 -1.21 -21.69
C PRO C 116 41.85 0.10 -22.31
N LEU C 117 42.73 0.79 -23.08
CA LEU C 117 42.49 2.04 -23.80
C LEU C 117 41.41 1.86 -24.90
N SER C 118 41.27 0.64 -25.45
CA SER C 118 40.28 0.35 -26.48
C SER C 118 39.11 -0.56 -26.02
N TYR C 119 39.29 -1.43 -24.98
CA TYR C 119 38.19 -2.29 -24.52
C TYR C 119 37.00 -1.46 -24.05
N ARG C 120 35.80 -1.82 -24.50
CA ARG C 120 34.59 -1.14 -24.07
C ARG C 120 33.43 -2.14 -24.02
N PRO C 121 32.68 -2.17 -22.90
CA PRO C 121 31.49 -3.05 -22.84
C PRO C 121 30.45 -2.58 -23.85
N VAL C 122 29.74 -3.53 -24.50
CA VAL C 122 28.69 -3.18 -25.45
C VAL C 122 27.44 -3.94 -25.04
N ALA C 123 26.33 -3.23 -24.83
CA ALA C 123 25.10 -3.88 -24.42
C ALA C 123 24.41 -4.55 -25.63
N ILE C 124 23.59 -5.57 -25.37
CA ILE C 124 22.82 -6.22 -26.41
C ILE C 124 21.35 -6.04 -26.08
N ALA C 125 20.62 -5.39 -26.96
CA ALA C 125 19.20 -5.10 -26.75
C ALA C 125 18.35 -5.88 -27.74
N LEU C 126 17.28 -6.51 -27.24
CA LEU C 126 16.35 -7.25 -28.09
C LEU C 126 15.12 -6.36 -28.35
N ASP C 127 14.84 -6.01 -29.60
CA ASP C 127 13.66 -5.20 -29.92
C ASP C 127 12.56 -6.17 -30.37
N THR C 128 11.45 -6.26 -29.61
CA THR C 128 10.37 -7.20 -29.93
C THR C 128 9.54 -6.85 -31.18
N LYS C 129 8.92 -7.88 -31.78
CA LYS C 129 8.07 -7.73 -32.93
C LYS C 129 6.79 -6.95 -32.59
N GLY C 130 6.16 -7.27 -31.47
CA GLY C 130 4.98 -6.54 -31.04
C GLY C 130 3.69 -7.34 -30.97
N PRO C 131 2.65 -6.72 -30.40
CA PRO C 131 1.36 -7.42 -30.26
C PRO C 131 0.62 -7.62 -31.58
N GLY C 132 0.90 -6.75 -32.56
CA GLY C 132 0.30 -6.77 -33.90
C GLY C 132 -1.22 -6.78 -33.84
N SER C 133 -1.78 -5.99 -32.89
CA SER C 133 -3.22 -5.86 -32.60
C SER C 133 -3.85 -7.18 -32.11
N GLY C 134 -3.48 -7.57 -30.89
CA GLY C 134 -3.99 -8.74 -30.20
C GLY C 134 -3.90 -8.54 -28.69
N PRO C 135 -4.79 -9.17 -27.91
CA PRO C 135 -4.74 -8.99 -26.44
C PRO C 135 -3.52 -9.69 -25.81
N GLY C 136 -2.95 -9.08 -24.77
CA GLY C 136 -1.77 -9.60 -24.08
C GLY C 136 -0.53 -9.66 -24.97
N LEU C 137 0.47 -10.44 -24.55
CA LEU C 137 1.71 -10.63 -25.30
C LEU C 137 1.50 -11.65 -26.47
N SER C 138 2.09 -11.40 -27.62
CA SER C 138 1.99 -12.34 -28.74
C SER C 138 2.86 -13.55 -28.45
N GLU C 139 2.46 -14.70 -28.99
CA GLU C 139 3.19 -15.95 -28.80
C GLU C 139 4.64 -15.80 -29.29
N GLN C 140 4.85 -15.05 -30.37
CA GLN C 140 6.20 -14.86 -30.88
C GLN C 140 7.01 -14.03 -29.90
N ASP C 141 6.43 -13.00 -29.27
CA ASP C 141 7.13 -12.20 -28.28
C ASP C 141 7.48 -13.03 -27.07
N VAL C 142 6.59 -13.95 -26.62
CA VAL C 142 6.91 -14.84 -25.49
C VAL C 142 8.16 -15.68 -25.81
N ARG C 143 8.25 -16.18 -27.06
CA ARG C 143 9.37 -17.00 -27.49
C ARG C 143 10.65 -16.21 -27.66
N ASP C 144 10.55 -15.01 -28.22
CA ASP C 144 11.69 -14.12 -28.44
C ASP C 144 12.24 -13.61 -27.12
N LEU C 145 11.35 -13.31 -26.15
CA LEU C 145 11.76 -12.88 -24.83
C LEU C 145 12.49 -14.00 -24.11
N ARG C 146 11.99 -15.24 -24.24
CA ARG C 146 12.65 -16.41 -23.66
C ARG C 146 14.03 -16.61 -24.30
N PHE C 147 14.15 -16.38 -25.61
CA PHE C 147 15.41 -16.44 -26.34
C PHE C 147 16.41 -15.43 -25.73
N GLY C 148 15.92 -14.22 -25.47
CA GLY C 148 16.73 -13.15 -24.88
C GLY C 148 17.32 -13.52 -23.54
N VAL C 149 16.52 -14.13 -22.67
CA VAL C 149 16.99 -14.60 -21.38
C VAL C 149 18.05 -15.69 -21.56
N GLU C 150 17.79 -16.64 -22.45
CA GLU C 150 18.71 -17.74 -22.70
C GLU C 150 20.02 -17.28 -23.31
N HIS C 151 19.99 -16.21 -24.09
CA HIS C 151 21.20 -15.67 -24.71
C HIS C 151 21.84 -14.50 -23.94
N GLY C 152 21.33 -14.21 -22.74
CA GLY C 152 21.87 -13.19 -21.87
C GLY C 152 21.81 -11.75 -22.34
N VAL C 153 20.69 -11.35 -23.01
CA VAL C 153 20.54 -9.97 -23.46
C VAL C 153 20.43 -9.04 -22.23
N ASP C 154 20.83 -7.80 -22.41
CA ASP C 154 20.82 -6.84 -21.30
C ASP C 154 19.56 -6.02 -21.22
N ILE C 155 18.97 -5.74 -22.37
CA ILE C 155 17.83 -4.84 -22.48
C ILE C 155 16.78 -5.39 -23.46
N VAL C 156 15.51 -5.05 -23.23
CA VAL C 156 14.43 -5.35 -24.12
C VAL C 156 13.81 -4.00 -24.52
N PHE C 157 13.67 -3.74 -25.83
CA PHE C 157 12.94 -2.58 -26.31
C PHE C 157 11.56 -3.17 -26.64
N ALA C 158 10.60 -3.02 -25.72
CA ALA C 158 9.26 -3.61 -25.91
C ALA C 158 8.40 -2.79 -26.86
N SER C 159 8.08 -3.36 -28.02
CA SER C 159 7.27 -2.67 -29.02
C SER C 159 5.83 -2.49 -28.63
N PHE C 160 5.25 -1.37 -29.07
CA PHE C 160 3.86 -0.99 -28.90
C PHE C 160 3.33 -1.12 -27.49
N VAL C 161 4.03 -0.53 -26.51
CA VAL C 161 3.56 -0.54 -25.14
C VAL C 161 2.45 0.50 -25.05
N ARG C 162 1.26 0.07 -24.64
CA ARG C 162 0.06 0.92 -24.59
C ARG C 162 -0.39 1.23 -23.18
N LYS C 163 -0.02 0.39 -22.21
CA LYS C 163 -0.47 0.51 -20.82
C LYS C 163 0.47 -0.23 -19.89
N ALA C 164 0.35 -0.01 -18.58
CA ALA C 164 1.17 -0.68 -17.58
C ALA C 164 1.09 -2.20 -17.64
N SER C 165 -0.09 -2.79 -17.94
CA SER C 165 -0.21 -4.25 -18.00
C SER C 165 0.63 -4.87 -19.12
N ASP C 166 0.92 -4.12 -20.18
CA ASP C 166 1.77 -4.60 -21.27
C ASP C 166 3.19 -4.80 -20.73
N VAL C 167 3.67 -3.86 -19.88
CA VAL C 167 5.00 -3.96 -19.28
C VAL C 167 5.04 -5.13 -18.32
N ALA C 168 3.98 -5.32 -17.51
CA ALA C 168 3.94 -6.45 -16.59
C ALA C 168 3.96 -7.78 -17.34
N ALA C 169 3.37 -7.85 -18.54
CA ALA C 169 3.38 -9.06 -19.34
C ALA C 169 4.79 -9.34 -19.87
N VAL C 170 5.52 -8.29 -20.29
CA VAL C 170 6.90 -8.45 -20.76
C VAL C 170 7.80 -8.89 -19.58
N ARG C 171 7.57 -8.30 -18.41
CA ARG C 171 8.29 -8.59 -17.19
C ARG C 171 8.04 -10.06 -16.78
N ALA C 172 6.79 -10.56 -16.90
CA ALA C 172 6.48 -11.97 -16.57
C ALA C 172 7.12 -12.91 -17.60
N ALA C 173 7.23 -12.49 -18.87
CA ALA C 173 7.87 -13.32 -19.90
C ALA C 173 9.41 -13.39 -19.76
N LEU C 174 10.02 -12.45 -18.99
CA LEU C 174 11.46 -12.54 -18.75
C LEU C 174 11.80 -13.65 -17.71
N GLY C 175 10.78 -14.41 -17.32
CA GLY C 175 10.81 -15.67 -16.61
C GLY C 175 11.51 -15.58 -15.31
N PRO C 176 11.90 -16.77 -14.81
CA PRO C 176 12.59 -16.79 -13.51
C PRO C 176 14.04 -16.23 -13.57
N GLU C 177 14.74 -16.40 -14.70
CA GLU C 177 16.16 -16.03 -14.78
C GLU C 177 16.48 -14.66 -15.39
N GLY C 178 15.49 -13.92 -15.88
CA GLY C 178 15.75 -12.65 -16.54
C GLY C 178 15.19 -11.40 -15.89
N HIS C 179 15.02 -11.40 -14.57
CA HIS C 179 14.52 -10.21 -13.87
C HIS C 179 15.50 -9.03 -13.87
N GLY C 180 16.78 -9.26 -14.13
CA GLY C 180 17.78 -8.20 -14.22
C GLY C 180 17.82 -7.47 -15.56
N ILE C 181 17.09 -7.97 -16.56
CA ILE C 181 17.02 -7.36 -17.88
C ILE C 181 16.21 -6.06 -17.81
N LYS C 182 16.72 -4.98 -18.43
CA LYS C 182 16.04 -3.69 -18.41
C LYS C 182 14.94 -3.65 -19.47
N ILE C 183 13.76 -3.18 -19.09
CA ILE C 183 12.68 -3.05 -20.04
C ILE C 183 12.53 -1.58 -20.42
N ILE C 184 12.79 -1.28 -21.67
CA ILE C 184 12.60 0.04 -22.22
C ILE C 184 11.29 -0.01 -23.06
N SER C 185 10.24 0.66 -22.60
CA SER C 185 8.97 0.66 -23.31
C SER C 185 8.96 1.58 -24.49
N LYS C 186 8.65 1.04 -25.67
CA LYS C 186 8.56 1.84 -26.87
C LYS C 186 7.18 2.46 -26.97
N ILE C 187 7.09 3.80 -27.04
CA ILE C 187 5.83 4.51 -27.17
C ILE C 187 5.65 4.79 -28.63
N GLU C 188 4.66 4.11 -29.26
CA GLU C 188 4.48 4.19 -30.70
C GLU C 188 3.09 4.60 -31.15
N ASN C 189 2.17 4.90 -30.23
CA ASN C 189 0.82 5.29 -30.64
C ASN C 189 0.17 6.29 -29.66
N HIS C 190 -1.03 6.77 -29.98
CA HIS C 190 -1.75 7.70 -29.14
C HIS C 190 -2.00 7.17 -27.74
N GLU C 191 -2.38 5.89 -27.61
CA GLU C 191 -2.66 5.32 -26.29
C GLU C 191 -1.40 5.29 -25.41
N GLY C 192 -0.26 4.91 -25.98
CA GLY C 192 1.03 4.94 -25.29
C GLY C 192 1.38 6.34 -24.78
N VAL C 193 1.11 7.38 -25.58
CA VAL C 193 1.35 8.77 -25.18
C VAL C 193 0.41 9.18 -24.05
N LYS C 194 -0.91 8.87 -24.19
CA LYS C 194 -1.89 9.23 -23.17
C LYS C 194 -1.70 8.49 -21.86
N ARG C 195 -1.27 7.23 -21.93
CA ARG C 195 -1.00 6.44 -20.73
C ARG C 195 0.48 6.44 -20.34
N PHE C 196 1.27 7.41 -20.85
CA PHE C 196 2.70 7.53 -20.58
C PHE C 196 3.09 7.41 -19.10
N ASP C 197 2.47 8.17 -18.20
CA ASP C 197 2.84 8.15 -16.79
C ASP C 197 2.75 6.77 -16.16
N GLU C 198 1.67 6.02 -16.46
CA GLU C 198 1.56 4.67 -15.90
C GLU C 198 2.58 3.70 -16.51
N ILE C 199 2.98 3.92 -17.77
CA ILE C 199 3.95 3.09 -18.46
C ILE C 199 5.36 3.34 -17.89
N LEU C 200 5.75 4.61 -17.75
CA LEU C 200 7.06 4.99 -17.23
C LEU C 200 7.24 4.50 -15.80
N GLU C 201 6.17 4.55 -14.99
CA GLU C 201 6.22 4.12 -13.59
C GLU C 201 6.68 2.67 -13.45
N VAL C 202 6.25 1.78 -14.35
CA VAL C 202 6.62 0.37 -14.28
C VAL C 202 7.76 -0.03 -15.22
N SER C 203 8.23 0.89 -16.07
CA SER C 203 9.31 0.59 -17.00
C SER C 203 10.66 1.07 -16.46
N ASP C 204 11.76 0.55 -17.01
CA ASP C 204 13.09 1.04 -16.64
C ASP C 204 13.44 2.32 -17.44
N GLY C 205 12.82 2.50 -18.60
CA GLY C 205 13.03 3.64 -19.47
C GLY C 205 12.07 3.63 -20.64
N ILE C 206 12.25 4.57 -21.56
CA ILE C 206 11.35 4.75 -22.67
C ILE C 206 12.08 4.94 -24.00
N MET C 207 11.48 4.47 -25.09
CA MET C 207 11.99 4.77 -26.41
C MET C 207 10.90 5.57 -27.14
N VAL C 208 11.25 6.75 -27.68
CA VAL C 208 10.33 7.55 -28.48
C VAL C 208 10.47 6.93 -29.86
N ALA C 209 9.58 5.95 -30.17
CA ALA C 209 9.63 5.21 -31.43
C ALA C 209 8.89 6.00 -32.49
N ARG C 210 9.59 6.98 -33.09
CA ARG C 210 9.05 7.97 -34.01
C ARG C 210 8.50 7.43 -35.33
N GLY C 211 8.99 6.29 -35.80
CA GLY C 211 8.49 5.69 -37.03
C GLY C 211 7.01 5.39 -36.97
N ASP C 212 6.60 4.49 -36.06
CA ASP C 212 5.19 4.17 -35.91
C ASP C 212 4.42 5.32 -35.32
N LEU C 213 5.02 6.06 -34.37
CA LEU C 213 4.35 7.21 -33.76
C LEU C 213 3.94 8.26 -34.82
N GLY C 214 4.79 8.46 -35.82
CA GLY C 214 4.54 9.39 -36.92
C GLY C 214 3.43 8.97 -37.88
N ILE C 215 3.00 7.69 -37.83
CA ILE C 215 1.89 7.12 -38.61
C ILE C 215 0.63 7.06 -37.72
N GLU C 216 0.80 6.78 -36.42
CA GLU C 216 -0.29 6.65 -35.47
C GLU C 216 -0.91 7.98 -35.07
N ILE C 217 -0.10 9.03 -35.00
CA ILE C 217 -0.55 10.39 -34.70
C ILE C 217 -0.08 11.32 -35.86
N PRO C 218 -0.66 12.53 -36.00
CA PRO C 218 -0.19 13.43 -37.06
C PRO C 218 1.33 13.67 -36.99
N ALA C 219 1.98 13.63 -38.14
CA ALA C 219 3.43 13.81 -38.22
C ALA C 219 3.92 15.12 -37.57
N GLU C 220 3.13 16.18 -37.69
CA GLU C 220 3.45 17.48 -37.11
C GLU C 220 3.33 17.53 -35.57
N LYS C 221 2.88 16.44 -34.94
CA LYS C 221 2.74 16.39 -33.48
C LYS C 221 3.83 15.54 -32.81
N VAL C 222 4.60 14.74 -33.58
CA VAL C 222 5.63 13.88 -33.01
C VAL C 222 6.64 14.64 -32.13
N PHE C 223 7.07 15.84 -32.54
CA PHE C 223 8.03 16.61 -31.74
C PHE C 223 7.49 16.95 -30.35
N LEU C 224 6.16 17.13 -30.22
CA LEU C 224 5.57 17.44 -28.91
C LEU C 224 5.66 16.21 -28.03
N ALA C 225 5.38 15.02 -28.59
CA ALA C 225 5.43 13.77 -27.87
C ALA C 225 6.89 13.47 -27.46
N GLN C 226 7.86 13.72 -28.37
CA GLN C 226 9.26 13.49 -28.07
C GLN C 226 9.72 14.38 -26.93
N LYS C 227 9.46 15.67 -27.03
CA LYS C 227 9.90 16.62 -26.02
C LYS C 227 9.24 16.38 -24.69
N MET C 228 7.95 16.02 -24.70
CA MET C 228 7.22 15.73 -23.45
C MET C 228 7.79 14.49 -22.77
N MET C 229 7.97 13.41 -23.53
CA MET C 229 8.47 12.15 -22.97
C MET C 229 9.88 12.25 -22.46
N ILE C 230 10.76 12.98 -23.19
CA ILE C 230 12.14 13.18 -22.72
C ILE C 230 12.13 13.98 -21.42
N GLY C 231 11.31 15.02 -21.36
CA GLY C 231 11.17 15.84 -20.15
C GLY C 231 10.72 15.04 -18.95
N ARG C 232 9.67 14.21 -19.12
CA ARG C 232 9.14 13.37 -18.05
C ARG C 232 10.15 12.31 -17.63
N CYS C 233 10.90 11.74 -18.56
CA CYS C 233 11.94 10.75 -18.21
C CYS C 233 13.06 11.41 -17.44
N ASN C 234 13.45 12.63 -17.83
CA ASN C 234 14.51 13.36 -17.13
C ASN C 234 14.08 13.68 -15.71
N LEU C 235 12.82 14.07 -15.54
CA LEU C 235 12.25 14.36 -14.23
C LEU C 235 12.21 13.10 -13.37
N ALA C 236 11.87 11.95 -13.96
CA ALA C 236 11.83 10.66 -13.26
C ALA C 236 13.21 10.03 -13.05
N GLY C 237 14.24 10.52 -13.73
CA GLY C 237 15.59 9.97 -13.63
C GLY C 237 15.71 8.62 -14.31
N LYS C 238 14.91 8.40 -15.38
CA LYS C 238 14.94 7.13 -16.09
C LYS C 238 15.42 7.33 -17.53
N PRO C 239 16.16 6.37 -18.10
CA PRO C 239 16.67 6.57 -19.47
C PRO C 239 15.62 6.75 -20.57
N VAL C 240 15.91 7.62 -21.54
CA VAL C 240 15.03 7.85 -22.65
C VAL C 240 15.86 7.79 -23.94
N VAL C 241 15.35 7.07 -24.95
CA VAL C 241 16.01 6.89 -26.22
C VAL C 241 15.25 7.66 -27.30
N CYS C 242 15.95 8.43 -28.15
CA CYS C 242 15.29 9.04 -29.30
C CYS C 242 15.61 8.13 -30.48
N ALA C 243 14.58 7.71 -31.23
CA ALA C 243 14.79 6.77 -32.30
C ALA C 243 14.10 7.13 -33.62
N THR C 244 14.64 6.56 -34.73
CA THR C 244 14.10 6.47 -36.10
C THR C 244 14.26 7.71 -36.97
N GLN C 245 14.86 7.49 -38.13
CA GLN C 245 15.09 8.43 -39.20
C GLN C 245 15.96 9.60 -38.80
N MET C 246 16.82 9.45 -37.77
CA MET C 246 17.71 10.52 -37.32
C MET C 246 18.71 10.92 -38.41
N LEU C 247 19.26 9.93 -39.15
CA LEU C 247 20.17 10.17 -40.26
C LEU C 247 19.73 9.32 -41.47
N GLU C 248 18.40 9.22 -41.71
CA GLU C 248 17.80 8.41 -42.76
C GLU C 248 18.50 8.45 -44.12
N SER C 249 18.80 9.66 -44.64
CA SER C 249 19.45 9.80 -45.93
C SER C 249 20.80 9.09 -46.01
N MET C 250 21.45 8.83 -44.87
CA MET C 250 22.73 8.13 -44.87
C MET C 250 22.60 6.62 -45.20
N ILE C 251 21.38 6.10 -45.41
CA ILE C 251 21.20 4.74 -45.88
C ILE C 251 21.80 4.63 -47.31
N THR C 252 21.66 5.68 -48.14
CA THR C 252 22.19 5.71 -49.50
C THR C 252 23.27 6.78 -49.74
N LYS C 253 23.30 7.85 -48.91
CA LYS C 253 24.26 8.95 -49.11
C LYS C 253 25.36 8.99 -48.05
N PRO C 254 26.60 9.39 -48.40
CA PRO C 254 27.68 9.40 -47.38
C PRO C 254 27.60 10.53 -46.35
N ARG C 255 26.80 11.58 -46.63
CA ARG C 255 26.64 12.74 -45.76
C ARG C 255 25.15 12.94 -45.50
N PRO C 256 24.78 13.34 -44.26
CA PRO C 256 23.36 13.55 -43.97
C PRO C 256 22.82 14.92 -44.41
N THR C 257 21.50 15.11 -44.32
CA THR C 257 20.91 16.40 -44.66
C THR C 257 21.08 17.38 -43.44
N ARG C 258 20.79 18.67 -43.67
CA ARG C 258 20.86 19.68 -42.61
C ARG C 258 19.80 19.43 -41.55
N ALA C 259 18.64 18.87 -41.92
CA ALA C 259 17.60 18.54 -40.96
C ALA C 259 18.00 17.38 -40.08
N GLU C 260 18.75 16.42 -40.64
CA GLU C 260 19.20 15.24 -39.92
C GLU C 260 20.24 15.54 -38.83
N THR C 261 21.24 16.36 -39.13
CA THR C 261 22.23 16.74 -38.11
C THR C 261 21.56 17.57 -37.00
N SER C 262 20.62 18.43 -37.40
CA SER C 262 19.87 19.26 -36.48
C SER C 262 19.03 18.35 -35.54
N ASP C 263 18.43 17.29 -36.10
CA ASP C 263 17.61 16.36 -35.34
C ASP C 263 18.41 15.65 -34.26
N VAL C 264 19.64 15.20 -34.60
CA VAL C 264 20.51 14.53 -33.65
C VAL C 264 20.91 15.50 -32.54
N ALA C 265 21.32 16.72 -32.91
CA ALA C 265 21.71 17.73 -31.94
C ALA C 265 20.56 18.09 -31.01
N ASN C 266 19.34 18.25 -31.58
CA ASN C 266 18.16 18.60 -30.81
C ASN C 266 17.69 17.49 -29.91
N ALA C 267 17.88 16.21 -30.29
CA ALA C 267 17.51 15.11 -29.39
C ALA C 267 18.41 15.18 -28.13
N VAL C 268 19.70 15.49 -28.31
CA VAL C 268 20.64 15.62 -27.19
C VAL C 268 20.25 16.86 -26.34
N LEU C 269 20.02 18.00 -26.99
CA LEU C 269 19.61 19.21 -26.26
C LEU C 269 18.26 19.03 -25.55
N ASP C 270 17.35 18.19 -26.09
CA ASP C 270 16.07 17.87 -25.47
C ASP C 270 16.29 17.14 -24.15
N GLY C 271 17.34 16.31 -24.06
CA GLY C 271 17.66 15.57 -22.86
C GLY C 271 17.70 14.07 -23.03
N ALA C 272 17.77 13.58 -24.27
CA ALA C 272 17.79 12.14 -24.51
C ALA C 272 19.07 11.50 -23.98
N ASP C 273 18.95 10.35 -23.37
CA ASP C 273 20.11 9.58 -22.88
C ASP C 273 20.77 8.83 -24.02
N CYS C 274 19.97 8.30 -24.95
CA CYS C 274 20.48 7.53 -26.08
C CYS C 274 19.92 8.05 -27.38
N ILE C 275 20.68 7.88 -28.44
CA ILE C 275 20.24 8.15 -29.80
C ILE C 275 20.40 6.83 -30.58
N MET C 276 19.53 6.59 -31.57
CA MET C 276 19.53 5.33 -32.28
C MET C 276 19.68 5.47 -33.79
N LEU C 277 20.20 4.40 -34.41
CA LEU C 277 20.31 4.24 -35.85
C LEU C 277 19.60 2.93 -36.20
N SER C 278 18.76 2.94 -37.24
CA SER C 278 18.04 1.72 -37.63
C SER C 278 18.54 1.25 -39.01
N GLY C 279 17.85 1.60 -40.10
CA GLY C 279 18.26 1.25 -41.46
C GLY C 279 19.64 1.77 -41.80
N GLU C 280 20.05 2.91 -41.18
CA GLU C 280 21.37 3.53 -41.37
C GLU C 280 22.49 2.54 -41.10
N THR C 281 22.32 1.66 -40.11
CA THR C 281 23.34 0.66 -39.78
C THR C 281 22.92 -0.77 -40.17
N ALA C 282 21.63 -1.07 -40.13
CA ALA C 282 21.15 -2.43 -40.42
C ALA C 282 21.25 -2.81 -41.91
N LYS C 283 20.89 -1.89 -42.82
CA LYS C 283 20.87 -2.20 -44.24
C LYS C 283 21.54 -1.20 -45.18
N GLY C 284 21.90 -0.02 -44.70
CA GLY C 284 22.46 1.02 -45.55
C GLY C 284 23.88 0.80 -46.01
N ASN C 285 24.36 1.69 -46.86
CA ASN C 285 25.71 1.62 -47.43
C ASN C 285 26.81 2.26 -46.60
N PHE C 286 26.44 3.00 -45.54
CA PHE C 286 27.43 3.72 -44.72
C PHE C 286 27.17 3.52 -43.21
N PRO C 287 27.11 2.26 -42.71
CA PRO C 287 26.83 2.06 -41.28
C PRO C 287 27.83 2.69 -40.31
N VAL C 288 29.13 2.56 -40.61
CA VAL C 288 30.19 3.11 -39.77
C VAL C 288 30.18 4.65 -39.82
N GLU C 289 29.93 5.21 -40.99
CA GLU C 289 29.87 6.66 -41.17
C GLU C 289 28.67 7.26 -40.44
N ALA C 290 27.55 6.52 -40.37
CA ALA C 290 26.36 6.96 -39.65
C ALA C 290 26.68 7.02 -38.13
N VAL C 291 27.41 6.01 -37.61
CA VAL C 291 27.81 6.00 -36.21
C VAL C 291 28.79 7.17 -35.92
N LYS C 292 29.76 7.38 -36.81
CA LYS C 292 30.73 8.47 -36.67
C LYS C 292 30.05 9.82 -36.63
N MET C 293 29.01 10.00 -37.47
CA MET C 293 28.27 11.24 -37.55
C MET C 293 27.49 11.49 -36.26
N GLN C 294 26.80 10.46 -35.73
CA GLN C 294 26.08 10.62 -34.46
C GLN C 294 27.03 10.95 -33.31
N HIS C 295 28.22 10.34 -33.32
CA HIS C 295 29.23 10.60 -32.32
C HIS C 295 29.68 12.08 -32.40
N ALA C 296 30.01 12.55 -33.61
CA ALA C 296 30.46 13.93 -33.80
C ALA C 296 29.40 14.95 -33.38
N ILE C 297 28.14 14.73 -33.78
CA ILE C 297 27.07 15.67 -33.42
C ILE C 297 26.80 15.69 -31.92
N ALA C 298 26.68 14.50 -31.29
CA ALA C 298 26.44 14.39 -29.87
C ALA C 298 27.47 15.11 -29.03
N ARG C 299 28.78 15.00 -29.34
CA ARG C 299 29.81 15.71 -28.56
C ARG C 299 29.61 17.22 -28.64
N GLU C 300 29.30 17.73 -29.82
CA GLU C 300 29.06 19.15 -30.05
C GLU C 300 27.84 19.62 -29.26
N ALA C 301 26.75 18.83 -29.29
CA ALA C 301 25.51 19.17 -28.62
C ALA C 301 25.63 19.10 -27.12
N GLU C 302 26.36 18.11 -26.60
CA GLU C 302 26.53 17.98 -25.14
C GLU C 302 27.26 19.19 -24.54
N ALA C 303 28.26 19.74 -25.28
CA ALA C 303 28.96 20.93 -24.80
C ALA C 303 28.05 22.16 -24.83
N ALA C 304 27.08 22.20 -25.75
CA ALA C 304 26.13 23.31 -25.89
C ALA C 304 24.96 23.24 -24.88
N VAL C 305 24.90 22.21 -24.02
CA VAL C 305 23.83 22.10 -23.03
C VAL C 305 23.99 23.25 -21.99
N TYR C 306 22.88 23.91 -21.62
CA TYR C 306 22.89 25.01 -20.68
C TYR C 306 22.73 24.46 -19.27
N HIS C 307 23.81 23.92 -18.73
CA HIS C 307 23.85 23.27 -17.42
C HIS C 307 23.35 24.15 -16.30
N ARG C 308 23.61 25.47 -16.35
CA ARG C 308 23.19 26.37 -15.29
C ARG C 308 21.70 26.28 -14.99
N GLN C 309 20.87 26.32 -16.05
CA GLN C 309 19.44 26.23 -15.87
C GLN C 309 19.01 24.78 -15.70
N LEU C 310 19.59 23.86 -16.48
CA LEU C 310 19.27 22.44 -16.40
C LEU C 310 19.45 21.89 -14.98
N PHE C 311 20.60 22.12 -14.36
CA PHE C 311 20.85 21.64 -13.01
C PHE C 311 19.92 22.27 -12.00
N GLU C 312 19.72 23.58 -12.09
CA GLU C 312 18.81 24.31 -11.20
C GLU C 312 17.38 23.77 -11.26
N GLU C 313 16.91 23.47 -12.48
CA GLU C 313 15.59 22.96 -12.68
C GLU C 313 15.45 21.50 -12.25
N LEU C 314 16.48 20.67 -12.51
CA LEU C 314 16.45 19.26 -12.09
C LEU C 314 16.43 19.21 -10.55
N ARG C 315 17.22 20.07 -9.91
CA ARG C 315 17.33 20.26 -8.46
C ARG C 315 15.95 20.68 -7.91
N ARG C 316 15.34 21.74 -8.46
CA ARG C 316 14.05 22.25 -7.98
C ARG C 316 12.89 21.26 -8.20
N ALA C 317 12.91 20.54 -9.32
CA ALA C 317 11.84 19.61 -9.63
C ALA C 317 11.95 18.32 -8.87
N ALA C 318 13.19 17.86 -8.58
CA ALA C 318 13.39 16.60 -7.88
C ALA C 318 12.90 16.73 -6.46
N PRO C 319 12.07 15.78 -6.00
CA PRO C 319 11.54 15.87 -4.63
C PRO C 319 12.61 15.63 -3.58
N LEU C 320 12.38 16.13 -2.35
CA LEU C 320 13.29 15.90 -1.25
C LEU C 320 13.42 14.40 -1.00
N SER C 321 14.61 13.96 -0.61
CA SER C 321 14.83 12.54 -0.42
C SER C 321 15.56 12.22 0.82
N ARG C 322 15.17 11.12 1.46
CA ARG C 322 15.88 10.61 2.62
C ARG C 322 16.74 9.37 2.27
N ASP C 323 16.88 9.04 0.99
CA ASP C 323 17.69 7.94 0.49
C ASP C 323 19.12 8.50 0.38
N PRO C 324 20.05 7.89 1.13
CA PRO C 324 21.42 8.41 1.11
C PRO C 324 22.11 8.37 -0.24
N THR C 325 21.72 7.46 -1.16
CA THR C 325 22.33 7.40 -2.49
C THR C 325 21.90 8.66 -3.26
N GLU C 326 20.60 8.98 -3.20
CA GLU C 326 20.05 10.16 -3.85
CA GLU C 326 20.06 10.17 -3.85
C GLU C 326 20.67 11.46 -3.25
N VAL C 327 20.77 11.52 -1.91
CA VAL C 327 21.36 12.67 -1.25
C VAL C 327 22.85 12.84 -1.62
N THR C 328 23.61 11.72 -1.69
CA THR C 328 25.04 11.76 -2.03
C THR C 328 25.21 12.19 -3.47
N ALA C 329 24.35 11.67 -4.39
CA ALA C 329 24.42 11.98 -5.79
C ALA C 329 24.31 13.48 -6.06
N ILE C 330 23.32 14.16 -5.45
CA ILE C 330 23.18 15.60 -5.67
C ILE C 330 24.37 16.40 -5.08
N GLY C 331 24.88 15.98 -3.92
CA GLY C 331 26.05 16.58 -3.29
C GLY C 331 27.27 16.45 -4.18
N ALA C 332 27.46 15.25 -4.78
CA ALA C 332 28.58 14.98 -5.66
C ALA C 332 28.50 15.77 -6.97
N VAL C 333 27.31 15.93 -7.55
CA VAL C 333 27.13 16.70 -8.80
C VAL C 333 27.39 18.19 -8.52
N GLU C 334 26.92 18.70 -7.40
CA GLU C 334 27.16 20.07 -6.98
CA GLU C 334 27.16 20.08 -6.98
C GLU C 334 28.67 20.30 -6.78
N ALA C 335 29.35 19.38 -6.09
CA ALA C 335 30.79 19.45 -5.87
C ALA C 335 31.56 19.41 -7.20
N ALA C 336 31.12 18.55 -8.15
CA ALA C 336 31.78 18.47 -9.45
C ALA C 336 31.67 19.79 -10.23
N PHE C 337 30.49 20.45 -10.20
CA PHE C 337 30.32 21.73 -10.88
C PHE C 337 31.17 22.82 -10.23
N LYS C 338 31.26 22.83 -8.90
CA LYS C 338 32.02 23.82 -8.16
C LYS C 338 33.49 23.87 -8.55
N CYS C 339 34.12 22.70 -8.81
CA CYS C 339 35.54 22.64 -9.12
C CYS C 339 35.87 22.27 -10.56
N CYS C 340 34.86 22.15 -11.45
CA CYS C 340 35.05 21.68 -12.83
C CYS C 340 35.74 20.31 -12.81
N ALA C 341 35.28 19.40 -11.93
CA ALA C 341 35.89 18.08 -11.77
C ALA C 341 35.98 17.35 -13.09
N ALA C 342 37.13 16.77 -13.35
CA ALA C 342 37.33 16.04 -14.60
C ALA C 342 36.40 14.81 -14.67
N ALA C 343 36.02 14.24 -13.52
CA ALA C 343 35.16 13.08 -13.49
C ALA C 343 34.57 12.87 -12.08
N ILE C 344 33.50 12.06 -12.00
CA ILE C 344 32.90 11.59 -10.77
C ILE C 344 33.10 10.09 -10.87
N ILE C 345 33.92 9.49 -9.99
CA ILE C 345 34.16 8.07 -10.02
C ILE C 345 33.23 7.44 -9.00
N VAL C 346 32.36 6.54 -9.43
CA VAL C 346 31.41 5.90 -8.54
C VAL C 346 31.55 4.39 -8.54
N LEU C 347 31.45 3.79 -7.37
CA LEU C 347 31.48 2.33 -7.27
C LEU C 347 30.03 1.88 -7.27
N THR C 348 29.67 0.97 -8.17
CA THR C 348 28.31 0.48 -8.25
C THR C 348 28.20 -1.00 -8.56
N THR C 349 27.23 -1.67 -7.91
CA THR C 349 27.02 -3.08 -8.13
C THR C 349 25.92 -3.28 -9.19
N THR C 350 24.82 -2.54 -9.07
CA THR C 350 23.69 -2.64 -9.99
C THR C 350 23.63 -1.54 -11.02
N GLY C 351 24.44 -0.49 -10.87
CA GLY C 351 24.42 0.67 -11.75
C GLY C 351 23.62 1.82 -11.16
N ARG C 352 22.83 1.57 -10.12
CA ARG C 352 21.94 2.55 -9.52
C ARG C 352 22.64 3.82 -9.04
N SER C 353 23.77 3.72 -8.36
CA SER C 353 24.47 4.92 -7.88
C SER C 353 24.92 5.81 -9.06
N ALA C 354 25.32 5.19 -10.19
CA ALA C 354 25.72 5.93 -11.38
C ALA C 354 24.52 6.57 -12.06
N GLN C 355 23.37 5.87 -12.06
CA GLN C 355 22.13 6.38 -12.63
C GLN C 355 21.66 7.61 -11.86
N LEU C 356 21.74 7.59 -10.51
CA LEU C 356 21.33 8.72 -9.70
C LEU C 356 22.24 9.92 -9.88
N LEU C 357 23.53 9.71 -10.27
CA LEU C 357 24.40 10.85 -10.56
C LEU C 357 24.00 11.43 -11.93
N SER C 358 23.76 10.55 -12.90
CA SER C 358 23.40 10.84 -14.27
C SER C 358 22.10 11.67 -14.37
N ARG C 359 21.14 11.45 -13.48
CA ARG C 359 19.86 12.20 -13.51
C ARG C 359 20.05 13.72 -13.29
N TYR C 360 21.14 14.14 -12.63
CA TYR C 360 21.41 15.55 -12.41
C TYR C 360 22.22 16.19 -13.53
N ARG C 361 22.51 15.44 -14.58
CA ARG C 361 23.21 15.84 -15.78
C ARG C 361 24.51 16.59 -15.51
N PRO C 362 25.45 15.97 -14.76
CA PRO C 362 26.73 16.64 -14.53
C PRO C 362 27.50 16.82 -15.82
N ARG C 363 28.30 17.87 -15.90
CA ARG C 363 29.20 18.05 -17.03
C ARG C 363 30.36 17.03 -16.85
N ALA C 364 30.76 16.74 -15.59
CA ALA C 364 31.80 15.77 -15.31
C ALA C 364 31.36 14.36 -15.76
N ALA C 365 32.26 13.59 -16.33
CA ALA C 365 31.98 12.23 -16.74
C ALA C 365 31.77 11.36 -15.52
N VAL C 366 30.83 10.43 -15.58
CA VAL C 366 30.58 9.55 -14.43
C VAL C 366 31.24 8.23 -14.76
N ILE C 367 32.40 7.95 -14.15
CA ILE C 367 33.14 6.73 -14.37
C ILE C 367 32.62 5.70 -13.37
N ALA C 368 31.86 4.72 -13.85
CA ALA C 368 31.25 3.72 -12.96
C ALA C 368 32.07 2.46 -12.94
N VAL C 369 32.58 2.09 -11.77
CA VAL C 369 33.42 0.91 -11.63
C VAL C 369 32.56 -0.19 -11.06
N THR C 370 32.53 -1.34 -11.74
CA THR C 370 31.67 -2.43 -11.30
C THR C 370 32.27 -3.79 -11.53
N ARG C 371 31.89 -4.77 -10.72
CA ARG C 371 32.29 -6.17 -10.95
C ARG C 371 31.30 -6.93 -11.84
N SER C 372 30.07 -6.38 -12.00
CA SER C 372 28.97 -6.93 -12.79
C SER C 372 29.11 -6.56 -14.24
N ALA C 373 29.35 -7.57 -15.08
CA ALA C 373 29.47 -7.38 -16.53
C ALA C 373 28.16 -6.86 -17.11
N GLN C 374 27.03 -7.35 -16.60
CA GLN C 374 25.72 -6.90 -17.06
C GLN C 374 25.46 -5.43 -16.70
N ALA C 375 25.75 -5.02 -15.45
CA ALA C 375 25.55 -3.64 -15.04
C ALA C 375 26.44 -2.72 -15.85
N ALA C 376 27.68 -3.15 -16.15
CA ALA C 376 28.57 -2.36 -17.00
C ALA C 376 27.96 -2.13 -18.41
N ARG C 377 27.28 -3.16 -18.97
CA ARG C 377 26.66 -3.01 -20.28
C ARG C 377 25.39 -2.14 -20.17
N GLN C 378 24.57 -2.35 -19.15
CA GLN C 378 23.31 -1.64 -18.99
C GLN C 378 23.42 -0.17 -18.69
N VAL C 379 24.51 0.28 -18.02
CA VAL C 379 24.62 1.69 -17.67
C VAL C 379 24.88 2.58 -18.90
N HIS C 380 25.10 2.00 -20.09
CA HIS C 380 25.16 2.75 -21.33
C HIS C 380 23.78 3.45 -21.59
N LEU C 381 22.68 2.97 -20.96
CA LEU C 381 21.38 3.62 -21.09
C LEU C 381 21.36 5.00 -20.41
N CYS C 382 22.26 5.25 -19.43
CA CYS C 382 22.31 6.51 -18.68
C CYS C 382 23.34 7.46 -19.21
N ARG C 383 22.88 8.66 -19.61
CA ARG C 383 23.77 9.65 -20.17
C ARG C 383 24.94 10.02 -19.26
N GLY C 384 26.13 10.00 -19.82
CA GLY C 384 27.35 10.39 -19.13
C GLY C 384 27.97 9.33 -18.27
N VAL C 385 27.47 8.09 -18.33
CA VAL C 385 28.05 7.00 -17.54
C VAL C 385 29.02 6.22 -18.39
N PHE C 386 30.28 6.13 -17.94
CA PHE C 386 31.36 5.43 -18.61
C PHE C 386 31.71 4.23 -17.77
N PRO C 387 31.20 3.05 -18.17
CA PRO C 387 31.40 1.84 -17.35
C PRO C 387 32.78 1.23 -17.49
N LEU C 388 33.32 0.75 -16.38
CA LEU C 388 34.59 0.06 -16.30
C LEU C 388 34.31 -1.22 -15.52
N LEU C 389 34.48 -2.35 -16.15
CA LEU C 389 34.32 -3.68 -15.57
C LEU C 389 35.60 -4.08 -14.83
N TYR C 390 35.49 -4.37 -13.54
CA TYR C 390 36.59 -4.69 -12.65
C TYR C 390 36.65 -6.18 -12.42
N ARG C 391 37.76 -6.79 -12.76
CA ARG C 391 37.90 -8.25 -12.71
C ARG C 391 38.95 -8.74 -11.70
N GLU C 392 39.55 -7.85 -10.93
CA GLU C 392 40.54 -8.26 -9.94
C GLU C 392 39.92 -9.09 -8.84
N PRO C 393 40.68 -10.06 -8.30
CA PRO C 393 40.15 -10.83 -7.16
C PRO C 393 40.00 -9.96 -5.92
N PRO C 394 38.91 -10.19 -5.14
CA PRO C 394 38.67 -9.38 -3.95
C PRO C 394 39.77 -9.45 -2.92
N GLU C 395 39.98 -8.33 -2.23
CA GLU C 395 40.92 -8.17 -1.12
C GLU C 395 40.21 -8.64 0.16
N ALA C 396 40.94 -9.26 1.09
CA ALA C 396 40.40 -9.71 2.38
C ALA C 396 39.84 -8.52 3.17
N ILE C 397 40.54 -7.37 3.11
CA ILE C 397 40.09 -6.16 3.76
C ILE C 397 39.26 -5.31 2.77
N TRP C 398 37.98 -5.13 3.08
CA TRP C 398 37.05 -4.38 2.28
C TRP C 398 37.48 -2.95 1.90
N ALA C 399 37.94 -2.14 2.88
CA ALA C 399 38.41 -0.79 2.58
C ALA C 399 39.55 -0.79 1.55
N ASP C 400 40.38 -1.86 1.53
CA ASP C 400 41.44 -1.99 0.53
C ASP C 400 40.86 -2.33 -0.84
N ASP C 401 39.84 -3.18 -0.89
CA ASP C 401 39.17 -3.53 -2.15
C ASP C 401 38.51 -2.27 -2.76
N VAL C 402 37.99 -1.37 -1.90
CA VAL C 402 37.39 -0.14 -2.33
C VAL C 402 38.48 0.78 -2.91
N ASP C 403 39.60 0.98 -2.19
CA ASP C 403 40.69 1.81 -2.68
C ASP C 403 41.26 1.28 -4.00
N ARG C 404 41.39 -0.03 -4.13
CA ARG C 404 41.86 -0.59 -5.39
C ARG C 404 40.90 -0.30 -6.55
N ARG C 405 39.57 -0.32 -6.30
CA ARG C 405 38.62 0.02 -7.38
C ARG C 405 38.61 1.52 -7.65
N VAL C 406 38.80 2.38 -6.62
CA VAL C 406 38.91 3.81 -6.86
C VAL C 406 40.14 4.12 -7.73
N GLN C 407 41.29 3.48 -7.42
CA GLN C 407 42.52 3.68 -8.21
C GLN C 407 42.46 3.09 -9.60
N PHE C 408 41.65 2.04 -9.79
CA PHE C 408 41.40 1.45 -11.10
C PHE C 408 40.69 2.48 -11.98
N GLY C 409 39.69 3.17 -11.40
CA GLY C 409 38.95 4.21 -12.09
C GLY C 409 39.83 5.41 -12.40
N ILE C 410 40.71 5.80 -11.48
CA ILE C 410 41.63 6.89 -11.73
C ILE C 410 42.62 6.53 -12.86
N GLU C 411 43.19 5.31 -12.83
CA GLU C 411 44.17 4.93 -13.83
C GLU C 411 43.57 4.72 -15.19
N SER C 412 42.34 4.14 -15.28
CA SER C 412 41.65 4.04 -16.58
C SER C 412 41.35 5.44 -17.09
N GLY C 413 40.95 6.36 -16.20
CA GLY C 413 40.70 7.75 -16.54
C GLY C 413 41.92 8.44 -17.12
N LYS C 414 43.09 8.24 -16.50
CA LYS C 414 44.37 8.80 -16.97
C LYS C 414 44.71 8.20 -18.35
N LEU C 415 44.52 6.89 -18.49
CA LEU C 415 44.82 6.19 -19.72
C LEU C 415 43.93 6.62 -20.90
N ARG C 416 42.64 6.90 -20.63
CA ARG C 416 41.69 7.26 -21.65
C ARG C 416 41.61 8.75 -21.94
N GLY C 417 42.27 9.60 -21.17
CA GLY C 417 42.26 11.04 -21.46
C GLY C 417 41.38 11.91 -20.57
N PHE C 418 40.55 11.30 -19.72
CA PHE C 418 39.68 12.06 -18.81
C PHE C 418 40.52 12.81 -17.76
N LEU C 419 41.56 12.15 -17.22
CA LEU C 419 42.29 12.63 -16.06
C LEU C 419 43.76 12.84 -16.22
N ARG C 420 44.26 13.82 -15.52
CA ARG C 420 45.68 14.14 -15.49
C ARG C 420 46.06 14.40 -14.04
N VAL C 421 47.33 14.23 -13.70
CA VAL C 421 47.83 14.56 -12.38
C VAL C 421 47.58 16.05 -12.09
N GLY C 422 47.04 16.36 -10.91
CA GLY C 422 46.65 17.71 -10.57
C GLY C 422 45.15 17.98 -10.71
N ASP C 423 44.44 17.14 -11.48
CA ASP C 423 42.98 17.28 -11.61
C ASP C 423 42.26 16.96 -10.30
N LEU C 424 41.04 17.45 -10.15
CA LEU C 424 40.19 17.10 -9.02
C LEU C 424 39.13 16.13 -9.53
N VAL C 425 38.85 15.10 -8.75
CA VAL C 425 37.78 14.15 -9.04
C VAL C 425 36.87 14.02 -7.83
N ILE C 426 35.60 13.69 -8.06
CA ILE C 426 34.67 13.44 -6.97
C ILE C 426 34.53 11.94 -6.90
N VAL C 427 34.64 11.36 -5.73
CA VAL C 427 34.54 9.90 -5.58
C VAL C 427 33.34 9.55 -4.77
N VAL C 428 32.48 8.69 -5.29
CA VAL C 428 31.27 8.27 -4.62
C VAL C 428 31.32 6.80 -4.25
N THR C 429 31.24 6.51 -2.95
CA THR C 429 31.32 5.17 -2.40
C THR C 429 30.24 4.98 -1.29
N GLY C 430 30.23 3.84 -0.62
CA GLY C 430 29.31 3.52 0.47
C GLY C 430 30.02 3.12 1.73
N TRP C 431 29.29 2.95 2.83
CA TRP C 431 29.90 2.67 4.13
C TRP C 431 30.09 1.19 4.44
N ARG C 432 29.48 0.31 3.66
CA ARG C 432 29.56 -1.12 3.83
C ARG C 432 29.35 -1.82 2.47
N PRO C 433 29.81 -3.09 2.34
CA PRO C 433 29.64 -3.81 1.07
C PRO C 433 28.19 -4.11 0.72
N GLY C 434 27.95 -4.37 -0.54
CA GLY C 434 26.62 -4.66 -1.03
C GLY C 434 25.97 -3.43 -1.62
N SER C 435 25.01 -3.66 -2.48
CA SER C 435 24.23 -2.63 -3.11
C SER C 435 23.35 -1.90 -2.11
N GLY C 436 23.07 -0.62 -2.37
CA GLY C 436 22.15 0.17 -1.56
C GLY C 436 22.70 0.99 -0.43
N TYR C 437 24.03 1.04 -0.26
CA TYR C 437 24.63 1.76 0.86
C TYR C 437 25.51 2.93 0.49
N THR C 438 25.41 3.46 -0.77
CA THR C 438 26.19 4.63 -1.15
C THR C 438 25.81 5.82 -0.25
N ASN C 439 26.80 6.46 0.38
CA ASN C 439 26.53 7.60 1.27
C ASN C 439 27.74 8.50 1.44
N ILE C 440 28.81 8.32 0.65
CA ILE C 440 30.04 9.09 0.82
C ILE C 440 30.45 9.76 -0.47
N MET C 441 30.83 11.02 -0.36
CA MET C 441 31.35 11.78 -1.46
C MET C 441 32.72 12.34 -1.01
N ARG C 442 33.80 12.10 -1.79
CA ARG C 442 35.12 12.61 -1.43
C ARG C 442 35.67 13.45 -2.58
N VAL C 443 36.43 14.49 -2.23
CA VAL C 443 37.07 15.33 -3.22
C VAL C 443 38.51 14.90 -3.23
N LEU C 444 38.96 14.34 -4.35
CA LEU C 444 40.31 13.82 -4.43
C LEU C 444 41.14 14.57 -5.48
N SER C 445 42.41 14.81 -5.17
CA SER C 445 43.35 15.41 -6.10
CA SER C 445 43.34 15.41 -6.12
C SER C 445 44.09 14.25 -6.77
N ILE C 446 44.14 14.21 -8.11
CA ILE C 446 44.81 13.15 -8.82
C ILE C 446 46.33 13.24 -8.68
N SER C 447 46.94 12.19 -8.13
CA SER C 447 48.40 12.11 -8.01
C SER C 447 48.97 11.01 -8.94
N GLY D 23 6.05 13.69 8.69
CA GLY D 23 4.80 14.10 9.30
C GLY D 23 4.32 15.48 8.89
N THR D 24 3.00 15.72 8.98
CA THR D 24 2.40 17.01 8.63
C THR D 24 2.85 18.12 9.60
N ALA D 25 2.98 17.76 10.89
CA ALA D 25 3.38 18.69 11.93
C ALA D 25 4.76 19.26 11.63
N PHE D 26 5.70 18.43 11.13
CA PHE D 26 7.05 18.88 10.79
C PHE D 26 7.01 20.00 9.75
N PHE D 27 6.17 19.83 8.71
CA PHE D 27 6.09 20.82 7.65
C PHE D 27 5.22 22.07 7.97
N GLN D 28 4.63 22.13 9.17
CA GLN D 28 3.89 23.33 9.59
C GLN D 28 4.81 24.28 10.41
N GLN D 29 5.81 23.71 11.11
CA GLN D 29 6.78 24.42 11.94
C GLN D 29 7.88 25.09 11.10
N GLN D 30 8.72 25.92 11.77
CA GLN D 30 9.88 26.66 11.27
C GLN D 30 9.66 27.33 9.90
N GLN D 31 8.46 27.90 9.71
CA GLN D 31 8.04 28.60 8.49
C GLN D 31 8.27 27.78 7.22
N LEU D 32 8.11 26.44 7.29
CA LEU D 32 8.33 25.58 6.13
C LEU D 32 7.36 25.88 4.98
N PRO D 33 6.05 26.19 5.19
CA PRO D 33 5.22 26.62 4.05
C PRO D 33 5.79 27.87 3.34
N ALA D 34 6.26 28.87 4.11
CA ALA D 34 6.85 30.08 3.54
C ALA D 34 8.20 29.78 2.82
N ALA D 35 8.94 28.76 3.31
CA ALA D 35 10.22 28.37 2.75
C ALA D 35 10.08 27.69 1.39
N MET D 36 8.96 26.99 1.16
CA MET D 36 8.72 26.31 -0.11
C MET D 36 8.14 27.23 -1.20
N ALA D 37 7.82 28.50 -0.88
CA ALA D 37 7.23 29.40 -1.84
C ALA D 37 8.09 29.66 -3.07
N ASP D 38 7.42 29.90 -4.20
CA ASP D 38 8.11 30.07 -5.48
C ASP D 38 8.61 31.49 -5.71
N THR D 39 8.07 32.48 -4.98
CA THR D 39 8.54 33.87 -5.07
C THR D 39 8.70 34.42 -3.64
N PHE D 40 9.47 35.50 -3.50
CA PHE D 40 9.67 36.17 -2.23
C PHE D 40 8.33 36.76 -1.74
N LEU D 41 7.51 37.30 -2.64
CA LEU D 41 6.20 37.87 -2.29
C LEU D 41 5.29 36.80 -1.69
N GLU D 42 5.24 35.61 -2.30
CA GLU D 42 4.44 34.51 -1.77
C GLU D 42 5.00 34.00 -0.44
N HIS D 43 6.34 34.05 -0.29
CA HIS D 43 7.05 33.68 0.94
C HIS D 43 6.54 34.59 2.07
N LEU D 44 6.47 35.91 1.84
CA LEU D 44 5.97 36.84 2.85
C LEU D 44 4.54 36.54 3.18
N CYS D 45 3.69 36.32 2.16
CA CYS D 45 2.28 36.04 2.35
C CYS D 45 2.05 34.78 3.18
N LEU D 46 2.99 33.82 3.17
CA LEU D 46 2.87 32.56 3.90
C LEU D 46 3.52 32.57 5.29
N LEU D 47 4.12 33.70 5.72
CA LEU D 47 4.71 33.78 7.06
C LEU D 47 3.59 33.63 8.10
N ASP D 48 3.80 32.77 9.08
CA ASP D 48 2.78 32.41 10.04
C ASP D 48 3.25 32.61 11.49
N ILE D 49 2.56 33.49 12.25
CA ILE D 49 2.92 33.71 13.65
C ILE D 49 2.70 32.45 14.52
N ASP D 50 1.89 31.49 14.05
CA ASP D 50 1.67 30.23 14.77
C ASP D 50 2.68 29.15 14.39
N SER D 51 3.57 29.40 13.40
CA SER D 51 4.58 28.43 12.98
C SER D 51 5.76 28.62 13.91
N GLU D 52 5.94 27.70 14.87
CA GLU D 52 6.98 27.79 15.87
C GLU D 52 8.37 27.42 15.39
N PRO D 53 9.39 28.20 15.79
CA PRO D 53 10.76 27.86 15.37
C PRO D 53 11.23 26.58 16.07
N VAL D 54 11.90 25.68 15.35
CA VAL D 54 12.36 24.41 15.95
C VAL D 54 13.88 24.39 16.06
N ALA D 55 14.56 24.87 15.02
CA ALA D 55 16.01 24.93 14.95
C ALA D 55 16.63 25.75 16.09
N ALA D 56 17.87 25.44 16.43
CA ALA D 56 18.60 26.19 17.42
C ALA D 56 18.95 27.57 16.81
N ARG D 57 19.08 28.58 17.68
CA ARG D 57 19.39 29.94 17.28
C ARG D 57 20.79 30.03 16.71
N SER D 58 20.90 30.43 15.48
CA SER D 58 22.14 30.45 14.76
C SER D 58 22.89 31.81 14.73
N THR D 59 22.21 32.96 14.96
CA THR D 59 22.89 34.25 15.01
C THR D 59 23.46 34.44 16.40
N SER D 60 24.80 34.60 16.51
CA SER D 60 25.43 34.79 17.82
CA SER D 60 25.43 34.78 17.82
C SER D 60 25.08 36.10 18.48
N ILE D 61 25.04 36.10 19.81
CA ILE D 61 24.78 37.28 20.58
C ILE D 61 26.08 37.73 21.26
N ILE D 62 26.48 38.96 21.01
CA ILE D 62 27.64 39.54 21.67
C ILE D 62 27.05 40.43 22.79
N ALA D 63 27.44 40.19 24.04
CA ALA D 63 26.97 41.02 25.15
C ALA D 63 28.16 41.79 25.69
N THR D 64 28.05 43.11 25.85
CA THR D 64 29.11 43.94 26.40
C THR D 64 29.11 43.82 27.93
N ILE D 65 30.30 43.58 28.53
CA ILE D 65 30.48 43.39 29.96
C ILE D 65 30.65 44.75 30.66
N GLY D 66 30.03 44.90 31.82
CA GLY D 66 30.11 46.11 32.61
C GLY D 66 29.62 45.87 34.02
N PRO D 67 29.34 46.96 34.77
CA PRO D 67 28.82 46.81 36.11
C PRO D 67 27.57 45.92 36.26
N ALA D 68 26.67 45.92 35.25
CA ALA D 68 25.45 45.11 35.25
C ALA D 68 25.66 43.64 34.92
N SER D 69 26.85 43.27 34.43
CA SER D 69 27.07 41.91 33.97
C SER D 69 28.43 41.33 34.35
N ARG D 70 29.06 41.81 35.41
CA ARG D 70 30.36 41.26 35.82
C ARG D 70 30.24 40.20 36.88
N SER D 71 29.15 40.14 37.62
CA SER D 71 28.98 39.17 38.67
C SER D 71 29.08 37.76 38.08
N VAL D 72 29.94 36.87 38.63
CA VAL D 72 30.06 35.50 38.15
C VAL D 72 28.69 34.79 38.09
N GLU D 73 27.82 35.09 39.05
CA GLU D 73 26.47 34.51 39.07
C GLU D 73 25.57 35.07 37.97
N ARG D 74 25.71 36.37 37.69
CA ARG D 74 24.95 37.04 36.65
C ARG D 74 25.46 36.51 35.25
N LEU D 75 26.77 36.33 35.10
CA LEU D 75 27.37 35.83 33.88
C LEU D 75 26.91 34.39 33.57
N LYS D 76 26.66 33.58 34.60
CA LYS D 76 26.15 32.22 34.41
C LYS D 76 24.74 32.28 33.83
N GLU D 77 23.93 33.23 34.30
CA GLU D 77 22.57 33.41 33.79
C GLU D 77 22.59 33.90 32.34
N MET D 78 23.58 34.74 31.99
CA MET D 78 23.70 35.27 30.63
CA MET D 78 23.70 35.27 30.63
C MET D 78 24.16 34.20 29.64
N ILE D 79 25.00 33.25 30.09
CA ILE D 79 25.45 32.17 29.25
C ILE D 79 24.24 31.26 28.97
N LYS D 80 23.43 30.98 29.99
CA LYS D 80 22.22 30.16 29.84
C LYS D 80 21.17 30.86 28.94
N ALA D 81 21.10 32.20 29.00
CA ALA D 81 20.17 32.99 28.19
C ALA D 81 20.56 33.00 26.69
N GLY D 82 21.85 32.76 26.40
CA GLY D 82 22.30 32.74 25.02
C GLY D 82 23.52 33.59 24.65
N MET D 83 24.18 34.28 25.60
CA MET D 83 25.39 35.04 25.28
C MET D 83 26.49 34.11 24.74
N ASN D 84 27.06 34.46 23.59
CA ASN D 84 28.10 33.66 22.98
C ASN D 84 29.45 34.32 23.02
N ILE D 85 29.47 35.67 22.98
CA ILE D 85 30.69 36.45 22.96
C ILE D 85 30.57 37.54 24.00
N ALA D 86 31.58 37.67 24.86
CA ALA D 86 31.62 38.72 25.87
C ALA D 86 32.51 39.85 25.31
N ARG D 87 31.95 41.05 25.19
CA ARG D 87 32.70 42.19 24.67
C ARG D 87 33.25 43.06 25.81
N LEU D 88 34.55 43.36 25.79
CA LEU D 88 35.17 44.23 26.77
C LEU D 88 35.41 45.55 26.08
N ASN D 89 34.71 46.60 26.50
CA ASN D 89 34.84 47.90 25.83
C ASN D 89 36.00 48.66 26.45
N PHE D 90 37.15 48.73 25.76
CA PHE D 90 38.32 49.41 26.30
C PHE D 90 38.24 50.95 26.21
N SER D 91 37.06 51.50 25.89
CA SER D 91 36.83 52.93 25.98
C SER D 91 36.60 53.36 27.44
N HIS D 92 36.19 52.42 28.32
CA HIS D 92 35.94 52.63 29.75
C HIS D 92 36.72 51.57 30.54
N GLY D 93 37.14 51.92 31.74
CA GLY D 93 37.86 51.02 32.62
C GLY D 93 39.33 50.85 32.37
N SER D 94 40.04 50.46 33.41
CA SER D 94 41.47 50.22 33.39
C SER D 94 41.78 48.78 33.00
N HIS D 95 43.09 48.45 32.85
CA HIS D 95 43.52 47.10 32.57
C HIS D 95 43.13 46.16 33.72
N GLU D 96 43.19 46.65 34.96
CA GLU D 96 42.83 45.88 36.15
C GLU D 96 41.35 45.54 36.13
N TYR D 97 40.52 46.49 35.70
CA TYR D 97 39.10 46.29 35.60
C TYR D 97 38.80 45.20 34.54
N HIS D 98 39.42 45.30 33.36
CA HIS D 98 39.19 44.31 32.28
C HIS D 98 39.74 42.94 32.59
N ALA D 99 40.85 42.84 33.33
CA ALA D 99 41.39 41.54 33.73
C ALA D 99 40.40 40.83 34.66
N GLU D 100 39.75 41.59 35.56
CA GLU D 100 38.74 41.05 36.46
C GLU D 100 37.52 40.61 35.65
N SER D 101 37.15 41.37 34.60
CA SER D 101 36.01 41.01 33.72
C SER D 101 36.27 39.64 33.09
N ILE D 102 37.50 39.49 32.53
CA ILE D 102 37.94 38.29 31.88
C ILE D 102 37.90 37.11 32.83
N ALA D 103 38.43 37.31 34.05
CA ALA D 103 38.45 36.24 35.06
C ALA D 103 37.05 35.83 35.43
N ASN D 104 36.13 36.79 35.59
CA ASN D 104 34.73 36.49 35.94
C ASN D 104 34.02 35.74 34.83
N VAL D 105 34.28 36.15 33.57
CA VAL D 105 33.70 35.47 32.42
C VAL D 105 34.18 34.02 32.37
N ARG D 106 35.51 33.83 32.43
CA ARG D 106 36.11 32.50 32.42
C ARG D 106 35.64 31.63 33.57
N GLU D 107 35.44 32.20 34.78
CA GLU D 107 34.95 31.43 35.92
C GLU D 107 33.52 30.97 35.65
N ALA D 108 32.67 31.85 35.13
CA ALA D 108 31.28 31.49 34.82
C ALA D 108 31.21 30.46 33.69
N VAL D 109 32.05 30.62 32.66
CA VAL D 109 32.10 29.67 31.54
C VAL D 109 32.58 28.30 31.99
N GLU D 110 33.70 28.26 32.75
CA GLU D 110 34.24 26.99 33.20
C GLU D 110 33.43 26.30 34.28
N SER D 111 32.45 26.99 34.90
CA SER D 111 31.58 26.34 35.89
C SER D 111 30.70 25.26 35.27
N PHE D 112 30.53 25.28 33.95
CA PHE D 112 29.75 24.28 33.21
C PHE D 112 30.63 23.20 32.54
N ALA D 113 31.96 23.29 32.66
CA ALA D 113 32.89 22.34 32.04
C ALA D 113 32.79 20.91 32.58
N GLY D 114 32.20 20.73 33.78
CA GLY D 114 31.98 19.42 34.37
C GLY D 114 31.05 18.53 33.58
N SER D 115 30.21 19.12 32.70
CA SER D 115 29.31 18.38 31.82
C SER D 115 29.72 18.69 30.38
N PRO D 116 30.65 17.90 29.79
CA PRO D 116 31.14 18.19 28.44
C PRO D 116 30.12 18.14 27.30
N LEU D 117 29.06 17.34 27.46
CA LEU D 117 28.04 17.26 26.40
C LEU D 117 27.18 18.53 26.29
N SER D 118 27.22 19.40 27.31
CA SER D 118 26.40 20.61 27.29
C SER D 118 27.21 21.93 27.49
N TYR D 119 28.53 21.83 27.66
CA TYR D 119 29.42 22.98 27.85
C TYR D 119 29.37 23.92 26.63
N ARG D 120 29.18 25.21 26.88
CA ARG D 120 29.14 26.19 25.81
C ARG D 120 30.36 27.05 25.87
N PRO D 121 31.24 27.00 24.85
CA PRO D 121 32.38 27.93 24.84
C PRO D 121 31.85 29.38 24.68
N VAL D 122 32.56 30.37 25.27
CA VAL D 122 32.15 31.77 25.15
C VAL D 122 33.39 32.54 24.73
N ALA D 123 33.35 33.28 23.61
CA ALA D 123 34.51 34.04 23.18
C ALA D 123 34.67 35.32 24.01
N ILE D 124 35.88 35.85 24.07
CA ILE D 124 36.17 37.11 24.73
C ILE D 124 36.72 38.04 23.65
N ALA D 125 36.06 39.16 23.43
CA ALA D 125 36.45 40.11 22.42
C ALA D 125 36.87 41.42 23.07
N LEU D 126 37.98 42.02 22.59
CA LEU D 126 38.46 43.28 23.09
C LEU D 126 38.07 44.36 22.10
N ASP D 127 37.28 45.34 22.52
CA ASP D 127 36.87 46.41 21.63
C ASP D 127 37.78 47.61 21.95
N THR D 128 38.61 48.03 20.98
CA THR D 128 39.56 49.11 21.22
C THR D 128 38.94 50.50 21.37
N LYS D 129 39.66 51.41 22.06
CA LYS D 129 39.23 52.78 22.27
C LYS D 129 39.25 53.55 20.94
N GLY D 130 40.26 53.32 20.12
CA GLY D 130 40.33 53.95 18.81
C GLY D 130 41.43 54.98 18.64
N PRO D 131 41.53 55.54 17.43
CA PRO D 131 42.61 56.50 17.16
C PRO D 131 42.39 57.92 17.65
N GLY D 132 41.13 58.28 17.91
CA GLY D 132 40.77 59.63 18.30
C GLY D 132 41.10 60.63 17.20
N SER D 133 41.81 61.72 17.55
CA SER D 133 42.24 62.71 16.55
C SER D 133 43.49 62.27 15.73
N GLY D 134 44.16 61.21 16.18
CA GLY D 134 45.37 60.69 15.54
C GLY D 134 45.15 60.05 14.19
N PRO D 135 46.23 60.00 13.39
CA PRO D 135 46.09 59.41 12.03
C PRO D 135 46.13 57.88 11.98
N GLY D 136 46.82 57.27 12.95
CA GLY D 136 46.97 55.82 12.99
C GLY D 136 46.68 55.21 14.35
N LEU D 137 47.33 54.07 14.63
CA LEU D 137 47.15 53.34 15.88
C LEU D 137 47.64 54.14 17.06
N SER D 138 46.73 54.48 17.98
CA SER D 138 47.08 55.25 19.17
C SER D 138 47.98 54.46 20.11
N GLU D 139 48.70 55.15 20.99
CA GLU D 139 49.58 54.46 21.93
C GLU D 139 48.79 53.68 22.98
N GLN D 140 47.57 54.14 23.33
CA GLN D 140 46.73 53.41 24.27
C GLN D 140 46.27 52.10 23.62
N ASP D 141 45.93 52.12 22.32
CA ASP D 141 45.52 50.92 21.62
C ASP D 141 46.66 49.92 21.56
N VAL D 142 47.91 50.40 21.37
CA VAL D 142 49.06 49.49 21.41
C VAL D 142 49.17 48.78 22.76
N ARG D 143 48.95 49.49 23.86
CA ARG D 143 49.01 48.91 25.20
C ARG D 143 47.85 47.96 25.47
N ASP D 144 46.64 48.34 25.06
CA ASP D 144 45.42 47.51 25.20
C ASP D 144 45.51 46.26 24.35
N LEU D 145 46.09 46.39 23.16
CA LEU D 145 46.29 45.27 22.26
C LEU D 145 47.25 44.28 22.84
N ARG D 146 48.32 44.75 23.45
CA ARG D 146 49.28 43.84 24.08
CA ARG D 146 49.29 43.84 24.08
C ARG D 146 48.67 43.18 25.31
N PHE D 147 47.79 43.91 26.04
CA PHE D 147 47.05 43.37 27.19
C PHE D 147 46.17 42.17 26.69
N GLY D 148 45.51 42.36 25.56
CA GLY D 148 44.67 41.33 24.98
C GLY D 148 45.41 40.05 24.67
N VAL D 149 46.59 40.16 24.05
CA VAL D 149 47.43 38.99 23.76
C VAL D 149 47.85 38.31 25.05
N GLU D 150 48.28 39.10 26.06
CA GLU D 150 48.70 38.56 27.34
C GLU D 150 47.59 37.89 28.10
N HIS D 151 46.34 38.36 27.93
CA HIS D 151 45.19 37.75 28.60
C HIS D 151 44.42 36.74 27.74
N GLY D 152 44.94 36.41 26.56
CA GLY D 152 44.34 35.41 25.69
C GLY D 152 42.99 35.72 25.08
N VAL D 153 42.74 37.02 24.70
CA VAL D 153 41.47 37.34 24.05
C VAL D 153 41.38 36.63 22.68
N ASP D 154 40.15 36.34 22.24
CA ASP D 154 39.96 35.61 21.00
C ASP D 154 39.79 36.52 19.79
N ILE D 155 39.20 37.69 20.01
CA ILE D 155 38.83 38.61 18.94
C ILE D 155 39.16 40.05 19.35
N VAL D 156 39.44 40.89 18.35
CA VAL D 156 39.63 42.29 18.53
C VAL D 156 38.57 43.00 17.65
N PHE D 157 37.78 43.89 18.21
CA PHE D 157 36.85 44.71 17.45
C PHE D 157 37.64 45.99 17.33
N ALA D 158 38.31 46.22 16.17
CA ALA D 158 39.17 47.40 15.98
C ALA D 158 38.37 48.65 15.63
N SER D 159 38.34 49.63 16.52
CA SER D 159 37.57 50.84 16.32
C SER D 159 38.13 51.74 15.22
N PHE D 160 37.22 52.43 14.53
CA PHE D 160 37.48 53.41 13.48
C PHE D 160 38.48 52.97 12.43
N VAL D 161 38.27 51.79 11.84
CA VAL D 161 39.11 51.31 10.76
C VAL D 161 38.74 52.11 9.51
N ARG D 162 39.72 52.82 8.95
CA ARG D 162 39.51 53.66 7.77
C ARG D 162 40.19 53.14 6.48
N LYS D 163 41.13 52.21 6.62
CA LYS D 163 41.89 51.71 5.47
C LYS D 163 42.60 50.41 5.84
N ALA D 164 43.12 49.69 4.84
CA ALA D 164 43.83 48.44 5.07
C ALA D 164 45.05 48.59 5.99
N SER D 165 45.78 49.74 5.94
CA SER D 165 46.95 49.91 6.81
C SER D 165 46.61 49.97 8.29
N ASP D 166 45.38 50.38 8.63
CA ASP D 166 44.90 50.38 10.02
C ASP D 166 44.82 48.94 10.53
N VAL D 167 44.37 48.01 9.69
CA VAL D 167 44.28 46.60 10.05
C VAL D 167 45.67 46.01 10.22
N ALA D 168 46.60 46.37 9.33
CA ALA D 168 47.98 45.88 9.44
C ALA D 168 48.63 46.38 10.73
N ALA D 169 48.32 47.61 11.15
CA ALA D 169 48.87 48.18 12.40
C ALA D 169 48.31 47.42 13.60
N VAL D 170 47.00 47.06 13.60
CA VAL D 170 46.41 46.28 14.69
C VAL D 170 47.06 44.91 14.76
N ARG D 171 47.29 44.30 13.60
CA ARG D 171 47.92 42.99 13.47
C ARG D 171 49.35 43.04 14.01
N ALA D 172 50.11 44.09 13.66
CA ALA D 172 51.48 44.26 14.11
C ALA D 172 51.53 44.45 15.61
N ALA D 173 50.60 45.23 16.20
CA ALA D 173 50.57 45.45 17.66
C ALA D 173 50.21 44.18 18.45
N LEU D 174 49.57 43.19 17.80
CA LEU D 174 49.28 41.91 18.44
C LEU D 174 50.55 41.03 18.51
N GLY D 175 51.53 41.29 17.63
CA GLY D 175 52.80 40.59 17.58
C GLY D 175 52.74 39.14 17.14
N PRO D 176 53.88 38.46 17.30
CA PRO D 176 53.95 37.04 16.90
C PRO D 176 53.04 36.09 17.70
N GLU D 177 52.79 36.41 18.97
CA GLU D 177 51.94 35.53 19.79
C GLU D 177 50.43 35.74 19.57
N GLY D 178 50.04 36.87 18.98
CA GLY D 178 48.63 37.12 18.71
C GLY D 178 48.23 36.86 17.27
N HIS D 179 48.93 35.94 16.56
CA HIS D 179 48.62 35.62 15.15
CA HIS D 179 48.62 35.63 15.15
C HIS D 179 47.25 34.98 14.98
N GLY D 180 46.81 34.23 16.00
CA GLY D 180 45.53 33.54 15.97
C GLY D 180 44.31 34.38 16.36
N ILE D 181 44.51 35.60 16.84
CA ILE D 181 43.40 36.46 17.24
C ILE D 181 42.67 36.97 16.00
N LYS D 182 41.33 36.96 16.01
CA LYS D 182 40.56 37.43 14.87
C LYS D 182 40.41 38.93 14.92
N ILE D 183 40.62 39.62 13.79
CA ILE D 183 40.44 41.05 13.75
C ILE D 183 39.14 41.37 13.03
N ILE D 184 38.19 41.96 13.74
CA ILE D 184 36.92 42.38 13.16
C ILE D 184 37.02 43.89 13.05
N SER D 185 37.06 44.43 11.83
CA SER D 185 37.18 45.87 11.64
C SER D 185 35.85 46.59 11.81
N LYS D 186 35.81 47.57 12.69
CA LYS D 186 34.62 48.36 12.90
C LYS D 186 34.56 49.49 11.88
N ILE D 187 33.49 49.56 11.08
CA ILE D 187 33.30 50.61 10.10
C ILE D 187 32.42 51.64 10.76
N GLU D 188 32.99 52.82 11.04
CA GLU D 188 32.26 53.84 11.78
C GLU D 188 32.20 55.20 11.12
N ASN D 189 32.71 55.34 9.90
CA ASN D 189 32.69 56.63 9.23
C ASN D 189 32.63 56.51 7.71
N HIS D 190 32.52 57.64 7.00
CA HIS D 190 32.46 57.65 5.54
C HIS D 190 33.67 57.01 4.89
N GLU D 191 34.88 57.27 5.39
CA GLU D 191 36.09 56.69 4.79
C GLU D 191 36.11 55.17 4.88
N GLY D 192 35.72 54.63 6.03
CA GLY D 192 35.62 53.18 6.20
C GLY D 192 34.62 52.56 5.23
N VAL D 193 33.49 53.24 4.96
CA VAL D 193 32.48 52.77 4.01
C VAL D 193 33.04 52.82 2.57
N LYS D 194 33.71 53.94 2.21
CA LYS D 194 34.29 54.07 0.87
C LYS D 194 35.45 53.09 0.61
N ARG D 195 36.26 52.84 1.62
CA ARG D 195 37.37 51.91 1.51
C ARG D 195 37.04 50.51 2.03
N PHE D 196 35.73 50.18 2.15
CA PHE D 196 35.25 48.90 2.65
C PHE D 196 35.93 47.68 2.02
N ASP D 197 35.98 47.62 0.69
CA ASP D 197 36.56 46.45 0.02
C ASP D 197 37.99 46.14 0.42
N GLU D 198 38.84 47.18 0.53
CA GLU D 198 40.23 46.95 0.91
C GLU D 198 40.36 46.56 2.41
N ILE D 199 39.43 47.04 3.25
CA ILE D 199 39.40 46.72 4.66
C ILE D 199 38.97 45.26 4.88
N LEU D 200 37.88 44.84 4.22
CA LEU D 200 37.37 43.48 4.33
C LEU D 200 38.39 42.46 3.85
N GLU D 201 39.15 42.80 2.79
CA GLU D 201 40.15 41.92 2.22
C GLU D 201 41.20 41.49 3.21
N VAL D 202 41.65 42.42 4.08
CA VAL D 202 42.68 42.11 5.09
C VAL D 202 42.13 41.80 6.49
N SER D 203 40.81 41.94 6.71
CA SER D 203 40.22 41.68 8.00
C SER D 203 39.60 40.28 8.05
N ASP D 204 39.34 39.77 9.25
CA ASP D 204 38.63 38.50 9.39
C ASP D 204 37.11 38.69 9.30
N GLY D 205 36.64 39.90 9.55
CA GLY D 205 35.23 40.24 9.50
C GLY D 205 35.01 41.71 9.76
N ILE D 206 33.73 42.12 9.84
CA ILE D 206 33.36 43.52 9.97
C ILE D 206 32.30 43.74 11.04
N MET D 207 32.34 44.90 11.69
CA MET D 207 31.29 45.30 12.58
C MET D 207 30.67 46.58 12.00
N VAL D 208 29.34 46.61 11.81
CA VAL D 208 28.64 47.80 11.36
C VAL D 208 28.39 48.55 12.68
N ALA D 209 29.31 49.48 13.02
CA ALA D 209 29.29 50.23 14.27
C ALA D 209 28.40 51.43 14.08
N ARG D 210 27.08 51.21 14.21
CA ARG D 210 26.03 52.18 13.90
C ARG D 210 26.00 53.44 14.76
N GLY D 211 26.49 53.38 15.99
CA GLY D 211 26.52 54.56 16.85
C GLY D 211 27.33 55.70 16.23
N ASP D 212 28.64 55.47 16.01
CA ASP D 212 29.47 56.49 15.38
C ASP D 212 29.11 56.69 13.93
N LEU D 213 28.77 55.62 13.20
CA LEU D 213 28.40 55.72 11.80
C LEU D 213 27.20 56.66 11.59
N GLY D 214 26.24 56.60 12.51
CA GLY D 214 25.06 57.45 12.50
C GLY D 214 25.32 58.92 12.79
N ILE D 215 26.52 59.27 13.30
CA ILE D 215 26.96 60.64 13.56
C ILE D 215 27.89 61.09 12.41
N GLU D 216 28.69 60.17 11.86
CA GLU D 216 29.65 60.45 10.82
C GLU D 216 29.01 60.65 9.45
N ILE D 217 27.90 59.93 9.19
CA ILE D 217 27.13 60.07 7.96
C ILE D 217 25.67 60.38 8.34
N PRO D 218 24.83 60.91 7.43
CA PRO D 218 23.43 61.17 7.80
C PRO D 218 22.74 59.93 8.37
N ALA D 219 22.00 60.10 9.45
CA ALA D 219 21.32 59.02 10.14
C ALA D 219 20.43 58.19 9.22
N GLU D 220 19.76 58.85 8.26
CA GLU D 220 18.88 58.19 7.29
C GLU D 220 19.64 57.36 6.24
N LYS D 221 20.97 57.37 6.23
CA LYS D 221 21.76 56.58 5.29
C LYS D 221 22.38 55.32 5.95
N VAL D 222 22.40 55.22 7.29
CA VAL D 222 23.01 54.09 7.99
C VAL D 222 22.49 52.74 7.51
N PHE D 223 21.17 52.60 7.31
CA PHE D 223 20.60 51.32 6.84
C PHE D 223 21.18 50.88 5.50
N LEU D 224 21.55 51.84 4.61
CA LEU D 224 22.13 51.50 3.31
C LEU D 224 23.54 50.93 3.54
N ALA D 225 24.31 51.54 4.46
CA ALA D 225 25.66 51.08 4.76
C ALA D 225 25.59 49.70 5.45
N GLN D 226 24.62 49.50 6.36
CA GLN D 226 24.47 48.20 7.04
C GLN D 226 24.14 47.11 6.04
N LYS D 227 23.12 47.34 5.19
CA LYS D 227 22.70 46.34 4.23
C LYS D 227 23.79 46.05 3.20
N MET D 228 24.52 47.07 2.74
CA MET D 228 25.61 46.88 1.79
C MET D 228 26.74 46.06 2.41
N MET D 229 27.18 46.44 3.61
CA MET D 229 28.28 45.74 4.28
C MET D 229 27.94 44.29 4.61
N ILE D 230 26.72 44.03 5.08
CA ILE D 230 26.28 42.66 5.38
C ILE D 230 26.29 41.83 4.07
N GLY D 231 25.78 42.39 2.99
CA GLY D 231 25.77 41.75 1.68
C GLY D 231 27.15 41.41 1.18
N ARG D 232 28.09 42.38 1.24
CA ARG D 232 29.47 42.15 0.82
C ARG D 232 30.21 41.14 1.71
N CYS D 233 29.94 41.14 3.03
CA CYS D 233 30.54 40.15 3.92
C CYS D 233 29.99 38.77 3.62
N ASN D 234 28.67 38.67 3.34
CA ASN D 234 28.06 37.37 3.02
C ASN D 234 28.66 36.82 1.73
N LEU D 235 28.86 37.71 0.74
CA LEU D 235 29.46 37.33 -0.55
C LEU D 235 30.89 36.85 -0.34
N ALA D 236 31.65 37.52 0.54
CA ALA D 236 33.04 37.16 0.87
C ALA D 236 33.16 35.95 1.81
N GLY D 237 32.05 35.55 2.45
CA GLY D 237 32.06 34.44 3.41
C GLY D 237 32.80 34.80 4.69
N LYS D 238 32.72 36.07 5.10
CA LYS D 238 33.38 36.55 6.32
C LYS D 238 32.35 37.10 7.31
N PRO D 239 32.57 36.89 8.62
CA PRO D 239 31.56 37.32 9.60
C PRO D 239 31.27 38.82 9.65
N VAL D 240 29.99 39.14 9.83
CA VAL D 240 29.56 40.54 9.94
C VAL D 240 28.68 40.69 11.19
N VAL D 241 28.96 41.72 12.00
CA VAL D 241 28.24 41.99 13.25
C VAL D 241 27.38 43.24 13.09
N CYS D 242 26.09 43.18 13.47
CA CYS D 242 25.27 44.37 13.50
C CYS D 242 25.32 44.88 14.95
N ALA D 243 25.62 46.16 15.14
CA ALA D 243 25.79 46.68 16.50
C ALA D 243 25.10 47.99 16.75
N THR D 244 24.81 48.26 18.05
CA THR D 244 24.40 49.52 18.71
C THR D 244 22.94 49.86 18.60
N GLN D 245 22.34 50.07 19.79
CA GLN D 245 20.97 50.51 20.03
C GLN D 245 19.93 49.56 19.51
N MET D 246 20.26 48.26 19.38
CA MET D 246 19.31 47.28 18.89
C MET D 246 18.11 47.13 19.81
N LEU D 247 18.35 47.16 21.15
CA LEU D 247 17.29 47.08 22.17
C LEU D 247 17.51 48.17 23.23
N GLU D 248 17.95 49.36 22.80
CA GLU D 248 18.30 50.49 23.66
C GLU D 248 17.34 50.75 24.81
N SER D 249 16.03 50.76 24.56
CA SER D 249 15.04 51.04 25.61
C SER D 249 15.09 50.03 26.75
N MET D 250 15.63 48.82 26.51
CA MET D 250 15.73 47.81 27.56
C MET D 250 16.82 48.13 28.60
N ILE D 251 17.54 49.26 28.44
CA ILE D 251 18.47 49.70 29.46
C ILE D 251 17.67 50.04 30.74
N THR D 252 16.48 50.66 30.56
CA THR D 252 15.60 51.04 31.68
C THR D 252 14.26 50.34 31.71
N LYS D 253 13.77 49.83 30.54
CA LYS D 253 12.46 49.18 30.48
C LYS D 253 12.51 47.68 30.30
N PRO D 254 11.52 46.95 30.88
CA PRO D 254 11.57 45.50 30.81
C PRO D 254 11.25 44.89 29.43
N ARG D 255 10.60 45.69 28.54
CA ARG D 255 10.23 45.23 27.20
C ARG D 255 10.75 46.25 26.17
N PRO D 256 11.17 45.78 24.99
CA PRO D 256 11.65 46.73 23.97
C PRO D 256 10.52 47.39 23.14
N THR D 257 10.87 48.40 22.35
CA THR D 257 9.92 49.06 21.48
C THR D 257 9.66 48.20 20.21
N ARG D 258 8.63 48.54 19.42
CA ARG D 258 8.32 47.83 18.20
C ARG D 258 9.42 48.02 17.16
N ALA D 259 10.08 49.18 17.15
CA ALA D 259 11.19 49.45 16.24
C ALA D 259 12.41 48.60 16.59
N GLU D 260 12.65 48.37 17.89
CA GLU D 260 13.76 47.57 18.39
C GLU D 260 13.66 46.08 18.02
N THR D 261 12.51 45.45 18.21
CA THR D 261 12.36 44.04 17.84
C THR D 261 12.48 43.89 16.31
N SER D 262 11.93 44.85 15.57
CA SER D 262 12.00 44.87 14.12
C SER D 262 13.45 45.01 13.66
N ASP D 263 14.24 45.86 14.33
CA ASP D 263 15.66 46.07 14.01
C ASP D 263 16.47 44.77 14.18
N VAL D 264 16.24 44.03 15.28
CA VAL D 264 16.91 42.76 15.52
C VAL D 264 16.53 41.75 14.43
N ALA D 265 15.22 41.63 14.13
CA ALA D 265 14.74 40.71 13.12
C ALA D 265 15.30 41.04 11.75
N ASN D 266 15.35 42.33 11.41
CA ASN D 266 15.84 42.78 10.12
C ASN D 266 17.35 42.64 10.00
N ALA D 267 18.12 42.77 11.08
CA ALA D 267 19.57 42.51 11.01
C ALA D 267 19.81 41.03 10.64
N VAL D 268 19.01 40.11 11.22
CA VAL D 268 19.11 38.69 10.91
C VAL D 268 18.67 38.42 9.46
N LEU D 269 17.53 38.99 9.03
CA LEU D 269 17.07 38.82 7.66
C LEU D 269 18.05 39.47 6.64
N ASP D 270 18.78 40.50 7.05
CA ASP D 270 19.78 41.15 6.21
C ASP D 270 20.93 40.18 5.93
N GLY D 271 21.26 39.29 6.89
CA GLY D 271 22.34 38.32 6.77
C GLY D 271 23.45 38.46 7.81
N ALA D 272 23.20 39.23 8.89
CA ALA D 272 24.22 39.39 9.92
C ALA D 272 24.54 38.08 10.61
N ASP D 273 25.82 37.84 10.86
CA ASP D 273 26.25 36.64 11.57
C ASP D 273 26.04 36.84 13.06
N CYS D 274 26.29 38.08 13.57
CA CYS D 274 26.19 38.36 14.99
C CYS D 274 25.35 39.60 15.22
N ILE D 275 24.70 39.65 16.37
CA ILE D 275 23.98 40.83 16.83
C ILE D 275 24.58 41.20 18.19
N MET D 276 24.59 42.48 18.52
CA MET D 276 25.25 42.95 19.73
C MET D 276 24.34 43.72 20.68
N LEU D 277 24.70 43.70 21.95
CA LEU D 277 24.09 44.46 23.04
C LEU D 277 25.22 45.25 23.71
N SER D 278 25.01 46.54 23.96
CA SER D 278 26.02 47.38 24.57
C SER D 278 25.54 47.79 25.97
N GLY D 279 24.96 48.98 26.14
CA GLY D 279 24.44 49.42 27.42
C GLY D 279 23.38 48.48 27.97
N GLU D 280 22.62 47.78 27.08
CA GLU D 280 21.58 46.83 27.46
C GLU D 280 22.13 45.77 28.37
N THR D 281 23.38 45.34 28.18
CA THR D 281 23.97 44.34 29.11
C THR D 281 25.07 44.94 29.99
N ALA D 282 25.74 46.03 29.56
CA ALA D 282 26.85 46.58 30.34
C ALA D 282 26.42 47.37 31.55
N LYS D 283 25.35 48.17 31.42
CA LYS D 283 24.94 49.05 32.50
C LYS D 283 23.46 49.04 32.84
N GLY D 284 22.62 48.42 32.02
CA GLY D 284 21.20 48.43 32.25
C GLY D 284 20.66 47.58 33.37
N ASN D 285 19.34 47.61 33.53
CA ASN D 285 18.67 46.85 34.58
C ASN D 285 18.13 45.51 34.11
N PHE D 286 18.25 45.19 32.80
CA PHE D 286 17.74 43.96 32.25
C PHE D 286 18.77 43.26 31.37
N PRO D 287 20.03 43.04 31.82
CA PRO D 287 21.01 42.40 30.95
C PRO D 287 20.62 40.99 30.49
N VAL D 288 20.12 40.14 31.39
CA VAL D 288 19.70 38.78 31.03
C VAL D 288 18.46 38.79 30.16
N GLU D 289 17.52 39.70 30.44
CA GLU D 289 16.30 39.80 29.62
C GLU D 289 16.61 40.33 28.23
N ALA D 290 17.64 41.21 28.10
CA ALA D 290 18.01 41.74 26.78
C ALA D 290 18.58 40.60 25.94
N VAL D 291 19.41 39.73 26.55
CA VAL D 291 19.98 38.57 25.86
C VAL D 291 18.83 37.60 25.48
N LYS D 292 17.89 37.34 26.38
CA LYS D 292 16.75 36.45 26.10
C LYS D 292 15.91 36.99 24.96
N MET D 293 15.71 38.30 24.89
CA MET D 293 14.93 38.96 23.84
C MET D 293 15.63 38.82 22.48
N GLN D 294 16.95 39.08 22.39
CA GLN D 294 17.68 38.90 21.15
C GLN D 294 17.62 37.46 20.69
N HIS D 295 17.73 36.51 21.65
CA HIS D 295 17.63 35.09 21.36
C HIS D 295 16.25 34.76 20.75
N ALA D 296 15.16 35.22 21.40
CA ALA D 296 13.82 34.96 20.92
C ALA D 296 13.57 35.52 19.53
N ILE D 297 14.00 36.77 19.28
CA ILE D 297 13.78 37.39 17.98
C ILE D 297 14.59 36.69 16.87
N ALA D 298 15.87 36.43 17.12
CA ALA D 298 16.74 35.77 16.16
C ALA D 298 16.21 34.43 15.71
N ARG D 299 15.70 33.57 16.63
CA ARG D 299 15.14 32.26 16.22
C ARG D 299 13.96 32.47 15.28
N GLU D 300 13.06 33.43 15.60
CA GLU D 300 11.92 33.71 14.75
C GLU D 300 12.36 34.16 13.36
N ALA D 301 13.36 35.09 13.31
CA ALA D 301 13.83 35.65 12.05
C ALA D 301 14.55 34.63 11.21
N GLU D 302 15.35 33.75 11.82
CA GLU D 302 16.09 32.72 11.09
C GLU D 302 15.15 31.74 10.38
N ALA D 303 14.02 31.40 11.00
CA ALA D 303 13.04 30.53 10.36
C ALA D 303 12.38 31.23 9.17
N ALA D 304 12.22 32.57 9.24
CA ALA D 304 11.62 33.37 8.18
C ALA D 304 12.57 33.69 7.02
N VAL D 305 13.83 33.22 7.07
CA VAL D 305 14.79 33.43 5.98
C VAL D 305 14.32 32.65 4.74
N TYR D 306 14.33 33.28 3.57
CA TYR D 306 13.91 32.65 2.32
C TYR D 306 15.11 31.92 1.69
N HIS D 307 15.42 30.73 2.24
CA HIS D 307 16.58 29.92 1.83
C HIS D 307 16.60 29.58 0.36
N ARG D 308 15.42 29.42 -0.28
CA ARG D 308 15.38 29.10 -1.70
C ARG D 308 16.16 30.10 -2.54
N GLN D 309 15.92 31.41 -2.32
CA GLN D 309 16.63 32.41 -3.08
C GLN D 309 18.02 32.66 -2.51
N LEU D 310 18.14 32.68 -1.17
CA LEU D 310 19.43 32.89 -0.52
C LEU D 310 20.50 31.87 -0.94
N PHE D 311 20.19 30.57 -0.89
CA PHE D 311 21.14 29.53 -1.28
C PHE D 311 21.49 29.65 -2.73
N GLU D 312 20.48 29.84 -3.59
CA GLU D 312 20.69 29.97 -5.04
C GLU D 312 21.63 31.13 -5.36
N GLU D 313 21.43 32.26 -4.69
CA GLU D 313 22.25 33.43 -4.93
C GLU D 313 23.65 33.29 -4.37
N LEU D 314 23.80 32.67 -3.19
CA LEU D 314 25.14 32.45 -2.62
C LEU D 314 25.93 31.51 -3.50
N ARG D 315 25.28 30.44 -3.97
CA ARG D 315 25.80 29.45 -4.90
C ARG D 315 26.27 30.11 -6.21
N ARG D 316 25.38 30.90 -6.85
CA ARG D 316 25.69 31.56 -8.12
C ARG D 316 26.79 32.59 -7.97
N ALA D 317 26.82 33.33 -6.86
CA ALA D 317 27.82 34.37 -6.66
C ALA D 317 29.17 33.85 -6.25
N ALA D 318 29.21 32.71 -5.56
CA ALA D 318 30.47 32.15 -5.09
C ALA D 318 31.27 31.64 -6.27
N PRO D 319 32.57 32.04 -6.33
CA PRO D 319 33.41 31.65 -7.48
C PRO D 319 33.74 30.16 -7.48
N LEU D 320 34.12 29.63 -8.64
CA LEU D 320 34.57 28.24 -8.76
C LEU D 320 35.79 28.03 -7.87
N SER D 321 35.92 26.84 -7.28
CA SER D 321 37.04 26.61 -6.40
C SER D 321 37.71 25.29 -6.61
N ARG D 322 39.03 25.26 -6.45
CA ARG D 322 39.79 24.02 -6.51
C ARG D 322 40.25 23.56 -5.09
N ASP D 323 39.78 24.23 -4.04
CA ASP D 323 40.10 23.89 -2.68
C ASP D 323 39.11 22.81 -2.22
N PRO D 324 39.61 21.64 -1.83
CA PRO D 324 38.70 20.55 -1.42
C PRO D 324 37.79 20.87 -0.23
N THR D 325 38.22 21.77 0.69
CA THR D 325 37.36 22.14 1.82
C THR D 325 36.14 22.90 1.30
N GLU D 326 36.38 23.86 0.38
CA GLU D 326 35.35 24.64 -0.23
C GLU D 326 34.41 23.75 -1.08
N VAL D 327 35.00 22.84 -1.86
CA VAL D 327 34.22 21.92 -2.68
C VAL D 327 33.35 20.98 -1.83
N THR D 328 33.89 20.47 -0.72
CA THR D 328 33.15 19.59 0.18
C THR D 328 32.03 20.35 0.84
N ALA D 329 32.30 21.59 1.29
CA ALA D 329 31.33 22.44 1.97
C ALA D 329 30.06 22.65 1.15
N ILE D 330 30.21 23.01 -0.15
CA ILE D 330 29.01 23.23 -0.97
C ILE D 330 28.26 21.93 -1.25
N GLY D 331 28.98 20.82 -1.42
CA GLY D 331 28.36 19.52 -1.60
C GLY D 331 27.57 19.12 -0.37
N ALA D 332 28.13 19.36 0.83
CA ALA D 332 27.49 19.04 2.11
C ALA D 332 26.25 19.90 2.34
N VAL D 333 26.29 21.21 1.97
CA VAL D 333 25.12 22.09 2.16
C VAL D 333 23.99 21.68 1.22
N GLU D 334 24.33 21.31 -0.01
CA GLU D 334 23.37 20.85 -1.00
CA GLU D 334 23.36 20.84 -1.00
C GLU D 334 22.72 19.54 -0.50
N ALA D 335 23.54 18.58 -0.02
CA ALA D 335 23.07 17.32 0.54
C ALA D 335 22.17 17.57 1.75
N ALA D 336 22.53 18.53 2.62
CA ALA D 336 21.72 18.82 3.80
C ALA D 336 20.32 19.35 3.41
N PHE D 337 20.25 20.22 2.41
CA PHE D 337 18.95 20.73 1.95
C PHE D 337 18.11 19.61 1.32
N LYS D 338 18.75 18.71 0.57
CA LYS D 338 18.06 17.61 -0.11
C LYS D 338 17.32 16.69 0.82
N CYS D 339 17.86 16.44 2.02
CA CYS D 339 17.24 15.51 2.97
C CYS D 339 16.68 16.16 4.20
N CYS D 340 16.69 17.52 4.31
CA CYS D 340 16.25 18.22 5.52
C CYS D 340 17.09 17.76 6.69
N ALA D 341 18.43 17.68 6.49
CA ALA D 341 19.32 17.20 7.55
C ALA D 341 19.17 18.05 8.81
N ALA D 342 19.08 17.43 10.00
CA ALA D 342 18.96 18.16 11.25
C ALA D 342 20.25 18.90 11.55
N ALA D 343 21.41 18.34 11.11
CA ALA D 343 22.70 18.96 11.37
C ALA D 343 23.77 18.55 10.36
N ILE D 344 24.80 19.36 10.25
CA ILE D 344 26.00 19.05 9.50
C ILE D 344 27.06 19.00 10.62
N ILE D 345 27.62 17.83 10.91
CA ILE D 345 28.63 17.69 11.93
C ILE D 345 30.02 17.78 11.28
N VAL D 346 30.84 18.75 11.66
CA VAL D 346 32.14 18.95 11.02
C VAL D 346 33.27 18.89 12.03
N LEU D 347 34.40 18.27 11.65
CA LEU D 347 35.57 18.25 12.52
C LEU D 347 36.45 19.38 12.05
N THR D 348 36.89 20.24 12.97
CA THR D 348 37.71 21.40 12.56
C THR D 348 38.79 21.74 13.58
N THR D 349 39.97 22.15 13.10
CA THR D 349 41.08 22.50 14.00
C THR D 349 41.09 24.01 14.17
N THR D 350 40.97 24.75 13.07
CA THR D 350 41.00 26.19 13.11
C THR D 350 39.61 26.85 13.04
N GLY D 351 38.56 26.08 12.75
CA GLY D 351 37.23 26.62 12.52
C GLY D 351 36.90 26.80 11.05
N ARG D 352 37.92 26.81 10.19
CA ARG D 352 37.75 27.08 8.75
C ARG D 352 36.74 26.18 8.04
N SER D 353 36.75 24.87 8.31
CA SER D 353 35.80 23.97 7.63
C SER D 353 34.36 24.32 7.97
N ALA D 354 34.12 24.74 9.22
CA ALA D 354 32.79 25.14 9.68
C ALA D 354 32.40 26.49 9.08
N GLN D 355 33.35 27.42 8.95
CA GLN D 355 33.11 28.72 8.35
C GLN D 355 32.70 28.56 6.87
N LEU D 356 33.37 27.65 6.14
CA LEU D 356 33.03 27.43 4.74
C LEU D 356 31.66 26.78 4.57
N LEU D 357 31.17 26.03 5.56
CA LEU D 357 29.82 25.47 5.49
C LEU D 357 28.81 26.61 5.74
N SER D 358 29.10 27.44 6.76
CA SER D 358 28.31 28.57 7.23
C SER D 358 28.07 29.62 6.11
N ARG D 359 29.04 29.83 5.22
CA ARG D 359 28.90 30.84 4.15
C ARG D 359 27.76 30.51 3.18
N TYR D 360 27.35 29.23 3.08
CA TYR D 360 26.24 28.85 2.21
C TYR D 360 24.90 28.90 2.90
N ARG D 361 24.86 29.36 4.17
CA ARG D 361 23.69 29.53 4.98
C ARG D 361 22.76 28.32 4.97
N PRO D 362 23.28 27.15 5.38
CA PRO D 362 22.39 25.99 5.48
C PRO D 362 21.32 26.22 6.56
N ARG D 363 20.16 25.59 6.38
CA ARG D 363 19.14 25.61 7.41
C ARG D 363 19.63 24.65 8.53
N ALA D 364 20.34 23.53 8.17
CA ALA D 364 20.87 22.57 9.13
C ALA D 364 21.93 23.21 9.99
N ALA D 365 21.87 22.97 11.33
CA ALA D 365 22.86 23.49 12.29
C ALA D 365 24.24 22.91 11.93
N VAL D 366 25.28 23.72 11.99
CA VAL D 366 26.64 23.23 11.74
C VAL D 366 27.26 22.97 13.11
N ILE D 367 27.34 21.71 13.52
CA ILE D 367 27.92 21.33 14.79
C ILE D 367 29.41 21.12 14.57
N ALA D 368 30.24 22.02 15.09
CA ALA D 368 31.68 21.96 14.88
C ALA D 368 32.37 21.34 16.07
N VAL D 369 32.98 20.17 15.91
CA VAL D 369 33.70 19.52 16.99
C VAL D 369 35.14 19.86 16.83
N THR D 370 35.74 20.40 17.88
CA THR D 370 37.15 20.78 17.85
C THR D 370 37.83 20.51 19.19
N ARG D 371 39.15 20.32 19.16
CA ARG D 371 39.97 20.26 20.36
C ARG D 371 40.54 21.65 20.72
N SER D 372 40.54 22.60 19.77
CA SER D 372 41.06 23.94 20.05
C SER D 372 40.04 24.77 20.80
N ALA D 373 40.33 25.13 22.03
CA ALA D 373 39.44 25.94 22.84
C ALA D 373 39.27 27.33 22.21
N GLN D 374 40.34 27.88 21.66
CA GLN D 374 40.25 29.17 20.97
C GLN D 374 39.38 29.12 19.71
N ALA D 375 39.56 28.11 18.85
CA ALA D 375 38.73 27.96 17.66
C ALA D 375 37.27 27.75 18.04
N ALA D 376 37.00 27.01 19.10
CA ALA D 376 35.62 26.80 19.57
C ALA D 376 34.99 28.14 19.97
N ARG D 377 35.75 29.03 20.57
CA ARG D 377 35.27 30.34 20.93
C ARG D 377 35.07 31.24 19.70
N GLN D 378 36.05 31.26 18.80
CA GLN D 378 36.00 32.10 17.61
C GLN D 378 34.94 31.74 16.58
N VAL D 379 34.55 30.46 16.44
CA VAL D 379 33.53 30.11 15.44
C VAL D 379 32.14 30.65 15.74
N HIS D 380 31.93 31.23 16.94
CA HIS D 380 30.68 31.91 17.27
C HIS D 380 30.48 33.11 16.30
N LEU D 381 31.56 33.62 15.67
CA LEU D 381 31.44 34.70 14.71
C LEU D 381 30.68 34.26 13.46
N CYS D 382 30.63 32.94 13.14
CA CYS D 382 30.00 32.41 11.93
C CYS D 382 28.62 31.90 12.19
N ARG D 383 27.63 32.47 11.49
CA ARG D 383 26.24 32.09 11.70
C ARG D 383 25.97 30.60 11.51
N GLY D 384 25.28 30.04 12.48
CA GLY D 384 24.87 28.65 12.42
C GLY D 384 25.91 27.66 12.84
N VAL D 385 27.04 28.11 13.38
CA VAL D 385 28.06 27.22 13.87
C VAL D 385 27.89 27.06 15.38
N PHE D 386 27.68 25.82 15.82
CA PHE D 386 27.53 25.44 17.20
C PHE D 386 28.79 24.71 17.64
N PRO D 387 29.72 25.42 18.32
CA PRO D 387 30.98 24.78 18.71
C PRO D 387 30.92 23.84 19.90
N LEU D 388 31.58 22.68 19.74
CA LEU D 388 31.70 21.70 20.80
C LEU D 388 33.16 21.49 21.08
N LEU D 389 33.58 21.69 22.34
CA LEU D 389 34.95 21.48 22.72
C LEU D 389 35.17 20.02 23.16
N TYR D 390 36.00 19.31 22.42
CA TYR D 390 36.28 17.92 22.69
C TYR D 390 37.52 17.88 23.60
N ARG D 391 37.42 17.19 24.76
CA ARG D 391 38.54 17.23 25.72
C ARG D 391 39.38 15.98 25.80
N GLU D 392 38.90 14.87 25.24
CA GLU D 392 39.60 13.60 25.32
C GLU D 392 40.91 13.57 24.56
N PRO D 393 41.93 12.90 25.14
CA PRO D 393 43.21 12.79 24.43
C PRO D 393 43.08 11.90 23.20
N PRO D 394 43.87 12.16 22.16
CA PRO D 394 43.76 11.36 20.93
C PRO D 394 43.85 9.86 21.11
N GLU D 395 42.97 9.13 20.42
CA GLU D 395 42.98 7.67 20.31
C GLU D 395 44.21 7.27 19.48
N ALA D 396 44.73 6.06 19.71
CA ALA D 396 45.89 5.54 18.98
C ALA D 396 45.58 5.40 17.49
N ILE D 397 44.38 4.90 17.15
CA ILE D 397 43.98 4.74 15.77
C ILE D 397 43.22 6.01 15.35
N TRP D 398 43.76 6.75 14.37
CA TRP D 398 43.18 8.02 13.91
C TRP D 398 41.72 7.89 13.44
N ALA D 399 41.35 6.84 12.72
CA ALA D 399 39.96 6.64 12.31
C ALA D 399 39.02 6.49 13.51
N ASP D 400 39.49 5.92 14.63
CA ASP D 400 38.67 5.82 15.84
C ASP D 400 38.55 7.17 16.55
N ASP D 401 39.62 7.98 16.51
CA ASP D 401 39.60 9.31 17.10
C ASP D 401 38.57 10.19 16.37
N VAL D 402 38.52 10.08 15.03
CA VAL D 402 37.57 10.80 14.18
C VAL D 402 36.15 10.37 14.55
N ASP D 403 35.89 9.05 14.61
CA ASP D 403 34.59 8.50 14.99
C ASP D 403 34.14 8.94 16.36
N ARG D 404 35.04 8.96 17.36
CA ARG D 404 34.69 9.39 18.71
C ARG D 404 34.23 10.83 18.74
N ARG D 405 34.85 11.69 17.92
CA ARG D 405 34.45 13.08 17.86
C ARG D 405 33.08 13.25 17.23
N VAL D 406 32.81 12.53 16.15
CA VAL D 406 31.52 12.53 15.47
C VAL D 406 30.43 12.06 16.42
N GLN D 407 30.72 11.02 17.23
CA GLN D 407 29.79 10.51 18.24
C GLN D 407 29.57 11.50 19.36
N PHE D 408 30.60 12.24 19.74
CA PHE D 408 30.47 13.30 20.72
C PHE D 408 29.51 14.42 20.17
N GLY D 409 29.61 14.75 18.88
CA GLY D 409 28.73 15.73 18.26
C GLY D 409 27.29 15.23 18.25
N ILE D 410 27.09 13.93 17.97
CA ILE D 410 25.77 13.30 17.98
C ILE D 410 25.19 13.29 19.40
N GLU D 411 25.98 12.85 20.40
CA GLU D 411 25.55 12.82 21.80
C GLU D 411 25.25 14.21 22.33
N SER D 412 26.08 15.22 21.98
CA SER D 412 25.83 16.60 22.41
C SER D 412 24.58 17.12 21.77
N GLY D 413 24.40 16.85 20.48
CA GLY D 413 23.26 17.26 19.69
C GLY D 413 21.96 16.66 20.18
N LYS D 414 21.99 15.40 20.62
CA LYS D 414 20.81 14.73 21.16
C LYS D 414 20.44 15.37 22.50
N LEU D 415 21.42 15.60 23.37
CA LEU D 415 21.20 16.20 24.67
C LEU D 415 20.66 17.64 24.56
N ARG D 416 21.18 18.42 23.61
CA ARG D 416 20.76 19.79 23.43
C ARG D 416 19.47 19.99 22.61
N GLY D 417 18.92 18.90 22.06
CA GLY D 417 17.71 18.99 21.27
C GLY D 417 17.90 19.19 19.79
N PHE D 418 19.15 19.24 19.29
CA PHE D 418 19.40 19.40 17.84
C PHE D 418 19.02 18.13 17.07
N LEU D 419 19.24 16.96 17.69
CA LEU D 419 19.06 15.69 17.01
C LEU D 419 18.18 14.74 17.75
N ARG D 420 17.53 13.86 16.99
CA ARG D 420 16.71 12.77 17.47
C ARG D 420 17.03 11.53 16.65
N VAL D 421 16.73 10.35 17.20
CA VAL D 421 16.86 9.08 16.48
C VAL D 421 15.97 9.11 15.23
N GLY D 422 16.53 8.72 14.11
CA GLY D 422 15.80 8.77 12.84
C GLY D 422 16.19 9.96 11.97
N ASP D 423 16.80 11.01 12.57
CA ASP D 423 17.25 12.16 11.79
C ASP D 423 18.41 11.78 10.86
N LEU D 424 18.59 12.54 9.80
CA LEU D 424 19.73 12.37 8.90
C LEU D 424 20.68 13.50 9.25
N VAL D 425 21.96 13.23 9.18
CA VAL D 425 22.99 14.21 9.46
C VAL D 425 24.07 14.10 8.35
N ILE D 426 24.67 15.21 7.96
CA ILE D 426 25.77 15.22 7.00
C ILE D 426 27.06 15.34 7.82
N VAL D 427 28.03 14.42 7.66
CA VAL D 427 29.27 14.40 8.43
C VAL D 427 30.47 14.80 7.56
N VAL D 428 31.16 15.91 7.93
CA VAL D 428 32.25 16.47 7.17
C VAL D 428 33.55 16.27 7.89
N THR D 429 34.46 15.48 7.27
CA THR D 429 35.77 15.14 7.82
C THR D 429 36.86 15.30 6.73
N GLY D 430 38.10 14.94 7.06
CA GLY D 430 39.24 14.98 6.16
C GLY D 430 39.92 13.62 6.02
N TRP D 431 40.93 13.55 5.15
CA TRP D 431 41.60 12.29 4.85
C TRP D 431 42.87 12.01 5.69
N ARG D 432 43.39 13.01 6.41
CA ARG D 432 44.57 12.86 7.26
C ARG D 432 44.45 13.88 8.42
N PRO D 433 45.21 13.66 9.51
CA PRO D 433 45.22 14.63 10.62
C PRO D 433 45.80 15.98 10.21
N GLY D 434 45.50 17.01 11.00
CA GLY D 434 45.97 18.35 10.72
C GLY D 434 44.96 19.17 9.95
N SER D 435 45.08 20.48 10.07
CA SER D 435 44.23 21.46 9.45
CA SER D 435 44.16 21.39 9.41
C SER D 435 44.45 21.49 7.92
N GLY D 436 43.39 21.78 7.15
CA GLY D 436 43.47 21.97 5.71
C GLY D 436 43.18 20.79 4.84
N TYR D 437 42.77 19.64 5.41
CA TYR D 437 42.56 18.43 4.61
C TYR D 437 41.11 17.91 4.58
N THR D 438 40.11 18.75 4.91
CA THR D 438 38.70 18.34 4.80
C THR D 438 38.39 18.05 3.31
N ASN D 439 37.82 16.89 3.06
CA ASN D 439 37.48 16.49 1.68
C ASN D 439 36.39 15.40 1.65
N ILE D 440 35.76 15.05 2.79
CA ILE D 440 34.79 13.96 2.83
C ILE D 440 33.47 14.44 3.38
N MET D 441 32.37 14.04 2.74
CA MET D 441 31.02 14.32 3.15
C MET D 441 30.28 12.96 3.22
N ARG D 442 29.65 12.59 4.36
CA ARG D 442 28.88 11.35 4.42
C ARG D 442 27.45 11.57 4.97
N VAL D 443 26.49 10.79 4.51
CA VAL D 443 25.11 10.90 4.95
C VAL D 443 24.87 9.85 6.01
N LEU D 444 24.59 10.27 7.24
CA LEU D 444 24.45 9.38 8.36
C LEU D 444 23.07 9.42 9.02
N SER D 445 22.54 8.26 9.37
CA SER D 445 21.26 8.14 10.05
C SER D 445 21.51 8.10 11.55
N ILE D 446 20.77 8.90 12.31
CA ILE D 446 20.94 8.92 13.76
C ILE D 446 20.29 7.69 14.41
N SER D 447 21.09 6.89 15.11
CA SER D 447 20.59 5.72 15.84
C SER D 447 20.64 5.99 17.37
N ALA E 25 0.19 -15.44 32.12
CA ALA E 25 -1.20 -15.82 32.33
C ALA E 25 -1.38 -17.34 32.31
N PHE E 26 -2.46 -17.82 32.96
CA PHE E 26 -2.82 -19.24 33.00
C PHE E 26 -3.01 -19.77 31.58
N PHE E 27 -3.71 -19.00 30.73
CA PHE E 27 -4.00 -19.43 29.37
C PHE E 27 -2.85 -19.24 28.37
N GLN E 28 -1.70 -18.71 28.82
CA GLN E 28 -0.53 -18.62 27.95
C GLN E 28 0.41 -19.83 28.15
N GLN E 29 0.39 -20.44 29.36
CA GLN E 29 1.18 -21.61 29.74
C GLN E 29 0.61 -22.92 29.20
N GLN E 30 1.39 -24.03 29.34
CA GLN E 30 1.10 -25.40 28.96
C GLN E 30 0.43 -25.56 27.57
N GLN E 31 0.90 -24.75 26.60
CA GLN E 31 0.42 -24.72 25.22
C GLN E 31 -1.11 -24.59 25.11
N LEU E 32 -1.74 -23.84 26.03
CA LEU E 32 -3.19 -23.67 26.02
C LEU E 32 -3.70 -22.96 24.76
N PRO E 33 -3.03 -21.94 24.18
CA PRO E 33 -3.51 -21.41 22.88
C PRO E 33 -3.53 -22.51 21.79
N ALA E 34 -2.50 -23.36 21.72
CA ALA E 34 -2.45 -24.46 20.74
C ALA E 34 -3.51 -25.54 21.03
N ALA E 35 -3.86 -25.73 22.32
CA ALA E 35 -4.85 -26.71 22.75
C ALA E 35 -6.28 -26.29 22.34
N MET E 36 -6.56 -24.99 22.30
CA MET E 36 -7.88 -24.49 21.92
C MET E 36 -8.12 -24.42 20.41
N ALA E 37 -7.10 -24.70 19.58
CA ALA E 37 -7.20 -24.61 18.13
C ALA E 37 -8.27 -25.50 17.53
N ASP E 38 -8.89 -25.05 16.44
CA ASP E 38 -9.97 -25.78 15.82
C ASP E 38 -9.51 -26.88 14.85
N THR E 39 -8.27 -26.82 14.37
CA THR E 39 -7.71 -27.87 13.52
C THR E 39 -6.30 -28.23 14.03
N PHE E 40 -5.80 -29.40 13.62
CA PHE E 40 -4.46 -29.85 13.98
C PHE E 40 -3.42 -28.91 13.37
N LEU E 41 -3.65 -28.44 12.13
CA LEU E 41 -2.73 -27.52 11.46
C LEU E 41 -2.62 -26.19 12.27
N GLU E 42 -3.75 -25.65 12.71
CA GLU E 42 -3.75 -24.42 13.52
CA GLU E 42 -3.76 -24.43 13.52
C GLU E 42 -3.06 -24.67 14.87
N HIS E 43 -3.23 -25.89 15.42
CA HIS E 43 -2.63 -26.31 16.69
C HIS E 43 -1.10 -26.25 16.54
N LEU E 44 -0.56 -26.80 15.44
CA LEU E 44 0.89 -26.75 15.21
C LEU E 44 1.35 -25.31 15.08
N CYS E 45 0.62 -24.49 14.32
CA CYS E 45 0.97 -23.08 14.11
C CYS E 45 1.02 -22.29 15.42
N LEU E 46 0.24 -22.71 16.43
CA LEU E 46 0.17 -22.03 17.71
C LEU E 46 1.12 -22.56 18.77
N LEU E 47 1.92 -23.61 18.48
CA LEU E 47 2.88 -24.15 19.44
C LEU E 47 3.92 -23.07 19.74
N ASP E 48 4.19 -22.84 21.03
CA ASP E 48 5.05 -21.74 21.48
C ASP E 48 6.19 -22.22 22.37
N ILE E 49 7.43 -21.96 21.95
CA ILE E 49 8.60 -22.33 22.77
C ILE E 49 8.67 -21.55 24.10
N ASP E 50 7.97 -20.41 24.19
CA ASP E 50 7.91 -19.63 25.42
C ASP E 50 6.77 -20.07 26.35
N SER E 51 5.89 -20.98 25.91
CA SER E 51 4.77 -21.44 26.73
C SER E 51 5.31 -22.58 27.61
N GLU E 52 5.52 -22.27 28.89
CA GLU E 52 6.12 -23.21 29.83
C GLU E 52 5.18 -24.29 30.32
N PRO E 53 5.67 -25.54 30.40
CA PRO E 53 4.81 -26.61 30.92
C PRO E 53 4.58 -26.42 32.42
N VAL E 54 3.34 -26.61 32.88
CA VAL E 54 3.03 -26.44 34.31
C VAL E 54 2.71 -27.77 34.96
N ALA E 55 1.95 -28.62 34.26
CA ALA E 55 1.57 -29.92 34.74
C ALA E 55 2.76 -30.85 35.01
N ALA E 56 2.56 -31.81 35.92
CA ALA E 56 3.59 -32.78 36.25
C ALA E 56 3.78 -33.73 35.06
N ARG E 57 5.00 -34.27 34.92
CA ARG E 57 5.33 -35.17 33.83
C ARG E 57 4.57 -36.49 33.97
N SER E 58 3.74 -36.80 32.99
CA SER E 58 2.87 -37.94 33.00
C SER E 58 3.38 -39.22 32.31
N THR E 59 4.37 -39.13 31.41
CA THR E 59 4.91 -40.32 30.74
C THR E 59 6.01 -40.88 31.63
N SER E 60 5.84 -42.14 32.10
CA SER E 60 6.83 -42.73 33.00
C SER E 60 8.15 -43.02 32.32
N ILE E 61 9.22 -42.93 33.08
CA ILE E 61 10.56 -43.22 32.59
C ILE E 61 11.01 -44.56 33.18
N ILE E 62 11.37 -45.49 32.31
CA ILE E 62 11.92 -46.76 32.71
C ILE E 62 13.44 -46.65 32.52
N ALA E 63 14.22 -46.88 33.58
CA ALA E 63 15.69 -46.82 33.48
C ALA E 63 16.29 -48.20 33.72
N THR E 64 17.14 -48.65 32.81
CA THR E 64 17.79 -49.96 32.95
C THR E 64 18.92 -49.85 33.96
N ILE E 65 18.92 -50.75 34.95
CA ILE E 65 19.92 -50.79 36.02
C ILE E 65 21.14 -51.59 35.57
N GLY E 66 22.32 -51.04 35.77
CA GLY E 66 23.57 -51.69 35.44
C GLY E 66 24.74 -51.09 36.19
N PRO E 67 25.98 -51.38 35.75
CA PRO E 67 27.16 -50.83 36.46
C PRO E 67 27.14 -49.32 36.70
N ALA E 68 26.57 -48.53 35.75
CA ALA E 68 26.52 -47.07 35.86
C ALA E 68 25.40 -46.55 36.78
N SER E 69 24.46 -47.41 37.17
CA SER E 69 23.29 -46.99 37.92
C SER E 69 22.93 -47.94 39.05
N ARG E 70 23.92 -48.61 39.63
CA ARG E 70 23.66 -49.63 40.64
C ARG E 70 23.81 -49.18 42.06
N SER E 71 24.65 -48.18 42.34
CA SER E 71 24.87 -47.75 43.72
C SER E 71 23.64 -47.09 44.31
N VAL E 72 23.44 -47.23 45.63
CA VAL E 72 22.31 -46.65 46.34
C VAL E 72 22.28 -45.13 46.19
N GLU E 73 23.45 -44.48 46.22
CA GLU E 73 23.56 -43.03 46.08
C GLU E 73 23.19 -42.56 44.67
N ARG E 74 23.62 -43.33 43.64
CA ARG E 74 23.34 -43.03 42.25
C ARG E 74 21.83 -43.22 42.00
N LEU E 75 21.25 -44.30 42.55
CA LEU E 75 19.83 -44.60 42.43
C LEU E 75 18.95 -43.52 43.07
N LYS E 76 19.41 -42.90 44.16
CA LYS E 76 18.66 -41.81 44.79
C LYS E 76 18.61 -40.61 43.86
N GLU E 77 19.73 -40.32 43.15
CA GLU E 77 19.77 -39.22 42.20
C GLU E 77 18.86 -39.51 40.99
N MET E 78 18.76 -40.78 40.58
CA MET E 78 17.92 -41.18 39.46
CA MET E 78 17.92 -41.18 39.46
C MET E 78 16.43 -41.11 39.81
N ILE E 79 16.08 -41.39 41.07
CA ILE E 79 14.69 -41.29 41.52
C ILE E 79 14.32 -39.80 41.53
N LYS E 80 15.21 -38.93 42.02
CA LYS E 80 14.97 -37.48 42.02
C LYS E 80 14.92 -36.88 40.60
N ALA E 81 15.68 -37.46 39.65
CA ALA E 81 15.69 -37.01 38.28
C ALA E 81 14.37 -37.40 37.53
N GLY E 82 13.68 -38.45 38.01
CA GLY E 82 12.41 -38.85 37.43
C GLY E 82 12.19 -40.31 37.12
N MET E 83 13.15 -41.22 37.45
CA MET E 83 12.97 -42.65 37.17
C MET E 83 11.75 -43.19 37.94
N ASN E 84 10.84 -43.86 37.22
CA ASN E 84 9.63 -44.42 37.85
C ASN E 84 9.68 -45.94 37.90
N ILE E 85 10.38 -46.58 36.95
CA ILE E 85 10.48 -48.02 36.84
C ILE E 85 11.94 -48.40 36.63
N ALA E 86 12.46 -49.34 37.44
CA ALA E 86 13.83 -49.82 37.31
C ALA E 86 13.79 -51.13 36.53
N ARG E 87 14.50 -51.20 35.40
CA ARG E 87 14.51 -52.39 34.57
C ARG E 87 15.76 -53.26 34.84
N LEU E 88 15.57 -54.55 35.09
CA LEU E 88 16.68 -55.47 35.30
C LEU E 88 16.78 -56.34 34.06
N ASN E 89 17.86 -56.20 33.29
CA ASN E 89 18.02 -56.95 32.06
C ASN E 89 18.62 -58.31 32.36
N PHE E 90 17.79 -59.36 32.34
CA PHE E 90 18.27 -60.71 32.64
C PHE E 90 19.02 -61.38 31.48
N SER E 91 19.35 -60.62 30.44
CA SER E 91 20.22 -61.14 29.39
C SER E 91 21.69 -61.19 29.88
N HIS E 92 22.04 -60.36 30.89
CA HIS E 92 23.37 -60.29 31.48
C HIS E 92 23.24 -60.34 33.01
N GLY E 93 24.28 -60.83 33.66
CA GLY E 93 24.31 -60.89 35.13
C GLY E 93 23.65 -62.11 35.73
N SER E 94 24.13 -62.49 36.89
CA SER E 94 23.63 -63.65 37.62
C SER E 94 22.44 -63.27 38.51
N HIS E 95 21.78 -64.27 39.12
CA HIS E 95 20.71 -64.02 40.06
C HIS E 95 21.20 -63.22 41.26
N GLU E 96 22.45 -63.48 41.71
CA GLU E 96 23.06 -62.76 42.81
C GLU E 96 23.27 -61.28 42.46
N TYR E 97 23.66 -61.01 41.22
CA TYR E 97 23.86 -59.66 40.74
C TYR E 97 22.53 -58.89 40.73
N HIS E 98 21.48 -59.50 40.18
CA HIS E 98 20.16 -58.87 40.11
C HIS E 98 19.52 -58.70 41.48
N ALA E 99 19.71 -59.64 42.41
CA ALA E 99 19.18 -59.50 43.77
C ALA E 99 19.80 -58.29 44.47
N GLU E 100 21.10 -58.04 44.22
CA GLU E 100 21.79 -56.90 44.80
C GLU E 100 21.27 -55.61 44.19
N SER E 101 21.00 -55.60 42.86
CA SER E 101 20.43 -54.45 42.16
C SER E 101 19.06 -54.11 42.76
N ILE E 102 18.20 -55.14 42.98
CA ILE E 102 16.87 -55.00 43.58
C ILE E 102 16.98 -54.41 44.99
N ALA E 103 17.89 -54.95 45.83
CA ALA E 103 18.07 -54.47 47.18
C ALA E 103 18.53 -53.02 47.20
N ASN E 104 19.44 -52.64 46.27
CA ASN E 104 19.92 -51.26 46.19
C ASN E 104 18.81 -50.31 45.74
N VAL E 105 17.94 -50.76 44.78
CA VAL E 105 16.82 -49.96 44.32
C VAL E 105 15.87 -49.75 45.49
N ARG E 106 15.48 -50.82 46.18
CA ARG E 106 14.58 -50.75 47.33
C ARG E 106 15.14 -49.87 48.45
N GLU E 107 16.45 -49.92 48.70
CA GLU E 107 17.06 -49.08 49.72
C GLU E 107 16.96 -47.61 49.33
N ALA E 108 17.25 -47.29 48.06
CA ALA E 108 17.16 -45.91 47.57
C ALA E 108 15.71 -45.40 47.59
N VAL E 109 14.75 -46.26 47.21
CA VAL E 109 13.33 -45.91 47.22
C VAL E 109 12.81 -45.67 48.64
N GLU E 110 13.14 -46.59 49.56
CA GLU E 110 12.68 -46.47 50.94
C GLU E 110 13.37 -45.39 51.74
N SER E 111 14.47 -44.81 51.23
CA SER E 111 15.12 -43.69 51.92
C SER E 111 14.23 -42.43 51.95
N PHE E 112 13.20 -42.37 51.09
CA PHE E 112 12.26 -41.26 51.02
C PHE E 112 10.90 -41.57 51.73
N ALA E 113 10.72 -42.80 52.28
CA ALA E 113 9.48 -43.22 52.96
C ALA E 113 9.16 -42.49 54.25
N GLY E 114 10.16 -41.81 54.82
CA GLY E 114 9.99 -41.03 56.04
C GLY E 114 9.03 -39.86 55.90
N SER E 115 8.85 -39.38 54.65
CA SER E 115 7.93 -38.29 54.34
C SER E 115 6.83 -38.86 53.42
N PRO E 116 5.74 -39.42 53.98
CA PRO E 116 4.70 -40.06 53.13
C PRO E 116 3.97 -39.15 52.13
N LEU E 117 3.89 -37.84 52.42
CA LEU E 117 3.24 -36.85 51.55
C LEU E 117 4.07 -36.53 50.29
N SER E 118 5.30 -37.08 50.17
CA SER E 118 6.18 -36.86 49.01
C SER E 118 6.88 -38.16 48.51
N TYR E 119 6.60 -39.32 49.16
CA TYR E 119 7.18 -40.62 48.78
C TYR E 119 6.77 -41.03 47.37
N ARG E 120 7.77 -41.39 46.57
CA ARG E 120 7.54 -41.82 45.21
C ARG E 120 7.76 -43.30 45.05
N PRO E 121 6.69 -44.06 44.78
CA PRO E 121 6.87 -45.50 44.53
C PRO E 121 7.67 -45.73 43.23
N VAL E 122 8.51 -46.78 43.19
CA VAL E 122 9.29 -47.11 42.00
C VAL E 122 9.07 -48.59 41.69
N ALA E 123 8.60 -48.91 40.49
CA ALA E 123 8.37 -50.29 40.12
C ALA E 123 9.67 -51.00 39.76
N ILE E 124 9.69 -52.33 39.89
CA ILE E 124 10.84 -53.14 39.51
C ILE E 124 10.37 -54.08 38.41
N ALA E 125 10.99 -54.00 37.24
CA ALA E 125 10.61 -54.82 36.11
C ALA E 125 11.73 -55.77 35.73
N LEU E 126 11.37 -57.03 35.45
CA LEU E 126 12.34 -58.04 35.06
C LEU E 126 12.22 -58.22 33.56
N ASP E 127 13.30 -57.96 32.82
CA ASP E 127 13.30 -58.15 31.37
C ASP E 127 13.95 -59.51 31.08
N THR E 128 13.18 -60.46 30.53
CA THR E 128 13.69 -61.80 30.28
C THR E 128 14.73 -61.90 29.15
N LYS E 129 15.56 -62.96 29.20
CA LYS E 129 16.58 -63.21 28.19
C LYS E 129 15.93 -63.58 26.84
N GLY E 130 14.88 -64.38 26.88
CA GLY E 130 14.16 -64.76 25.67
C GLY E 130 14.21 -66.23 25.33
N PRO E 131 13.47 -66.64 24.28
CA PRO E 131 13.44 -68.06 23.90
C PRO E 131 14.66 -68.58 23.13
N GLY E 132 15.40 -67.68 22.51
CA GLY E 132 16.59 -68.02 21.72
C GLY E 132 16.23 -68.81 20.48
N SER E 133 16.92 -69.94 20.26
CA SER E 133 16.62 -70.82 19.12
C SER E 133 15.38 -71.73 19.35
N GLY E 134 14.92 -71.83 20.59
CA GLY E 134 13.80 -72.69 20.93
C GLY E 134 12.45 -72.16 20.47
N PRO E 135 11.46 -73.07 20.37
CA PRO E 135 10.13 -72.62 19.95
C PRO E 135 9.30 -71.98 21.07
N GLY E 136 9.56 -72.35 22.33
CA GLY E 136 8.83 -71.84 23.47
C GLY E 136 9.66 -71.25 24.58
N LEU E 137 9.07 -71.13 25.77
CA LEU E 137 9.71 -70.57 26.96
C LEU E 137 10.92 -71.39 27.40
N SER E 138 12.13 -70.86 27.19
CA SER E 138 13.39 -71.51 27.54
C SER E 138 13.56 -71.84 29.04
N GLU E 139 14.54 -72.69 29.39
CA GLU E 139 14.78 -73.13 30.77
C GLU E 139 15.33 -72.02 31.65
N GLN E 140 16.20 -71.15 31.10
CA GLN E 140 16.75 -70.02 31.87
C GLN E 140 15.63 -69.04 32.20
N ASP E 141 14.71 -68.81 31.25
CA ASP E 141 13.57 -67.95 31.45
C ASP E 141 12.69 -68.47 32.58
N VAL E 142 12.46 -69.79 32.65
CA VAL E 142 11.66 -70.38 33.73
C VAL E 142 12.30 -70.10 35.11
N ARG E 143 13.64 -70.19 35.17
CA ARG E 143 14.35 -69.92 36.42
C ARG E 143 14.34 -68.44 36.80
N ASP E 144 14.51 -67.56 35.80
CA ASP E 144 14.52 -66.11 35.99
C ASP E 144 13.14 -65.61 36.41
N LEU E 145 12.08 -66.14 35.79
CA LEU E 145 10.71 -65.79 36.14
C LEU E 145 10.43 -66.18 37.59
N ARG E 146 10.86 -67.40 37.98
CA ARG E 146 10.71 -67.87 39.35
C ARG E 146 11.45 -66.96 40.34
N PHE E 147 12.65 -66.48 39.95
CA PHE E 147 13.45 -65.53 40.72
C PHE E 147 12.64 -64.25 40.92
N GLY E 148 11.99 -63.76 39.86
CA GLY E 148 11.18 -62.55 39.90
C GLY E 148 10.06 -62.64 40.90
N VAL E 149 9.35 -63.77 40.92
CA VAL E 149 8.28 -63.98 41.88
C VAL E 149 8.81 -63.99 43.31
N GLU E 150 9.93 -64.69 43.52
CA GLU E 150 10.56 -64.79 44.84
C GLU E 150 11.11 -63.45 45.34
N HIS E 151 11.53 -62.59 44.42
CA HIS E 151 12.03 -61.27 44.79
C HIS E 151 10.99 -60.15 44.69
N GLY E 152 9.72 -60.49 44.44
CA GLY E 152 8.61 -59.55 44.40
C GLY E 152 8.63 -58.50 43.31
N VAL E 153 9.07 -58.88 42.08
CA VAL E 153 9.07 -57.93 40.97
C VAL E 153 7.62 -57.56 40.62
N ASP E 154 7.42 -56.33 40.12
CA ASP E 154 6.08 -55.86 39.78
C ASP E 154 5.67 -56.18 38.36
N ILE E 155 6.64 -56.19 37.44
CA ILE E 155 6.39 -56.32 36.01
C ILE E 155 7.40 -57.27 35.37
N VAL E 156 6.99 -57.94 34.30
CA VAL E 156 7.85 -58.76 33.47
C VAL E 156 7.80 -58.19 32.06
N PHE E 157 8.95 -57.85 31.46
CA PHE E 157 9.02 -57.44 30.07
C PHE E 157 9.42 -58.74 29.37
N ALA E 158 8.45 -59.45 28.79
CA ALA E 158 8.72 -60.73 28.15
C ALA E 158 9.33 -60.59 26.76
N SER E 159 10.59 -60.99 26.60
CA SER E 159 11.29 -60.87 25.33
C SER E 159 10.77 -61.80 24.25
N PHE E 160 10.85 -61.33 23.00
CA PHE E 160 10.49 -62.04 21.77
C PHE E 160 9.15 -62.75 21.82
N VAL E 161 8.09 -62.03 22.22
CA VAL E 161 6.75 -62.61 22.22
C VAL E 161 6.28 -62.67 20.77
N ARG E 162 5.96 -63.87 20.28
CA ARG E 162 5.54 -64.09 18.90
C ARG E 162 4.07 -64.50 18.75
N LYS E 163 3.42 -64.93 19.83
CA LYS E 163 2.04 -65.40 19.79
C LYS E 163 1.44 -65.44 21.20
N ALA E 164 0.12 -65.61 21.30
CA ALA E 164 -0.57 -65.66 22.59
C ALA E 164 -0.06 -66.79 23.51
N SER E 165 0.33 -67.96 22.95
CA SER E 165 0.83 -69.07 23.79
C SER E 165 2.13 -68.74 24.51
N ASP E 166 2.94 -67.81 23.95
CA ASP E 166 4.16 -67.36 24.60
C ASP E 166 3.81 -66.63 25.91
N VAL E 167 2.75 -65.81 25.89
CA VAL E 167 2.31 -65.06 27.06
C VAL E 167 1.76 -66.03 28.10
N ALA E 168 1.00 -67.03 27.68
CA ALA E 168 0.46 -68.04 28.59
C ALA E 168 1.58 -68.81 29.28
N ALA E 169 2.68 -69.09 28.55
CA ALA E 169 3.84 -69.78 29.12
C ALA E 169 4.53 -68.93 30.18
N VAL E 170 4.67 -67.61 29.92
CA VAL E 170 5.27 -66.70 30.91
C VAL E 170 4.40 -66.63 32.16
N ARG E 171 3.07 -66.59 31.96
CA ARG E 171 2.09 -66.53 33.04
C ARG E 171 2.16 -67.81 33.87
N ALA E 172 2.25 -68.97 33.22
CA ALA E 172 2.34 -70.26 33.89
C ALA E 172 3.62 -70.38 34.70
N ALA E 173 4.76 -69.91 34.15
CA ALA E 173 6.04 -69.94 34.86
C ALA E 173 6.07 -69.03 36.10
N LEU E 174 5.20 -68.01 36.14
CA LEU E 174 5.11 -67.14 37.32
C LEU E 174 4.36 -67.87 38.48
N GLY E 175 3.54 -68.87 38.14
CA GLY E 175 2.82 -69.69 39.11
C GLY E 175 1.70 -68.99 39.84
N PRO E 176 1.16 -69.66 40.87
CA PRO E 176 0.05 -69.06 41.64
C PRO E 176 0.42 -67.84 42.46
N GLU E 177 1.70 -67.73 42.88
CA GLU E 177 2.14 -66.59 43.67
C GLU E 177 2.42 -65.33 42.82
N GLY E 178 2.66 -65.50 41.53
CA GLY E 178 2.94 -64.36 40.65
C GLY E 178 1.77 -63.95 39.79
N HIS E 179 0.55 -64.19 40.27
CA HIS E 179 -0.66 -63.84 39.52
C HIS E 179 -0.84 -62.31 39.38
N GLY E 180 -0.31 -61.54 40.34
CA GLY E 180 -0.43 -60.09 40.35
C GLY E 180 0.61 -59.33 39.53
N ILE E 181 1.64 -60.04 39.04
CA ILE E 181 2.69 -59.43 38.25
C ILE E 181 2.17 -59.07 36.85
N LYS E 182 2.48 -57.86 36.36
CA LYS E 182 2.03 -57.43 35.04
C LYS E 182 2.94 -57.98 33.96
N ILE E 183 2.37 -58.53 32.89
CA ILE E 183 3.16 -59.03 31.78
C ILE E 183 3.09 -58.05 30.61
N ILE E 184 4.22 -57.45 30.28
CA ILE E 184 4.33 -56.53 29.15
C ILE E 184 5.05 -57.31 28.05
N SER E 185 4.36 -57.63 26.95
CA SER E 185 4.97 -58.39 25.87
C SER E 185 5.83 -57.51 24.97
N LYS E 186 7.09 -57.91 24.78
CA LYS E 186 7.99 -57.19 23.90
C LYS E 186 7.81 -57.69 22.48
N ILE E 187 7.46 -56.78 21.55
CA ILE E 187 7.31 -57.16 20.14
C ILE E 187 8.64 -56.83 19.48
N GLU E 188 9.36 -57.85 19.01
CA GLU E 188 10.71 -57.65 18.47
C GLU E 188 10.94 -58.23 17.10
N ASN E 189 9.91 -58.79 16.45
CA ASN E 189 10.09 -59.38 15.12
C ASN E 189 8.83 -59.32 14.27
N HIS E 190 8.91 -59.74 13.01
CA HIS E 190 7.77 -59.72 12.10
C HIS E 190 6.57 -60.51 12.61
N GLU E 191 6.79 -61.70 13.18
CA GLU E 191 5.70 -62.53 13.68
C GLU E 191 4.94 -61.85 14.82
N GLY E 192 5.65 -61.22 15.75
CA GLY E 192 5.04 -60.47 16.84
C GLY E 192 4.17 -59.34 16.33
N VAL E 193 4.63 -58.65 15.27
CA VAL E 193 3.86 -57.57 14.66
C VAL E 193 2.61 -58.12 13.97
N LYS E 194 2.75 -59.21 13.19
CA LYS E 194 1.61 -59.81 12.50
C LYS E 194 0.57 -60.43 13.44
N ARG E 195 1.03 -61.01 14.54
CA ARG E 195 0.13 -61.58 15.54
C ARG E 195 -0.12 -60.64 16.72
N PHE E 196 0.10 -59.33 16.53
CA PHE E 196 -0.06 -58.30 17.57
C PHE E 196 -1.40 -58.37 18.31
N ASP E 197 -2.51 -58.42 17.60
CA ASP E 197 -3.84 -58.42 18.23
C ASP E 197 -4.04 -59.56 19.21
N GLU E 198 -3.58 -60.77 18.87
CA GLU E 198 -3.73 -61.90 19.78
C GLU E 198 -2.79 -61.79 20.99
N ILE E 199 -1.64 -61.14 20.81
CA ILE E 199 -0.68 -60.94 21.89
C ILE E 199 -1.20 -59.88 22.88
N LEU E 200 -1.69 -58.75 22.37
CA LEU E 200 -2.21 -57.67 23.20
C LEU E 200 -3.44 -58.14 24.01
N GLU E 201 -4.28 -58.97 23.40
CA GLU E 201 -5.48 -59.49 24.05
C GLU E 201 -5.17 -60.22 25.35
N VAL E 202 -4.08 -61.00 25.40
CA VAL E 202 -3.71 -61.75 26.60
C VAL E 202 -2.62 -61.09 27.45
N SER E 203 -2.07 -59.95 27.01
CA SER E 203 -1.02 -59.28 27.75
C SER E 203 -1.58 -58.10 28.54
N ASP E 204 -0.84 -57.62 29.53
CA ASP E 204 -1.23 -56.41 30.27
C ASP E 204 -0.82 -55.13 29.51
N GLY E 205 0.16 -55.25 28.63
CA GLY E 205 0.69 -54.14 27.84
C GLY E 205 1.74 -54.62 26.85
N ILE E 206 2.34 -53.67 26.13
CA ILE E 206 3.29 -53.98 25.09
C ILE E 206 4.54 -53.10 25.18
N MET E 207 5.69 -53.64 24.76
CA MET E 207 6.89 -52.86 24.60
C MET E 207 7.28 -52.91 23.12
N VAL E 208 7.50 -51.74 22.51
CA VAL E 208 7.96 -51.69 21.12
C VAL E 208 9.47 -51.78 21.27
N ALA E 209 10.02 -53.01 21.19
CA ALA E 209 11.43 -53.28 21.39
C ALA E 209 12.18 -53.03 20.06
N ARG E 210 12.47 -51.76 19.80
CA ARG E 210 13.02 -51.29 18.53
C ARG E 210 14.42 -51.78 18.15
N GLY E 211 15.24 -52.17 19.13
CA GLY E 211 16.57 -52.70 18.84
C GLY E 211 16.52 -53.95 17.98
N ASP E 212 15.89 -55.03 18.50
CA ASP E 212 15.74 -56.25 17.72
C ASP E 212 14.78 -56.06 16.56
N LEU E 213 13.70 -55.30 16.77
CA LEU E 213 12.73 -55.06 15.70
C LEU E 213 13.39 -54.41 14.47
N GLY E 214 14.34 -53.52 14.69
CA GLY E 214 15.10 -52.85 13.65
C GLY E 214 16.07 -53.73 12.87
N ILE E 215 16.37 -54.92 13.40
CA ILE E 215 17.22 -55.94 12.75
C ILE E 215 16.31 -57.00 12.09
N GLU E 216 15.17 -57.33 12.74
CA GLU E 216 14.25 -58.35 12.27
C GLU E 216 13.44 -57.90 11.06
N ILE E 217 13.11 -56.60 10.98
CA ILE E 217 12.38 -56.01 9.86
C ILE E 217 13.22 -54.83 9.31
N PRO E 218 12.98 -54.33 8.07
CA PRO E 218 13.76 -53.19 7.58
C PRO E 218 13.71 -52.01 8.54
N ALA E 219 14.87 -51.38 8.78
CA ALA E 219 14.99 -50.28 9.71
C ALA E 219 14.00 -49.13 9.41
N GLU E 220 13.77 -48.88 8.12
CA GLU E 220 12.85 -47.83 7.68
C GLU E 220 11.37 -48.15 7.93
N LYS E 221 11.05 -49.34 8.44
CA LYS E 221 9.66 -49.72 8.72
C LYS E 221 9.33 -49.70 10.21
N VAL E 222 10.33 -49.63 11.09
CA VAL E 222 10.10 -49.63 12.53
C VAL E 222 9.09 -48.54 13.00
N PHE E 223 9.19 -47.32 12.46
CA PHE E 223 8.26 -46.24 12.85
C PHE E 223 6.80 -46.61 12.56
N LEU E 224 6.55 -47.41 11.50
CA LEU E 224 5.17 -47.83 11.19
C LEU E 224 4.68 -48.79 12.26
N ALA E 225 5.54 -49.74 12.67
CA ALA E 225 5.21 -50.72 13.71
C ALA E 225 5.02 -50.01 15.04
N GLN E 226 5.87 -49.02 15.36
CA GLN E 226 5.74 -48.26 16.61
C GLN E 226 4.43 -47.51 16.64
N LYS E 227 4.14 -46.74 15.59
CA LYS E 227 2.92 -45.94 15.56
C LYS E 227 1.65 -46.79 15.56
N MET E 228 1.68 -47.94 14.85
CA MET E 228 0.55 -48.87 14.82
C MET E 228 0.31 -49.48 16.21
N MET E 229 1.38 -49.98 16.85
CA MET E 229 1.25 -50.62 18.14
C MET E 229 0.82 -49.67 19.22
N ILE E 230 1.36 -48.44 19.22
CA ILE E 230 0.94 -47.43 20.19
C ILE E 230 -0.56 -47.11 20.00
N GLY E 231 -0.99 -46.93 18.75
CA GLY E 231 -2.38 -46.67 18.44
C GLY E 231 -3.31 -47.75 18.91
N ARG E 232 -2.98 -49.03 18.62
CA ARG E 232 -3.79 -50.17 19.04
C ARG E 232 -3.82 -50.32 20.56
N CYS E 233 -2.70 -50.04 21.26
CA CYS E 233 -2.68 -50.10 22.72
C CYS E 233 -3.53 -48.98 23.31
N ASN E 234 -3.46 -47.78 22.72
CA ASN E 234 -4.28 -46.66 23.19
C ASN E 234 -5.76 -46.97 23.03
N LEU E 235 -6.12 -47.61 21.91
CA LEU E 235 -7.50 -47.99 21.64
C LEU E 235 -7.95 -49.05 22.66
N ALA E 236 -7.07 -50.01 23.01
CA ALA E 236 -7.37 -51.04 23.99
C ALA E 236 -7.32 -50.54 25.46
N GLY E 237 -6.75 -49.36 25.69
CA GLY E 237 -6.59 -48.83 27.03
C GLY E 237 -5.55 -49.59 27.83
N LYS E 238 -4.53 -50.14 27.16
CA LYS E 238 -3.46 -50.93 27.79
C LYS E 238 -2.12 -50.23 27.61
N PRO E 239 -1.25 -50.28 28.63
CA PRO E 239 0.02 -49.56 28.53
C PRO E 239 0.94 -49.97 27.37
N VAL E 240 1.63 -48.98 26.79
CA VAL E 240 2.59 -49.23 25.72
C VAL E 240 3.90 -48.48 26.04
N VAL E 241 5.03 -49.18 25.89
CA VAL E 241 6.35 -48.62 26.17
C VAL E 241 7.12 -48.43 24.87
N CYS E 242 7.74 -47.25 24.68
CA CYS E 242 8.63 -47.07 23.53
C CYS E 242 10.03 -47.28 24.05
N ALA E 243 10.81 -48.15 23.38
CA ALA E 243 12.13 -48.49 23.90
C ALA E 243 13.23 -48.48 22.84
N THR E 244 14.49 -48.33 23.32
CA THR E 244 15.78 -48.52 22.66
C THR E 244 16.26 -47.38 21.76
N GLN E 245 17.48 -46.92 22.08
CA GLN E 245 18.24 -45.90 21.37
C GLN E 245 17.57 -44.54 21.34
N MET E 246 16.70 -44.25 22.31
CA MET E 246 16.01 -42.96 22.37
C MET E 246 16.98 -41.81 22.57
N LEU E 247 18.01 -42.01 23.42
CA LEU E 247 19.05 -41.01 23.69
C LEU E 247 20.43 -41.67 23.62
N GLU E 248 20.62 -42.60 22.66
CA GLU E 248 21.82 -43.40 22.49
C GLU E 248 23.13 -42.65 22.63
N SER E 249 23.29 -41.49 21.96
CA SER E 249 24.53 -40.74 22.01
C SER E 249 24.90 -40.31 23.44
N MET E 250 23.92 -40.22 24.36
CA MET E 250 24.18 -39.86 25.75
C MET E 250 24.93 -40.94 26.54
N ILE E 251 25.21 -42.10 25.93
CA ILE E 251 26.05 -43.13 26.55
C ILE E 251 27.48 -42.54 26.71
N THR E 252 27.95 -41.77 25.71
CA THR E 252 29.26 -41.13 25.76
C THR E 252 29.24 -39.59 25.80
N LYS E 253 28.14 -38.95 25.38
CA LYS E 253 28.07 -37.49 25.33
C LYS E 253 27.11 -36.90 26.34
N PRO E 254 27.40 -35.70 26.90
CA PRO E 254 26.50 -35.14 27.92
C PRO E 254 25.18 -34.57 27.39
N ARG E 255 25.11 -34.31 26.07
CA ARG E 255 23.92 -33.76 25.42
C ARG E 255 23.50 -34.67 24.28
N PRO E 256 22.19 -34.85 24.06
CA PRO E 256 21.75 -35.73 22.96
C PRO E 256 21.75 -35.05 21.58
N THR E 257 21.54 -35.83 20.52
CA THR E 257 21.46 -35.26 19.18
C THR E 257 20.04 -34.68 18.96
N ARG E 258 19.86 -33.93 17.87
CA ARG E 258 18.56 -33.35 17.52
C ARG E 258 17.55 -34.45 17.16
N ALA E 259 18.02 -35.57 16.58
CA ALA E 259 17.14 -36.69 16.26
C ALA E 259 16.66 -37.40 17.51
N GLU E 260 17.51 -37.47 18.54
CA GLU E 260 17.19 -38.12 19.81
C GLU E 260 16.12 -37.40 20.61
N THR E 261 16.22 -36.08 20.76
CA THR E 261 15.18 -35.31 21.47
C THR E 261 13.84 -35.37 20.72
N SER E 262 13.91 -35.34 19.39
CA SER E 262 12.75 -35.44 18.53
C SER E 262 12.09 -36.81 18.72
N ASP E 263 12.89 -37.89 18.83
CA ASP E 263 12.39 -39.25 19.03
C ASP E 263 11.63 -39.38 20.34
N VAL E 264 12.16 -38.79 21.42
CA VAL E 264 11.48 -38.84 22.72
C VAL E 264 10.17 -38.06 22.66
N ALA E 265 10.19 -36.85 22.08
CA ALA E 265 8.99 -36.03 21.95
C ALA E 265 7.93 -36.74 21.10
N ASN E 266 8.36 -37.36 20.00
CA ASN E 266 7.44 -38.03 19.10
C ASN E 266 6.90 -39.32 19.68
N ALA E 267 7.64 -40.02 20.57
CA ALA E 267 7.08 -41.20 21.24
C ALA E 267 5.91 -40.77 22.14
N VAL E 268 6.05 -39.63 22.81
CA VAL E 268 5.00 -39.08 23.67
C VAL E 268 3.81 -38.63 22.79
N LEU E 269 4.07 -37.87 21.72
CA LEU E 269 3.01 -37.42 20.82
C LEU E 269 2.31 -38.61 20.13
N ASP E 270 3.02 -39.73 19.89
CA ASP E 270 2.45 -40.95 19.32
C ASP E 270 1.43 -41.55 20.27
N GLY E 271 1.62 -41.41 21.59
CA GLY E 271 0.71 -41.93 22.60
C GLY E 271 1.32 -42.93 23.55
N ALA E 272 2.66 -43.02 23.61
CA ALA E 272 3.32 -43.97 24.50
C ALA E 272 3.08 -43.64 25.95
N ASP E 273 2.81 -44.68 26.75
CA ASP E 273 2.61 -44.49 28.18
C ASP E 273 3.97 -44.35 28.89
N CYS E 274 4.97 -45.10 28.42
CA CYS E 274 6.30 -45.11 29.02
C CYS E 274 7.37 -44.92 27.97
N ILE E 275 8.47 -44.31 28.36
CA ILE E 275 9.67 -44.20 27.55
C ILE E 275 10.82 -44.87 28.32
N MET E 276 11.76 -45.48 27.61
CA MET E 276 12.81 -46.25 28.26
C MET E 276 14.22 -45.80 27.91
N LEU E 277 15.15 -46.09 28.82
CA LEU E 277 16.58 -45.87 28.66
C LEU E 277 17.25 -47.23 28.90
N SER E 278 18.17 -47.63 28.02
CA SER E 278 18.88 -48.91 28.19
C SER E 278 20.34 -48.65 28.53
N GLY E 279 21.25 -48.67 27.55
CA GLY E 279 22.66 -48.39 27.75
C GLY E 279 22.90 -47.01 28.35
N GLU E 280 22.00 -46.04 28.05
CA GLU E 280 22.10 -44.67 28.57
C GLU E 280 22.18 -44.66 30.09
N THR E 281 21.47 -45.59 30.76
CA THR E 281 21.50 -45.67 32.23
C THR E 281 22.31 -46.87 32.73
N ALA E 282 22.27 -47.98 32.03
CA ALA E 282 22.93 -49.19 32.48
C ALA E 282 24.45 -49.11 32.45
N LYS E 283 25.02 -48.57 31.36
CA LYS E 283 26.46 -48.53 31.20
C LYS E 283 27.06 -47.17 30.82
N GLY E 284 26.22 -46.20 30.52
CA GLY E 284 26.66 -44.90 30.06
C GLY E 284 27.32 -44.00 31.09
N ASN E 285 28.00 -42.96 30.60
CA ASN E 285 28.69 -42.02 31.47
C ASN E 285 27.79 -40.95 32.06
N PHE E 286 26.53 -40.83 31.58
CA PHE E 286 25.59 -39.80 32.05
C PHE E 286 24.19 -40.38 32.36
N PRO E 287 24.08 -41.39 33.26
CA PRO E 287 22.75 -41.99 33.53
C PRO E 287 21.72 -41.00 34.09
N VAL E 288 22.11 -40.17 35.04
CA VAL E 288 21.20 -39.20 35.66
C VAL E 288 20.79 -38.11 34.65
N GLU E 289 21.75 -37.67 33.82
CA GLU E 289 21.48 -36.67 32.80
C GLU E 289 20.52 -37.21 31.72
N ALA E 290 20.62 -38.52 31.40
CA ALA E 290 19.73 -39.14 30.42
C ALA E 290 18.28 -39.14 30.96
N VAL E 291 18.11 -39.44 32.27
CA VAL E 291 16.80 -39.41 32.91
C VAL E 291 16.26 -37.97 32.94
N LYS E 292 17.11 -37.01 33.29
CA LYS E 292 16.72 -35.59 33.33
C LYS E 292 16.24 -35.10 31.95
N MET E 293 16.94 -35.53 30.89
CA MET E 293 16.63 -35.16 29.53
C MET E 293 15.28 -35.74 29.12
N GLN E 294 15.01 -37.04 29.40
CA GLN E 294 13.72 -37.63 29.08
C GLN E 294 12.59 -36.94 29.83
N HIS E 295 12.85 -36.54 31.08
CA HIS E 295 11.86 -35.84 31.88
C HIS E 295 11.54 -34.48 31.26
N ALA E 296 12.59 -33.71 30.90
CA ALA E 296 12.42 -32.38 30.30
C ALA E 296 11.65 -32.43 28.98
N ILE E 297 12.01 -33.39 28.09
CA ILE E 297 11.34 -33.53 26.80
C ILE E 297 9.88 -33.95 26.97
N ALA E 298 9.62 -34.97 27.80
CA ALA E 298 8.27 -35.48 28.01
C ALA E 298 7.31 -34.43 28.50
N ARG E 299 7.71 -33.56 29.45
CA ARG E 299 6.83 -32.48 29.93
C ARG E 299 6.46 -31.54 28.80
N GLU E 300 7.44 -31.19 27.94
CA GLU E 300 7.21 -30.30 26.82
C GLU E 300 6.24 -30.94 25.83
N ALA E 301 6.46 -32.24 25.51
CA ALA E 301 5.64 -32.98 24.54
C ALA E 301 4.23 -33.21 25.03
N GLU E 302 4.05 -33.49 26.33
CA GLU E 302 2.72 -33.70 26.90
C GLU E 302 1.84 -32.46 26.80
N ALA E 303 2.43 -31.27 26.99
CA ALA E 303 1.68 -30.03 26.85
C ALA E 303 1.31 -29.76 25.37
N ALA E 304 2.13 -30.24 24.42
CA ALA E 304 1.88 -30.09 22.97
C ALA E 304 0.88 -31.11 22.41
N VAL E 305 0.34 -32.02 23.24
CA VAL E 305 -0.66 -32.99 22.78
C VAL E 305 -1.96 -32.24 22.39
N TYR E 306 -2.56 -32.58 21.25
CA TYR E 306 -3.77 -31.93 20.78
C TYR E 306 -4.99 -32.67 21.38
N HIS E 307 -5.29 -32.36 22.65
CA HIS E 307 -6.36 -33.01 23.40
C HIS E 307 -7.73 -32.93 22.76
N ARG E 308 -8.04 -31.86 22.06
CA ARG E 308 -9.35 -31.71 21.41
C ARG E 308 -9.65 -32.86 20.46
N GLN E 309 -8.70 -33.23 19.62
CA GLN E 309 -8.91 -34.33 18.69
C GLN E 309 -8.67 -35.67 19.38
N LEU E 310 -7.64 -35.75 20.22
CA LEU E 310 -7.33 -36.97 20.92
C LEU E 310 -8.50 -37.48 21.78
N PHE E 311 -9.08 -36.60 22.62
CA PHE E 311 -10.21 -36.98 23.46
C PHE E 311 -11.40 -37.38 22.63
N GLU E 312 -11.72 -36.60 21.58
CA GLU E 312 -12.83 -36.89 20.68
C GLU E 312 -12.69 -38.24 20.04
N GLU E 313 -11.48 -38.58 19.60
CA GLU E 313 -11.25 -39.87 18.97
C GLU E 313 -11.26 -41.05 19.95
N LEU E 314 -10.73 -40.84 21.15
CA LEU E 314 -10.71 -41.88 22.19
C LEU E 314 -12.11 -42.17 22.66
N ARG E 315 -12.90 -41.10 22.94
CA ARG E 315 -14.30 -41.12 23.34
C ARG E 315 -15.11 -41.96 22.35
N ARG E 316 -14.95 -41.67 21.05
CA ARG E 316 -15.66 -42.23 19.91
C ARG E 316 -15.32 -43.68 19.71
N ALA E 317 -14.02 -44.01 19.78
CA ALA E 317 -13.55 -45.37 19.58
C ALA E 317 -13.85 -46.28 20.76
N ALA E 318 -13.95 -45.73 21.98
CA ALA E 318 -14.25 -46.52 23.15
C ALA E 318 -15.67 -47.02 23.11
N PRO E 319 -15.88 -48.32 23.32
CA PRO E 319 -17.24 -48.88 23.18
C PRO E 319 -18.18 -48.48 24.29
N LEU E 320 -19.48 -48.53 24.02
CA LEU E 320 -20.50 -48.26 25.03
C LEU E 320 -20.35 -49.32 26.16
N SER E 321 -20.62 -48.91 27.38
CA SER E 321 -20.41 -49.79 28.50
C SER E 321 -21.43 -49.64 29.55
N ARG E 322 -21.77 -50.75 30.19
CA ARG E 322 -22.63 -50.73 31.35
C ARG E 322 -21.88 -50.97 32.67
N ASP E 323 -20.53 -50.92 32.63
CA ASP E 323 -19.66 -51.03 33.79
C ASP E 323 -19.59 -49.64 34.44
N PRO E 324 -20.04 -49.51 35.69
CA PRO E 324 -20.03 -48.19 36.34
C PRO E 324 -18.67 -47.53 36.48
N THR E 325 -17.57 -48.31 36.55
CA THR E 325 -16.23 -47.71 36.62
C THR E 325 -15.92 -47.04 35.29
N GLU E 326 -16.20 -47.72 34.17
CA GLU E 326 -15.99 -47.22 32.82
C GLU E 326 -16.89 -45.95 32.61
N VAL E 327 -18.17 -46.02 33.03
CA VAL E 327 -19.10 -44.90 32.90
C VAL E 327 -18.65 -43.68 33.73
N THR E 328 -18.17 -43.92 34.96
CA THR E 328 -17.72 -42.84 35.83
C THR E 328 -16.44 -42.23 35.26
N ALA E 329 -15.51 -43.06 34.75
CA ALA E 329 -14.25 -42.60 34.20
C ALA E 329 -14.44 -41.58 33.07
N ILE E 330 -15.34 -41.87 32.11
CA ILE E 330 -15.53 -40.92 31.01
C ILE E 330 -16.24 -39.64 31.48
N GLY E 331 -17.16 -39.77 32.42
CA GLY E 331 -17.83 -38.61 33.02
C GLY E 331 -16.85 -37.71 33.75
N ALA E 332 -15.89 -38.34 34.49
CA ALA E 332 -14.88 -37.59 35.24
C ALA E 332 -13.88 -36.89 34.31
N VAL E 333 -13.47 -37.54 33.21
CA VAL E 333 -12.54 -36.92 32.27
C VAL E 333 -13.20 -35.75 31.54
N GLU E 334 -14.47 -35.90 31.17
CA GLU E 334 -15.25 -34.84 30.54
C GLU E 334 -15.38 -33.66 31.51
N ALA E 335 -15.73 -33.92 32.77
CA ALA E 335 -15.87 -32.89 33.80
C ALA E 335 -14.52 -32.17 34.03
N ALA E 336 -13.39 -32.93 34.04
CA ALA E 336 -12.07 -32.33 34.22
C ALA E 336 -11.75 -31.37 33.08
N PHE E 337 -12.04 -31.75 31.82
CA PHE E 337 -11.78 -30.85 30.69
C PHE E 337 -12.64 -29.60 30.73
N LYS E 338 -13.88 -29.73 31.18
CA LYS E 338 -14.83 -28.62 31.24
C LYS E 338 -14.38 -27.51 32.17
N CYS E 339 -13.72 -27.85 33.28
CA CYS E 339 -13.30 -26.84 34.26
C CYS E 339 -11.79 -26.64 34.34
N CYS E 340 -11.00 -27.31 33.47
CA CYS E 340 -9.53 -27.26 33.55
C CYS E 340 -9.10 -27.75 34.92
N ALA E 341 -9.68 -28.87 35.39
CA ALA E 341 -9.37 -29.42 36.71
C ALA E 341 -7.86 -29.67 36.85
N ALA E 342 -7.29 -29.28 38.00
CA ALA E 342 -5.86 -29.49 38.24
C ALA E 342 -5.56 -30.98 38.35
N ALA E 343 -6.51 -31.76 38.90
CA ALA E 343 -6.31 -33.18 39.08
C ALA E 343 -7.65 -33.95 39.17
N ILE E 344 -7.58 -35.26 38.95
CA ILE E 344 -8.66 -36.17 39.17
C ILE E 344 -8.09 -37.07 40.28
N ILE E 345 -8.66 -37.01 41.49
CA ILE E 345 -8.19 -37.84 42.58
C ILE E 345 -9.04 -39.11 42.61
N VAL E 346 -8.44 -40.28 42.47
CA VAL E 346 -9.17 -41.53 42.45
C VAL E 346 -8.68 -42.51 43.55
N LEU E 347 -9.60 -43.20 44.23
CA LEU E 347 -9.26 -44.23 45.19
C LEU E 347 -9.29 -45.52 44.40
N THR E 348 -8.17 -46.31 44.42
CA THR E 348 -8.10 -47.56 43.68
C THR E 348 -7.39 -48.64 44.48
N THR E 349 -7.86 -49.89 44.35
CA THR E 349 -7.25 -51.02 45.06
C THR E 349 -6.25 -51.72 44.13
N THR E 350 -6.68 -51.99 42.90
CA THR E 350 -5.85 -52.69 41.92
C THR E 350 -5.18 -51.78 40.90
N GLY E 351 -5.59 -50.51 40.84
CA GLY E 351 -5.11 -49.56 39.85
C GLY E 351 -6.10 -49.39 38.69
N ARG E 352 -7.09 -50.33 38.54
CA ARG E 352 -8.04 -50.33 37.45
C ARG E 352 -8.83 -49.02 37.28
N SER E 353 -9.34 -48.41 38.36
CA SER E 353 -10.09 -47.14 38.23
C SER E 353 -9.21 -46.04 37.65
N ALA E 354 -7.93 -46.01 38.03
CA ALA E 354 -7.00 -45.01 37.54
C ALA E 354 -6.65 -45.30 36.07
N GLN E 355 -6.52 -46.58 35.69
CA GLN E 355 -6.22 -46.98 34.33
C GLN E 355 -7.37 -46.58 33.41
N LEU E 356 -8.63 -46.76 33.86
CA LEU E 356 -9.79 -46.37 33.05
C LEU E 356 -9.89 -44.85 32.87
N LEU E 357 -9.40 -44.06 33.80
CA LEU E 357 -9.37 -42.60 33.64
C LEU E 357 -8.24 -42.24 32.63
N SER E 358 -7.08 -42.87 32.78
CA SER E 358 -5.89 -42.67 31.97
CA SER E 358 -5.91 -42.64 31.95
C SER E 358 -6.09 -42.98 30.48
N ARG E 359 -6.95 -43.95 30.15
CA ARG E 359 -7.19 -44.32 28.76
C ARG E 359 -7.83 -43.17 27.94
N TYR E 360 -8.51 -42.23 28.61
CA TYR E 360 -9.11 -41.08 27.93
C TYR E 360 -8.15 -39.90 27.82
N ARG E 361 -6.89 -40.06 28.24
CA ARG E 361 -5.83 -39.07 28.20
C ARG E 361 -6.25 -37.70 28.70
N PRO E 362 -6.74 -37.60 29.95
CA PRO E 362 -7.05 -36.29 30.49
C PRO E 362 -5.80 -35.43 30.61
N ARG E 363 -5.96 -34.12 30.50
CA ARG E 363 -4.88 -33.18 30.73
C ARG E 363 -4.66 -33.14 32.28
N ALA E 364 -5.72 -33.28 33.08
CA ALA E 364 -5.63 -33.29 34.54
C ALA E 364 -4.88 -34.54 35.01
N ALA E 365 -3.98 -34.36 35.98
CA ALA E 365 -3.20 -35.45 36.57
C ALA E 365 -4.15 -36.39 37.28
N VAL E 366 -3.95 -37.69 37.14
CA VAL E 366 -4.78 -38.66 37.85
C VAL E 366 -4.00 -39.07 39.10
N ILE E 367 -4.38 -38.52 40.25
CA ILE E 367 -3.74 -38.84 41.52
C ILE E 367 -4.42 -40.08 42.10
N ALA E 368 -3.74 -41.23 42.04
CA ALA E 368 -4.33 -42.48 42.49
C ALA E 368 -3.88 -42.80 43.92
N VAL E 369 -4.81 -42.75 44.87
CA VAL E 369 -4.52 -43.06 46.27
C VAL E 369 -4.85 -44.52 46.53
N THR E 370 -3.84 -45.32 46.86
CA THR E 370 -4.04 -46.74 47.11
C THR E 370 -3.30 -47.21 48.37
N ARG E 371 -3.81 -48.28 48.99
CA ARG E 371 -3.14 -48.94 50.11
C ARG E 371 -2.16 -50.03 49.60
N SER E 372 -2.38 -50.55 48.38
CA SER E 372 -1.56 -51.60 47.79
C SER E 372 -0.25 -51.03 47.26
N ALA E 373 0.86 -51.41 47.90
CA ALA E 373 2.18 -50.96 47.49
C ALA E 373 2.51 -51.44 46.08
N GLN E 374 2.10 -52.68 45.74
CA GLN E 374 2.34 -53.19 44.41
C GLN E 374 1.55 -52.43 43.36
N ALA E 375 0.23 -52.16 43.60
CA ALA E 375 -0.58 -51.41 42.65
C ALA E 375 -0.02 -50.01 42.46
N ALA E 376 0.49 -49.38 43.53
CA ALA E 376 1.09 -48.05 43.45
C ALA E 376 2.32 -48.09 42.53
N ARG E 377 3.10 -49.17 42.57
CA ARG E 377 4.27 -49.29 41.69
C ARG E 377 3.83 -49.57 40.25
N GLN E 378 2.88 -50.48 40.06
CA GLN E 378 2.42 -50.86 38.72
C GLN E 378 1.65 -49.81 37.93
N VAL E 379 0.96 -48.86 38.58
CA VAL E 379 0.22 -47.84 37.85
C VAL E 379 1.13 -46.82 37.13
N HIS E 380 2.45 -46.88 37.36
CA HIS E 380 3.41 -46.10 36.61
C HIS E 380 3.35 -46.50 35.11
N LEU E 381 2.83 -47.69 34.79
CA LEU E 381 2.68 -48.12 33.39
C LEU E 381 1.61 -47.29 32.66
N CYS E 382 0.66 -46.66 33.38
CA CYS E 382 -0.43 -45.87 32.80
C CYS E 382 -0.12 -44.39 32.78
N ARG E 383 -0.09 -43.79 31.58
CA ARG E 383 0.22 -42.37 31.46
C ARG E 383 -0.70 -41.47 32.28
N GLY E 384 -0.10 -40.54 33.01
CA GLY E 384 -0.82 -39.56 33.78
C GLY E 384 -1.30 -40.03 35.13
N VAL E 385 -0.90 -41.24 35.56
CA VAL E 385 -1.28 -41.73 36.88
C VAL E 385 -0.12 -41.47 37.85
N PHE E 386 -0.39 -40.69 38.91
CA PHE E 386 0.55 -40.33 39.96
C PHE E 386 0.16 -41.10 41.22
N PRO E 387 0.85 -42.23 41.48
CA PRO E 387 0.47 -43.07 42.63
C PRO E 387 0.88 -42.53 43.99
N LEU E 388 -0.03 -42.60 44.94
CA LEU E 388 0.22 -42.21 46.33
C LEU E 388 -0.05 -43.41 47.20
N LEU E 389 0.97 -43.85 47.96
CA LEU E 389 0.80 -44.99 48.84
C LEU E 389 0.29 -44.54 50.20
N TYR E 390 -0.96 -44.93 50.55
CA TYR E 390 -1.63 -44.59 51.81
C TYR E 390 -1.27 -45.65 52.86
N ARG E 391 -0.56 -45.26 53.94
CA ARG E 391 -0.10 -46.22 54.95
C ARG E 391 -0.95 -46.27 56.22
N GLU E 392 -1.88 -45.32 56.41
CA GLU E 392 -2.70 -45.27 57.62
C GLU E 392 -3.63 -46.46 57.78
N PRO E 393 -3.80 -46.91 59.04
CA PRO E 393 -4.73 -48.03 59.27
C PRO E 393 -6.18 -47.58 59.07
N PRO E 394 -7.05 -48.50 58.62
CA PRO E 394 -8.44 -48.12 58.36
C PRO E 394 -9.17 -47.48 59.53
N GLU E 395 -9.94 -46.43 59.26
CA GLU E 395 -10.84 -45.75 60.20
C GLU E 395 -12.00 -46.70 60.51
N ALA E 396 -12.66 -46.50 61.67
CA ALA E 396 -13.78 -47.34 62.08
C ALA E 396 -14.94 -47.22 61.09
N ILE E 397 -15.27 -46.00 60.69
CA ILE E 397 -16.34 -45.77 59.73
C ILE E 397 -15.72 -45.67 58.32
N TRP E 398 -16.13 -46.57 57.40
CA TRP E 398 -15.64 -46.63 56.02
C TRP E 398 -15.75 -45.28 55.28
N ALA E 399 -16.87 -44.56 55.42
CA ALA E 399 -17.04 -43.25 54.80
C ALA E 399 -15.93 -42.27 55.22
N ASP E 400 -15.56 -42.32 56.52
CA ASP E 400 -14.50 -41.46 57.06
C ASP E 400 -13.12 -41.87 56.53
N ASP E 401 -12.91 -43.19 56.33
CA ASP E 401 -11.68 -43.71 55.79
C ASP E 401 -11.53 -43.21 54.34
N VAL E 402 -12.62 -43.25 53.55
CA VAL E 402 -12.66 -42.77 52.17
C VAL E 402 -12.27 -41.30 52.14
N ASP E 403 -12.91 -40.48 52.99
CA ASP E 403 -12.62 -39.05 53.10
C ASP E 403 -11.18 -38.79 53.47
N ARG E 404 -10.61 -39.60 54.38
CA ARG E 404 -9.21 -39.43 54.76
C ARG E 404 -8.28 -39.70 53.61
N ARG E 405 -8.60 -40.70 52.78
CA ARG E 405 -7.78 -41.03 51.62
C ARG E 405 -7.83 -39.92 50.54
N VAL E 406 -8.99 -39.24 50.39
CA VAL E 406 -9.21 -38.10 49.47
C VAL E 406 -8.38 -36.92 49.98
N GLN E 407 -8.41 -36.68 51.31
CA GLN E 407 -7.63 -35.60 51.96
C GLN E 407 -6.13 -35.83 51.84
N PHE E 408 -5.68 -37.08 51.94
CA PHE E 408 -4.28 -37.43 51.73
C PHE E 408 -3.86 -37.11 50.26
N GLY E 409 -4.80 -37.32 49.32
CA GLY E 409 -4.62 -37.00 47.92
C GLY E 409 -4.47 -35.51 47.72
N ILE E 410 -5.32 -34.72 48.37
CA ILE E 410 -5.27 -33.25 48.29
C ILE E 410 -4.00 -32.70 48.95
N GLU E 411 -3.67 -33.16 50.16
CA GLU E 411 -2.49 -32.69 50.87
C GLU E 411 -1.20 -33.06 50.14
N SER E 412 -1.09 -34.28 49.59
CA SER E 412 0.11 -34.66 48.83
C SER E 412 0.20 -33.88 47.51
N GLY E 413 -0.94 -33.53 46.94
CA GLY E 413 -1.01 -32.78 45.71
C GLY E 413 -0.55 -31.35 45.93
N LYS E 414 -1.02 -30.75 47.04
CA LYS E 414 -0.62 -29.38 47.41
C LYS E 414 0.88 -29.34 47.67
N LEU E 415 1.41 -30.34 48.38
CA LEU E 415 2.81 -30.42 48.72
C LEU E 415 3.68 -30.56 47.49
N ARG E 416 3.25 -31.39 46.53
CA ARG E 416 4.03 -31.61 45.32
C ARG E 416 3.83 -30.57 44.20
N GLY E 417 2.95 -29.60 44.40
CA GLY E 417 2.71 -28.58 43.41
C GLY E 417 1.62 -28.85 42.40
N PHE E 418 0.95 -30.01 42.49
CA PHE E 418 -0.17 -30.33 41.59
C PHE E 418 -1.38 -29.43 41.86
N LEU E 419 -1.63 -29.09 43.13
CA LEU E 419 -2.82 -28.36 43.53
C LEU E 419 -2.50 -27.12 44.33
N ARG E 420 -3.40 -26.16 44.26
CA ARG E 420 -3.33 -24.96 45.06
C ARG E 420 -4.76 -24.59 45.49
N VAL E 421 -4.90 -23.73 46.49
CA VAL E 421 -6.20 -23.29 46.97
C VAL E 421 -6.92 -22.55 45.86
N GLY E 422 -8.19 -22.87 45.64
CA GLY E 422 -8.95 -22.26 44.56
C GLY E 422 -9.12 -23.17 43.36
N ASP E 423 -8.25 -24.18 43.21
CA ASP E 423 -8.33 -25.14 42.12
C ASP E 423 -9.58 -26.01 42.22
N LEU E 424 -10.03 -26.54 41.09
CA LEU E 424 -11.12 -27.50 41.07
C LEU E 424 -10.51 -28.87 40.84
N VAL E 425 -11.00 -29.88 41.53
CA VAL E 425 -10.55 -31.25 41.34
C VAL E 425 -11.79 -32.13 41.15
N ILE E 426 -11.61 -33.23 40.43
CA ILE E 426 -12.67 -34.21 40.25
C ILE E 426 -12.28 -35.37 41.16
N VAL E 427 -13.18 -35.82 42.03
CA VAL E 427 -12.89 -36.92 42.94
C VAL E 427 -13.68 -38.16 42.55
N VAL E 428 -12.99 -39.28 42.32
CA VAL E 428 -13.62 -40.53 41.91
C VAL E 428 -13.51 -41.59 42.99
N THR E 429 -14.67 -42.03 43.51
CA THR E 429 -14.76 -43.03 44.58
C THR E 429 -15.86 -44.08 44.23
N GLY E 430 -16.09 -45.03 45.14
CA GLY E 430 -17.10 -46.07 44.97
C GLY E 430 -18.14 -46.06 46.08
N TRP E 431 -19.16 -46.91 45.96
CA TRP E 431 -20.26 -46.93 46.92
C TRP E 431 -20.07 -47.92 48.09
N ARG E 432 -19.11 -48.85 47.96
CA ARG E 432 -18.82 -49.86 48.98
C ARG E 432 -17.33 -50.29 48.92
N PRO E 433 -16.78 -50.86 50.01
CA PRO E 433 -15.36 -51.28 49.97
C PRO E 433 -15.10 -52.41 48.98
N GLY E 434 -13.84 -52.58 48.62
CA GLY E 434 -13.44 -53.61 47.68
C GLY E 434 -13.35 -53.07 46.27
N SER E 435 -12.59 -53.74 45.44
CA SER E 435 -12.37 -53.44 44.03
C SER E 435 -13.63 -53.67 43.21
N GLY E 436 -13.82 -52.84 42.18
CA GLY E 436 -14.90 -53.01 41.23
C GLY E 436 -16.18 -52.23 41.46
N TYR E 437 -16.19 -51.33 42.44
CA TYR E 437 -17.41 -50.58 42.78
C TYR E 437 -17.33 -49.07 42.61
N THR E 438 -16.32 -48.56 41.86
CA THR E 438 -16.24 -47.13 41.56
C THR E 438 -17.50 -46.70 40.78
N ASN E 439 -18.18 -45.67 41.24
CA ASN E 439 -19.41 -45.19 40.57
C ASN E 439 -19.72 -43.73 40.90
N ILE E 440 -18.83 -43.00 41.59
CA ILE E 440 -19.11 -41.65 42.02
C ILE E 440 -18.07 -40.65 41.55
N MET E 441 -18.55 -39.53 41.02
CA MET E 441 -17.66 -38.45 40.60
CA MET E 441 -17.71 -38.44 40.54
C MET E 441 -18.14 -37.16 41.26
N ARG E 442 -17.22 -36.43 41.90
CA ARG E 442 -17.58 -35.20 42.60
C ARG E 442 -16.72 -34.04 42.17
N VAL E 443 -17.30 -32.84 42.04
CA VAL E 443 -16.50 -31.66 41.68
C VAL E 443 -16.22 -30.89 42.99
N LEU E 444 -14.94 -30.81 43.36
CA LEU E 444 -14.51 -30.24 44.64
C LEU E 444 -13.60 -29.05 44.48
N SER E 445 -13.84 -28.03 45.28
CA SER E 445 -13.00 -26.83 45.27
CA SER E 445 -12.99 -26.82 45.26
C SER E 445 -11.93 -26.99 46.35
N ILE E 446 -10.67 -26.75 46.01
CA ILE E 446 -9.58 -26.88 46.95
C ILE E 446 -9.56 -25.72 47.95
N SER E 447 -9.67 -26.04 49.24
CA SER E 447 -9.62 -25.04 50.30
C SER E 447 -8.28 -25.09 51.07
N ALA F 13 -18.38 -52.77 16.72
CA ALA F 13 -17.20 -52.83 17.59
C ALA F 13 -17.37 -51.88 18.79
N ASP F 14 -17.82 -50.65 18.52
CA ASP F 14 -18.09 -49.68 19.59
C ASP F 14 -19.43 -49.99 20.33
N VAL F 15 -20.26 -50.88 19.78
CA VAL F 15 -21.55 -51.24 20.34
C VAL F 15 -21.72 -52.76 20.45
N ALA F 16 -20.70 -53.58 20.14
CA ALA F 16 -20.83 -55.04 20.11
C ALA F 16 -21.14 -55.70 21.48
N GLN F 17 -20.42 -55.33 22.54
CA GLN F 17 -20.67 -55.89 23.87
C GLN F 17 -22.05 -55.43 24.37
N LEU F 18 -22.40 -54.15 24.15
CA LEU F 18 -23.69 -53.66 24.56
C LEU F 18 -24.82 -54.23 23.75
N THR F 19 -24.57 -54.61 22.47
CA THR F 19 -25.57 -55.27 21.64
C THR F 19 -25.79 -56.69 22.17
N GLN F 20 -24.73 -57.38 22.57
CA GLN F 20 -24.86 -58.73 23.13
C GLN F 20 -25.69 -58.70 24.43
N GLU F 21 -25.46 -57.66 25.26
CA GLU F 21 -26.14 -57.51 26.55
C GLU F 21 -27.58 -57.07 26.42
N LEU F 22 -27.81 -55.97 25.69
CA LEU F 22 -29.14 -55.38 25.52
C LEU F 22 -29.98 -56.02 24.43
N GLY F 23 -29.34 -56.71 23.50
CA GLY F 23 -30.04 -57.38 22.41
C GLY F 23 -30.13 -56.57 21.14
N THR F 24 -30.36 -57.25 20.00
CA THR F 24 -30.47 -56.57 18.73
C THR F 24 -31.73 -55.76 18.65
N ALA F 25 -32.84 -56.21 19.26
CA ALA F 25 -34.09 -55.45 19.23
C ALA F 25 -33.92 -54.09 19.87
N PHE F 26 -33.15 -53.99 20.98
CA PHE F 26 -32.91 -52.71 21.64
C PHE F 26 -32.26 -51.70 20.65
N PHE F 27 -31.25 -52.17 19.88
CA PHE F 27 -30.52 -51.32 18.96
C PHE F 27 -31.24 -51.08 17.62
N GLN F 28 -32.43 -51.67 17.40
CA GLN F 28 -33.22 -51.37 16.22
C GLN F 28 -34.22 -50.23 16.52
N GLN F 29 -34.66 -50.07 17.79
CA GLN F 29 -35.60 -49.06 18.23
C GLN F 29 -34.97 -47.67 18.38
N GLN F 30 -35.83 -46.64 18.58
CA GLN F 30 -35.52 -45.23 18.83
C GLN F 30 -34.42 -44.66 17.90
N GLN F 31 -34.46 -45.06 16.63
CA GLN F 31 -33.50 -44.64 15.59
C GLN F 31 -32.04 -44.81 16.00
N LEU F 32 -31.74 -45.88 16.79
CA LEU F 32 -30.37 -46.15 17.23
C LEU F 32 -29.41 -46.43 16.07
N PRO F 33 -29.77 -47.16 14.98
CA PRO F 33 -28.82 -47.27 13.86
C PRO F 33 -28.48 -45.89 13.27
N ALA F 34 -29.47 -44.99 13.13
CA ALA F 34 -29.22 -43.65 12.60
C ALA F 34 -28.40 -42.80 13.58
N ALA F 35 -28.55 -43.06 14.90
CA ALA F 35 -27.82 -42.35 15.94
C ALA F 35 -26.34 -42.71 15.96
N MET F 36 -25.99 -43.94 15.60
CA MET F 36 -24.59 -44.37 15.59
C MET F 36 -23.84 -43.96 14.31
N ALA F 37 -24.50 -43.35 13.33
CA ALA F 37 -23.86 -42.99 12.08
C ALA F 37 -22.70 -42.03 12.23
N ASP F 38 -21.71 -42.16 11.36
CA ASP F 38 -20.52 -41.34 11.44
C ASP F 38 -20.65 -39.99 10.77
N THR F 39 -21.64 -39.82 9.87
CA THR F 39 -21.92 -38.53 9.22
C THR F 39 -23.42 -38.24 9.28
N PHE F 40 -23.81 -36.99 9.11
CA PHE F 40 -25.21 -36.59 9.08
C PHE F 40 -25.91 -37.24 7.85
N LEU F 41 -25.24 -37.33 6.71
CA LEU F 41 -25.81 -37.92 5.50
C LEU F 41 -26.13 -39.39 5.74
N GLU F 42 -25.21 -40.14 6.36
CA GLU F 42 -25.45 -41.54 6.70
C GLU F 42 -26.57 -41.68 7.74
N HIS F 43 -26.67 -40.70 8.67
CA HIS F 43 -27.70 -40.65 9.69
C HIS F 43 -29.07 -40.57 9.00
N LEU F 44 -29.22 -39.68 8.00
CA LEU F 44 -30.47 -39.57 7.25
C LEU F 44 -30.79 -40.86 6.52
N CYS F 45 -29.78 -41.46 5.87
CA CYS F 45 -29.93 -42.71 5.14
C CYS F 45 -30.41 -43.86 6.01
N LEU F 46 -30.08 -43.82 7.31
CA LEU F 46 -30.42 -44.86 8.26
C LEU F 46 -31.72 -44.63 9.01
N LEU F 47 -32.42 -43.49 8.79
CA LEU F 47 -33.70 -43.25 9.46
C LEU F 47 -34.70 -44.34 9.02
N ASP F 48 -35.44 -44.94 9.95
CA ASP F 48 -36.29 -46.07 9.68
C ASP F 48 -37.71 -45.88 10.21
N ILE F 49 -38.73 -45.92 9.34
CA ILE F 49 -40.13 -45.82 9.76
C ILE F 49 -40.57 -47.01 10.65
N ASP F 50 -39.83 -48.15 10.61
CA ASP F 50 -40.13 -49.29 11.48
C ASP F 50 -39.41 -49.21 12.83
N SER F 51 -38.55 -48.20 13.04
CA SER F 51 -37.84 -48.04 14.29
C SER F 51 -38.73 -47.26 15.23
N GLU F 52 -39.37 -47.95 16.18
CA GLU F 52 -40.32 -47.34 17.09
C GLU F 52 -39.71 -46.52 18.22
N PRO F 53 -40.27 -45.32 18.49
CA PRO F 53 -39.73 -44.53 19.60
C PRO F 53 -40.02 -45.18 20.94
N VAL F 54 -39.05 -45.17 21.86
CA VAL F 54 -39.22 -45.82 23.17
C VAL F 54 -39.26 -44.79 24.27
N ALA F 55 -38.39 -43.78 24.19
CA ALA F 55 -38.31 -42.73 25.21
C ALA F 55 -39.61 -41.93 25.38
N ALA F 56 -39.79 -41.35 26.57
CA ALA F 56 -40.94 -40.47 26.83
C ALA F 56 -40.74 -39.18 26.02
N ARG F 57 -41.84 -38.54 25.61
CA ARG F 57 -41.81 -37.31 24.82
C ARG F 57 -41.25 -36.16 25.61
N SER F 58 -40.15 -35.62 25.14
CA SER F 58 -39.41 -34.59 25.82
C SER F 58 -39.72 -33.13 25.43
N THR F 59 -40.32 -32.87 24.26
CA THR F 59 -40.66 -31.50 23.86
C THR F 59 -42.02 -31.19 24.45
N SER F 60 -42.11 -30.15 25.28
CA SER F 60 -43.39 -29.80 25.90
C SER F 60 -44.38 -29.22 24.93
N ILE F 61 -45.66 -29.48 25.20
CA ILE F 61 -46.75 -29.00 24.38
C ILE F 61 -47.46 -27.90 25.15
N ILE F 62 -47.55 -26.72 24.54
CA ILE F 62 -48.28 -25.59 25.09
C ILE F 62 -49.62 -25.57 24.36
N ALA F 63 -50.73 -25.64 25.09
CA ALA F 63 -52.04 -25.60 24.47
C ALA F 63 -52.78 -24.34 24.88
N THR F 64 -53.29 -23.59 23.90
CA THR F 64 -54.03 -22.37 24.20
C THR F 64 -55.42 -22.72 24.69
N ILE F 65 -55.83 -22.14 25.83
CA ILE F 65 -57.15 -22.39 26.41
C ILE F 65 -58.19 -21.45 25.83
N GLY F 66 -59.32 -22.01 25.44
CA GLY F 66 -60.44 -21.25 24.89
C GLY F 66 -61.74 -22.03 24.99
N PRO F 67 -62.78 -21.59 24.27
CA PRO F 67 -64.07 -22.30 24.32
C PRO F 67 -64.03 -23.80 24.07
N ALA F 68 -63.12 -24.28 23.21
CA ALA F 68 -63.02 -25.71 22.90
C ALA F 68 -62.24 -26.52 23.94
N SER F 69 -61.55 -25.85 24.86
CA SER F 69 -60.68 -26.51 25.80
C SER F 69 -60.80 -25.90 27.21
N ARG F 70 -61.99 -25.47 27.61
CA ARG F 70 -62.18 -24.78 28.88
C ARG F 70 -62.81 -25.59 29.98
N SER F 71 -63.69 -26.55 29.65
CA SER F 71 -64.33 -27.35 30.67
C SER F 71 -63.32 -28.24 31.38
N VAL F 72 -63.58 -28.52 32.66
CA VAL F 72 -62.74 -29.35 33.50
C VAL F 72 -62.56 -30.76 32.91
N GLU F 73 -63.63 -31.29 32.32
CA GLU F 73 -63.57 -32.62 31.73
C GLU F 73 -62.74 -32.66 30.46
N ARG F 74 -62.82 -31.60 29.65
CA ARG F 74 -62.04 -31.49 28.42
C ARG F 74 -60.55 -31.28 28.78
N LEU F 75 -60.28 -30.48 29.80
CA LEU F 75 -58.93 -30.24 30.28
C LEU F 75 -58.26 -31.50 30.82
N LYS F 76 -59.04 -32.41 31.43
CA LYS F 76 -58.51 -33.67 31.93
C LYS F 76 -58.06 -34.52 30.75
N GLU F 77 -58.85 -34.53 29.64
CA GLU F 77 -58.50 -35.27 28.43
CA GLU F 77 -58.45 -35.31 28.48
C GLU F 77 -57.22 -34.70 27.80
N MET F 78 -57.05 -33.37 27.86
CA MET F 78 -55.88 -32.70 27.28
CA MET F 78 -55.88 -32.70 27.28
C MET F 78 -54.62 -32.95 28.09
N ILE F 79 -54.75 -33.08 29.42
CA ILE F 79 -53.62 -33.39 30.29
C ILE F 79 -53.18 -34.83 29.98
N LYS F 80 -54.14 -35.76 29.82
CA LYS F 80 -53.87 -37.15 29.47
C LYS F 80 -53.25 -37.29 28.08
N ALA F 81 -53.66 -36.44 27.13
CA ALA F 81 -53.12 -36.43 25.77
C ALA F 81 -51.66 -35.91 25.70
N GLY F 82 -51.25 -35.10 26.70
CA GLY F 82 -49.90 -34.58 26.76
C GLY F 82 -49.69 -33.10 26.97
N MET F 83 -50.74 -32.30 27.19
CA MET F 83 -50.57 -30.85 27.44
C MET F 83 -49.75 -30.61 28.68
N ASN F 84 -48.67 -29.80 28.59
CA ASN F 84 -47.80 -29.52 29.72
C ASN F 84 -47.95 -28.11 30.23
N ILE F 85 -48.31 -27.17 29.33
CA ILE F 85 -48.45 -25.75 29.64
C ILE F 85 -49.78 -25.25 29.06
N ALA F 86 -50.61 -24.58 29.87
CA ALA F 86 -51.87 -24.01 29.36
C ALA F 86 -51.61 -22.52 29.11
N ARG F 87 -51.93 -22.07 27.91
CA ARG F 87 -51.71 -20.68 27.52
C ARG F 87 -53.01 -19.89 27.58
N LEU F 88 -53.01 -18.76 28.28
CA LEU F 88 -54.18 -17.88 28.36
C LEU F 88 -53.87 -16.69 27.49
N ASN F 89 -54.61 -16.53 26.39
CA ASN F 89 -54.36 -15.42 25.47
C ASN F 89 -55.11 -14.17 25.95
N PHE F 90 -54.38 -13.22 26.54
CA PHE F 90 -55.01 -12.01 27.05
C PHE F 90 -55.35 -10.97 25.95
N SER F 91 -55.26 -11.36 24.67
CA SER F 91 -55.74 -10.52 23.59
C SER F 91 -57.28 -10.54 23.55
N HIS F 92 -57.91 -11.61 24.07
CA HIS F 92 -59.35 -11.76 24.12
C HIS F 92 -59.77 -12.16 25.55
N GLY F 93 -61.02 -11.90 25.90
CA GLY F 93 -61.56 -12.28 27.19
C GLY F 93 -61.24 -11.34 28.33
N SER F 94 -62.14 -11.32 29.30
CA SER F 94 -62.00 -10.48 30.48
C SER F 94 -61.17 -11.18 31.57
N HIS F 95 -60.84 -10.45 32.64
CA HIS F 95 -60.13 -11.03 33.79
C HIS F 95 -60.97 -12.14 34.42
N GLU F 96 -62.31 -11.98 34.45
CA GLU F 96 -63.24 -12.97 35.00
C GLU F 96 -63.19 -14.26 34.16
N TYR F 97 -63.10 -14.11 32.84
CA TYR F 97 -63.03 -15.24 31.92
C TYR F 97 -61.73 -16.03 32.15
N HIS F 98 -60.59 -15.33 32.22
CA HIS F 98 -59.30 -15.96 32.44
C HIS F 98 -59.17 -16.59 33.83
N ALA F 99 -59.74 -15.97 34.88
CA ALA F 99 -59.70 -16.55 36.22
C ALA F 99 -60.46 -17.88 36.24
N GLU F 100 -61.56 -17.97 35.51
CA GLU F 100 -62.33 -19.21 35.42
C GLU F 100 -61.55 -20.27 34.67
N SER F 101 -60.82 -19.88 33.60
CA SER F 101 -59.97 -20.79 32.83
C SER F 101 -58.88 -21.37 33.75
N ILE F 102 -58.21 -20.50 34.54
CA ILE F 102 -57.17 -20.88 35.49
C ILE F 102 -57.72 -21.86 36.54
N ALA F 103 -58.90 -21.57 37.11
CA ALA F 103 -59.50 -22.43 38.11
C ALA F 103 -59.85 -23.78 37.52
N ASN F 104 -60.35 -23.81 36.28
CA ASN F 104 -60.69 -25.07 35.61
C ASN F 104 -59.43 -25.91 35.32
N VAL F 105 -58.33 -25.24 34.93
CA VAL F 105 -57.05 -25.91 34.68
C VAL F 105 -56.57 -26.53 35.99
N ARG F 106 -56.50 -25.73 37.07
CA ARG F 106 -56.10 -26.20 38.40
C ARG F 106 -56.97 -27.34 38.93
N GLU F 107 -58.27 -27.30 38.69
CA GLU F 107 -59.16 -28.37 39.12
C GLU F 107 -58.86 -29.66 38.36
N ALA F 108 -58.66 -29.57 37.02
CA ALA F 108 -58.31 -30.73 36.20
C ALA F 108 -56.94 -31.30 36.59
N VAL F 109 -55.97 -30.42 36.87
CA VAL F 109 -54.62 -30.84 37.27
C VAL F 109 -54.64 -31.55 38.63
N GLU F 110 -55.35 -30.96 39.61
CA GLU F 110 -55.41 -31.54 40.95
C GLU F 110 -56.28 -32.79 41.05
N SER F 111 -57.09 -33.10 40.02
CA SER F 111 -57.86 -34.34 40.02
C SER F 111 -56.95 -35.60 39.94
N PHE F 112 -55.68 -35.44 39.55
CA PHE F 112 -54.72 -36.53 39.48
C PHE F 112 -53.67 -36.46 40.64
N ALA F 113 -53.87 -35.60 41.67
CA ALA F 113 -52.91 -35.48 42.77
C ALA F 113 -52.95 -36.59 43.83
N GLY F 114 -53.68 -37.65 43.55
CA GLY F 114 -53.77 -38.78 44.47
C GLY F 114 -52.47 -39.57 44.61
N SER F 115 -51.60 -39.53 43.58
CA SER F 115 -50.34 -40.28 43.62
C SER F 115 -49.26 -39.64 42.71
N PRO F 116 -47.96 -40.01 42.83
CA PRO F 116 -46.95 -39.47 41.90
C PRO F 116 -46.96 -40.19 40.53
N LEU F 117 -47.76 -41.24 40.36
CA LEU F 117 -47.84 -41.98 39.09
C LEU F 117 -48.94 -41.44 38.16
N SER F 118 -49.83 -40.58 38.67
CA SER F 118 -50.89 -39.96 37.90
C SER F 118 -50.71 -38.42 37.83
N TYR F 119 -49.96 -37.82 38.78
CA TYR F 119 -49.80 -36.38 38.85
C TYR F 119 -48.93 -35.77 37.76
N ARG F 120 -49.53 -34.91 36.94
CA ARG F 120 -48.79 -34.20 35.92
C ARG F 120 -48.84 -32.71 36.24
N PRO F 121 -47.71 -32.13 36.71
CA PRO F 121 -47.68 -30.67 36.92
C PRO F 121 -47.92 -29.93 35.60
N VAL F 122 -48.83 -28.94 35.59
CA VAL F 122 -49.14 -28.22 34.34
C VAL F 122 -48.88 -26.73 34.57
N ALA F 123 -47.95 -26.12 33.85
CA ALA F 123 -47.65 -24.70 34.02
C ALA F 123 -48.76 -23.83 33.43
N ILE F 124 -48.96 -22.63 33.98
CA ILE F 124 -49.97 -21.72 33.46
C ILE F 124 -49.24 -20.49 32.92
N ALA F 125 -49.46 -20.20 31.64
CA ALA F 125 -48.76 -19.09 30.99
C ALA F 125 -49.71 -17.99 30.56
N LEU F 126 -49.37 -16.74 30.85
CA LEU F 126 -50.20 -15.60 30.46
C LEU F 126 -49.56 -14.97 29.21
N ASP F 127 -50.29 -14.93 28.10
CA ASP F 127 -49.78 -14.33 26.88
C ASP F 127 -50.36 -12.92 26.80
N THR F 128 -49.52 -11.89 26.88
CA THR F 128 -50.00 -10.51 26.88
C THR F 128 -50.56 -10.02 25.52
N LYS F 129 -51.46 -9.01 25.56
CA LYS F 129 -52.02 -8.39 24.37
C LYS F 129 -51.15 -7.15 24.19
N GLY F 130 -49.97 -7.35 23.60
CA GLY F 130 -48.89 -6.36 23.47
C GLY F 130 -49.16 -4.86 23.45
N PRO F 131 -48.17 -4.08 22.98
CA PRO F 131 -48.38 -2.62 22.90
C PRO F 131 -49.17 -2.23 21.64
N GLY F 132 -50.14 -1.33 21.77
CA GLY F 132 -50.94 -0.91 20.62
C GLY F 132 -50.08 -0.12 19.66
N SER F 133 -50.29 1.19 19.59
CA SER F 133 -49.42 2.06 18.79
C SER F 133 -48.24 2.64 19.64
N GLY F 134 -48.30 2.44 20.96
CA GLY F 134 -47.34 2.93 21.93
C GLY F 134 -45.95 2.34 21.83
N PRO F 135 -44.97 3.11 22.35
CA PRO F 135 -43.59 2.65 22.29
C PRO F 135 -43.19 1.69 23.42
N GLY F 136 -43.91 1.72 24.55
CA GLY F 136 -43.62 0.86 25.69
C GLY F 136 -44.78 0.03 26.18
N LEU F 137 -44.70 -0.41 27.45
CA LEU F 137 -45.70 -1.26 28.09
C LEU F 137 -47.06 -0.60 28.18
N SER F 138 -48.07 -1.18 27.53
CA SER F 138 -49.42 -0.65 27.53
C SER F 138 -50.07 -0.71 28.92
N GLU F 139 -51.09 0.13 29.16
CA GLU F 139 -51.78 0.15 30.44
C GLU F 139 -52.56 -1.14 30.66
N GLN F 140 -53.10 -1.75 29.59
CA GLN F 140 -53.82 -3.02 29.72
C GLN F 140 -52.85 -4.13 30.13
N ASP F 141 -51.62 -4.13 29.56
CA ASP F 141 -50.61 -5.11 29.94
C ASP F 141 -50.22 -4.96 31.39
N VAL F 142 -50.13 -3.73 31.91
CA VAL F 142 -49.81 -3.52 33.33
C VAL F 142 -50.90 -4.16 34.23
N ARG F 143 -52.17 -4.03 33.82
CA ARG F 143 -53.28 -4.62 34.58
C ARG F 143 -53.31 -6.15 34.47
N ASP F 144 -53.06 -6.68 33.26
CA ASP F 144 -53.05 -8.11 33.01
C ASP F 144 -51.86 -8.78 33.71
N LEU F 145 -50.71 -8.12 33.74
CA LEU F 145 -49.53 -8.64 34.43
C LEU F 145 -49.75 -8.65 35.94
N ARG F 146 -50.46 -7.66 36.47
CA ARG F 146 -50.82 -7.64 37.88
C ARG F 146 -51.79 -8.78 38.20
N PHE F 147 -52.75 -9.06 37.28
CA PHE F 147 -53.70 -10.16 37.38
C PHE F 147 -52.92 -11.50 37.46
N GLY F 148 -51.91 -11.66 36.60
CA GLY F 148 -51.09 -12.85 36.54
C GLY F 148 -50.39 -13.15 37.85
N VAL F 149 -49.81 -12.12 38.47
CA VAL F 149 -49.15 -12.27 39.75
C VAL F 149 -50.17 -12.65 40.82
N GLU F 150 -51.33 -12.00 40.83
CA GLU F 150 -52.37 -12.28 41.81
C GLU F 150 -52.96 -13.68 41.66
N HIS F 151 -52.98 -14.20 40.43
CA HIS F 151 -53.50 -15.54 40.18
C HIS F 151 -52.40 -16.63 40.11
N GLY F 152 -51.17 -16.29 40.46
CA GLY F 152 -50.06 -17.23 40.52
C GLY F 152 -49.63 -17.90 39.23
N VAL F 153 -49.63 -17.14 38.09
CA VAL F 153 -49.18 -17.70 36.82
C VAL F 153 -47.69 -18.03 36.92
N ASP F 154 -47.25 -19.05 36.17
CA ASP F 154 -45.85 -19.47 36.21
C ASP F 154 -44.99 -18.76 35.18
N ILE F 155 -45.59 -18.43 34.02
CA ILE F 155 -44.88 -17.87 32.88
C ILE F 155 -45.64 -16.73 32.24
N VAL F 156 -44.91 -15.79 31.65
CA VAL F 156 -45.49 -14.72 30.86
C VAL F 156 -44.89 -14.83 29.45
N PHE F 157 -45.75 -14.88 28.43
CA PHE F 157 -45.29 -14.85 27.04
C PHE F 157 -45.49 -13.37 26.70
N ALA F 158 -44.42 -12.57 26.75
CA ALA F 158 -44.53 -11.13 26.49
C ALA F 158 -44.58 -10.81 25.01
N SER F 159 -45.73 -10.32 24.54
CA SER F 159 -45.91 -9.98 23.13
C SER F 159 -45.11 -8.79 22.66
N PHE F 160 -44.70 -8.84 21.39
CA PHE F 160 -43.96 -7.81 20.66
C PHE F 160 -42.76 -7.23 21.42
N VAL F 161 -41.86 -8.11 21.91
CA VAL F 161 -40.66 -7.63 22.56
C VAL F 161 -39.71 -7.17 21.47
N ARG F 162 -39.29 -5.89 21.54
CA ARG F 162 -38.42 -5.28 20.53
C ARG F 162 -37.02 -4.93 21.03
N LYS F 163 -36.83 -4.88 22.35
CA LYS F 163 -35.56 -4.52 22.93
C LYS F 163 -35.50 -4.96 24.41
N ALA F 164 -34.30 -4.90 25.02
CA ALA F 164 -34.13 -5.26 26.42
C ALA F 164 -35.00 -4.45 27.39
N SER F 165 -35.24 -3.15 27.12
CA SER F 165 -36.08 -2.33 28.02
C SER F 165 -37.54 -2.80 28.10
N ASP F 166 -38.02 -3.47 27.04
CA ASP F 166 -39.37 -4.04 27.05
C ASP F 166 -39.46 -5.15 28.08
N VAL F 167 -38.40 -5.98 28.19
CA VAL F 167 -38.36 -7.06 29.15
C VAL F 167 -38.28 -6.50 30.57
N ALA F 168 -37.48 -5.45 30.77
CA ALA F 168 -37.38 -4.80 32.08
C ALA F 168 -38.73 -4.21 32.51
N ALA F 169 -39.50 -3.68 31.57
CA ALA F 169 -40.82 -3.12 31.87
C ALA F 169 -41.79 -4.23 32.30
N VAL F 170 -41.75 -5.40 31.62
CA VAL F 170 -42.61 -6.53 31.99
C VAL F 170 -42.23 -7.01 33.40
N ARG F 171 -40.92 -7.09 33.68
CA ARG F 171 -40.39 -7.51 34.96
CA ARG F 171 -40.40 -7.52 34.97
C ARG F 171 -40.83 -6.55 36.07
N ALA F 172 -40.78 -5.23 35.82
CA ALA F 172 -41.19 -4.22 36.77
C ALA F 172 -42.69 -4.29 37.05
N ALA F 173 -43.50 -4.50 36.02
CA ALA F 173 -44.96 -4.60 36.21
C ALA F 173 -45.38 -5.86 36.99
N LEU F 174 -44.52 -6.89 37.04
CA LEU F 174 -44.79 -8.09 37.83
C LEU F 174 -44.56 -7.81 39.35
N GLY F 175 -43.74 -6.80 39.66
CA GLY F 175 -43.49 -6.38 41.04
C GLY F 175 -42.65 -7.33 41.86
N PRO F 176 -42.57 -7.06 43.17
CA PRO F 176 -41.76 -7.91 44.05
C PRO F 176 -42.27 -9.34 44.22
N GLU F 177 -43.60 -9.54 44.13
CA GLU F 177 -44.17 -10.89 44.29
C GLU F 177 -44.07 -11.77 43.03
N GLY F 178 -43.85 -11.14 41.87
CA GLY F 178 -43.72 -11.88 40.62
C GLY F 178 -42.29 -12.07 40.16
N HIS F 179 -41.34 -12.04 41.09
CA HIS F 179 -39.92 -12.20 40.75
C HIS F 179 -39.59 -13.62 40.25
N GLY F 180 -40.37 -14.62 40.67
CA GLY F 180 -40.18 -16.00 40.27
C GLY F 180 -40.85 -16.41 38.96
N ILE F 181 -41.69 -15.53 38.39
CA ILE F 181 -42.36 -15.80 37.12
C ILE F 181 -41.35 -15.76 35.96
N LYS F 182 -41.43 -16.74 35.05
CA LYS F 182 -40.52 -16.78 33.90
C LYS F 182 -41.01 -15.88 32.78
N ILE F 183 -40.12 -15.07 32.22
CA ILE F 183 -40.51 -14.19 31.12
C ILE F 183 -39.97 -14.77 29.81
N ILE F 184 -40.88 -15.16 28.93
CA ILE F 184 -40.53 -15.68 27.62
C ILE F 184 -40.85 -14.55 26.63
N SER F 185 -39.81 -13.96 26.02
CA SER F 185 -40.03 -12.87 25.08
C SER F 185 -40.47 -13.35 23.71
N LYS F 186 -41.61 -12.86 23.22
CA LYS F 186 -42.11 -13.21 21.91
C LYS F 186 -41.46 -12.31 20.86
N ILE F 187 -40.75 -12.89 19.88
CA ILE F 187 -40.12 -12.13 18.81
C ILE F 187 -41.09 -12.16 17.67
N GLU F 188 -41.67 -10.99 17.32
CA GLU F 188 -42.72 -10.92 16.31
C GLU F 188 -42.46 -9.92 15.19
N ASN F 189 -41.31 -9.27 15.16
CA ASN F 189 -41.03 -8.28 14.09
C ASN F 189 -39.54 -8.17 13.75
N HIS F 190 -39.20 -7.35 12.75
CA HIS F 190 -37.82 -7.15 12.34
C HIS F 190 -36.93 -6.65 13.46
N GLU F 191 -37.42 -5.68 14.27
CA GLU F 191 -36.61 -5.14 15.36
C GLU F 191 -36.26 -6.18 16.41
N GLY F 192 -37.23 -7.02 16.79
CA GLY F 192 -37.02 -8.11 17.74
C GLY F 192 -35.95 -9.07 17.26
N VAL F 193 -35.95 -9.37 15.93
CA VAL F 193 -34.95 -10.25 15.33
C VAL F 193 -33.57 -9.58 15.34
N LYS F 194 -33.50 -8.32 14.92
CA LYS F 194 -32.22 -7.59 14.90
C LYS F 194 -31.63 -7.36 16.29
N ARG F 195 -32.49 -7.09 17.26
CA ARG F 195 -32.02 -6.87 18.63
C ARG F 195 -32.14 -8.14 19.51
N PHE F 196 -32.19 -9.34 18.88
CA PHE F 196 -32.35 -10.64 19.55
C PHE F 196 -31.39 -10.88 20.69
N ASP F 197 -30.08 -10.65 20.47
CA ASP F 197 -29.08 -10.94 21.49
C ASP F 197 -29.30 -10.19 22.80
N GLU F 198 -29.69 -8.91 22.73
CA GLU F 198 -29.94 -8.15 23.93
C GLU F 198 -31.24 -8.59 24.62
N ILE F 199 -32.22 -9.08 23.85
CA ILE F 199 -33.49 -9.54 24.39
C ILE F 199 -33.29 -10.88 25.12
N LEU F 200 -32.58 -11.82 24.49
CA LEU F 200 -32.33 -13.14 25.08
C LEU F 200 -31.52 -13.01 26.37
N GLU F 201 -30.54 -12.09 26.39
CA GLU F 201 -29.70 -11.87 27.57
C GLU F 201 -30.49 -11.57 28.83
N VAL F 202 -31.57 -10.78 28.71
CA VAL F 202 -32.39 -10.42 29.88
C VAL F 202 -33.67 -11.25 30.04
N SER F 203 -33.98 -12.13 29.08
CA SER F 203 -35.19 -12.95 29.15
C SER F 203 -34.86 -14.35 29.69
N ASP F 204 -35.90 -15.07 30.14
CA ASP F 204 -35.71 -16.46 30.54
C ASP F 204 -35.73 -17.43 29.32
N GLY F 205 -36.37 -16.99 28.24
CA GLY F 205 -36.50 -17.74 27.03
C GLY F 205 -37.17 -16.93 25.93
N ILE F 206 -37.42 -17.58 24.78
CA ILE F 206 -37.96 -16.89 23.62
C ILE F 206 -39.10 -17.68 22.99
N MET F 207 -40.04 -16.97 22.37
CA MET F 207 -41.07 -17.60 21.58
C MET F 207 -40.92 -17.07 20.15
N VAL F 208 -40.82 -17.96 19.15
CA VAL F 208 -40.76 -17.57 17.76
C VAL F 208 -42.23 -17.44 17.39
N ALA F 209 -42.77 -16.21 17.48
CA ALA F 209 -44.17 -15.93 17.25
C ALA F 209 -44.39 -15.71 15.76
N ARG F 210 -44.53 -16.84 15.02
CA ARG F 210 -44.56 -16.87 13.57
C ARG F 210 -45.73 -16.17 12.89
N GLY F 211 -46.88 -16.08 13.55
CA GLY F 211 -48.03 -15.40 12.97
C GLY F 211 -47.75 -13.94 12.64
N ASP F 212 -47.41 -13.11 13.66
CA ASP F 212 -47.06 -11.72 13.41
C ASP F 212 -45.75 -11.59 12.69
N LEU F 213 -44.76 -12.44 13.02
CA LEU F 213 -43.46 -12.39 12.34
C LEU F 213 -43.60 -12.57 10.82
N GLY F 214 -44.52 -13.44 10.40
CA GLY F 214 -44.81 -13.70 9.00
C GLY F 214 -45.50 -12.57 8.26
N ILE F 215 -46.03 -11.58 8.99
CA ILE F 215 -46.65 -10.36 8.45
C ILE F 215 -45.64 -9.20 8.50
N GLU F 216 -44.81 -9.16 9.55
CA GLU F 216 -43.82 -8.12 9.77
C GLU F 216 -42.62 -8.21 8.84
N ILE F 217 -42.21 -9.44 8.52
CA ILE F 217 -41.10 -9.70 7.59
C ILE F 217 -41.64 -10.61 6.45
N PRO F 218 -40.96 -10.72 5.30
CA PRO F 218 -41.45 -11.63 4.24
C PRO F 218 -41.67 -13.04 4.73
N ALA F 219 -42.78 -13.64 4.34
CA ALA F 219 -43.16 -14.97 4.78
C ALA F 219 -42.09 -16.03 4.47
N GLU F 220 -41.38 -15.86 3.34
CA GLU F 220 -40.31 -16.79 2.95
C GLU F 220 -39.03 -16.65 3.79
N LYS F 221 -38.99 -15.71 4.72
CA LYS F 221 -37.83 -15.51 5.59
C LYS F 221 -38.06 -16.01 7.01
N VAL F 222 -39.32 -16.29 7.42
CA VAL F 222 -39.60 -16.74 8.79
C VAL F 222 -38.77 -17.95 9.21
N PHE F 223 -38.55 -18.94 8.34
CA PHE F 223 -37.76 -20.11 8.69
C PHE F 223 -36.34 -19.76 9.08
N LEU F 224 -35.77 -18.69 8.50
CA LEU F 224 -34.41 -18.28 8.82
C LEU F 224 -34.40 -17.70 10.24
N ALA F 225 -35.43 -16.90 10.59
CA ALA F 225 -35.53 -16.33 11.91
C ALA F 225 -35.77 -17.42 12.95
N GLN F 226 -36.63 -18.41 12.61
CA GLN F 226 -36.89 -19.53 13.54
C GLN F 226 -35.63 -20.34 13.79
N LYS F 227 -34.93 -20.74 12.74
CA LYS F 227 -33.73 -21.55 12.88
C LYS F 227 -32.60 -20.81 13.59
N MET F 228 -32.44 -19.52 13.33
CA MET F 228 -31.43 -18.70 13.98
C MET F 228 -31.73 -18.56 15.48
N MET F 229 -32.99 -18.22 15.83
CA MET F 229 -33.37 -18.03 17.21
C MET F 229 -33.29 -19.30 18.02
N ILE F 230 -33.71 -20.43 17.44
CA ILE F 230 -33.62 -21.72 18.13
C ILE F 230 -32.14 -22.04 18.39
N GLY F 231 -31.31 -21.87 17.38
CA GLY F 231 -29.88 -22.10 17.51
C GLY F 231 -29.23 -21.26 18.60
N ARG F 232 -29.51 -19.94 18.63
CA ARG F 232 -28.95 -19.04 19.64
C ARG F 232 -29.47 -19.37 21.02
N CYS F 233 -30.76 -19.77 21.17
CA CYS F 233 -31.31 -20.17 22.45
C CYS F 233 -30.66 -21.45 22.92
N ASN F 234 -30.44 -22.42 22.02
CA ASN F 234 -29.78 -23.68 22.38
C ASN F 234 -28.34 -23.42 22.83
N LEU F 235 -27.65 -22.52 22.16
CA LEU F 235 -26.29 -22.16 22.51
C LEU F 235 -26.26 -21.46 23.90
N ALA F 236 -27.28 -20.63 24.21
CA ALA F 236 -27.40 -19.96 25.49
C ALA F 236 -27.95 -20.88 26.62
N GLY F 237 -28.49 -22.05 26.26
CA GLY F 237 -29.09 -22.96 27.22
C GLY F 237 -30.40 -22.44 27.77
N LYS F 238 -31.15 -21.64 26.98
CA LYS F 238 -32.42 -21.04 27.43
C LYS F 238 -33.57 -21.56 26.60
N PRO F 239 -34.74 -21.78 27.22
CA PRO F 239 -35.88 -22.35 26.46
C PRO F 239 -36.37 -21.55 25.25
N VAL F 240 -36.74 -22.26 24.18
CA VAL F 240 -37.26 -21.64 22.99
C VAL F 240 -38.53 -22.38 22.57
N VAL F 241 -39.58 -21.61 22.25
CA VAL F 241 -40.89 -22.14 21.86
C VAL F 241 -41.11 -21.87 20.37
N CYS F 242 -41.56 -22.88 19.61
CA CYS F 242 -41.95 -22.65 18.23
C CYS F 242 -43.47 -22.52 18.27
N ALA F 243 -44.03 -21.46 17.66
CA ALA F 243 -45.47 -21.24 17.75
C ALA F 243 -46.12 -20.88 16.42
N THR F 244 -47.45 -21.10 16.34
CA THR F 244 -48.46 -20.64 15.37
C THR F 244 -48.55 -21.42 14.09
N GLN F 245 -49.78 -21.89 13.81
CA GLN F 245 -50.19 -22.62 12.62
C GLN F 245 -49.46 -23.94 12.41
N MET F 246 -48.95 -24.56 13.49
CA MET F 246 -48.24 -25.82 13.34
C MET F 246 -49.14 -26.94 12.81
N LEU F 247 -50.39 -26.99 13.27
CA LEU F 247 -51.38 -27.99 12.83
C LEU F 247 -52.71 -27.28 12.51
N GLU F 248 -52.64 -26.08 11.91
CA GLU F 248 -53.77 -25.21 11.60
C GLU F 248 -54.99 -25.94 11.05
N SER F 249 -54.84 -26.81 10.04
CA SER F 249 -55.97 -27.51 9.43
C SER F 249 -56.75 -28.37 10.41
N MET F 250 -56.14 -28.75 11.54
CA MET F 250 -56.82 -29.55 12.55
C MET F 250 -57.88 -28.76 13.35
N ILE F 251 -58.04 -27.44 13.04
CA ILE F 251 -59.11 -26.64 13.61
C ILE F 251 -60.46 -27.24 13.15
N THR F 252 -60.54 -27.70 11.88
CA THR F 252 -61.75 -28.28 11.32
C THR F 252 -61.60 -29.73 10.86
N LYS F 253 -60.35 -30.19 10.60
CA LYS F 253 -60.14 -31.56 10.11
C LYS F 253 -59.53 -32.48 11.15
N PRO F 254 -59.87 -33.78 11.16
CA PRO F 254 -59.33 -34.68 12.19
C PRO F 254 -57.87 -35.08 11.98
N ARG F 255 -57.35 -34.92 10.74
CA ARG F 255 -55.97 -35.25 10.41
C ARG F 255 -55.28 -33.99 9.82
N PRO F 256 -53.99 -33.79 10.11
CA PRO F 256 -53.31 -32.59 9.58
C PRO F 256 -52.81 -32.76 8.13
N THR F 257 -52.31 -31.69 7.52
CA THR F 257 -51.71 -31.79 6.19
C THR F 257 -50.25 -32.34 6.30
N ARG F 258 -49.66 -32.74 5.19
CA ARG F 258 -48.30 -33.25 5.16
C ARG F 258 -47.28 -32.18 5.53
N ALA F 259 -47.57 -30.91 5.18
CA ALA F 259 -46.72 -29.77 5.55
C ALA F 259 -46.75 -29.53 7.06
N GLU F 260 -47.92 -29.70 7.69
CA GLU F 260 -48.10 -29.50 9.13
C GLU F 260 -47.34 -30.49 9.99
N THR F 261 -47.40 -31.80 9.67
CA THR F 261 -46.63 -32.79 10.44
C THR F 261 -45.13 -32.55 10.27
N SER F 262 -44.71 -32.18 9.07
CA SER F 262 -43.33 -31.89 8.75
C SER F 262 -42.86 -30.67 9.55
N ASP F 263 -43.70 -29.65 9.70
CA ASP F 263 -43.40 -28.45 10.46
C ASP F 263 -43.12 -28.78 11.94
N VAL F 264 -43.99 -29.63 12.54
CA VAL F 264 -43.83 -30.05 13.94
C VAL F 264 -42.54 -30.82 14.10
N ALA F 265 -42.27 -31.77 13.19
CA ALA F 265 -41.06 -32.56 13.27
C ALA F 265 -39.82 -31.69 13.13
N ASN F 266 -39.84 -30.73 12.18
CA ASN F 266 -38.72 -29.86 11.91
C ASN F 266 -38.50 -28.86 13.03
N ALA F 267 -39.55 -28.42 13.75
CA ALA F 267 -39.33 -27.53 14.90
C ALA F 267 -38.54 -28.30 15.99
N VAL F 268 -38.85 -29.59 16.19
CA VAL F 268 -38.15 -30.43 17.15
C VAL F 268 -36.72 -30.66 16.67
N LEU F 269 -36.54 -31.05 15.40
CA LEU F 269 -35.18 -31.25 14.86
C LEU F 269 -34.35 -29.96 14.86
N ASP F 270 -35.01 -28.80 14.77
CA ASP F 270 -34.33 -27.50 14.84
C ASP F 270 -33.74 -27.29 16.23
N GLY F 271 -34.39 -27.84 17.27
CA GLY F 271 -33.94 -27.71 18.65
C GLY F 271 -34.91 -27.01 19.58
N ALA F 272 -36.18 -26.87 19.18
CA ALA F 272 -37.17 -26.21 20.02
C ALA F 272 -37.42 -27.00 21.30
N ASP F 273 -37.54 -26.30 22.42
CA ASP F 273 -37.86 -26.94 23.70
C ASP F 273 -39.36 -27.18 23.78
N CYS F 274 -40.18 -26.25 23.26
CA CYS F 274 -41.62 -26.35 23.30
C CYS F 274 -42.23 -26.14 21.94
N ILE F 275 -43.37 -26.76 21.71
CA ILE F 275 -44.18 -26.55 20.53
C ILE F 275 -45.57 -26.08 21.02
N MET F 276 -46.25 -25.25 20.23
CA MET F 276 -47.50 -24.67 20.65
C MET F 276 -48.68 -24.95 19.72
N LEU F 277 -49.88 -24.92 20.29
CA LEU F 277 -51.16 -25.04 19.59
C LEU F 277 -51.97 -23.80 19.98
N SER F 278 -52.58 -23.14 19.01
CA SER F 278 -53.37 -21.92 19.28
C SER F 278 -54.85 -22.24 19.00
N GLY F 279 -55.37 -21.86 17.83
CA GLY F 279 -56.73 -22.16 17.42
C GLY F 279 -57.06 -23.64 17.45
N GLU F 280 -56.04 -24.50 17.21
CA GLU F 280 -56.20 -25.96 17.21
C GLU F 280 -56.81 -26.46 18.53
N THR F 281 -56.43 -25.86 19.67
CA THR F 281 -56.98 -26.27 20.96
C THR F 281 -57.98 -25.21 21.54
N ALA F 282 -57.77 -23.90 21.26
CA ALA F 282 -58.63 -22.86 21.79
C ALA F 282 -60.03 -22.86 21.20
N LYS F 283 -60.17 -23.02 19.88
CA LYS F 283 -61.47 -22.94 19.23
C LYS F 283 -61.86 -24.08 18.29
N GLY F 284 -60.93 -24.94 17.93
CA GLY F 284 -61.21 -25.98 16.94
C GLY F 284 -62.07 -27.12 17.40
N ASN F 285 -62.39 -28.04 16.49
CA ASN F 285 -63.22 -29.20 16.77
C ASN F 285 -62.47 -30.43 17.26
N PHE F 286 -61.11 -30.40 17.23
CA PHE F 286 -60.33 -31.55 17.66
C PHE F 286 -59.18 -31.13 18.59
N PRO F 287 -59.46 -30.42 19.71
CA PRO F 287 -58.35 -29.98 20.59
C PRO F 287 -57.49 -31.11 21.16
N VAL F 288 -58.13 -32.21 21.60
CA VAL F 288 -57.45 -33.36 22.16
C VAL F 288 -56.65 -34.08 21.08
N GLU F 289 -57.21 -34.22 19.88
CA GLU F 289 -56.53 -34.88 18.76
C GLU F 289 -55.32 -34.06 18.28
N ALA F 290 -55.39 -32.72 18.38
CA ALA F 290 -54.26 -31.85 18.01
C ALA F 290 -53.11 -32.08 18.99
N VAL F 291 -53.41 -32.18 20.29
CA VAL F 291 -52.41 -32.47 21.32
C VAL F 291 -51.81 -33.88 21.08
N LYS F 292 -52.66 -34.88 20.82
CA LYS F 292 -52.18 -36.23 20.56
C LYS F 292 -51.26 -36.29 19.33
N MET F 293 -51.58 -35.51 18.28
CA MET F 293 -50.78 -35.45 17.07
C MET F 293 -49.42 -34.80 17.32
N GLN F 294 -49.37 -33.68 18.08
CA GLN F 294 -48.08 -33.07 18.41
C GLN F 294 -47.23 -34.02 19.26
N HIS F 295 -47.89 -34.77 20.17
CA HIS F 295 -47.20 -35.75 21.00
C HIS F 295 -46.58 -36.84 20.12
N ALA F 296 -47.37 -37.40 19.20
CA ALA F 296 -46.91 -38.46 18.32
C ALA F 296 -45.75 -38.02 17.44
N ILE F 297 -45.82 -36.81 16.85
CA ILE F 297 -44.77 -36.32 15.97
C ILE F 297 -43.51 -36.03 16.76
N ALA F 298 -43.64 -35.33 17.91
CA ALA F 298 -42.48 -35.00 18.73
C ALA F 298 -41.69 -36.22 19.17
N ARG F 299 -42.35 -37.33 19.57
CA ARG F 299 -41.61 -38.55 19.97
C ARG F 299 -40.80 -39.10 18.79
N GLU F 300 -41.40 -39.11 17.59
CA GLU F 300 -40.72 -39.58 16.40
C GLU F 300 -39.52 -38.69 16.07
N ALA F 301 -39.70 -37.37 16.15
CA ALA F 301 -38.66 -36.41 15.83
C ALA F 301 -37.52 -36.40 16.83
N GLU F 302 -37.82 -36.56 18.12
CA GLU F 302 -36.79 -36.61 19.14
C GLU F 302 -35.86 -37.80 18.97
N ALA F 303 -36.42 -38.95 18.54
CA ALA F 303 -35.58 -40.13 18.30
C ALA F 303 -34.68 -39.91 17.06
N ALA F 304 -35.15 -39.11 16.08
CA ALA F 304 -34.40 -38.80 14.84
C ALA F 304 -33.33 -37.73 15.01
N VAL F 305 -33.18 -37.15 16.20
CA VAL F 305 -32.16 -36.14 16.45
C VAL F 305 -30.75 -36.79 16.32
N TYR F 306 -29.82 -36.13 15.63
CA TYR F 306 -28.47 -36.67 15.45
C TYR F 306 -27.60 -36.26 16.65
N HIS F 307 -27.76 -36.95 17.79
CA HIS F 307 -27.08 -36.62 19.04
C HIS F 307 -25.58 -36.58 18.95
N ARG F 308 -24.97 -37.42 18.10
CA ARG F 308 -23.52 -37.45 17.95
C ARG F 308 -22.95 -36.08 17.60
N GLN F 309 -23.55 -35.40 16.61
CA GLN F 309 -23.07 -34.09 16.22
C GLN F 309 -23.61 -33.03 17.16
N LEU F 310 -24.87 -33.14 17.55
CA LEU F 310 -25.48 -32.17 18.45
C LEU F 310 -24.71 -32.03 19.78
N PHE F 311 -24.38 -33.16 20.44
CA PHE F 311 -23.63 -33.13 21.70
C PHE F 311 -22.23 -32.57 21.49
N GLU F 312 -21.54 -33.02 20.44
CA GLU F 312 -20.19 -32.55 20.12
C GLU F 312 -20.18 -31.03 19.88
N GLU F 313 -21.19 -30.50 19.19
CA GLU F 313 -21.26 -29.09 18.92
C GLU F 313 -21.63 -28.29 20.15
N LEU F 314 -22.55 -28.79 20.98
CA LEU F 314 -22.97 -28.11 22.22
C LEU F 314 -21.78 -28.04 23.16
N ARG F 315 -21.03 -29.16 23.29
CA ARG F 315 -19.82 -29.20 24.12
C ARG F 315 -18.72 -28.25 23.55
N ARG F 316 -18.40 -28.29 22.24
CA ARG F 316 -17.38 -27.41 21.66
C ARG F 316 -17.76 -25.93 21.81
N ALA F 317 -19.04 -25.58 21.64
CA ALA F 317 -19.49 -24.20 21.70
C ALA F 317 -19.65 -23.69 23.13
N ALA F 318 -19.95 -24.58 24.09
CA ALA F 318 -20.14 -24.15 25.47
C ALA F 318 -18.79 -23.77 26.06
N PRO F 319 -18.72 -22.59 26.70
CA PRO F 319 -17.42 -22.15 27.25
C PRO F 319 -17.01 -22.98 28.46
N LEU F 320 -15.70 -22.97 28.78
CA LEU F 320 -15.19 -23.63 29.97
C LEU F 320 -15.88 -23.03 31.20
N SER F 321 -16.15 -23.87 32.21
CA SER F 321 -16.86 -23.36 33.38
C SER F 321 -16.26 -23.82 34.65
N ARG F 322 -16.27 -22.95 35.66
CA ARG F 322 -15.85 -23.33 36.99
C ARG F 322 -17.02 -23.50 37.96
N ASP F 323 -18.26 -23.49 37.44
CA ASP F 323 -19.48 -23.69 38.21
C ASP F 323 -19.67 -25.20 38.33
N PRO F 324 -19.66 -25.73 39.57
CA PRO F 324 -19.81 -27.17 39.75
C PRO F 324 -21.09 -27.77 39.21
N THR F 325 -22.20 -27.02 39.14
CA THR F 325 -23.45 -27.53 38.59
C THR F 325 -23.26 -27.77 37.09
N GLU F 326 -22.64 -26.81 36.40
CA GLU F 326 -22.36 -26.88 34.98
C GLU F 326 -21.38 -28.04 34.71
N VAL F 327 -20.32 -28.16 35.51
CA VAL F 327 -19.33 -29.22 35.37
C VAL F 327 -19.96 -30.62 35.61
N THR F 328 -20.85 -30.74 36.60
CA THR F 328 -21.51 -32.01 36.91
C THR F 328 -22.47 -32.36 35.79
N ALA F 329 -23.21 -31.38 35.28
CA ALA F 329 -24.18 -31.58 34.20
C ALA F 329 -23.55 -32.20 32.94
N ILE F 330 -22.40 -31.68 32.49
CA ILE F 330 -21.76 -32.23 31.29
C ILE F 330 -21.19 -33.64 31.56
N GLY F 331 -20.67 -33.87 32.76
CA GLY F 331 -20.18 -35.18 33.15
C GLY F 331 -21.29 -36.21 33.18
N ALA F 332 -22.47 -35.82 33.71
CA ALA F 332 -23.63 -36.68 33.79
C ALA F 332 -24.21 -37.01 32.41
N VAL F 333 -24.23 -36.04 31.49
CA VAL F 333 -24.74 -36.28 30.15
C VAL F 333 -23.79 -37.23 29.39
N GLU F 334 -22.50 -37.04 29.55
CA GLU F 334 -21.48 -37.89 28.93
CA GLU F 334 -21.49 -37.90 28.93
C GLU F 334 -21.63 -39.33 29.45
N ALA F 335 -21.78 -39.50 30.79
CA ALA F 335 -21.97 -40.80 31.42
C ALA F 335 -23.26 -41.45 30.91
N ALA F 336 -24.35 -40.68 30.77
CA ALA F 336 -25.61 -41.23 30.26
C ALA F 336 -25.46 -41.76 28.83
N PHE F 337 -24.75 -41.03 27.94
CA PHE F 337 -24.55 -41.50 26.57
C PHE F 337 -23.70 -42.77 26.55
N LYS F 338 -22.68 -42.85 27.39
CA LYS F 338 -21.76 -43.98 27.47
C LYS F 338 -22.44 -45.31 27.78
N CYS F 339 -23.47 -45.30 28.62
CA CYS F 339 -24.18 -46.54 28.99
C CYS F 339 -25.60 -46.65 28.48
N CYS F 340 -26.08 -45.68 27.65
CA CYS F 340 -27.47 -45.63 27.17
C CYS F 340 -28.40 -45.56 28.38
N ALA F 341 -28.07 -44.69 29.38
CA ALA F 341 -28.87 -44.57 30.60
C ALA F 341 -30.32 -44.27 30.30
N ALA F 342 -31.22 -44.93 31.00
CA ALA F 342 -32.64 -44.73 30.80
C ALA F 342 -33.06 -43.32 31.31
N ALA F 343 -32.39 -42.82 32.37
CA ALA F 343 -32.73 -41.53 32.92
C ALA F 343 -31.56 -40.90 33.68
N ILE F 344 -31.63 -39.59 33.88
CA ILE F 344 -30.74 -38.84 34.72
C ILE F 344 -31.68 -38.29 35.79
N ILE F 345 -31.54 -38.74 37.06
CA ILE F 345 -32.42 -38.26 38.13
C ILE F 345 -31.70 -37.12 38.82
N VAL F 346 -32.30 -35.94 38.88
CA VAL F 346 -31.65 -34.78 39.48
C VAL F 346 -32.52 -34.16 40.57
N LEU F 347 -31.88 -33.69 41.63
CA LEU F 347 -32.58 -33.03 42.73
C LEU F 347 -32.44 -31.55 42.46
N THR F 348 -33.57 -30.81 42.41
CA THR F 348 -33.48 -29.39 42.14
C THR F 348 -34.47 -28.57 42.95
N THR F 349 -34.06 -27.37 43.34
CA THR F 349 -34.95 -26.47 44.09
C THR F 349 -35.60 -25.47 43.11
N THR F 350 -34.79 -24.86 42.27
CA THR F 350 -35.26 -23.87 41.32
C THR F 350 -35.47 -24.39 39.89
N GLY F 351 -34.98 -25.60 39.61
CA GLY F 351 -35.04 -26.17 38.27
C GLY F 351 -33.71 -26.03 37.54
N ARG F 352 -32.81 -25.15 38.03
CA ARG F 352 -31.54 -24.87 37.37
C ARG F 352 -30.65 -26.10 37.09
N SER F 353 -30.50 -27.03 38.03
CA SER F 353 -29.68 -28.22 37.79
C SER F 353 -30.27 -29.05 36.62
N ALA F 354 -31.58 -29.12 36.52
CA ALA F 354 -32.24 -29.86 35.46
C ALA F 354 -32.07 -29.12 34.11
N GLN F 355 -32.14 -27.78 34.13
CA GLN F 355 -31.95 -26.95 32.95
C GLN F 355 -30.54 -27.12 32.40
N LEU F 356 -29.53 -27.18 33.28
CA LEU F 356 -28.15 -27.36 32.83
C LEU F 356 -27.89 -28.76 32.24
N LEU F 357 -28.66 -29.77 32.66
CA LEU F 357 -28.54 -31.09 32.06
C LEU F 357 -29.20 -31.05 30.65
N SER F 358 -30.39 -30.42 30.58
CA SER F 358 -31.21 -30.25 29.39
C SER F 358 -30.47 -29.53 28.25
N ARG F 359 -29.61 -28.55 28.56
CA ARG F 359 -28.88 -27.80 27.53
C ARG F 359 -27.94 -28.67 26.71
N TYR F 360 -27.49 -29.83 27.24
CA TYR F 360 -26.63 -30.74 26.50
C TYR F 360 -27.39 -31.76 25.68
N ARG F 361 -28.72 -31.68 25.67
CA ARG F 361 -29.64 -32.51 24.95
C ARG F 361 -29.36 -34.00 25.11
N PRO F 362 -29.38 -34.52 26.35
CA PRO F 362 -29.20 -35.97 26.52
C PRO F 362 -30.36 -36.74 25.92
N ARG F 363 -30.08 -37.95 25.47
CA ARG F 363 -31.14 -38.84 25.00
C ARG F 363 -31.93 -39.34 26.24
N ALA F 364 -31.24 -39.55 27.40
CA ALA F 364 -31.84 -39.97 28.65
C ALA F 364 -32.81 -38.91 29.20
N ALA F 365 -33.97 -39.34 29.70
CA ALA F 365 -34.95 -38.45 30.31
C ALA F 365 -34.35 -37.83 31.57
N VAL F 366 -34.58 -36.53 31.80
CA VAL F 366 -34.08 -35.87 33.00
C VAL F 366 -35.25 -35.83 33.98
N ILE F 367 -35.24 -36.71 34.97
CA ILE F 367 -36.28 -36.76 35.99
C ILE F 367 -35.92 -35.78 37.11
N ALA F 368 -36.61 -34.65 37.18
CA ALA F 368 -36.29 -33.62 38.17
C ALA F 368 -37.18 -33.75 39.40
N VAL F 369 -36.57 -34.07 40.55
CA VAL F 369 -37.29 -34.22 41.81
C VAL F 369 -37.23 -32.91 42.59
N THR F 370 -38.40 -32.30 42.83
CA THR F 370 -38.44 -31.01 43.49
C THR F 370 -39.57 -30.88 44.49
N ARG F 371 -39.37 -30.07 45.52
CA ARG F 371 -40.40 -29.72 46.50
C ARG F 371 -41.21 -28.49 46.04
N SER F 372 -40.62 -27.62 45.18
CA SER F 372 -41.25 -26.43 44.66
C SER F 372 -42.26 -26.75 43.58
N ALA F 373 -43.56 -26.54 43.87
CA ALA F 373 -44.62 -26.76 42.93
C ALA F 373 -44.47 -25.84 41.70
N GLN F 374 -44.03 -24.59 41.90
CA GLN F 374 -43.81 -23.66 40.81
C GLN F 374 -42.66 -24.11 39.91
N ALA F 375 -41.51 -24.52 40.49
CA ALA F 375 -40.38 -25.00 39.70
C ALA F 375 -40.77 -26.26 38.92
N ALA F 376 -41.59 -27.13 39.51
CA ALA F 376 -42.06 -28.33 38.82
C ALA F 376 -42.88 -27.95 37.58
N ARG F 377 -43.69 -26.89 37.67
CA ARG F 377 -44.47 -26.43 36.53
C ARG F 377 -43.57 -25.74 35.49
N GLN F 378 -42.66 -24.87 35.93
CA GLN F 378 -41.79 -24.12 35.02
C GLN F 378 -40.74 -24.94 34.27
N VAL F 379 -40.26 -26.08 34.82
CA VAL F 379 -39.25 -26.87 34.11
C VAL F 379 -39.78 -27.55 32.85
N HIS F 380 -41.11 -27.49 32.61
CA HIS F 380 -41.69 -27.94 31.35
C HIS F 380 -41.12 -27.08 30.17
N LEU F 381 -40.57 -25.89 30.45
CA LEU F 381 -39.98 -25.07 29.41
C LEU F 381 -38.69 -25.70 28.86
N CYS F 382 -38.01 -26.57 29.63
CA CYS F 382 -36.75 -27.21 29.26
C CYS F 382 -36.95 -28.58 28.70
N ARG F 383 -36.51 -28.78 27.44
CA ARG F 383 -36.66 -30.07 26.78
C ARG F 383 -36.08 -31.24 27.57
N GLY F 384 -36.87 -32.29 27.69
CA GLY F 384 -36.43 -33.51 28.35
C GLY F 384 -36.50 -33.53 29.85
N VAL F 385 -37.07 -32.49 30.47
CA VAL F 385 -37.21 -32.45 31.91
C VAL F 385 -38.59 -32.93 32.31
N PHE F 386 -38.65 -34.00 33.11
CA PHE F 386 -39.87 -34.64 33.61
C PHE F 386 -39.98 -34.31 35.11
N PRO F 387 -40.80 -33.30 35.45
CA PRO F 387 -40.89 -32.89 36.86
C PRO F 387 -41.66 -33.82 37.78
N LEU F 388 -41.11 -34.11 38.95
CA LEU F 388 -41.79 -34.92 39.98
C LEU F 388 -41.93 -34.07 41.24
N LEU F 389 -43.17 -33.82 41.66
CA LEU F 389 -43.40 -33.00 42.85
C LEU F 389 -43.33 -33.87 44.12
N TYR F 390 -42.29 -33.64 44.93
CA TYR F 390 -42.05 -34.33 46.19
C TYR F 390 -42.78 -33.59 47.33
N ARG F 391 -43.74 -34.27 47.98
CA ARG F 391 -44.53 -33.62 49.02
C ARG F 391 -44.14 -34.03 50.46
N GLU F 392 -43.27 -35.03 50.64
CA GLU F 392 -42.88 -35.45 51.99
C GLU F 392 -42.10 -34.43 52.79
N PRO F 393 -42.36 -34.34 54.12
CA PRO F 393 -41.62 -33.38 54.95
C PRO F 393 -40.17 -33.80 55.13
N PRO F 394 -39.27 -32.81 55.26
CA PRO F 394 -37.85 -33.14 55.39
C PRO F 394 -37.51 -34.09 56.52
N GLU F 395 -36.62 -35.05 56.25
CA GLU F 395 -36.10 -36.01 57.22
C GLU F 395 -35.17 -35.26 58.20
N ALA F 396 -34.96 -35.82 59.41
CA ALA F 396 -34.10 -35.19 60.41
C ALA F 396 -32.66 -35.10 59.90
N ILE F 397 -32.17 -36.19 59.29
CA ILE F 397 -30.82 -36.20 58.73
C ILE F 397 -30.90 -35.84 57.24
N TRP F 398 -30.25 -34.74 56.85
CA TRP F 398 -30.29 -34.28 55.46
C TRP F 398 -29.92 -35.34 54.44
N ALA F 399 -28.83 -36.08 54.66
CA ALA F 399 -28.43 -37.15 53.75
C ALA F 399 -29.55 -38.17 53.51
N ASP F 400 -30.31 -38.51 54.56
CA ASP F 400 -31.41 -39.45 54.44
C ASP F 400 -32.53 -38.88 53.61
N ASP F 401 -32.81 -37.57 53.75
CA ASP F 401 -33.87 -36.89 53.02
C ASP F 401 -33.53 -36.90 51.50
N VAL F 402 -32.26 -36.60 51.17
CA VAL F 402 -31.67 -36.62 49.85
C VAL F 402 -31.84 -38.02 49.25
N ASP F 403 -31.45 -39.07 49.99
CA ASP F 403 -31.61 -40.43 49.52
C ASP F 403 -33.06 -40.82 49.28
N ARG F 404 -33.97 -40.35 50.14
CA ARG F 404 -35.39 -40.62 49.96
C ARG F 404 -35.91 -40.02 48.68
N ARG F 405 -35.47 -38.77 48.34
CA ARG F 405 -35.86 -38.10 47.11
C ARG F 405 -35.41 -38.87 45.87
N VAL F 406 -34.14 -39.35 45.88
CA VAL F 406 -33.57 -40.15 44.81
C VAL F 406 -34.36 -41.45 44.61
N GLN F 407 -34.69 -42.12 45.72
CA GLN F 407 -35.47 -43.35 45.70
C GLN F 407 -36.87 -43.12 45.21
N PHE F 408 -37.45 -41.95 45.54
CA PHE F 408 -38.77 -41.55 45.08
C PHE F 408 -38.75 -41.37 43.55
N GLY F 409 -37.65 -40.87 43.00
CA GLY F 409 -37.46 -40.71 41.57
C GLY F 409 -37.32 -42.05 40.88
N ILE F 410 -36.59 -43.00 41.50
CA ILE F 410 -36.43 -44.35 40.97
C ILE F 410 -37.75 -45.09 40.99
N GLU F 411 -38.47 -45.02 42.14
CA GLU F 411 -39.77 -45.69 42.24
C GLU F 411 -40.81 -45.07 41.33
N SER F 412 -40.84 -43.72 41.20
CA SER F 412 -41.77 -43.09 40.26
C SER F 412 -41.39 -43.43 38.81
N GLY F 413 -40.10 -43.49 38.51
CA GLY F 413 -39.58 -43.82 37.20
C GLY F 413 -39.93 -45.24 36.78
N LYS F 414 -39.91 -46.16 37.73
CA LYS F 414 -40.27 -47.55 37.47
C LYS F 414 -41.78 -47.65 37.23
N LEU F 415 -42.55 -46.94 38.04
CA LEU F 415 -44.00 -46.93 37.94
C LEU F 415 -44.50 -46.35 36.65
N ARG F 416 -43.88 -45.25 36.18
CA ARG F 416 -44.27 -44.58 34.94
C ARG F 416 -43.71 -45.22 33.65
N GLY F 417 -42.85 -46.23 33.77
CA GLY F 417 -42.27 -46.88 32.61
C GLY F 417 -40.96 -46.30 32.11
N PHE F 418 -40.42 -45.27 32.78
CA PHE F 418 -39.12 -44.70 32.40
C PHE F 418 -37.98 -45.67 32.72
N LEU F 419 -38.09 -46.40 33.83
CA LEU F 419 -37.04 -47.28 34.29
C LEU F 419 -37.50 -48.72 34.47
N ARG F 420 -36.58 -49.61 34.20
CA ARG F 420 -36.76 -51.04 34.26
C ARG F 420 -35.60 -51.62 35.10
N VAL F 421 -35.83 -52.77 35.79
CA VAL F 421 -34.77 -53.42 36.57
C VAL F 421 -33.65 -53.82 35.61
N GLY F 422 -32.41 -53.50 35.98
CA GLY F 422 -31.27 -53.74 35.10
C GLY F 422 -30.79 -52.48 34.39
N ASP F 423 -31.63 -51.44 34.32
CA ASP F 423 -31.23 -50.18 33.70
C ASP F 423 -30.17 -49.46 34.53
N LEU F 424 -29.40 -48.61 33.88
CA LEU F 424 -28.47 -47.75 34.59
C LEU F 424 -29.09 -46.35 34.58
N VAL F 425 -28.95 -45.65 35.69
CA VAL F 425 -29.44 -44.29 35.84
C VAL F 425 -28.27 -43.46 36.37
N ILE F 426 -28.24 -42.19 35.96
CA ILE F 426 -27.24 -41.26 36.44
C ILE F 426 -27.96 -40.40 37.47
N VAL F 427 -27.40 -40.25 38.67
CA VAL F 427 -28.06 -39.48 39.73
C VAL F 427 -27.26 -38.23 40.05
N VAL F 428 -27.89 -37.07 39.97
CA VAL F 428 -27.23 -35.79 40.20
C VAL F 428 -27.76 -35.08 41.45
N THR F 429 -26.86 -34.88 42.43
CA THR F 429 -27.19 -34.27 43.72
C THR F 429 -26.10 -33.22 44.11
N GLY F 430 -26.23 -32.59 45.30
CA GLY F 430 -25.28 -31.62 45.82
C GLY F 430 -24.69 -32.02 47.16
N TRP F 431 -23.73 -31.25 47.65
CA TRP F 431 -23.01 -31.58 48.90
C TRP F 431 -23.63 -30.94 50.17
N ARG F 432 -24.50 -29.94 50.00
CA ARG F 432 -25.17 -29.27 51.11
C ARG F 432 -26.58 -28.77 50.68
N PRO F 433 -27.52 -28.57 51.65
CA PRO F 433 -28.86 -28.09 51.27
C PRO F 433 -28.88 -26.72 50.63
N GLY F 434 -29.97 -26.38 49.96
CA GLY F 434 -30.11 -25.11 49.28
C GLY F 434 -29.67 -25.17 47.82
N SER F 435 -30.18 -24.25 47.02
CA SER F 435 -29.85 -24.12 45.60
C SER F 435 -28.40 -23.73 45.39
N GLY F 436 -27.83 -24.18 44.29
CA GLY F 436 -26.49 -23.77 43.86
C GLY F 436 -25.34 -24.66 44.26
N TYR F 437 -25.60 -25.81 44.90
CA TYR F 437 -24.51 -26.69 45.36
C TYR F 437 -24.44 -28.06 44.71
N THR F 438 -25.11 -28.27 43.53
CA THR F 438 -25.03 -29.54 42.80
C THR F 438 -23.57 -29.79 42.41
N ASN F 439 -23.01 -30.95 42.75
CA ASN F 439 -21.62 -31.26 42.42
C ASN F 439 -21.33 -32.77 42.37
N ILE F 440 -22.37 -33.61 42.47
CA ILE F 440 -22.17 -35.05 42.51
C ILE F 440 -22.93 -35.78 41.42
N MET F 441 -22.24 -36.71 40.77
CA MET F 441 -22.86 -37.56 39.77
CA MET F 441 -22.80 -37.56 39.72
C MET F 441 -22.57 -39.01 40.15
N ARG F 442 -23.61 -39.85 40.21
CA ARG F 442 -23.44 -41.26 40.58
C ARG F 442 -24.06 -42.16 39.53
N VAL F 443 -23.43 -43.30 39.27
CA VAL F 443 -23.95 -44.28 38.32
C VAL F 443 -24.61 -45.35 39.17
N LEU F 444 -25.93 -45.53 39.01
CA LEU F 444 -26.66 -46.52 39.80
CA LEU F 444 -26.67 -46.49 39.81
C LEU F 444 -27.35 -47.55 38.92
N SER F 445 -27.31 -48.80 39.36
CA SER F 445 -27.98 -49.91 38.67
C SER F 445 -29.36 -50.05 39.31
N ILE F 446 -30.41 -50.14 38.50
CA ILE F 446 -31.76 -50.25 39.02
CA ILE F 446 -31.76 -50.25 39.02
C ILE F 446 -32.08 -51.68 39.44
N SER F 447 -32.40 -51.87 40.72
CA SER F 447 -32.72 -53.18 41.26
C SER F 447 -34.21 -53.36 41.51
N ALA G 25 -5.18 -56.11 -4.53
CA ALA G 25 -3.73 -55.91 -4.36
C ALA G 25 -3.36 -54.42 -4.38
N PHE G 26 -4.00 -53.65 -5.27
CA PHE G 26 -3.78 -52.20 -5.37
C PHE G 26 -4.13 -51.51 -4.04
N PHE G 27 -5.26 -51.91 -3.43
CA PHE G 27 -5.72 -51.31 -2.18
C PHE G 27 -5.01 -51.84 -0.93
N GLN G 28 -4.07 -52.79 -1.06
CA GLN G 28 -3.31 -53.24 0.08
C GLN G 28 -1.96 -52.49 0.18
N GLN G 29 -1.43 -52.00 -0.97
CA GLN G 29 -0.18 -51.25 -1.07
C GLN G 29 -0.34 -49.77 -0.65
N GLN G 30 0.82 -49.05 -0.52
CA GLN G 30 0.98 -47.63 -0.18
C GLN G 30 0.09 -47.15 0.98
N GLN G 31 -0.09 -48.00 2.00
CA GLN G 31 -0.91 -47.74 3.19
C GLN G 31 -2.32 -47.29 2.87
N LEU G 32 -2.90 -47.81 1.76
CA LEU G 32 -4.27 -47.42 1.36
C LEU G 32 -5.33 -47.80 2.40
N PRO G 33 -5.28 -48.96 3.11
CA PRO G 33 -6.27 -49.17 4.19
C PRO G 33 -6.19 -48.09 5.27
N ALA G 34 -4.96 -47.68 5.67
CA ALA G 34 -4.78 -46.63 6.69
C ALA G 34 -5.22 -45.26 6.16
N ALA G 35 -5.09 -45.03 4.85
CA ALA G 35 -5.49 -43.79 4.20
C ALA G 35 -7.02 -43.62 4.16
N MET G 36 -7.77 -44.71 4.05
CA MET G 36 -9.23 -44.65 4.01
C MET G 36 -9.89 -44.55 5.38
N ALA G 37 -9.12 -44.61 6.48
CA ALA G 37 -9.66 -44.57 7.83
C ALA G 37 -10.43 -43.31 8.14
N ASP G 38 -11.46 -43.44 8.97
CA ASP G 38 -12.33 -42.32 9.30
C ASP G 38 -11.80 -41.43 10.42
N THR G 39 -10.84 -41.92 11.22
CA THR G 39 -10.22 -41.12 12.27
C THR G 39 -8.69 -41.31 12.21
N PHE G 40 -7.94 -40.39 12.83
CA PHE G 40 -6.50 -40.50 12.90
C PHE G 40 -6.08 -41.74 13.72
N LEU G 41 -6.80 -42.05 14.81
CA LEU G 41 -6.53 -43.20 15.66
C LEU G 41 -6.67 -44.48 14.85
N GLU G 42 -7.75 -44.61 14.04
CA GLU G 42 -7.96 -45.79 13.19
CA GLU G 42 -7.97 -45.78 13.17
C GLU G 42 -6.88 -45.86 12.11
N HIS G 43 -6.42 -44.70 11.62
CA HIS G 43 -5.38 -44.60 10.61
C HIS G 43 -4.09 -45.22 11.17
N LEU G 44 -3.72 -44.85 12.42
CA LEU G 44 -2.54 -45.44 13.05
C LEU G 44 -2.70 -46.94 13.22
N CYS G 45 -3.88 -47.38 13.70
CA CYS G 45 -4.17 -48.80 13.91
C CYS G 45 -4.05 -49.62 12.65
N LEU G 46 -4.30 -49.02 11.49
CA LEU G 46 -4.26 -49.70 10.19
C LEU G 46 -2.92 -49.62 9.47
N LEU G 47 -1.90 -48.94 10.06
CA LEU G 47 -0.58 -48.86 9.41
C LEU G 47 0.00 -50.28 9.35
N ASP G 48 0.49 -50.68 8.18
CA ASP G 48 0.96 -52.03 7.95
C ASP G 48 2.39 -52.09 7.43
N ILE G 49 3.29 -52.75 8.17
CA ILE G 49 4.69 -52.91 7.71
C ILE G 49 4.81 -53.74 6.41
N ASP G 50 3.78 -54.54 6.09
CA ASP G 50 3.76 -55.32 4.85
C ASP G 50 3.17 -54.54 3.67
N SER G 51 2.64 -53.33 3.90
CA SER G 51 2.08 -52.53 2.82
C SER G 51 3.22 -51.77 2.19
N GLU G 52 3.64 -52.21 1.01
CA GLU G 52 4.80 -51.63 0.34
C GLU G 52 4.52 -50.32 -0.35
N PRO G 53 5.45 -49.34 -0.21
CA PRO G 53 5.26 -48.07 -0.90
C PRO G 53 5.42 -48.26 -2.40
N VAL G 54 4.54 -47.65 -3.19
CA VAL G 54 4.61 -47.77 -4.64
C VAL G 54 5.05 -46.45 -5.26
N ALA G 55 4.48 -45.36 -4.78
CA ALA G 55 4.77 -44.02 -5.25
C ALA G 55 6.26 -43.66 -5.13
N ALA G 56 6.70 -42.77 -6.00
CA ALA G 56 8.06 -42.27 -5.96
C ALA G 56 8.22 -41.38 -4.73
N ARG G 57 9.46 -41.29 -4.22
CA ARG G 57 9.79 -40.51 -3.03
C ARG G 57 9.63 -39.02 -3.31
N SER G 58 8.74 -38.37 -2.59
CA SER G 58 8.39 -36.97 -2.81
C SER G 58 9.15 -35.92 -1.92
N THR G 59 9.74 -36.32 -0.81
CA THR G 59 10.50 -35.39 0.04
C THR G 59 11.91 -35.30 -0.52
N SER G 60 12.35 -34.12 -0.96
CA SER G 60 13.69 -34.00 -1.54
C SER G 60 14.78 -34.15 -0.50
N ILE G 61 15.91 -34.67 -0.94
CA ILE G 61 17.06 -34.90 -0.09
C ILE G 61 18.12 -33.88 -0.46
N ILE G 62 18.54 -33.08 0.53
CA ILE G 62 19.62 -32.13 0.34
C ILE G 62 20.87 -32.82 0.93
N ALA G 63 21.93 -32.96 0.12
CA ALA G 63 23.17 -33.55 0.63
C ALA G 63 24.29 -32.51 0.63
N THR G 64 24.97 -32.36 1.78
CA THR G 64 26.07 -31.38 1.86
C THR G 64 27.31 -31.95 1.19
N ILE G 65 27.93 -31.17 0.30
CA ILE G 65 29.12 -31.58 -0.44
C ILE G 65 30.38 -31.26 0.33
N GLY G 66 31.27 -32.24 0.44
CA GLY G 66 32.54 -32.05 1.13
C GLY G 66 33.57 -33.07 0.71
N PRO G 67 34.67 -33.24 1.50
CA PRO G 67 35.69 -34.25 1.14
C PRO G 67 35.18 -35.66 0.89
N ALA G 68 34.12 -36.11 1.60
CA ALA G 68 33.55 -37.45 1.40
C ALA G 68 32.67 -37.60 0.15
N SER G 69 32.25 -36.49 -0.43
CA SER G 69 31.27 -36.52 -1.51
C SER G 69 31.56 -35.54 -2.63
N ARG G 70 32.83 -35.32 -2.94
CA ARG G 70 33.23 -34.31 -3.92
C ARG G 70 33.62 -34.84 -5.29
N SER G 71 34.05 -36.10 -5.36
CA SER G 71 34.49 -36.65 -6.65
C SER G 71 33.30 -36.85 -7.60
N VAL G 72 33.56 -36.73 -8.92
CA VAL G 72 32.55 -36.91 -9.93
C VAL G 72 31.92 -38.28 -9.87
N GLU G 73 32.73 -39.32 -9.58
CA GLU G 73 32.22 -40.68 -9.48
C GLU G 73 31.36 -40.90 -8.24
N ARG G 74 31.75 -40.31 -7.12
CA ARG G 74 31.00 -40.40 -5.87
C ARG G 74 29.66 -39.62 -6.02
N LEU G 75 29.70 -38.45 -6.68
CA LEU G 75 28.51 -37.65 -6.94
C LEU G 75 27.51 -38.36 -7.84
N LYS G 76 28.00 -39.17 -8.80
CA LYS G 76 27.11 -39.96 -9.66
C LYS G 76 26.35 -41.00 -8.83
N GLU G 77 27.05 -41.61 -7.85
CA GLU G 77 26.42 -42.58 -6.95
C GLU G 77 25.38 -41.90 -6.07
N MET G 78 25.65 -40.66 -5.63
CA MET G 78 24.73 -39.92 -4.78
CA MET G 78 24.72 -39.93 -4.79
C MET G 78 23.47 -39.46 -5.55
N ILE G 79 23.62 -39.15 -6.84
CA ILE G 79 22.48 -38.78 -7.67
C ILE G 79 21.59 -40.00 -7.84
N LYS G 80 22.20 -41.19 -8.08
CA LYS G 80 21.49 -42.45 -8.23
C LYS G 80 20.80 -42.88 -6.92
N ALA G 81 21.43 -42.57 -5.78
CA ALA G 81 20.86 -42.88 -4.47
C ALA G 81 19.65 -41.97 -4.10
N GLY G 82 19.56 -40.80 -4.72
CA GLY G 82 18.42 -39.92 -4.48
C GLY G 82 18.69 -38.47 -4.14
N MET G 83 19.97 -38.02 -4.14
CA MET G 83 20.27 -36.61 -3.86
C MET G 83 19.59 -35.71 -4.90
N ASN G 84 18.83 -34.72 -4.43
CA ASN G 84 18.14 -33.78 -5.33
C ASN G 84 18.77 -32.40 -5.31
N ILE G 85 19.35 -32.00 -4.15
CA ILE G 85 19.95 -30.69 -3.96
C ILE G 85 21.33 -30.87 -3.35
N ALA G 86 22.35 -30.26 -3.92
CA ALA G 86 23.71 -30.31 -3.42
C ALA G 86 23.94 -29.03 -2.61
N ARG G 87 24.27 -29.15 -1.32
CA ARG G 87 24.50 -28.00 -0.46
C ARG G 87 25.99 -27.69 -0.32
N LEU G 88 26.38 -26.44 -0.58
CA LEU G 88 27.76 -26.01 -0.42
C LEU G 88 27.81 -25.17 0.86
N ASN G 89 28.51 -25.65 1.89
CA ASN G 89 28.59 -24.93 3.16
C ASN G 89 29.73 -23.91 3.10
N PHE G 90 29.37 -22.63 2.95
CA PHE G 90 30.38 -21.58 2.84
C PHE G 90 31.00 -21.18 4.19
N SER G 91 30.74 -21.95 5.25
CA SER G 91 31.42 -21.75 6.52
C SER G 91 32.89 -22.26 6.41
N HIS G 92 33.15 -23.19 5.49
CA HIS G 92 34.48 -23.76 5.28
C HIS G 92 34.79 -23.74 3.77
N GLY G 93 36.06 -23.71 3.43
CA GLY G 93 36.50 -23.77 2.05
C GLY G 93 36.52 -22.45 1.33
N SER G 94 37.42 -22.34 0.37
CA SER G 94 37.59 -21.12 -0.39
C SER G 94 36.60 -21.08 -1.59
N HIS G 95 36.56 -19.95 -2.30
CA HIS G 95 35.77 -19.82 -3.51
C HIS G 95 36.24 -20.82 -4.58
N GLU G 96 37.56 -21.05 -4.66
CA GLU G 96 38.14 -21.99 -5.60
C GLU G 96 37.69 -23.42 -5.28
N TYR G 97 37.63 -23.76 -4.00
CA TYR G 97 37.19 -25.08 -3.54
C TYR G 97 35.70 -25.29 -3.92
N HIS G 98 34.83 -24.31 -3.63
CA HIS G 98 33.41 -24.42 -3.96
C HIS G 98 33.14 -24.43 -5.46
N ALA G 99 33.91 -23.67 -6.26
CA ALA G 99 33.75 -23.69 -7.71
C ALA G 99 34.04 -25.08 -8.27
N GLU G 100 35.04 -25.77 -7.70
CA GLU G 100 35.40 -27.11 -8.11
CA GLU G 100 35.38 -27.11 -8.14
C GLU G 100 34.29 -28.10 -7.72
N SER G 101 33.70 -27.92 -6.54
CA SER G 101 32.60 -28.74 -6.06
C SER G 101 31.38 -28.60 -7.04
N ILE G 102 31.05 -27.34 -7.42
CA ILE G 102 29.99 -27.02 -8.38
C ILE G 102 30.26 -27.68 -9.74
N ALA G 103 31.50 -27.55 -10.25
CA ALA G 103 31.86 -28.15 -11.53
C ALA G 103 31.73 -29.67 -11.50
N ASN G 104 32.14 -30.30 -10.39
CA ASN G 104 32.03 -31.75 -10.24
C ASN G 104 30.58 -32.19 -10.16
N VAL G 105 29.71 -31.42 -9.46
CA VAL G 105 28.29 -31.72 -9.38
C VAL G 105 27.69 -31.63 -10.80
N ARG G 106 27.94 -30.52 -11.50
CA ARG G 106 27.44 -30.34 -12.86
C ARG G 106 27.91 -31.42 -13.81
N GLU G 107 29.16 -31.87 -13.69
CA GLU G 107 29.70 -32.94 -14.54
C GLU G 107 28.97 -34.25 -14.25
N ALA G 108 28.76 -34.58 -12.97
CA ALA G 108 28.05 -35.80 -12.60
C ALA G 108 26.58 -35.74 -13.05
N VAL G 109 25.93 -34.58 -12.90
CA VAL G 109 24.53 -34.40 -13.32
C VAL G 109 24.38 -34.53 -14.84
N GLU G 110 25.26 -33.85 -15.59
CA GLU G 110 25.20 -33.87 -17.05
C GLU G 110 25.64 -35.19 -17.68
N SER G 111 26.29 -36.08 -16.91
CA SER G 111 26.65 -37.40 -17.43
C SER G 111 25.41 -38.27 -17.75
N PHE G 112 24.23 -37.91 -17.21
CA PHE G 112 22.97 -38.63 -17.46
C PHE G 112 22.07 -37.92 -18.50
N ALA G 113 22.49 -36.75 -19.03
CA ALA G 113 21.71 -35.97 -19.99
C ALA G 113 21.49 -36.65 -21.37
N GLY G 114 22.28 -37.68 -21.66
CA GLY G 114 22.17 -38.46 -22.89
C GLY G 114 20.84 -39.19 -23.01
N SER G 115 20.19 -39.48 -21.87
CA SER G 115 18.87 -40.13 -21.82
C SER G 115 17.88 -39.11 -21.23
N PRO G 116 17.23 -38.28 -22.06
CA PRO G 116 16.33 -37.24 -21.54
C PRO G 116 15.08 -37.72 -20.80
N LEU G 117 14.58 -38.93 -21.11
CA LEU G 117 13.40 -39.45 -20.42
C LEU G 117 13.67 -39.86 -18.97
N SER G 118 14.97 -40.01 -18.58
CA SER G 118 15.33 -40.41 -17.24
C SER G 118 16.27 -39.41 -16.51
N TYR G 119 16.67 -38.29 -17.18
CA TYR G 119 17.56 -37.28 -16.61
C TYR G 119 16.97 -36.61 -15.36
N ARG G 120 17.75 -36.61 -14.28
CA ARG G 120 17.35 -35.99 -13.03
C ARG G 120 18.09 -34.67 -12.78
N PRO G 121 17.36 -33.55 -12.79
CA PRO G 121 18.01 -32.27 -12.46
C PRO G 121 18.44 -32.24 -11.00
N VAL G 122 19.55 -31.54 -10.68
CA VAL G 122 20.02 -31.44 -9.30
C VAL G 122 20.28 -29.98 -8.99
N ALA G 123 19.65 -29.44 -7.94
CA ALA G 123 19.84 -28.05 -7.59
C ALA G 123 21.16 -27.82 -6.85
N ILE G 124 21.68 -26.60 -6.88
CA ILE G 124 22.88 -26.25 -6.16
C ILE G 124 22.51 -25.15 -5.20
N ALA G 125 22.68 -25.39 -3.89
CA ALA G 125 22.33 -24.44 -2.86
C ALA G 125 23.58 -23.94 -2.16
N LEU G 126 23.66 -22.63 -1.93
CA LEU G 126 24.78 -22.03 -1.21
C LEU G 126 24.33 -21.73 0.22
N ASP G 127 24.98 -22.32 1.23
CA ASP G 127 24.64 -22.07 2.62
C ASP G 127 25.66 -21.02 3.14
N THR G 128 25.17 -19.83 3.53
CA THR G 128 26.06 -18.77 3.97
C THR G 128 26.73 -19.00 5.35
N LYS G 129 27.88 -18.35 5.56
CA LYS G 129 28.60 -18.42 6.82
C LYS G 129 27.80 -17.76 7.94
N GLY G 130 27.17 -16.63 7.65
CA GLY G 130 26.33 -15.95 8.62
C GLY G 130 26.88 -14.64 9.10
N PRO G 131 26.11 -13.96 9.96
CA PRO G 131 26.55 -12.64 10.43
C PRO G 131 27.60 -12.67 11.53
N GLY G 132 27.72 -13.79 12.24
CA GLY G 132 28.65 -13.94 13.36
C GLY G 132 28.28 -13.00 14.48
N SER G 133 29.25 -12.21 14.96
CA SER G 133 28.97 -11.20 16.00
C SER G 133 28.32 -9.91 15.43
N GLY G 134 28.37 -9.73 14.10
CA GLY G 134 27.88 -8.56 13.38
C GLY G 134 26.37 -8.37 13.42
N PRO G 135 25.95 -7.10 13.21
CA PRO G 135 24.53 -6.77 13.28
C PRO G 135 23.70 -7.09 12.02
N GLY G 136 24.37 -7.08 10.88
CA GLY G 136 23.69 -7.34 9.62
C GLY G 136 24.44 -8.30 8.71
N LEU G 137 24.28 -8.12 7.39
CA LEU G 137 24.97 -8.95 6.43
C LEU G 137 26.50 -8.73 6.49
N SER G 138 27.24 -9.79 6.79
CA SER G 138 28.69 -9.73 6.88
C SER G 138 29.34 -9.50 5.53
N GLU G 139 30.58 -9.01 5.55
CA GLU G 139 31.32 -8.73 4.31
C GLU G 139 31.63 -10.02 3.55
N GLN G 140 31.88 -11.12 4.27
CA GLN G 140 32.15 -12.40 3.64
C GLN G 140 30.90 -12.91 2.95
N ASP G 141 29.71 -12.73 3.56
CA ASP G 141 28.45 -13.12 2.95
C ASP G 141 28.19 -12.34 1.68
N VAL G 142 28.53 -11.03 1.65
CA VAL G 142 28.35 -10.25 0.43
C VAL G 142 29.20 -10.84 -0.72
N ARG G 143 30.43 -11.27 -0.39
CA ARG G 143 31.30 -11.86 -1.40
C ARG G 143 30.85 -13.26 -1.84
N ASP G 144 30.38 -14.07 -0.89
CA ASP G 144 29.91 -15.41 -1.16
C ASP G 144 28.59 -15.40 -1.96
N LEU G 145 27.66 -14.49 -1.63
CA LEU G 145 26.41 -14.33 -2.37
C LEU G 145 26.71 -13.85 -3.80
N ARG G 146 27.76 -12.99 -4.01
CA ARG G 146 28.17 -12.55 -5.35
C ARG G 146 28.74 -13.75 -6.12
N PHE G 147 29.51 -14.62 -5.43
CA PHE G 147 30.08 -15.83 -6.01
C PHE G 147 28.91 -16.74 -6.49
N GLY G 148 27.88 -16.89 -5.66
CA GLY G 148 26.72 -17.70 -5.99
C GLY G 148 26.02 -17.25 -7.25
N VAL G 149 25.81 -15.96 -7.40
CA VAL G 149 25.19 -15.40 -8.60
C VAL G 149 26.08 -15.65 -9.82
N GLU G 150 27.41 -15.43 -9.68
CA GLU G 150 28.32 -15.65 -10.79
C GLU G 150 28.45 -17.11 -11.19
N HIS G 151 28.26 -18.03 -10.24
CA HIS G 151 28.32 -19.45 -10.53
C HIS G 151 26.96 -20.11 -10.78
N GLY G 152 25.90 -19.30 -10.88
CA GLY G 152 24.56 -19.77 -11.17
C GLY G 152 23.90 -20.69 -10.15
N VAL G 153 24.08 -20.42 -8.83
CA VAL G 153 23.44 -21.25 -7.82
C VAL G 153 21.91 -21.04 -7.89
N ASP G 154 21.15 -22.05 -7.50
CA ASP G 154 19.70 -21.98 -7.58
C ASP G 154 19.07 -21.47 -6.30
N ILE G 155 19.68 -21.78 -5.16
CA ILE G 155 19.11 -21.48 -3.84
C ILE G 155 20.18 -20.96 -2.88
N VAL G 156 19.75 -20.14 -1.91
CA VAL G 156 20.61 -19.65 -0.85
C VAL G 156 19.96 -20.07 0.47
N PHE G 157 20.70 -20.76 1.33
CA PHE G 157 20.24 -21.07 2.67
C PHE G 157 20.89 -19.98 3.53
N ALA G 158 20.12 -18.92 3.85
CA ALA G 158 20.67 -17.77 4.60
C ALA G 158 20.77 -18.04 6.09
N SER G 159 22.01 -18.11 6.61
CA SER G 159 22.24 -18.43 8.03
C SER G 159 21.82 -17.31 8.95
N PHE G 160 21.36 -17.69 10.15
CA PHE G 160 20.97 -16.81 11.25
C PHE G 160 20.06 -15.66 10.85
N VAL G 161 18.95 -15.96 10.17
CA VAL G 161 17.97 -14.95 9.84
C VAL G 161 17.18 -14.65 11.12
N ARG G 162 17.19 -13.39 11.56
CA ARG G 162 16.49 -13.01 12.79
C ARG G 162 15.28 -12.12 12.57
N LYS G 163 15.19 -11.46 11.42
CA LYS G 163 14.13 -10.52 11.11
C LYS G 163 14.01 -10.32 9.60
N ALA G 164 12.92 -9.69 9.13
CA ALA G 164 12.69 -9.45 7.71
C ALA G 164 13.80 -8.67 7.04
N SER G 165 14.42 -7.69 7.75
CA SER G 165 15.51 -6.89 7.13
C SER G 165 16.74 -7.72 6.77
N ASP G 166 16.97 -8.84 7.48
CA ASP G 166 18.08 -9.73 7.16
C ASP G 166 17.85 -10.37 5.78
N VAL G 167 16.57 -10.75 5.47
CA VAL G 167 16.22 -11.34 4.17
C VAL G 167 16.34 -10.28 3.08
N ALA G 168 15.92 -9.04 3.36
CA ALA G 168 16.04 -7.95 2.39
C ALA G 168 17.50 -7.68 2.05
N ALA G 169 18.40 -7.82 3.02
CA ALA G 169 19.84 -7.63 2.79
C ALA G 169 20.37 -8.74 1.92
N VAL G 170 19.93 -9.99 2.16
CA VAL G 170 20.31 -11.14 1.31
C VAL G 170 19.81 -10.91 -0.11
N ARG G 171 18.51 -10.53 -0.27
CA ARG G 171 17.89 -10.19 -1.54
C ARG G 171 18.69 -9.14 -2.30
N ALA G 172 19.03 -8.02 -1.62
CA ALA G 172 19.79 -6.92 -2.22
C ALA G 172 21.20 -7.39 -2.63
N ALA G 173 21.82 -8.26 -1.83
CA ALA G 173 23.15 -8.78 -2.16
C ALA G 173 23.11 -9.73 -3.36
N LEU G 174 21.95 -10.35 -3.68
CA LEU G 174 21.85 -11.16 -4.90
C LEU G 174 21.86 -10.28 -6.20
N GLY G 175 22.30 -9.05 -6.05
CA GLY G 175 22.69 -8.09 -7.06
C GLY G 175 21.73 -7.93 -8.19
N PRO G 176 22.26 -7.47 -9.34
CA PRO G 176 21.36 -7.28 -10.49
C PRO G 176 20.91 -8.58 -11.17
N GLU G 177 21.73 -9.66 -11.13
CA GLU G 177 21.37 -10.86 -11.86
C GLU G 177 20.99 -12.08 -11.04
N GLY G 178 20.79 -11.94 -9.74
CA GLY G 178 20.42 -13.08 -8.91
C GLY G 178 19.02 -13.04 -8.33
N HIS G 179 18.12 -12.25 -8.93
CA HIS G 179 16.75 -12.15 -8.38
C HIS G 179 15.93 -13.45 -8.53
N GLY G 180 16.28 -14.34 -9.45
CA GLY G 180 15.61 -15.64 -9.60
C GLY G 180 16.04 -16.69 -8.58
N ILE G 181 17.09 -16.42 -7.82
CA ILE G 181 17.60 -17.35 -6.80
C ILE G 181 16.63 -17.43 -5.62
N LYS G 182 16.33 -18.63 -5.14
CA LYS G 182 15.40 -18.79 -4.04
C LYS G 182 16.10 -18.56 -2.71
N ILE G 183 15.48 -17.77 -1.82
CA ILE G 183 16.07 -17.53 -0.50
C ILE G 183 15.35 -18.34 0.53
N ILE G 184 16.04 -19.31 1.12
CA ILE G 184 15.48 -20.12 2.20
C ILE G 184 16.11 -19.59 3.49
N SER G 185 15.31 -18.98 4.38
CA SER G 185 15.83 -18.43 5.63
C SER G 185 16.03 -19.48 6.68
N LYS G 186 17.24 -19.57 7.22
CA LYS G 186 17.53 -20.51 8.31
C LYS G 186 17.18 -19.90 9.65
N ILE G 187 16.28 -20.54 10.39
CA ILE G 187 15.87 -20.08 11.72
C ILE G 187 16.73 -20.82 12.71
N GLU G 188 17.62 -20.11 13.43
CA GLU G 188 18.60 -20.76 14.30
C GLU G 188 18.64 -20.23 15.72
N ASN G 189 17.76 -19.32 16.10
CA ASN G 189 17.78 -18.76 17.45
C ASN G 189 16.38 -18.32 17.90
N HIS G 190 16.26 -17.87 19.17
CA HIS G 190 15.00 -17.44 19.73
C HIS G 190 14.38 -16.28 18.96
N GLU G 191 15.20 -15.29 18.53
CA GLU G 191 14.65 -14.14 17.78
C GLU G 191 14.03 -14.56 16.44
N GLY G 192 14.70 -15.45 15.71
CA GLY G 192 14.19 -15.99 14.45
C GLY G 192 12.85 -16.69 14.64
N VAL G 193 12.70 -17.44 15.75
CA VAL G 193 11.44 -18.13 16.05
C VAL G 193 10.35 -17.11 16.40
N LYS G 194 10.67 -16.11 17.24
CA LYS G 194 9.68 -15.12 17.63
C LYS G 194 9.24 -14.21 16.48
N ARG G 195 10.17 -13.89 15.59
CA ARG G 195 9.86 -13.07 14.42
C ARG G 195 9.61 -13.91 13.16
N PHE G 196 9.27 -15.20 13.33
CA PHE G 196 9.03 -16.13 12.22
C PHE G 196 8.07 -15.60 11.15
N ASP G 197 6.90 -15.10 11.53
CA ASP G 197 5.90 -14.64 10.57
C ASP G 197 6.41 -13.58 9.62
N GLU G 198 7.16 -12.60 10.14
CA GLU G 198 7.71 -11.55 9.29
C GLU G 198 8.83 -12.08 8.37
N ILE G 199 9.57 -13.10 8.84
CA ILE G 199 10.65 -13.71 8.06
C ILE G 199 10.07 -14.53 6.89
N LEU G 200 9.07 -15.38 7.18
CA LEU G 200 8.43 -16.23 6.18
C LEU G 200 7.78 -15.41 5.09
N GLU G 201 7.15 -14.28 5.48
CA GLU G 201 6.47 -13.39 4.55
C GLU G 201 7.36 -12.88 3.44
N VAL G 202 8.63 -12.59 3.74
CA VAL G 202 9.57 -12.10 2.72
C VAL G 202 10.52 -13.16 2.18
N SER G 203 10.51 -14.37 2.71
CA SER G 203 11.40 -15.44 2.23
C SER G 203 10.67 -16.36 1.24
N ASP G 204 11.43 -17.14 0.47
CA ASP G 204 10.81 -18.18 -0.39
C ASP G 204 10.50 -19.46 0.39
N GLY G 205 11.17 -19.66 1.53
CA GLY G 205 11.00 -20.83 2.37
C GLY G 205 11.85 -20.75 3.61
N ILE G 206 11.83 -21.80 4.42
CA ILE G 206 12.50 -21.82 5.70
C ILE G 206 13.30 -23.09 5.90
N MET G 207 14.40 -22.98 6.66
CA MET G 207 15.14 -24.16 7.10
C MET G 207 15.10 -24.16 8.62
N VAL G 208 14.68 -25.28 9.22
CA VAL G 208 14.69 -25.41 10.68
C VAL G 208 16.11 -25.91 10.94
N ALA G 209 17.02 -24.95 11.25
CA ALA G 209 18.44 -25.23 11.46
C ALA G 209 18.64 -25.67 12.91
N ARG G 210 18.36 -26.95 13.18
CA ARG G 210 18.32 -27.54 14.51
C ARG G 210 19.63 -27.56 15.30
N GLY G 211 20.77 -27.57 14.62
CA GLY G 211 22.06 -27.54 15.31
C GLY G 211 22.24 -26.30 16.18
N ASP G 212 22.22 -25.10 15.55
CA ASP G 212 22.34 -23.87 16.33
C ASP G 212 21.10 -23.63 17.16
N LEU G 213 19.90 -23.95 16.64
CA LEU G 213 18.67 -23.76 17.38
C LEU G 213 18.67 -24.53 18.72
N GLY G 214 19.25 -25.74 18.70
CA GLY G 214 19.36 -26.58 19.88
C GLY G 214 20.35 -26.08 20.93
N ILE G 215 21.21 -25.11 20.57
CA ILE G 215 22.17 -24.46 21.48
C ILE G 215 21.58 -23.09 21.93
N GLU G 216 20.87 -22.39 21.02
CA GLU G 216 20.26 -21.10 21.28
C GLU G 216 19.05 -21.16 22.18
N ILE G 217 18.27 -22.23 22.10
CA ILE G 217 17.09 -22.44 22.95
C ILE G 217 17.26 -23.81 23.65
N PRO G 218 16.51 -24.11 24.73
CA PRO G 218 16.64 -25.45 25.35
C PRO G 218 16.45 -26.58 24.36
N ALA G 219 17.29 -27.60 24.41
CA ALA G 219 17.25 -28.74 23.50
C ALA G 219 15.89 -29.44 23.46
N GLU G 220 15.20 -29.50 24.62
CA GLU G 220 13.89 -30.12 24.73
C GLU G 220 12.76 -29.29 24.09
N LYS G 221 13.07 -28.07 23.60
CA LYS G 221 12.05 -27.24 22.97
C LYS G 221 12.17 -27.20 21.43
N VAL G 222 13.29 -27.71 20.86
CA VAL G 222 13.49 -27.68 19.41
C VAL G 222 12.31 -28.32 18.62
N PHE G 223 11.75 -29.43 19.11
CA PHE G 223 10.64 -30.08 18.41
C PHE G 223 9.42 -29.17 18.30
N LEU G 224 9.20 -28.28 19.28
CA LEU G 224 8.06 -27.37 19.23
C LEU G 224 8.29 -26.35 18.13
N ALA G 225 9.52 -25.82 18.01
CA ALA G 225 9.86 -24.85 16.99
C ALA G 225 9.79 -25.53 15.60
N GLN G 226 10.28 -26.79 15.48
CA GLN G 226 10.24 -27.49 14.18
C GLN G 226 8.80 -27.71 13.75
N LYS G 227 7.96 -28.26 14.65
CA LYS G 227 6.57 -28.54 14.32
C LYS G 227 5.78 -27.28 14.01
N MET G 228 6.02 -26.19 14.74
CA MET G 228 5.35 -24.92 14.50
C MET G 228 5.74 -24.34 13.13
N MET G 229 7.04 -24.31 12.84
CA MET G 229 7.52 -23.74 11.59
C MET G 229 7.09 -24.54 10.37
N ILE G 230 7.09 -25.87 10.47
CA ILE G 230 6.62 -26.70 9.37
C ILE G 230 5.13 -26.45 9.12
N GLY G 231 4.34 -26.40 10.20
CA GLY G 231 2.92 -26.10 10.11
C GLY G 231 2.65 -24.76 9.44
N ARG G 232 3.37 -23.70 9.87
CA ARG G 232 3.17 -22.37 9.31
C ARG G 232 3.59 -22.31 7.86
N CYS G 233 4.67 -23.02 7.48
CA CYS G 233 5.12 -23.06 6.09
C CYS G 233 4.11 -23.81 5.22
N ASN G 234 3.55 -24.91 5.74
CA ASN G 234 2.55 -25.67 5.00
C ASN G 234 1.29 -24.80 4.77
N LEU G 235 0.88 -24.03 5.78
CA LEU G 235 -0.25 -23.14 5.68
C LEU G 235 0.05 -22.02 4.65
N ALA G 236 1.29 -21.53 4.60
CA ALA G 236 1.68 -20.49 3.65
C ALA G 236 1.98 -21.03 2.24
N GLY G 237 2.09 -22.36 2.08
CA GLY G 237 2.42 -22.99 0.81
C GLY G 237 3.85 -22.72 0.38
N LYS G 238 4.77 -22.60 1.37
CA LYS G 238 6.18 -22.30 1.08
C LYS G 238 7.06 -23.43 1.58
N PRO G 239 8.12 -23.77 0.83
CA PRO G 239 8.97 -24.91 1.25
C PRO G 239 9.61 -24.80 2.64
N VAL G 240 9.67 -25.92 3.35
CA VAL G 240 10.29 -26.01 4.65
C VAL G 240 11.27 -27.20 4.66
N VAL G 241 12.51 -26.95 5.12
CA VAL G 241 13.54 -27.97 5.19
C VAL G 241 13.77 -28.34 6.66
N CYS G 242 13.81 -29.66 6.97
CA CYS G 242 14.21 -30.07 8.30
C CYS G 242 15.70 -30.43 8.19
N ALA G 243 16.53 -29.88 9.08
CA ALA G 243 17.97 -30.08 8.98
C ALA G 243 18.65 -30.43 10.28
N THR G 244 19.84 -31.07 10.17
CA THR G 244 20.87 -31.35 11.18
C THR G 244 20.64 -32.52 12.11
N GLN G 245 21.64 -33.40 12.14
CA GLN G 245 21.76 -34.58 12.97
C GLN G 245 20.66 -35.60 12.74
N MET G 246 20.04 -35.60 11.53
CA MET G 246 18.97 -36.56 11.24
C MET G 246 19.46 -38.00 11.27
N LEU G 247 20.68 -38.24 10.74
CA LEU G 247 21.30 -39.56 10.73
C LEU G 247 22.77 -39.42 11.23
N GLU G 248 23.01 -38.58 12.24
CA GLU G 248 24.33 -38.25 12.79
C GLU G 248 25.30 -39.41 12.97
N SER G 249 24.85 -40.50 13.58
CA SER G 249 25.68 -41.67 13.81
C SER G 249 26.27 -42.23 12.52
N MET G 250 25.61 -42.06 11.38
CA MET G 250 26.13 -42.57 10.10
C MET G 250 27.36 -41.83 9.57
N ILE G 251 27.84 -40.81 10.30
CA ILE G 251 29.12 -40.18 9.97
C ILE G 251 30.23 -41.27 10.17
N THR G 252 30.09 -42.08 11.24
CA THR G 252 31.00 -43.16 11.50
C THR G 252 30.37 -44.54 11.27
N LYS G 253 29.06 -44.74 11.52
CA LYS G 253 28.42 -46.06 11.40
C LYS G 253 27.67 -46.31 10.09
N PRO G 254 27.67 -47.56 9.56
CA PRO G 254 26.95 -47.81 8.29
C PRO G 254 25.42 -47.93 8.42
N ARG G 255 24.90 -48.06 9.66
CA ARG G 255 23.46 -48.11 9.93
C ARG G 255 23.13 -47.02 10.97
N PRO G 256 21.94 -46.40 10.87
CA PRO G 256 21.58 -45.37 11.85
C PRO G 256 20.94 -45.94 13.12
N THR G 257 20.74 -45.09 14.13
CA THR G 257 20.08 -45.50 15.36
C THR G 257 18.54 -45.52 15.17
N ARG G 258 17.81 -46.09 16.13
CA ARG G 258 16.36 -46.13 16.07
C ARG G 258 15.74 -44.73 16.20
N ALA G 259 16.39 -43.82 16.93
CA ALA G 259 15.92 -42.45 17.06
C ALA G 259 16.10 -41.68 15.76
N GLU G 260 17.19 -41.97 15.02
CA GLU G 260 17.50 -41.33 13.76
C GLU G 260 16.50 -41.65 12.64
N THR G 261 16.12 -42.94 12.48
CA THR G 261 15.13 -43.30 11.47
C THR G 261 13.76 -42.71 11.83
N SER G 262 13.43 -42.70 13.11
CA SER G 262 12.20 -42.14 13.60
C SER G 262 12.17 -40.61 13.32
N ASP G 263 13.31 -39.92 13.49
CA ASP G 263 13.41 -38.49 13.24
C ASP G 263 13.14 -38.16 11.77
N VAL G 264 13.69 -38.94 10.85
CA VAL G 264 13.48 -38.74 9.43
C VAL G 264 12.01 -38.95 9.08
N ALA G 265 11.43 -40.04 9.59
CA ALA G 265 10.03 -40.33 9.35
C ALA G 265 9.11 -39.24 9.90
N ASN G 266 9.42 -38.75 11.12
CA ASN G 266 8.61 -37.73 11.76
C ASN G 266 8.76 -36.36 11.11
N ALA G 267 9.92 -36.05 10.52
CA ALA G 267 10.06 -34.78 9.79
C ALA G 267 9.10 -34.81 8.56
N VAL G 268 9.00 -35.97 7.88
CA VAL G 268 8.09 -36.13 6.75
C VAL G 268 6.63 -36.08 7.23
N LEU G 269 6.28 -36.80 8.31
CA LEU G 269 4.92 -36.77 8.85
C LEU G 269 4.53 -35.39 9.38
N ASP G 270 5.51 -34.59 9.82
CA ASP G 270 5.30 -33.22 10.27
C ASP G 270 4.86 -32.34 9.12
N GLY G 271 5.36 -32.62 7.90
CA GLY G 271 5.02 -31.87 6.71
C GLY G 271 6.21 -31.22 6.04
N ALA G 272 7.45 -31.65 6.36
CA ALA G 272 8.64 -31.06 5.74
C ALA G 272 8.71 -31.36 4.26
N ASP G 273 9.10 -30.37 3.46
CA ASP G 273 9.26 -30.55 2.03
C ASP G 273 10.59 -31.21 1.74
N CYS G 274 11.64 -30.83 2.48
CA CYS G 274 12.98 -31.34 2.27
C CYS G 274 13.57 -31.88 3.58
N ILE G 275 14.46 -32.85 3.45
CA ILE G 275 15.24 -33.37 4.57
C ILE G 275 16.72 -33.21 4.18
N MET G 276 17.57 -32.97 5.16
CA MET G 276 18.98 -32.68 4.89
C MET G 276 19.95 -33.62 5.56
N LEU G 277 21.13 -33.75 4.96
CA LEU G 277 22.28 -34.47 5.48
C LEU G 277 23.44 -33.47 5.46
N SER G 278 24.18 -33.37 6.58
CA SER G 278 25.29 -32.45 6.67
CA SER G 278 25.29 -32.44 6.65
C SER G 278 26.62 -33.22 6.75
N GLY G 279 27.16 -33.45 7.96
CA GLY G 279 28.39 -34.20 8.12
C GLY G 279 28.26 -35.62 7.58
N GLU G 280 27.02 -36.17 7.56
CA GLU G 280 26.75 -37.50 7.06
C GLU G 280 27.22 -37.65 5.61
N THR G 281 27.11 -36.59 4.80
CA THR G 281 27.60 -36.68 3.41
C THR G 281 28.85 -35.85 3.14
N ALA G 282 29.08 -34.80 3.91
CA ALA G 282 30.22 -33.92 3.68
C ALA G 282 31.55 -34.54 4.13
N LYS G 283 31.54 -35.17 5.30
CA LYS G 283 32.77 -35.72 5.87
C LYS G 283 32.66 -37.15 6.40
N GLY G 284 31.49 -37.78 6.32
CA GLY G 284 31.31 -39.11 6.86
C GLY G 284 31.84 -40.28 6.03
N ASN G 285 31.78 -41.48 6.62
CA ASN G 285 32.29 -42.69 5.99
C ASN G 285 31.30 -43.37 5.03
N PHE G 286 29.99 -43.02 5.13
CA PHE G 286 28.98 -43.67 4.31
C PHE G 286 28.03 -42.63 3.69
N PRO G 287 28.54 -41.69 2.86
CA PRO G 287 27.65 -40.66 2.32
C PRO G 287 26.51 -41.21 1.45
N VAL G 288 26.81 -42.15 0.54
CA VAL G 288 25.82 -42.77 -0.34
C VAL G 288 24.78 -43.56 0.46
N GLU G 289 25.23 -44.26 1.51
CA GLU G 289 24.32 -45.04 2.36
C GLU G 289 23.39 -44.12 3.16
N ALA G 290 23.88 -42.92 3.56
CA ALA G 290 23.05 -41.97 4.29
C ALA G 290 21.92 -41.45 3.37
N VAL G 291 22.25 -41.19 2.09
CA VAL G 291 21.27 -40.75 1.11
C VAL G 291 20.25 -41.89 0.86
N LYS G 292 20.73 -43.13 0.72
CA LYS G 292 19.86 -44.30 0.51
C LYS G 292 18.90 -44.48 1.66
N MET G 293 19.39 -44.29 2.88
CA MET G 293 18.59 -44.43 4.10
C MET G 293 17.49 -43.36 4.18
N GLN G 294 17.81 -42.08 3.89
CA GLN G 294 16.80 -41.03 3.88
C GLN G 294 15.74 -41.31 2.82
N HIS G 295 16.17 -41.84 1.65
CA HIS G 295 15.27 -42.20 0.58
C HIS G 295 14.30 -43.29 1.04
N ALA G 296 14.85 -44.36 1.65
CA ALA G 296 14.02 -45.48 2.11
C ALA G 296 12.99 -45.07 3.15
N ILE G 297 13.43 -44.25 4.15
CA ILE G 297 12.51 -43.82 5.22
C ILE G 297 11.42 -42.88 4.68
N ALA G 298 11.81 -41.89 3.86
CA ALA G 298 10.87 -40.96 3.31
C ALA G 298 9.75 -41.62 2.51
N ARG G 299 10.05 -42.63 1.66
CA ARG G 299 8.99 -43.31 0.90
C ARG G 299 7.98 -43.97 1.84
N GLU G 300 8.48 -44.62 2.92
CA GLU G 300 7.62 -45.27 3.88
C GLU G 300 6.74 -44.26 4.60
N ALA G 301 7.33 -43.11 5.03
CA ALA G 301 6.62 -42.07 5.76
C ALA G 301 5.60 -41.36 4.91
N GLU G 302 5.92 -41.11 3.64
CA GLU G 302 4.98 -40.43 2.73
C GLU G 302 3.70 -41.24 2.50
N ALA G 303 3.82 -42.59 2.43
CA ALA G 303 2.66 -43.44 2.28
C ALA G 303 1.80 -43.45 3.58
N ALA G 304 2.44 -43.26 4.74
CA ALA G 304 1.78 -43.21 6.05
C ALA G 304 1.12 -41.87 6.37
N VAL G 305 1.23 -40.87 5.51
CA VAL G 305 0.60 -39.57 5.73
C VAL G 305 -0.96 -39.73 5.70
N TYR G 306 -1.68 -39.10 6.63
CA TYR G 306 -3.13 -39.20 6.71
C TYR G 306 -3.74 -38.09 5.84
N HIS G 307 -3.74 -38.32 4.52
CA HIS G 307 -4.21 -37.36 3.55
C HIS G 307 -5.64 -36.89 3.76
N ARG G 308 -6.53 -37.75 4.28
CA ARG G 308 -7.93 -37.38 4.50
C ARG G 308 -8.07 -36.15 5.35
N GLN G 309 -7.33 -36.10 6.47
CA GLN G 309 -7.40 -34.94 7.35
C GLN G 309 -6.49 -33.83 6.84
N LEU G 310 -5.30 -34.18 6.36
CA LEU G 310 -4.36 -33.19 5.84
C LEU G 310 -4.98 -32.34 4.71
N PHE G 311 -5.58 -32.97 3.71
CA PHE G 311 -6.23 -32.25 2.60
C PHE G 311 -7.36 -31.38 3.10
N GLU G 312 -8.23 -31.93 3.94
CA GLU G 312 -9.37 -31.20 4.50
C GLU G 312 -8.93 -29.96 5.27
N GLU G 313 -7.84 -30.07 6.03
CA GLU G 313 -7.32 -28.94 6.80
C GLU G 313 -6.64 -27.92 5.93
N LEU G 314 -5.88 -28.36 4.91
CA LEU G 314 -5.19 -27.45 4.00
C LEU G 314 -6.22 -26.66 3.20
N ARG G 315 -7.27 -27.36 2.73
CA ARG G 315 -8.42 -26.82 2.01
C ARG G 315 -9.12 -25.75 2.87
N ARG G 316 -9.51 -26.10 4.12
CA ARG G 316 -10.22 -25.20 5.02
C ARG G 316 -9.39 -23.96 5.40
N ALA G 317 -8.07 -24.14 5.58
CA ALA G 317 -7.21 -23.04 5.98
C ALA G 317 -6.83 -22.12 4.83
N ALA G 318 -6.75 -22.66 3.61
CA ALA G 318 -6.37 -21.86 2.45
C ALA G 318 -7.47 -20.89 2.10
N PRO G 319 -7.11 -19.61 1.90
CA PRO G 319 -8.15 -18.60 1.62
C PRO G 319 -8.75 -18.74 0.24
N LEU G 320 -9.94 -18.12 0.03
CA LEU G 320 -10.56 -18.10 -1.29
C LEU G 320 -9.64 -17.36 -2.25
N SER G 321 -9.64 -17.78 -3.52
CA SER G 321 -8.74 -17.14 -4.47
C SER G 321 -9.38 -16.91 -5.79
N ARG G 322 -9.06 -15.80 -6.41
CA ARG G 322 -9.51 -15.51 -7.77
C ARG G 322 -8.38 -15.71 -8.80
N ASP G 323 -7.24 -16.27 -8.38
CA ASP G 323 -6.12 -16.57 -9.24
C ASP G 323 -6.42 -17.92 -9.90
N PRO G 324 -6.52 -17.94 -11.23
CA PRO G 324 -6.84 -19.20 -11.93
C PRO G 324 -5.86 -20.33 -11.70
N THR G 325 -4.57 -20.04 -11.44
CA THR G 325 -3.59 -21.08 -11.16
C THR G 325 -3.93 -21.75 -9.83
N GLU G 326 -4.23 -20.95 -8.81
CA GLU G 326 -4.59 -21.45 -7.49
CA GLU G 326 -4.59 -21.46 -7.50
C GLU G 326 -5.91 -22.23 -7.56
N VAL G 327 -6.90 -21.71 -8.30
CA VAL G 327 -8.20 -22.38 -8.46
C VAL G 327 -8.05 -23.71 -9.21
N THR G 328 -7.22 -23.75 -10.27
CA THR G 328 -6.99 -24.97 -11.04
C THR G 328 -6.26 -25.99 -10.19
N ALA G 329 -5.27 -25.54 -9.41
CA ALA G 329 -4.49 -26.42 -8.55
C ALA G 329 -5.35 -27.20 -7.57
N ILE G 330 -6.27 -26.54 -6.85
CA ILE G 330 -7.12 -27.25 -5.89
C ILE G 330 -8.11 -28.20 -6.58
N GLY G 331 -8.61 -27.81 -7.74
CA GLY G 331 -9.48 -28.64 -8.55
C GLY G 331 -8.77 -29.90 -9.00
N ALA G 332 -7.52 -29.75 -9.46
CA ALA G 332 -6.69 -30.87 -9.91
C ALA G 332 -6.34 -31.83 -8.79
N VAL G 333 -6.05 -31.32 -7.58
CA VAL G 333 -5.70 -32.17 -6.44
C VAL G 333 -6.95 -32.94 -5.98
N GLU G 334 -8.12 -32.29 -5.98
CA GLU G 334 -9.38 -32.94 -5.64
CA GLU G 334 -9.38 -32.94 -5.64
C GLU G 334 -9.68 -34.07 -6.65
N ALA G 335 -9.52 -33.79 -7.96
CA ALA G 335 -9.72 -34.77 -9.03
C ALA G 335 -8.75 -35.93 -8.87
N ALA G 336 -7.47 -35.66 -8.53
CA ALA G 336 -6.47 -36.71 -8.35
C ALA G 336 -6.86 -37.65 -7.20
N PHE G 337 -7.34 -37.10 -6.07
CA PHE G 337 -7.76 -37.95 -4.96
C PHE G 337 -8.99 -38.80 -5.31
N LYS G 338 -9.93 -38.24 -6.06
CA LYS G 338 -11.16 -38.93 -6.46
C LYS G 338 -10.89 -40.21 -7.25
N CYS G 339 -9.88 -40.20 -8.14
CA CYS G 339 -9.60 -41.35 -8.97
C CYS G 339 -8.30 -42.11 -8.61
N CYS G 340 -7.61 -41.72 -7.53
CA CYS G 340 -6.31 -42.28 -7.15
C CYS G 340 -5.35 -42.10 -8.31
N ALA G 341 -5.31 -40.88 -8.91
CA ALA G 341 -4.46 -40.61 -10.07
C ALA G 341 -3.02 -40.96 -9.77
N ALA G 342 -2.34 -41.61 -10.70
CA ALA G 342 -0.94 -41.95 -10.52
C ALA G 342 -0.06 -40.67 -10.51
N ALA G 343 -0.48 -39.64 -11.26
CA ALA G 343 0.30 -38.41 -11.34
C ALA G 343 -0.56 -37.22 -11.77
N ILE G 344 -0.07 -36.01 -11.49
CA ILE G 344 -0.62 -34.77 -11.98
C ILE G 344 0.52 -34.22 -12.84
N ILE G 345 0.34 -34.15 -14.16
CA ILE G 345 1.37 -33.63 -15.05
C ILE G 345 1.11 -32.16 -15.27
N VAL G 346 2.07 -31.28 -14.95
CA VAL G 346 1.87 -29.84 -15.06
C VAL G 346 2.95 -29.20 -15.90
N LEU G 347 2.59 -28.27 -16.77
CA LEU G 347 3.55 -27.53 -17.55
C LEU G 347 3.81 -26.27 -16.73
N THR G 348 5.10 -25.91 -16.56
CA THR G 348 5.46 -24.74 -15.77
C THR G 348 6.73 -24.07 -16.30
N THR G 349 6.72 -22.72 -16.38
CA THR G 349 7.90 -21.99 -16.79
C THR G 349 8.72 -21.61 -15.55
N THR G 350 8.08 -21.09 -14.50
CA THR G 350 8.78 -20.65 -13.29
C THR G 350 8.73 -21.65 -12.14
N GLY G 351 7.90 -22.68 -12.25
CA GLY G 351 7.70 -23.65 -11.18
C GLY G 351 6.45 -23.37 -10.35
N ARG G 352 5.88 -22.17 -10.49
CA ARG G 352 4.76 -21.75 -9.68
C ARG G 352 3.52 -22.66 -9.75
N SER G 353 3.13 -23.12 -10.95
CA SER G 353 1.96 -24.00 -11.08
C SER G 353 2.18 -25.30 -10.32
N ALA G 354 3.41 -25.83 -10.32
CA ALA G 354 3.74 -27.05 -9.59
C ALA G 354 3.73 -26.81 -8.09
N GLN G 355 4.24 -25.64 -7.65
CA GLN G 355 4.27 -25.30 -6.24
C GLN G 355 2.84 -25.19 -5.69
N LEU G 356 1.92 -24.57 -6.46
CA LEU G 356 0.53 -24.45 -6.02
C LEU G 356 -0.18 -25.81 -5.93
N LEU G 357 0.23 -26.81 -6.74
CA LEU G 357 -0.34 -28.14 -6.63
C LEU G 357 0.21 -28.81 -5.35
N SER G 358 1.53 -28.67 -5.14
CA SER G 358 2.28 -29.20 -4.01
C SER G 358 1.74 -28.77 -2.64
N ARG G 359 1.29 -27.50 -2.51
CA ARG G 359 0.77 -27.00 -1.25
C ARG G 359 -0.46 -27.77 -0.73
N TYR G 360 -1.24 -28.43 -1.63
CA TYR G 360 -2.39 -29.22 -1.20
C TYR G 360 -2.04 -30.65 -0.87
N ARG G 361 -0.75 -31.00 -0.93
CA ARG G 361 -0.22 -32.31 -0.60
C ARG G 361 -0.96 -33.47 -1.26
N PRO G 362 -1.03 -33.47 -2.60
CA PRO G 362 -1.65 -34.62 -3.26
C PRO G 362 -0.83 -35.89 -3.03
N ARG G 363 -1.51 -37.04 -3.02
CA ARG G 363 -0.82 -38.31 -2.99
C ARG G 363 -0.19 -38.57 -4.37
N ALA G 364 -0.83 -38.10 -5.44
CA ALA G 364 -0.32 -38.24 -6.81
C ALA G 364 0.93 -37.41 -7.00
N ALA G 365 1.93 -37.97 -7.68
CA ALA G 365 3.18 -37.28 -7.98
C ALA G 365 2.90 -36.12 -8.88
N VAL G 366 3.53 -34.96 -8.64
CA VAL G 366 3.37 -33.81 -9.52
C VAL G 366 4.54 -33.81 -10.49
N ILE G 367 4.33 -34.24 -11.73
CA ILE G 367 5.35 -34.29 -12.74
C ILE G 367 5.38 -32.92 -13.42
N ALA G 368 6.43 -32.13 -13.17
CA ALA G 368 6.51 -30.78 -13.72
C ALA G 368 7.39 -30.77 -14.93
N VAL G 369 6.81 -30.50 -16.09
CA VAL G 369 7.54 -30.44 -17.33
C VAL G 369 7.88 -28.95 -17.64
N THR G 370 9.19 -28.68 -17.76
CA THR G 370 9.63 -27.31 -17.98
C THR G 370 10.81 -27.24 -18.92
N ARG G 371 10.93 -26.11 -19.60
CA ARG G 371 12.09 -25.84 -20.45
C ARG G 371 13.18 -25.08 -19.65
N SER G 372 12.82 -24.47 -18.50
CA SER G 372 13.75 -23.72 -17.66
C SER G 372 14.55 -24.68 -16.80
N ALA G 373 15.86 -24.75 -17.06
CA ALA G 373 16.74 -25.61 -16.30
C ALA G 373 16.79 -25.18 -14.84
N GLN G 374 16.76 -23.85 -14.58
CA GLN G 374 16.75 -23.37 -13.22
C GLN G 374 15.48 -23.74 -12.48
N ALA G 375 14.31 -23.56 -13.10
CA ALA G 375 13.05 -23.91 -12.46
C ALA G 375 12.97 -25.39 -12.18
N ALA G 376 13.49 -26.24 -13.10
CA ALA G 376 13.55 -27.68 -12.87
C ALA G 376 14.37 -28.01 -11.64
N ARG G 377 15.47 -27.28 -11.42
CA ARG G 377 16.29 -27.53 -10.24
C ARG G 377 15.61 -27.02 -8.97
N GLN G 378 15.01 -25.83 -9.04
CA GLN G 378 14.40 -25.21 -7.87
C GLN G 378 13.13 -25.87 -7.35
N VAL G 379 12.34 -26.52 -8.22
CA VAL G 379 11.10 -27.14 -7.75
C VAL G 379 11.34 -28.36 -6.87
N HIS G 380 12.60 -28.83 -6.73
CA HIS G 380 12.95 -29.88 -5.77
C HIS G 380 12.64 -29.37 -4.33
N LEU G 381 12.53 -28.05 -4.11
CA LEU G 381 12.16 -27.53 -2.79
C LEU G 381 10.73 -27.87 -2.40
N CYS G 382 9.84 -28.13 -3.38
CA CYS G 382 8.42 -28.40 -3.14
C CYS G 382 8.13 -29.88 -3.13
N ARG G 383 7.60 -30.36 -1.99
CA ARG G 383 7.30 -31.78 -1.85
C ARG G 383 6.38 -32.33 -2.93
N GLY G 384 6.78 -33.46 -3.49
CA GLY G 384 6.02 -34.17 -4.49
C GLY G 384 6.19 -33.65 -5.89
N VAL G 385 7.10 -32.71 -6.14
CA VAL G 385 7.33 -32.21 -7.49
C VAL G 385 8.51 -32.95 -8.09
N PHE G 386 8.29 -33.61 -9.24
CA PHE G 386 9.27 -34.38 -9.99
C PHE G 386 9.56 -33.64 -11.27
N PRO G 387 10.67 -32.88 -11.29
CA PRO G 387 10.95 -32.05 -12.47
C PRO G 387 11.50 -32.78 -13.66
N LEU G 388 11.02 -32.42 -14.85
CA LEU G 388 11.49 -33.00 -16.09
C LEU G 388 11.93 -31.84 -16.95
N LEU G 389 13.18 -31.84 -17.38
CA LEU G 389 13.71 -30.77 -18.25
C LEU G 389 13.50 -31.16 -19.72
N TYR G 390 12.71 -30.37 -20.46
CA TYR G 390 12.40 -30.64 -21.84
C TYR G 390 13.35 -29.86 -22.73
N ARG G 391 14.08 -30.57 -23.57
CA ARG G 391 15.08 -29.95 -24.46
C ARG G 391 14.82 -30.16 -25.94
N GLU G 392 13.60 -30.58 -26.32
CA GLU G 392 13.30 -30.80 -27.71
C GLU G 392 13.13 -29.48 -28.45
N PRO G 393 13.40 -29.47 -29.77
CA PRO G 393 13.12 -28.26 -30.53
C PRO G 393 11.61 -27.94 -30.52
N PRO G 394 11.26 -26.65 -30.73
CA PRO G 394 9.85 -26.25 -30.61
C PRO G 394 8.98 -26.62 -31.81
N GLU G 395 7.70 -26.85 -31.54
CA GLU G 395 6.76 -27.12 -32.61
C GLU G 395 6.24 -25.76 -33.10
N ALA G 396 5.89 -25.68 -34.39
CA ALA G 396 5.35 -24.46 -34.99
C ALA G 396 4.03 -24.08 -34.33
N ILE G 397 3.16 -25.08 -34.09
CA ILE G 397 1.87 -24.82 -33.48
C ILE G 397 1.97 -25.04 -31.99
N TRP G 398 1.60 -24.00 -31.24
CA TRP G 398 1.65 -24.00 -29.79
C TRP G 398 0.93 -25.19 -29.13
N ALA G 399 -0.31 -25.51 -29.51
CA ALA G 399 -1.08 -26.64 -28.98
C ALA G 399 -0.35 -27.97 -29.21
N ASP G 400 0.33 -28.12 -30.35
CA ASP G 400 1.13 -29.34 -30.62
C ASP G 400 2.36 -29.41 -29.72
N ASP G 401 2.93 -28.26 -29.43
CA ASP G 401 4.07 -28.14 -28.53
C ASP G 401 3.66 -28.46 -27.10
N VAL G 402 2.45 -28.02 -26.70
CA VAL G 402 1.93 -28.34 -25.37
C VAL G 402 1.72 -29.87 -25.28
N ASP G 403 1.12 -30.49 -26.33
CA ASP G 403 0.87 -31.92 -26.32
C ASP G 403 2.12 -32.72 -26.29
N ARG G 404 3.18 -32.26 -26.95
CA ARG G 404 4.46 -32.96 -26.94
C ARG G 404 5.07 -32.99 -25.56
N ARG G 405 4.92 -31.89 -24.80
CA ARG G 405 5.44 -31.75 -23.46
C ARG G 405 4.69 -32.63 -22.47
N VAL G 406 3.34 -32.66 -22.61
CA VAL G 406 2.50 -33.54 -21.79
C VAL G 406 2.89 -35.00 -22.07
N GLN G 407 3.14 -35.35 -23.34
CA GLN G 407 3.50 -36.71 -23.71
C GLN G 407 4.88 -37.09 -23.23
N PHE G 408 5.80 -36.13 -23.17
CA PHE G 408 7.12 -36.30 -22.58
C PHE G 408 7.01 -36.59 -21.08
N GLY G 409 6.03 -35.99 -20.41
CA GLY G 409 5.79 -36.28 -19.00
C GLY G 409 5.30 -37.70 -18.80
N ILE G 410 4.41 -38.15 -19.69
CA ILE G 410 3.83 -39.50 -19.65
C ILE G 410 4.89 -40.54 -19.98
N GLU G 411 5.68 -40.29 -21.02
CA GLU G 411 6.73 -41.20 -21.43
C GLU G 411 7.78 -41.32 -20.34
N SER G 412 8.25 -40.17 -19.75
CA SER G 412 9.22 -40.22 -18.65
C SER G 412 8.58 -40.97 -17.44
N GLY G 413 7.31 -40.67 -17.13
CA GLY G 413 6.59 -41.30 -16.05
C GLY G 413 6.49 -42.79 -16.21
N LYS G 414 6.27 -43.27 -17.45
CA LYS G 414 6.19 -44.71 -17.72
C LYS G 414 7.57 -45.32 -17.53
N LEU G 415 8.62 -44.65 -18.03
CA LEU G 415 9.98 -45.14 -17.94
C LEU G 415 10.45 -45.30 -16.49
N ARG G 416 10.15 -44.29 -15.66
CA ARG G 416 10.55 -44.25 -14.26
C ARG G 416 9.65 -45.05 -13.30
N GLY G 417 8.56 -45.63 -13.78
CA GLY G 417 7.67 -46.41 -12.95
C GLY G 417 6.53 -45.66 -12.29
N PHE G 418 6.40 -44.35 -12.55
CA PHE G 418 5.29 -43.58 -12.00
C PHE G 418 3.95 -44.00 -12.65
N LEU G 419 3.96 -44.32 -13.95
CA LEU G 419 2.75 -44.54 -14.72
C LEU G 419 2.77 -45.83 -15.47
N ARG G 420 1.56 -46.33 -15.72
CA ARG G 420 1.32 -47.54 -16.50
C ARG G 420 0.12 -47.27 -17.40
N VAL G 421 0.00 -48.03 -18.49
CA VAL G 421 -1.16 -47.97 -19.39
C VAL G 421 -2.40 -48.38 -18.56
N GLY G 422 -3.47 -47.61 -18.68
CA GLY G 422 -4.65 -47.87 -17.87
C GLY G 422 -4.78 -46.91 -16.69
N ASP G 423 -3.67 -46.28 -16.25
CA ASP G 423 -3.73 -45.30 -15.16
C ASP G 423 -4.49 -44.04 -15.58
N LEU G 424 -4.98 -43.30 -14.60
CA LEU G 424 -5.57 -41.99 -14.84
C LEU G 424 -4.55 -40.96 -14.36
N VAL G 425 -4.41 -39.88 -15.11
CA VAL G 425 -3.55 -38.77 -14.76
C VAL G 425 -4.34 -37.49 -14.91
N ILE G 426 -4.00 -36.49 -14.12
CA ILE G 426 -4.60 -35.17 -14.21
C ILE G 426 -3.57 -34.31 -14.93
N VAL G 427 -3.94 -33.57 -15.96
CA VAL G 427 -3.00 -32.76 -16.72
C VAL G 427 -3.35 -31.29 -16.51
N VAL G 428 -2.37 -30.48 -16.07
CA VAL G 428 -2.58 -29.06 -15.80
C VAL G 428 -1.79 -28.17 -16.76
N THR G 429 -2.49 -27.35 -17.54
CA THR G 429 -1.93 -26.45 -18.53
C THR G 429 -2.64 -25.06 -18.47
N GLY G 430 -2.24 -24.16 -19.37
CA GLY G 430 -2.82 -22.83 -19.47
C GLY G 430 -3.40 -22.58 -20.85
N TRP G 431 -4.10 -21.47 -20.99
CA TRP G 431 -4.81 -21.17 -22.23
C TRP G 431 -3.96 -20.44 -23.32
N ARG G 432 -2.80 -19.95 -22.95
CA ARG G 432 -1.93 -19.25 -23.89
C ARG G 432 -0.47 -19.40 -23.43
N PRO G 433 0.50 -19.17 -24.32
CA PRO G 433 1.91 -19.26 -23.93
C PRO G 433 2.29 -18.22 -22.88
N GLY G 434 3.36 -18.50 -22.17
CA GLY G 434 3.85 -17.67 -21.10
C GLY G 434 3.38 -18.09 -19.71
N SER G 435 4.19 -17.77 -18.73
CA SER G 435 3.92 -18.00 -17.34
C SER G 435 2.70 -17.16 -16.85
N GLY G 436 1.99 -17.64 -15.83
CA GLY G 436 0.89 -16.92 -15.21
C GLY G 436 -0.52 -17.17 -15.72
N TYR G 437 -0.66 -18.09 -16.69
CA TYR G 437 -1.97 -18.32 -17.29
C TYR G 437 -2.52 -19.73 -17.16
N THR G 438 -2.03 -20.54 -16.20
CA THR G 438 -2.56 -21.87 -15.95
C THR G 438 -4.02 -21.76 -15.55
N ASN G 439 -4.90 -22.48 -16.24
CA ASN G 439 -6.33 -22.43 -15.94
C ASN G 439 -7.06 -23.70 -16.42
N ILE G 440 -6.35 -24.74 -16.86
CA ILE G 440 -6.99 -25.95 -17.39
C ILE G 440 -6.57 -27.20 -16.61
N MET G 441 -7.54 -28.05 -16.34
CA MET G 441 -7.31 -29.34 -15.70
C MET G 441 -7.99 -30.39 -16.61
N ARG G 442 -7.29 -31.45 -17.02
CA ARG G 442 -7.89 -32.52 -17.81
C ARG G 442 -7.69 -33.89 -17.17
N VAL G 443 -8.63 -34.79 -17.33
CA VAL G 443 -8.53 -36.16 -16.82
C VAL G 443 -8.17 -37.04 -18.02
N LEU G 444 -6.99 -37.62 -17.99
CA LEU G 444 -6.50 -38.42 -19.10
C LEU G 444 -6.27 -39.88 -18.70
N SER G 445 -6.67 -40.78 -19.57
CA SER G 445 -6.43 -42.21 -19.39
C SER G 445 -5.13 -42.52 -20.14
N ILE G 446 -4.15 -43.13 -19.47
CA ILE G 446 -2.88 -43.45 -20.09
C ILE G 446 -3.02 -44.59 -21.11
N SER G 447 -2.67 -44.30 -22.37
CA SER G 447 -2.64 -45.26 -23.45
C SER G 447 -1.20 -45.60 -23.88
N GLY H 23 -15.53 -7.08 -2.34
CA GLY H 23 -16.35 -6.13 -1.60
C GLY H 23 -16.99 -6.70 -0.35
N THR H 24 -17.23 -5.85 0.66
CA THR H 24 -17.87 -6.28 1.90
C THR H 24 -19.35 -6.67 1.68
N ALA H 25 -20.02 -5.95 0.77
CA ALA H 25 -21.41 -6.20 0.44
C ALA H 25 -21.59 -7.60 -0.11
N PHE H 26 -20.65 -8.08 -0.94
CA PHE H 26 -20.70 -9.42 -1.51
C PHE H 26 -20.74 -10.48 -0.40
N PHE H 27 -19.90 -10.32 0.63
CA PHE H 27 -19.83 -11.29 1.71
C PHE H 27 -20.93 -11.16 2.77
N GLN H 28 -21.84 -10.19 2.63
CA GLN H 28 -22.98 -10.07 3.52
C GLN H 28 -24.23 -10.78 2.93
N GLN H 29 -24.30 -10.88 1.58
CA GLN H 29 -25.38 -11.52 0.83
C GLN H 29 -25.26 -13.06 0.83
N GLN H 30 -26.33 -13.74 0.31
CA GLN H 30 -26.50 -15.17 0.13
C GLN H 30 -26.03 -16.03 1.31
N GLN H 31 -26.28 -15.54 2.55
CA GLN H 31 -25.92 -16.18 3.81
C GLN H 31 -24.43 -16.57 3.89
N LEU H 32 -23.54 -15.75 3.27
CA LEU H 32 -22.10 -16.03 3.28
C LEU H 32 -21.50 -16.05 4.69
N PRO H 33 -21.88 -15.16 5.66
CA PRO H 33 -21.38 -15.35 7.04
C PRO H 33 -21.75 -16.72 7.62
N ALA H 34 -23.00 -17.18 7.42
CA ALA H 34 -23.43 -18.49 7.91
C ALA H 34 -22.74 -19.65 7.19
N ALA H 35 -22.37 -19.44 5.92
CA ALA H 35 -21.68 -20.44 5.10
C ALA H 35 -20.25 -20.66 5.56
N MET H 36 -19.59 -19.62 6.08
CA MET H 36 -18.20 -19.74 6.56
C MET H 36 -18.08 -20.35 7.95
N ALA H 37 -19.19 -20.59 8.66
CA ALA H 37 -19.16 -21.10 10.03
C ALA H 37 -18.48 -22.45 10.17
N ASP H 38 -17.81 -22.65 11.31
CA ASP H 38 -17.07 -23.85 11.57
C ASP H 38 -17.92 -24.99 12.10
N THR H 39 -19.11 -24.72 12.62
CA THR H 39 -20.02 -25.77 13.07
C THR H 39 -21.43 -25.48 12.54
N PHE H 40 -22.29 -26.51 12.51
CA PHE H 40 -23.68 -26.36 12.09
C PHE H 40 -24.42 -25.43 13.06
N LEU H 41 -24.16 -25.55 14.36
CA LEU H 41 -24.81 -24.70 15.37
C LEU H 41 -24.45 -23.21 15.14
N GLU H 42 -23.19 -22.90 14.85
CA GLU H 42 -22.76 -21.53 14.58
C GLU H 42 -23.36 -21.05 13.26
N HIS H 43 -23.53 -21.96 12.27
CA HIS H 43 -24.15 -21.69 10.98
C HIS H 43 -25.56 -21.20 11.22
N LEU H 44 -26.34 -21.91 12.06
CA LEU H 44 -27.70 -21.50 12.38
C LEU H 44 -27.73 -20.15 13.06
N CYS H 45 -26.82 -19.94 14.05
CA CYS H 45 -26.74 -18.68 14.77
C CYS H 45 -26.44 -17.49 13.86
N LEU H 46 -25.77 -17.71 12.73
CA LEU H 46 -25.38 -16.67 11.79
C LEU H 46 -26.38 -16.46 10.64
N LEU H 47 -27.49 -17.23 10.59
CA LEU H 47 -28.50 -17.03 9.54
C LEU H 47 -29.11 -15.63 9.72
N ASP H 48 -29.20 -14.86 8.64
CA ASP H 48 -29.62 -13.47 8.67
C ASP H 48 -30.78 -13.19 7.71
N ILE H 49 -31.94 -12.73 8.22
CA ILE H 49 -33.09 -12.35 7.39
C ILE H 49 -32.79 -11.15 6.47
N ASP H 50 -31.77 -10.36 6.75
CA ASP H 50 -31.36 -9.25 5.91
C ASP H 50 -30.36 -9.66 4.85
N SER H 51 -29.85 -10.91 4.88
CA SER H 51 -28.91 -11.38 3.88
C SER H 51 -29.71 -11.86 2.67
N GLU H 52 -29.73 -11.06 1.61
CA GLU H 52 -30.52 -11.35 0.42
C GLU H 52 -29.93 -12.41 -0.50
N PRO H 53 -30.78 -13.32 -1.01
CA PRO H 53 -30.26 -14.34 -1.92
C PRO H 53 -29.85 -13.73 -3.26
N VAL H 54 -28.72 -14.14 -3.83
CA VAL H 54 -28.24 -13.57 -5.11
C VAL H 54 -28.33 -14.61 -6.20
N ALA H 55 -27.93 -15.84 -5.91
CA ALA H 55 -27.94 -16.94 -6.87
C ALA H 55 -29.35 -17.23 -7.44
N ALA H 56 -29.38 -17.78 -8.66
CA ALA H 56 -30.63 -18.17 -9.26
C ALA H 56 -31.17 -19.41 -8.49
N ARG H 57 -32.51 -19.55 -8.46
CA ARG H 57 -33.19 -20.63 -7.75
C ARG H 57 -32.90 -21.96 -8.40
N SER H 58 -32.30 -22.86 -7.68
CA SER H 58 -31.84 -24.12 -8.19
C SER H 58 -32.80 -25.33 -8.01
N THR H 59 -33.76 -25.28 -7.06
CA THR H 59 -34.71 -26.38 -6.87
C THR H 59 -35.83 -26.22 -7.87
N SER H 60 -36.05 -27.20 -8.77
CA SER H 60 -37.09 -27.08 -9.77
C SER H 60 -38.48 -27.17 -9.17
N ILE H 61 -39.44 -26.47 -9.79
CA ILE H 61 -40.81 -26.46 -9.40
C ILE H 61 -41.61 -27.28 -10.43
N ILE H 62 -42.31 -28.30 -9.94
CA ILE H 62 -43.20 -29.10 -10.76
C ILE H 62 -44.61 -28.57 -10.48
N ALA H 63 -45.34 -28.14 -11.52
CA ALA H 63 -46.69 -27.63 -11.34
C ALA H 63 -47.67 -28.57 -12.03
N THR H 64 -48.69 -29.05 -11.30
CA THR H 64 -49.70 -29.94 -11.89
C THR H 64 -50.66 -29.10 -12.73
N ILE H 65 -50.91 -29.56 -13.96
CA ILE H 65 -51.73 -28.84 -14.93
C ILE H 65 -53.17 -29.30 -14.78
N GLY H 66 -54.08 -28.34 -14.73
CA GLY H 66 -55.51 -28.59 -14.58
C GLY H 66 -56.33 -27.40 -15.03
N PRO H 67 -57.63 -27.38 -14.68
CA PRO H 67 -58.51 -26.26 -15.08
C PRO H 67 -58.02 -24.85 -14.74
N ALA H 68 -57.24 -24.71 -13.67
CA ALA H 68 -56.70 -23.40 -13.28
C ALA H 68 -55.43 -22.98 -14.01
N SER H 69 -54.83 -23.89 -14.73
CA SER H 69 -53.56 -23.63 -15.35
C SER H 69 -53.47 -24.13 -16.79
N ARG H 70 -54.58 -24.42 -17.46
CA ARG H 70 -54.50 -24.90 -18.86
C ARG H 70 -54.46 -23.79 -19.90
N SER H 71 -54.91 -22.59 -19.55
CA SER H 71 -54.92 -21.48 -20.47
C SER H 71 -53.46 -21.21 -20.98
N VAL H 72 -53.25 -21.06 -22.31
CA VAL H 72 -51.94 -20.77 -22.90
C VAL H 72 -51.36 -19.49 -22.29
N GLU H 73 -52.21 -18.48 -22.04
CA GLU H 73 -51.79 -17.21 -21.42
C GLU H 73 -51.41 -17.35 -19.95
N ARG H 74 -52.14 -18.18 -19.22
CA ARG H 74 -51.87 -18.46 -17.81
C ARG H 74 -50.55 -19.30 -17.75
N LEU H 75 -50.34 -20.24 -18.69
CA LEU H 75 -49.13 -21.04 -18.74
C LEU H 75 -47.87 -20.18 -19.00
N LYS H 76 -48.01 -19.09 -19.77
CA LYS H 76 -46.89 -18.17 -20.01
C LYS H 76 -46.52 -17.47 -18.72
N GLU H 77 -47.52 -17.08 -17.90
CA GLU H 77 -47.27 -16.46 -16.63
C GLU H 77 -46.59 -17.44 -15.64
N MET H 78 -46.97 -18.74 -15.71
CA MET H 78 -46.41 -19.77 -14.85
CA MET H 78 -46.41 -19.76 -14.84
C MET H 78 -44.95 -20.09 -15.21
N ILE H 79 -44.60 -20.01 -16.50
CA ILE H 79 -43.24 -20.23 -16.95
C ILE H 79 -42.39 -19.06 -16.43
N LYS H 80 -42.91 -17.81 -16.54
CA LYS H 80 -42.21 -16.64 -16.04
C LYS H 80 -42.05 -16.64 -14.51
N ALA H 81 -43.05 -17.18 -13.79
CA ALA H 81 -43.02 -17.28 -12.32
C ALA H 81 -42.00 -18.32 -11.83
N GLY H 82 -41.65 -19.29 -12.69
CA GLY H 82 -40.68 -20.30 -12.30
C GLY H 82 -41.00 -21.76 -12.52
N MET H 83 -42.17 -22.11 -13.12
CA MET H 83 -42.51 -23.52 -13.38
C MET H 83 -41.47 -24.13 -14.33
N ASN H 84 -40.91 -25.28 -13.92
CA ASN H 84 -39.92 -25.97 -14.77
C ASN H 84 -40.45 -27.25 -15.38
N ILE H 85 -41.38 -27.92 -14.68
CA ILE H 85 -41.93 -29.20 -15.12
C ILE H 85 -43.44 -29.14 -15.01
N ALA H 86 -44.16 -29.49 -16.07
CA ALA H 86 -45.61 -29.53 -16.08
C ALA H 86 -46.04 -31.00 -15.81
N ARG H 87 -46.80 -31.22 -14.73
CA ARG H 87 -47.24 -32.56 -14.38
C ARG H 87 -48.67 -32.81 -14.87
N LEU H 88 -48.88 -33.90 -15.61
CA LEU H 88 -50.20 -34.30 -16.08
C LEU H 88 -50.63 -35.46 -15.21
N ASN H 89 -51.65 -35.26 -14.36
CA ASN H 89 -52.10 -36.31 -13.47
C ASN H 89 -53.10 -37.19 -14.18
N PHE H 90 -52.67 -38.39 -14.60
CA PHE H 90 -53.55 -39.31 -15.33
C PHE H 90 -54.58 -40.02 -14.43
N SER H 91 -54.71 -39.61 -13.16
CA SER H 91 -55.79 -40.10 -12.29
C SER H 91 -57.12 -39.43 -12.66
N HIS H 92 -57.08 -38.23 -13.29
CA HIS H 92 -58.23 -37.47 -13.74
C HIS H 92 -58.08 -37.12 -15.23
N GLY H 93 -59.18 -36.96 -15.94
CA GLY H 93 -59.17 -36.58 -17.33
C GLY H 93 -58.91 -37.68 -18.33
N SER H 94 -59.35 -37.48 -19.53
CA SER H 94 -59.20 -38.44 -20.63
C SER H 94 -57.90 -38.18 -21.41
N HIS H 95 -57.58 -39.06 -22.37
CA HIS H 95 -56.43 -38.86 -23.26
C HIS H 95 -56.57 -37.56 -24.05
N GLU H 96 -57.80 -37.22 -24.46
CA GLU H 96 -58.09 -36.00 -25.20
C GLU H 96 -57.80 -34.77 -24.34
N TYR H 97 -58.14 -34.84 -23.06
CA TYR H 97 -57.93 -33.75 -22.14
C TYR H 97 -56.41 -33.52 -21.96
N HIS H 98 -55.66 -34.61 -21.72
CA HIS H 98 -54.20 -34.51 -21.53
C HIS H 98 -53.45 -34.09 -22.80
N ALA H 99 -53.93 -34.49 -24.00
CA ALA H 99 -53.31 -34.06 -25.26
C ALA H 99 -53.44 -32.55 -25.42
N GLU H 100 -54.59 -31.99 -25.00
CA GLU H 100 -54.85 -30.55 -25.06
C GLU H 100 -53.94 -29.84 -24.08
N SER H 101 -53.74 -30.43 -22.89
CA SER H 101 -52.86 -29.86 -21.86
C SER H 101 -51.43 -29.77 -22.41
N ILE H 102 -50.94 -30.87 -23.03
CA ILE H 102 -49.62 -30.94 -23.62
C ILE H 102 -49.46 -29.89 -24.71
N ALA H 103 -50.45 -29.76 -25.61
CA ALA H 103 -50.40 -28.80 -26.71
C ALA H 103 -50.37 -27.37 -26.18
N ASN H 104 -51.12 -27.10 -25.10
CA ASN H 104 -51.15 -25.75 -24.52
C ASN H 104 -49.84 -25.45 -23.87
N VAL H 105 -49.25 -26.42 -23.14
CA VAL H 105 -47.96 -26.22 -22.51
C VAL H 105 -46.90 -25.90 -23.57
N ARG H 106 -46.81 -26.76 -24.63
CA ARG H 106 -45.89 -26.57 -25.72
C ARG H 106 -46.06 -25.24 -26.42
N GLU H 107 -47.30 -24.79 -26.64
CA GLU H 107 -47.54 -23.51 -27.26
C GLU H 107 -47.01 -22.37 -26.38
N ALA H 108 -47.26 -22.42 -25.05
CA ALA H 108 -46.77 -21.39 -24.14
C ALA H 108 -45.24 -21.40 -24.06
N VAL H 109 -44.63 -22.59 -24.01
CA VAL H 109 -43.18 -22.73 -23.98
C VAL H 109 -42.53 -22.19 -25.28
N GLU H 110 -43.06 -22.61 -26.45
CA GLU H 110 -42.50 -22.18 -27.71
C GLU H 110 -42.76 -20.73 -28.07
N SER H 111 -43.66 -20.04 -27.34
CA SER H 111 -43.93 -18.63 -27.59
C SER H 111 -42.69 -17.77 -27.25
N PHE H 112 -41.74 -18.29 -26.46
CA PHE H 112 -40.52 -17.61 -26.09
C PHE H 112 -39.29 -18.06 -26.92
N ALA H 113 -39.45 -19.01 -27.86
CA ALA H 113 -38.35 -19.53 -28.67
C ALA H 113 -37.71 -18.52 -29.62
N GLY H 114 -38.46 -17.47 -29.98
CA GLY H 114 -37.94 -16.42 -30.86
C GLY H 114 -36.78 -15.64 -30.26
N SER H 115 -36.54 -15.81 -28.94
CA SER H 115 -35.41 -15.18 -28.26
C SER H 115 -34.58 -16.29 -27.61
N PRO H 116 -33.69 -16.92 -28.37
CA PRO H 116 -32.90 -18.05 -27.83
C PRO H 116 -32.17 -17.87 -26.51
N LEU H 117 -31.73 -16.64 -26.20
CA LEU H 117 -30.96 -16.36 -24.99
C LEU H 117 -31.74 -16.38 -23.69
N SER H 118 -33.07 -16.22 -23.77
CA SER H 118 -33.89 -16.26 -22.55
C SER H 118 -34.90 -17.44 -22.55
N TYR H 119 -34.97 -18.22 -23.65
CA TYR H 119 -35.86 -19.35 -23.78
C TYR H 119 -35.64 -20.36 -22.62
N ARG H 120 -36.73 -20.71 -21.93
CA ARG H 120 -36.68 -21.66 -20.86
C ARG H 120 -37.35 -22.96 -21.28
N PRO H 121 -36.58 -24.05 -21.36
CA PRO H 121 -37.22 -25.35 -21.61
C PRO H 121 -38.16 -25.72 -20.43
N VAL H 122 -39.26 -26.45 -20.71
CA VAL H 122 -40.17 -26.91 -19.66
C VAL H 122 -40.45 -28.39 -19.91
N ALA H 123 -40.18 -29.25 -18.93
CA ALA H 123 -40.43 -30.68 -19.11
C ALA H 123 -41.92 -31.02 -18.98
N ILE H 124 -42.35 -32.13 -19.56
CA ILE H 124 -43.71 -32.62 -19.45
C ILE H 124 -43.62 -34.00 -18.80
N ALA H 125 -44.24 -34.15 -17.63
CA ALA H 125 -44.22 -35.39 -16.89
C ALA H 125 -45.60 -36.03 -16.82
N LEU H 126 -45.69 -37.35 -17.04
CA LEU H 126 -46.95 -38.07 -16.99
C LEU H 126 -47.00 -38.79 -15.66
N ASP H 127 -47.98 -38.47 -14.82
CA ASP H 127 -48.11 -39.12 -13.52
C ASP H 127 -49.20 -40.21 -13.69
N THR H 128 -48.84 -41.48 -13.56
CA THR H 128 -49.77 -42.58 -13.79
C THR H 128 -50.86 -42.74 -12.71
N LYS H 129 -51.99 -43.34 -13.09
CA LYS H 129 -53.10 -43.60 -12.20
C LYS H 129 -52.71 -44.62 -11.13
N GLY H 130 -51.98 -45.65 -11.51
CA GLY H 130 -51.53 -46.65 -10.55
C GLY H 130 -52.14 -48.02 -10.70
N PRO H 131 -51.66 -48.98 -9.88
CA PRO H 131 -52.14 -50.37 -10.01
C PRO H 131 -53.49 -50.67 -9.36
N GLY H 132 -53.91 -49.81 -8.43
CA GLY H 132 -55.15 -50.01 -7.70
C GLY H 132 -55.08 -51.28 -6.86
N SER H 133 -56.11 -52.14 -7.01
CA SER H 133 -56.13 -53.42 -6.29
C SER H 133 -55.28 -54.50 -6.97
N GLY H 134 -54.82 -54.27 -8.20
CA GLY H 134 -54.02 -55.23 -8.94
C GLY H 134 -52.61 -55.41 -8.44
N PRO H 135 -52.01 -56.56 -8.76
CA PRO H 135 -50.63 -56.82 -8.28
C PRO H 135 -49.52 -56.17 -9.11
N GLY H 136 -49.79 -55.93 -10.39
CA GLY H 136 -48.81 -55.33 -11.30
C GLY H 136 -49.33 -54.15 -12.08
N LEU H 137 -48.73 -53.91 -13.26
CA LEU H 137 -49.09 -52.78 -14.12
C LEU H 137 -50.50 -52.92 -14.65
N SER H 138 -51.37 -51.97 -14.30
CA SER H 138 -52.76 -51.98 -14.72
C SER H 138 -52.89 -51.78 -16.23
N GLU H 139 -54.03 -52.20 -16.81
CA GLU H 139 -54.25 -52.04 -18.24
C GLU H 139 -54.40 -50.58 -18.63
N GLN H 140 -54.95 -49.75 -17.74
CA GLN H 140 -55.07 -48.32 -18.01
C GLN H 140 -53.68 -47.68 -18.04
N ASP H 141 -52.78 -48.10 -17.15
CA ASP H 141 -51.41 -47.59 -17.13
C ASP H 141 -50.69 -47.97 -18.40
N VAL H 142 -50.90 -49.19 -18.93
CA VAL H 142 -50.29 -49.59 -20.21
C VAL H 142 -50.74 -48.68 -21.33
N ARG H 143 -52.01 -48.27 -21.35
CA ARG H 143 -52.54 -47.36 -22.37
C ARG H 143 -52.02 -45.93 -22.20
N ASP H 144 -51.97 -45.45 -20.96
CA ASP H 144 -51.50 -44.11 -20.62
C ASP H 144 -50.01 -43.96 -20.91
N LEU H 145 -49.20 -44.98 -20.61
CA LEU H 145 -47.75 -44.95 -20.91
C LEU H 145 -47.51 -44.97 -22.43
N ARG H 146 -48.34 -45.74 -23.16
CA ARG H 146 -48.26 -45.73 -24.63
C ARG H 146 -48.60 -44.31 -25.17
N PHE H 147 -49.62 -43.66 -24.56
CA PHE H 147 -50.02 -42.29 -24.90
C PHE H 147 -48.82 -41.33 -24.66
N GLY H 148 -48.14 -41.50 -23.54
CA GLY H 148 -46.99 -40.68 -23.18
C GLY H 148 -45.89 -40.74 -24.21
N VAL H 149 -45.56 -41.96 -24.66
CA VAL H 149 -44.54 -42.13 -25.69
C VAL H 149 -44.98 -41.47 -26.99
N GLU H 150 -46.24 -41.66 -27.38
CA GLU H 150 -46.76 -41.08 -28.62
C GLU H 150 -46.82 -39.57 -28.57
N HIS H 151 -47.01 -38.98 -27.38
CA HIS H 151 -47.04 -37.53 -27.26
C HIS H 151 -45.70 -36.92 -26.82
N GLY H 152 -44.64 -37.72 -26.77
CA GLY H 152 -43.30 -37.24 -26.43
C GLY H 152 -43.06 -36.71 -25.03
N VAL H 153 -43.67 -37.35 -24.00
CA VAL H 153 -43.44 -36.90 -22.63
C VAL H 153 -41.98 -37.16 -22.24
N ASP H 154 -41.45 -36.33 -21.32
CA ASP H 154 -40.04 -36.46 -20.93
C ASP H 154 -39.83 -37.37 -19.75
N ILE H 155 -40.81 -37.42 -18.85
CA ILE H 155 -40.70 -38.11 -17.58
C ILE H 155 -42.01 -38.84 -17.28
N VAL H 156 -41.90 -39.94 -16.54
CA VAL H 156 -43.03 -40.66 -16.03
C VAL H 156 -42.88 -40.66 -14.49
N PHE H 157 -43.91 -40.20 -13.75
CA PHE H 157 -43.94 -40.33 -12.31
C PHE H 157 -44.78 -41.61 -12.12
N ALA H 158 -44.12 -42.75 -11.89
CA ALA H 158 -44.84 -44.03 -11.76
C ALA H 158 -45.45 -44.23 -10.38
N SER H 159 -46.77 -44.23 -10.31
CA SER H 159 -47.48 -44.37 -9.05
C SER H 159 -47.35 -45.76 -8.41
N PHE H 160 -47.34 -45.77 -7.09
CA PHE H 160 -47.32 -46.94 -6.23
C PHE H 160 -46.26 -47.98 -6.62
N VAL H 161 -45.00 -47.55 -6.76
CA VAL H 161 -43.92 -48.47 -7.08
C VAL H 161 -43.59 -49.19 -5.78
N ARG H 162 -43.67 -50.52 -5.80
CA ARG H 162 -43.45 -51.36 -4.61
C ARG H 162 -42.18 -52.22 -4.68
N LYS H 163 -41.60 -52.38 -5.88
CA LYS H 163 -40.45 -53.25 -6.08
C LYS H 163 -39.80 -52.98 -7.44
N ALA H 164 -38.60 -53.51 -7.66
CA ALA H 164 -37.88 -53.31 -8.91
C ALA H 164 -38.64 -53.81 -10.15
N SER H 165 -39.43 -54.90 -10.03
CA SER H 165 -40.18 -55.43 -11.17
C SER H 165 -41.27 -54.48 -11.65
N ASP H 166 -41.79 -53.63 -10.76
CA ASP H 166 -42.78 -52.61 -11.14
C ASP H 166 -42.13 -51.60 -12.09
N VAL H 167 -40.87 -51.22 -11.84
CA VAL H 167 -40.14 -50.30 -12.70
C VAL H 167 -39.88 -50.94 -14.05
N ALA H 168 -39.50 -52.22 -14.06
CA ALA H 168 -39.27 -52.94 -15.32
C ALA H 168 -40.54 -53.03 -16.15
N ALA H 169 -41.70 -53.18 -15.50
CA ALA H 169 -42.99 -53.23 -16.20
C ALA H 169 -43.31 -51.87 -16.84
N VAL H 170 -43.05 -50.76 -16.12
CA VAL H 170 -43.27 -49.40 -16.69
C VAL H 170 -42.33 -49.19 -17.86
N ARG H 171 -41.07 -49.62 -17.73
N ARG H 171 -41.07 -49.62 -17.73
CA ARG H 171 -40.06 -49.50 -18.76
CA ARG H 171 -40.07 -49.48 -18.79
C ARG H 171 -40.46 -50.30 -20.02
C ARG H 171 -40.49 -50.30 -20.03
N ALA H 172 -40.99 -51.51 -19.83
CA ALA H 172 -41.44 -52.37 -20.93
C ALA H 172 -42.65 -51.76 -21.63
N ALA H 173 -43.60 -51.18 -20.88
CA ALA H 173 -44.78 -50.56 -21.49
C ALA H 173 -44.46 -49.32 -22.31
N LEU H 174 -43.33 -48.66 -22.04
CA LEU H 174 -42.92 -47.50 -22.85
C LEU H 174 -42.35 -47.94 -24.22
N GLY H 175 -41.92 -49.20 -24.33
CA GLY H 175 -41.41 -49.80 -25.56
C GLY H 175 -40.06 -49.29 -26.03
N PRO H 176 -39.68 -49.69 -27.25
CA PRO H 176 -38.38 -49.26 -27.80
C PRO H 176 -38.27 -47.77 -28.07
N GLU H 177 -39.38 -47.09 -28.37
CA GLU H 177 -39.32 -45.64 -28.65
C GLU H 177 -39.23 -44.79 -27.37
N GLY H 178 -39.56 -45.36 -26.21
CA GLY H 178 -39.52 -44.61 -24.96
C GLY H 178 -38.33 -44.91 -24.07
N HIS H 179 -37.23 -45.39 -24.65
CA HIS H 179 -36.01 -45.70 -23.89
CA HIS H 179 -36.02 -45.70 -23.87
C HIS H 179 -35.41 -44.45 -23.21
N GLY H 180 -35.61 -43.27 -23.82
CA GLY H 180 -35.09 -42.00 -23.31
C GLY H 180 -35.93 -41.31 -22.24
N ILE H 181 -37.15 -41.77 -21.99
CA ILE H 181 -38.02 -41.19 -20.99
C ILE H 181 -37.50 -41.54 -19.58
N LYS H 182 -37.46 -40.54 -18.67
CA LYS H 182 -36.98 -40.78 -17.32
C LYS H 182 -38.08 -41.36 -16.45
N ILE H 183 -37.77 -42.40 -15.68
CA ILE H 183 -38.77 -43.00 -14.80
C ILE H 183 -38.49 -42.59 -13.36
N ILE H 184 -39.39 -41.81 -12.78
CA ILE H 184 -39.28 -41.38 -11.39
C ILE H 184 -40.29 -42.23 -10.62
N SER H 185 -39.80 -43.12 -9.74
CA SER H 185 -40.68 -43.99 -8.99
C SER H 185 -41.29 -43.29 -7.80
N LYS H 186 -42.60 -43.30 -7.72
CA LYS H 186 -43.30 -42.71 -6.58
C LYS H 186 -43.39 -43.72 -5.45
N ILE H 187 -42.86 -43.36 -4.27
CA ILE H 187 -42.91 -44.23 -3.10
C ILE H 187 -44.09 -43.76 -2.31
N GLU H 188 -45.13 -44.59 -2.22
CA GLU H 188 -46.39 -44.20 -1.57
C GLU H 188 -46.87 -45.15 -0.49
N ASN H 189 -46.13 -46.20 -0.16
CA ASN H 189 -46.58 -47.14 0.87
C ASN H 189 -45.43 -47.79 1.62
N HIS H 190 -45.74 -48.62 2.63
CA HIS H 190 -44.73 -49.29 3.43
C HIS H 190 -43.81 -50.15 2.58
N GLU H 191 -44.33 -50.93 1.62
CA GLU H 191 -43.50 -51.81 0.82
C GLU H 191 -42.47 -51.04 -0.01
N GLY H 192 -42.90 -49.94 -0.62
CA GLY H 192 -42.01 -49.07 -1.38
C GLY H 192 -40.88 -48.53 -0.54
N VAL H 193 -41.18 -48.18 0.75
CA VAL H 193 -40.16 -47.69 1.68
C VAL H 193 -39.20 -48.81 2.05
N LYS H 194 -39.72 -50.00 2.35
CA LYS H 194 -38.86 -51.13 2.70
C LYS H 194 -38.01 -51.66 1.54
N ARG H 195 -38.55 -51.63 0.34
CA ARG H 195 -37.80 -52.04 -0.84
C ARG H 195 -37.18 -50.88 -1.61
N PHE H 196 -37.02 -49.71 -0.95
CA PHE H 196 -36.44 -48.51 -1.53
C PHE H 196 -35.16 -48.72 -2.31
N ASP H 197 -34.15 -49.37 -1.70
CA ASP H 197 -32.86 -49.55 -2.36
C ASP H 197 -32.95 -50.25 -3.72
N GLU H 198 -33.74 -51.32 -3.82
CA GLU H 198 -33.90 -52.02 -5.08
C GLU H 198 -34.67 -51.19 -6.12
N ILE H 199 -35.59 -50.33 -5.66
CA ILE H 199 -36.37 -49.47 -6.55
C ILE H 199 -35.48 -48.34 -7.12
N LEU H 200 -34.71 -47.67 -6.25
CA LEU H 200 -33.84 -46.59 -6.65
C LEU H 200 -32.78 -47.09 -7.64
N GLU H 201 -32.26 -48.31 -7.44
CA GLU H 201 -31.25 -48.89 -8.30
C GLU H 201 -31.67 -48.96 -9.76
N VAL H 202 -32.94 -49.30 -10.01
CA VAL H 202 -33.44 -49.41 -11.39
C VAL H 202 -34.21 -48.18 -11.89
N SER H 203 -34.44 -47.17 -11.03
CA SER H 203 -35.17 -45.98 -11.42
C SER H 203 -34.20 -44.84 -11.73
N ASP H 204 -34.68 -43.81 -12.42
CA ASP H 204 -33.89 -42.60 -12.65
C ASP H 204 -33.95 -41.65 -11.45
N GLY H 205 -34.97 -41.77 -10.63
CA GLY H 205 -35.17 -40.93 -9.47
C GLY H 205 -36.39 -41.36 -8.68
N ILE H 206 -36.71 -40.59 -7.64
CA ILE H 206 -37.80 -40.92 -6.72
C ILE H 206 -38.68 -39.74 -6.42
N MET H 207 -39.97 -40.00 -6.18
CA MET H 207 -40.86 -38.99 -5.69
C MET H 207 -41.34 -39.45 -4.31
N VAL H 208 -41.20 -38.59 -3.28
CA VAL H 208 -41.75 -38.86 -1.95
C VAL H 208 -43.22 -38.42 -2.07
N ALA H 209 -44.12 -39.36 -2.40
CA ALA H 209 -45.53 -39.09 -2.62
C ALA H 209 -46.25 -39.10 -1.28
N ARG H 210 -46.19 -37.98 -0.55
CA ARG H 210 -46.65 -37.85 0.82
C ARG H 210 -48.15 -38.02 1.04
N GLY H 211 -48.99 -37.73 0.06
CA GLY H 211 -50.43 -37.89 0.20
C GLY H 211 -50.83 -39.33 0.55
N ASP H 212 -50.51 -40.27 -0.35
CA ASP H 212 -50.80 -41.68 -0.11
C ASP H 212 -49.91 -42.24 0.99
N LEU H 213 -48.63 -41.83 1.04
CA LEU H 213 -47.71 -42.31 2.05
C LEU H 213 -48.23 -42.00 3.46
N GLY H 214 -48.84 -40.81 3.64
CA GLY H 214 -49.43 -40.36 4.89
C GLY H 214 -50.67 -41.12 5.31
N ILE H 215 -51.27 -41.90 4.40
CA ILE H 215 -52.40 -42.75 4.74
C ILE H 215 -51.98 -44.23 4.81
N GLU H 216 -50.93 -44.62 4.10
CA GLU H 216 -50.43 -45.98 4.12
C GLU H 216 -49.61 -46.28 5.36
N ILE H 217 -48.90 -45.28 5.89
CA ILE H 217 -48.12 -45.40 7.11
C ILE H 217 -48.61 -44.29 8.09
N PRO H 218 -48.30 -44.37 9.40
CA PRO H 218 -48.70 -43.28 10.31
C PRO H 218 -48.21 -41.92 9.84
N ALA H 219 -49.08 -40.91 9.91
CA ALA H 219 -48.78 -39.57 9.45
C ALA H 219 -47.53 -38.99 10.11
N GLU H 220 -47.31 -39.34 11.39
CA GLU H 220 -46.16 -38.84 12.15
C GLU H 220 -44.84 -39.49 11.73
N LYS H 221 -44.85 -40.47 10.81
CA LYS H 221 -43.64 -41.13 10.33
C LYS H 221 -43.23 -40.64 8.95
N VAL H 222 -44.10 -39.95 8.20
CA VAL H 222 -43.78 -39.50 6.84
C VAL H 222 -42.46 -38.71 6.75
N PHE H 223 -42.20 -37.81 7.71
CA PHE H 223 -40.96 -37.02 7.68
C PHE H 223 -39.71 -37.90 7.74
N LEU H 224 -39.78 -39.07 8.42
CA LEU H 224 -38.63 -39.97 8.50
C LEU H 224 -38.39 -40.59 7.12
N ALA H 225 -39.48 -40.99 6.42
CA ALA H 225 -39.39 -41.58 5.11
C ALA H 225 -38.89 -40.52 4.10
N GLN H 226 -39.36 -39.28 4.22
CA GLN H 226 -38.92 -38.20 3.34
C GLN H 226 -37.44 -37.94 3.50
N LYS H 227 -36.99 -37.74 4.74
CA LYS H 227 -35.60 -37.43 5.01
C LYS H 227 -34.67 -38.57 4.65
N MET H 228 -35.09 -39.84 4.90
CA MET H 228 -34.31 -41.01 4.52
C MET H 228 -34.19 -41.11 2.97
N MET H 229 -35.31 -41.00 2.27
CA MET H 229 -35.29 -41.13 0.80
C MET H 229 -34.50 -40.03 0.13
N ILE H 230 -34.64 -38.79 0.60
CA ILE H 230 -33.86 -37.67 0.05
C ILE H 230 -32.36 -37.92 0.28
N GLY H 231 -32.00 -38.35 1.50
CA GLY H 231 -30.61 -38.66 1.82
C GLY H 231 -30.03 -39.73 0.92
N ARG H 232 -30.75 -40.86 0.73
CA ARG H 232 -30.30 -41.96 -0.13
C ARG H 232 -30.22 -41.56 -1.59
N CYS H 233 -31.15 -40.72 -2.08
CA CYS H 233 -31.08 -40.23 -3.45
C CYS H 233 -29.88 -39.29 -3.63
N ASN H 234 -29.61 -38.44 -2.64
CA ASN H 234 -28.47 -37.53 -2.71
C ASN H 234 -27.16 -38.34 -2.75
N LEU H 235 -27.08 -39.39 -1.94
CA LEU H 235 -25.92 -40.27 -1.90
C LEU H 235 -25.76 -41.00 -3.24
N ALA H 236 -26.88 -41.44 -3.86
CA ALA H 236 -26.85 -42.11 -5.17
C ALA H 236 -26.67 -41.14 -6.36
N GLY H 237 -26.80 -39.83 -6.14
CA GLY H 237 -26.69 -38.85 -7.21
C GLY H 237 -27.87 -38.90 -8.16
N LYS H 238 -29.06 -39.28 -7.65
CA LYS H 238 -30.26 -39.39 -8.49
C LYS H 238 -31.32 -38.42 -8.01
N PRO H 239 -32.09 -37.82 -8.93
CA PRO H 239 -33.09 -36.82 -8.49
C PRO H 239 -34.18 -37.31 -7.53
N VAL H 240 -34.55 -36.44 -6.58
CA VAL H 240 -35.61 -36.74 -5.63
C VAL H 240 -36.59 -35.56 -5.58
N VAL H 241 -37.89 -35.86 -5.64
CA VAL H 241 -38.96 -34.87 -5.63
C VAL H 241 -39.71 -34.93 -4.31
N CYS H 242 -39.95 -33.78 -3.66
CA CYS H 242 -40.81 -33.76 -2.50
C CYS H 242 -42.18 -33.30 -3.00
N ALA H 243 -43.25 -34.07 -2.67
CA ALA H 243 -44.56 -33.76 -3.18
C ALA H 243 -45.68 -33.76 -2.15
N THR H 244 -46.78 -33.02 -2.47
CA THR H 244 -48.12 -33.01 -1.88
C THR H 244 -48.27 -32.17 -0.64
N GLN H 245 -49.25 -31.26 -0.71
CA GLN H 245 -49.73 -30.36 0.34
C GLN H 245 -48.68 -29.41 0.85
N MET H 246 -47.67 -29.09 0.02
CA MET H 246 -46.61 -28.16 0.42
C MET H 246 -47.16 -26.77 0.67
N LEU H 247 -48.11 -26.31 -0.15
CA LEU H 247 -48.75 -25.00 0.00
C LEU H 247 -50.28 -25.17 -0.12
N GLU H 248 -50.84 -26.25 0.43
CA GLU H 248 -52.25 -26.60 0.37
C GLU H 248 -53.25 -25.45 0.55
N SER H 249 -53.06 -24.63 1.58
CA SER H 249 -53.95 -23.52 1.84
C SER H 249 -54.02 -22.49 0.70
N MET H 250 -53.01 -22.43 -0.18
CA MET H 250 -53.04 -21.50 -1.33
C MET H 250 -53.96 -21.93 -2.46
N ILE H 251 -54.67 -23.07 -2.28
CA ILE H 251 -55.71 -23.45 -3.22
C ILE H 251 -56.86 -22.38 -3.13
N THR H 252 -57.13 -21.87 -1.89
CA THR H 252 -58.20 -20.92 -1.64
C THR H 252 -57.72 -19.59 -1.07
N LYS H 253 -56.53 -19.55 -0.45
CA LYS H 253 -56.03 -18.31 0.16
C LYS H 253 -54.82 -17.71 -0.57
N PRO H 254 -54.69 -16.36 -0.56
CA PRO H 254 -53.57 -15.72 -1.26
C PRO H 254 -52.18 -15.94 -0.64
N ARG H 255 -52.11 -16.19 0.67
CA ARG H 255 -50.83 -16.42 1.36
C ARG H 255 -50.86 -17.79 2.04
N PRO H 256 -49.71 -18.47 2.11
CA PRO H 256 -49.67 -19.78 2.78
C PRO H 256 -49.55 -19.69 4.31
N THR H 257 -49.68 -20.83 4.99
CA THR H 257 -49.54 -20.86 6.43
C THR H 257 -48.05 -20.89 6.80
N ARG H 258 -47.72 -20.68 8.07
CA ARG H 258 -46.34 -20.72 8.56
C ARG H 258 -45.78 -22.13 8.46
N ALA H 259 -46.61 -23.18 8.63
CA ALA H 259 -46.15 -24.56 8.46
C ALA H 259 -45.82 -24.87 7.00
N GLU H 260 -46.56 -24.29 6.06
CA GLU H 260 -46.37 -24.51 4.64
C GLU H 260 -45.06 -23.93 4.10
N THR H 261 -44.72 -22.68 4.48
CA THR H 261 -43.46 -22.08 4.05
C THR H 261 -42.28 -22.83 4.66
N SER H 262 -42.43 -23.27 5.90
CA SER H 262 -41.44 -24.03 6.60
C SER H 262 -41.23 -25.39 5.90
N ASP H 263 -42.29 -26.03 5.43
CA ASP H 263 -42.25 -27.31 4.75
C ASP H 263 -41.45 -27.21 3.45
N VAL H 264 -41.69 -26.13 2.66
CA VAL H 264 -40.97 -25.90 1.41
C VAL H 264 -39.51 -25.68 1.71
N ALA H 265 -39.19 -24.82 2.69
CA ALA H 265 -37.82 -24.54 3.08
C ALA H 265 -37.08 -25.79 3.53
N ASN H 266 -37.74 -26.60 4.38
CA ASN H 266 -37.16 -27.81 4.91
C ASN H 266 -37.02 -28.89 3.86
N ALA H 267 -37.87 -28.95 2.84
CA ALA H 267 -37.67 -29.92 1.74
C ALA H 267 -36.37 -29.58 1.00
N VAL H 268 -36.10 -28.26 0.78
CA VAL H 268 -34.87 -27.82 0.14
C VAL H 268 -33.66 -28.10 1.04
N LEU H 269 -33.74 -27.74 2.35
CA LEU H 269 -32.67 -28.02 3.27
C LEU H 269 -32.43 -29.53 3.43
N ASP H 270 -33.46 -30.35 3.26
CA ASP H 270 -33.33 -31.81 3.33
C ASP H 270 -32.46 -32.32 2.17
N GLY H 271 -32.54 -31.66 1.00
CA GLY H 271 -31.76 -32.03 -0.18
C GLY H 271 -32.59 -32.38 -1.39
N ALA H 272 -33.88 -32.00 -1.40
CA ALA H 272 -34.75 -32.33 -2.52
C ALA H 272 -34.31 -31.60 -3.78
N ASP H 273 -34.33 -32.29 -4.90
CA ASP H 273 -33.99 -31.67 -6.16
C ASP H 273 -35.18 -30.88 -6.68
N CYS H 274 -36.41 -31.41 -6.46
CA CYS H 274 -37.62 -30.78 -6.96
C CYS H 274 -38.63 -30.64 -5.87
N ILE H 275 -39.50 -29.65 -6.00
CA ILE H 275 -40.65 -29.46 -5.13
C ILE H 275 -41.87 -29.41 -6.04
N MET H 276 -43.02 -29.88 -5.54
CA MET H 276 -44.20 -29.97 -6.36
C MET H 276 -45.41 -29.22 -5.83
N LEU H 277 -46.30 -28.84 -6.74
CA LEU H 277 -47.59 -28.23 -6.46
C LEU H 277 -48.65 -29.11 -7.16
N SER H 278 -49.75 -29.44 -6.47
CA SER H 278 -50.79 -30.27 -7.05
C SER H 278 -52.05 -29.41 -7.23
N GLY H 279 -53.01 -29.45 -6.28
CA GLY H 279 -54.20 -28.64 -6.38
C GLY H 279 -53.91 -27.15 -6.41
N GLU H 280 -52.78 -26.73 -5.83
CA GLU H 280 -52.32 -25.33 -5.78
C GLU H 280 -52.20 -24.76 -7.18
N THR H 281 -51.79 -25.58 -8.19
CA THR H 281 -51.72 -25.08 -9.56
C THR H 281 -52.78 -25.71 -10.47
N ALA H 282 -53.29 -26.90 -10.13
CA ALA H 282 -54.28 -27.57 -10.99
C ALA H 282 -55.69 -27.02 -10.88
N LYS H 283 -56.14 -26.67 -9.67
CA LYS H 283 -57.54 -26.26 -9.51
C LYS H 283 -57.79 -25.00 -8.69
N GLY H 284 -56.80 -24.52 -7.99
CA GLY H 284 -57.00 -23.43 -7.05
C GLY H 284 -57.14 -22.08 -7.69
N ASN H 285 -57.25 -21.08 -6.85
CA ASN H 285 -57.41 -19.69 -7.29
C ASN H 285 -56.11 -18.92 -7.46
N PHE H 286 -54.99 -19.48 -7.00
CA PHE H 286 -53.71 -18.78 -7.03
C PHE H 286 -52.59 -19.62 -7.66
N PRO H 287 -52.75 -20.16 -8.90
CA PRO H 287 -51.68 -21.00 -9.46
C PRO H 287 -50.35 -20.30 -9.66
N VAL H 288 -50.36 -19.07 -10.20
CA VAL H 288 -49.14 -18.29 -10.44
C VAL H 288 -48.51 -17.86 -9.13
N GLU H 289 -49.33 -17.46 -8.17
CA GLU H 289 -48.81 -17.04 -6.86
C GLU H 289 -48.21 -18.23 -6.10
N ALA H 290 -48.75 -19.45 -6.29
CA ALA H 290 -48.21 -20.64 -5.61
C ALA H 290 -46.82 -20.93 -6.17
N VAL H 291 -46.64 -20.80 -7.50
CA VAL H 291 -45.34 -20.96 -8.13
C VAL H 291 -44.36 -19.87 -7.63
N LYS H 292 -44.81 -18.61 -7.58
CA LYS H 292 -43.98 -17.51 -7.08
C LYS H 292 -43.54 -17.73 -5.63
N MET H 293 -44.44 -18.25 -4.79
CA MET H 293 -44.13 -18.53 -3.39
C MET H 293 -43.10 -19.64 -3.27
N GLN H 294 -43.24 -20.75 -4.02
CA GLN H 294 -42.24 -21.82 -3.98
C GLN H 294 -40.89 -21.31 -4.43
N HIS H 295 -40.88 -20.43 -5.47
CA HIS H 295 -39.66 -19.83 -5.99
C HIS H 295 -39.00 -18.98 -4.90
N ALA H 296 -39.76 -18.09 -4.24
CA ALA H 296 -39.23 -17.23 -3.20
C ALA H 296 -38.64 -17.99 -2.03
N ILE H 297 -39.35 -19.03 -1.54
CA ILE H 297 -38.87 -19.82 -0.42
C ILE H 297 -37.62 -20.62 -0.79
N ALA H 298 -37.63 -21.30 -1.95
CA ALA H 298 -36.50 -22.10 -2.39
C ALA H 298 -35.22 -21.29 -2.50
N ARG H 299 -35.26 -20.06 -3.04
CA ARG H 299 -34.04 -19.23 -3.13
C ARG H 299 -33.49 -18.95 -1.74
N GLU H 300 -34.37 -18.61 -0.79
CA GLU H 300 -33.96 -18.33 0.59
C GLU H 300 -33.32 -19.56 1.22
N ALA H 301 -33.95 -20.73 1.05
CA ALA H 301 -33.49 -21.99 1.64
C ALA H 301 -32.18 -22.47 1.04
N GLU H 302 -32.00 -22.30 -0.28
CA GLU H 302 -30.77 -22.70 -0.96
C GLU H 302 -29.57 -21.90 -0.45
N ALA H 303 -29.74 -20.61 -0.17
CA ALA H 303 -28.67 -19.80 0.41
C ALA H 303 -28.33 -20.23 1.85
N ALA H 304 -29.33 -20.74 2.59
CA ALA H 304 -29.14 -21.22 3.97
C ALA H 304 -28.53 -22.64 4.07
N VAL H 305 -28.27 -23.31 2.95
CA VAL H 305 -27.68 -24.65 2.95
C VAL H 305 -26.24 -24.56 3.52
N TYR H 306 -25.87 -25.50 4.40
CA TYR H 306 -24.54 -25.48 5.01
C TYR H 306 -23.58 -26.26 4.12
N HIS H 307 -23.14 -25.63 3.02
CA HIS H 307 -22.28 -26.24 2.01
C HIS H 307 -21.00 -26.83 2.55
N ARG H 308 -20.42 -26.22 3.59
CA ARG H 308 -19.18 -26.73 4.18
C ARG H 308 -19.29 -28.19 4.59
N GLN H 309 -20.36 -28.56 5.33
CA GLN H 309 -20.55 -29.93 5.75
C GLN H 309 -21.14 -30.76 4.63
N LEU H 310 -22.10 -30.22 3.89
CA LEU H 310 -22.71 -30.94 2.79
C LEU H 310 -21.69 -31.43 1.75
N PHE H 311 -20.80 -30.54 1.26
CA PHE H 311 -19.79 -30.92 0.28
C PHE H 311 -18.79 -31.94 0.87
N GLU H 312 -18.34 -31.72 2.09
CA GLU H 312 -17.44 -32.64 2.80
C GLU H 312 -18.05 -34.03 2.93
N GLU H 313 -19.34 -34.10 3.28
CA GLU H 313 -20.03 -35.38 3.42
C GLU H 313 -20.32 -36.05 2.08
N LEU H 314 -20.65 -35.27 1.03
CA LEU H 314 -20.89 -35.83 -0.29
C LEU H 314 -19.60 -36.41 -0.83
N ARG H 315 -18.44 -35.73 -0.62
CA ARG H 315 -17.20 -36.29 -1.13
C ARG H 315 -16.74 -37.49 -0.26
N ARG H 316 -16.92 -37.45 1.08
CA ARG H 316 -16.55 -38.60 1.91
C ARG H 316 -17.42 -39.84 1.62
N ALA H 317 -18.69 -39.63 1.31
CA ALA H 317 -19.60 -40.74 1.04
C ALA H 317 -19.46 -41.27 -0.37
N ALA H 318 -19.18 -40.40 -1.34
CA ALA H 318 -19.03 -40.83 -2.71
C ALA H 318 -17.82 -41.72 -2.87
N PRO H 319 -17.99 -42.85 -3.55
CA PRO H 319 -16.84 -43.76 -3.75
C PRO H 319 -15.82 -43.23 -4.74
N LEU H 320 -14.59 -43.75 -4.72
CA LEU H 320 -13.55 -43.42 -5.71
C LEU H 320 -14.08 -43.75 -7.11
N SER H 321 -13.70 -42.95 -8.11
CA SER H 321 -14.20 -43.20 -9.45
C SER H 321 -13.14 -43.10 -10.47
N ARG H 322 -13.19 -43.95 -11.47
CA ARG H 322 -12.28 -43.90 -12.59
C ARG H 322 -12.97 -43.36 -13.87
N ASP H 323 -14.22 -42.84 -13.73
CA ASP H 323 -14.94 -42.27 -14.85
C ASP H 323 -14.49 -40.79 -14.96
N PRO H 324 -13.93 -40.39 -16.11
CA PRO H 324 -13.45 -39.02 -16.25
C PRO H 324 -14.50 -37.94 -16.10
N THR H 325 -15.79 -38.23 -16.41
CA THR H 325 -16.86 -37.26 -16.23
C THR H 325 -17.03 -37.00 -14.75
N GLU H 326 -17.07 -38.08 -13.95
CA GLU H 326 -17.22 -38.00 -12.51
C GLU H 326 -16.00 -37.29 -11.88
N VAL H 327 -14.79 -37.63 -12.33
CA VAL H 327 -13.57 -37.01 -11.82
C VAL H 327 -13.53 -35.51 -12.16
N THR H 328 -13.93 -35.13 -13.37
CA THR H 328 -13.95 -33.72 -13.79
C THR H 328 -14.98 -32.95 -13.00
N ALA H 329 -16.17 -33.55 -12.79
CA ALA H 329 -17.26 -32.93 -12.05
C ALA H 329 -16.84 -32.52 -10.62
N ILE H 330 -16.17 -33.41 -9.86
CA ILE H 330 -15.75 -33.06 -8.51
C ILE H 330 -14.64 -31.98 -8.51
N GLY H 331 -13.74 -32.03 -9.48
CA GLY H 331 -12.70 -31.03 -9.62
C GLY H 331 -13.30 -29.67 -9.94
N ALA H 332 -14.33 -29.64 -10.81
CA ALA H 332 -15.00 -28.39 -11.19
C ALA H 332 -15.80 -27.81 -10.02
N VAL H 333 -16.44 -28.66 -9.20
CA VAL H 333 -17.19 -28.16 -8.04
C VAL H 333 -16.25 -27.60 -6.98
N GLU H 334 -15.10 -28.27 -6.77
CA GLU H 334 -14.06 -27.81 -5.84
C GLU H 334 -13.51 -26.44 -6.31
N ALA H 335 -13.20 -26.32 -7.60
CA ALA H 335 -12.71 -25.09 -8.20
C ALA H 335 -13.75 -23.99 -8.08
N ALA H 336 -15.04 -24.28 -8.32
CA ALA H 336 -16.11 -23.28 -8.18
C ALA H 336 -16.21 -22.74 -6.74
N PHE H 337 -16.11 -23.60 -5.73
CA PHE H 337 -16.14 -23.15 -4.33
C PHE H 337 -14.92 -22.30 -3.98
N LYS H 338 -13.75 -22.66 -4.51
CA LYS H 338 -12.50 -21.94 -4.24
C LYS H 338 -12.56 -20.48 -4.66
N CYS H 339 -13.20 -20.18 -5.79
CA CYS H 339 -13.22 -18.82 -6.31
C CYS H 339 -14.56 -18.16 -6.23
N CYS H 340 -15.59 -18.80 -5.60
CA CYS H 340 -16.97 -18.27 -5.58
C CYS H 340 -17.44 -18.06 -7.01
N ALA H 341 -17.24 -19.08 -7.87
CA ALA H 341 -17.62 -18.96 -9.28
C ALA H 341 -19.12 -18.65 -9.42
N ALA H 342 -19.48 -17.70 -10.32
CA ALA H 342 -20.88 -17.36 -10.53
C ALA H 342 -21.61 -18.56 -11.18
N ALA H 343 -20.89 -19.36 -11.99
CA ALA H 343 -21.51 -20.48 -12.67
C ALA H 343 -20.48 -21.54 -13.09
N ILE H 344 -20.95 -22.75 -13.36
CA ILE H 344 -20.20 -23.82 -13.99
C ILE H 344 -20.93 -24.02 -15.31
N ILE H 345 -20.33 -23.71 -16.44
CA ILE H 345 -20.97 -23.89 -17.74
C ILE H 345 -20.55 -25.24 -18.28
N VAL H 346 -21.49 -26.14 -18.56
CA VAL H 346 -21.17 -27.48 -19.04
C VAL H 346 -21.84 -27.80 -20.35
N LEU H 347 -21.14 -28.50 -21.22
CA LEU H 347 -21.73 -28.95 -22.50
C LEU H 347 -22.20 -30.36 -22.23
N THR H 348 -23.45 -30.65 -22.62
CA THR H 348 -23.96 -31.99 -22.38
C THR H 348 -24.91 -32.45 -23.49
N THR H 349 -24.83 -33.74 -23.87
CA THR H 349 -25.70 -34.28 -24.90
C THR H 349 -26.91 -34.94 -24.25
N THR H 350 -26.65 -35.75 -23.23
CA THR H 350 -27.69 -36.50 -22.53
C THR H 350 -28.11 -35.88 -21.20
N GLY H 351 -27.36 -34.90 -20.69
CA GLY H 351 -27.61 -34.31 -19.40
C GLY H 351 -26.68 -34.85 -18.30
N ARG H 352 -26.05 -36.00 -18.56
CA ARG H 352 -25.24 -36.68 -17.57
C ARG H 352 -24.12 -35.85 -16.98
N SER H 353 -23.35 -35.09 -17.79
CA SER H 353 -22.27 -34.26 -17.22
C SER H 353 -22.81 -33.23 -16.24
N ALA H 354 -24.00 -32.68 -16.51
CA ALA H 354 -24.60 -31.69 -15.65
C ALA H 354 -25.11 -32.36 -14.36
N GLN H 355 -25.66 -33.58 -14.48
CA GLN H 355 -26.15 -34.33 -13.33
C GLN H 355 -24.99 -34.68 -12.38
N LEU H 356 -23.82 -35.03 -12.94
CA LEU H 356 -22.67 -35.35 -12.08
C LEU H 356 -22.11 -34.11 -11.37
N LEU H 357 -22.29 -32.91 -11.94
CA LEU H 357 -21.90 -31.68 -11.26
C LEU H 357 -22.87 -31.40 -10.12
N SER H 358 -24.18 -31.56 -10.42
CA SER H 358 -25.30 -31.36 -9.52
C SER H 358 -25.25 -32.22 -8.25
N ARG H 359 -24.79 -33.47 -8.35
CA ARG H 359 -24.72 -34.38 -7.20
C ARG H 359 -23.79 -33.87 -6.09
N TYR H 360 -22.82 -32.98 -6.42
CA TYR H 360 -21.93 -32.41 -5.40
C TYR H 360 -22.46 -31.12 -4.80
N ARG H 361 -23.67 -30.70 -5.19
CA ARG H 361 -24.36 -29.54 -4.69
C ARG H 361 -23.51 -28.26 -4.65
N PRO H 362 -22.98 -27.86 -5.82
CA PRO H 362 -22.24 -26.59 -5.85
C PRO H 362 -23.17 -25.42 -5.55
N ARG H 363 -22.60 -24.37 -5.00
CA ARG H 363 -23.32 -23.14 -4.80
C ARG H 363 -23.47 -22.45 -6.19
N ALA H 364 -22.46 -22.58 -7.08
CA ALA H 364 -22.50 -22.02 -8.44
C ALA H 364 -23.56 -22.71 -9.29
N ALA H 365 -24.29 -21.94 -10.09
CA ALA H 365 -25.31 -22.43 -11.00
C ALA H 365 -24.65 -23.30 -12.06
N VAL H 366 -25.26 -24.44 -12.40
CA VAL H 366 -24.72 -25.29 -13.46
C VAL H 366 -25.50 -24.95 -14.72
N ILE H 367 -24.91 -24.18 -15.61
CA ILE H 367 -25.55 -23.80 -16.86
C ILE H 367 -25.24 -24.88 -17.88
N ALA H 368 -26.24 -25.68 -18.25
CA ALA H 368 -26.04 -26.79 -19.16
C ALA H 368 -26.43 -26.43 -20.58
N VAL H 369 -25.47 -26.41 -21.51
CA VAL H 369 -25.75 -26.09 -22.90
C VAL H 369 -25.86 -27.36 -23.68
N THR H 370 -27.02 -27.55 -24.30
CA THR H 370 -27.28 -28.76 -25.05
C THR H 370 -28.04 -28.51 -26.33
N ARG H 371 -27.85 -29.40 -27.32
CA ARG H 371 -28.64 -29.37 -28.54
C ARG H 371 -29.92 -30.25 -28.42
N SER H 372 -29.96 -31.15 -27.44
CA SER H 372 -31.08 -32.06 -27.26
C SER H 372 -32.17 -31.33 -26.49
N ALA H 373 -33.29 -31.10 -27.15
CA ALA H 373 -34.47 -30.48 -26.55
C ALA H 373 -34.99 -31.34 -25.40
N GLN H 374 -34.98 -32.67 -25.54
CA GLN H 374 -35.40 -33.55 -24.48
C GLN H 374 -34.49 -33.50 -23.26
N ALA H 375 -33.17 -33.56 -23.46
CA ALA H 375 -32.23 -33.48 -22.35
C ALA H 375 -32.35 -32.14 -21.64
N ALA H 376 -32.55 -31.05 -22.37
CA ALA H 376 -32.76 -29.73 -21.78
C ALA H 376 -33.98 -29.73 -20.87
N ARG H 377 -35.04 -30.43 -21.26
CA ARG H 377 -36.23 -30.53 -20.42
C ARG H 377 -35.99 -31.44 -19.18
N GLN H 378 -35.37 -32.59 -19.40
CA GLN H 378 -35.14 -33.55 -18.32
C GLN H 378 -34.14 -33.12 -17.24
N VAL H 379 -33.16 -32.26 -17.55
CA VAL H 379 -32.17 -31.87 -16.54
C VAL H 379 -32.76 -30.97 -15.44
N HIS H 380 -34.02 -30.51 -15.60
CA HIS H 380 -34.73 -29.79 -14.55
C HIS H 380 -34.91 -30.71 -13.32
N LEU H 381 -34.82 -32.04 -13.48
CA LEU H 381 -34.90 -32.96 -12.35
C LEU H 381 -33.70 -32.81 -11.41
N CYS H 382 -32.54 -32.28 -11.89
CA CYS H 382 -31.30 -32.16 -11.14
C CYS H 382 -31.12 -30.79 -10.58
N ARG H 383 -31.01 -30.70 -9.24
CA ARG H 383 -30.89 -29.40 -8.60
C ARG H 383 -29.70 -28.58 -9.11
N GLY H 384 -29.96 -27.32 -9.37
CA GLY H 384 -28.93 -26.40 -9.77
C GLY H 384 -28.58 -26.43 -11.24
N VAL H 385 -29.30 -27.22 -12.05
CA VAL H 385 -29.02 -27.26 -13.48
C VAL H 385 -29.98 -26.31 -14.21
N PHE H 386 -29.43 -25.34 -14.92
CA PHE H 386 -30.15 -24.35 -15.72
C PHE H 386 -29.92 -24.70 -17.20
N PRO H 387 -30.90 -25.37 -17.82
CA PRO H 387 -30.71 -25.81 -19.23
C PRO H 387 -30.87 -24.72 -20.28
N LEU H 388 -29.95 -24.71 -21.24
CA LEU H 388 -30.00 -23.81 -22.38
C LEU H 388 -30.06 -24.65 -23.64
N LEU H 389 -31.09 -24.44 -24.47
CA LEU H 389 -31.22 -25.15 -25.72
C LEU H 389 -30.48 -24.40 -26.84
N TYR H 390 -29.43 -25.00 -27.37
CA TYR H 390 -28.60 -24.39 -28.41
C TYR H 390 -29.18 -24.86 -29.74
N ARG H 391 -29.46 -23.92 -30.66
CA ARG H 391 -30.17 -24.28 -31.89
C ARG H 391 -29.34 -24.25 -33.17
N GLU H 392 -28.15 -23.68 -33.13
CA GLU H 392 -27.32 -23.56 -34.32
C GLU H 392 -26.76 -24.89 -34.80
N PRO H 393 -26.71 -25.08 -36.14
CA PRO H 393 -26.10 -26.32 -36.67
C PRO H 393 -24.59 -26.36 -36.38
N PRO H 394 -24.01 -27.56 -36.24
CA PRO H 394 -22.60 -27.67 -35.88
C PRO H 394 -21.65 -26.91 -36.78
N GLU H 395 -20.68 -26.22 -36.20
CA GLU H 395 -19.64 -25.54 -36.96
C GLU H 395 -18.75 -26.60 -37.70
N ALA H 396 -17.99 -26.14 -38.69
CA ALA H 396 -17.09 -27.01 -39.43
C ALA H 396 -15.95 -27.48 -38.51
N ILE H 397 -15.41 -26.56 -37.72
CA ILE H 397 -14.35 -26.88 -36.79
C ILE H 397 -14.97 -27.13 -35.42
N TRP H 398 -14.79 -28.33 -34.89
CA TRP H 398 -15.38 -28.78 -33.65
C TRP H 398 -15.03 -27.90 -32.45
N ALA H 399 -13.76 -27.48 -32.33
CA ALA H 399 -13.35 -26.56 -31.29
C ALA H 399 -14.15 -25.23 -31.32
N ASP H 400 -14.52 -24.72 -32.51
CA ASP H 400 -15.31 -23.49 -32.63
C ASP H 400 -16.76 -23.78 -32.27
N ASP H 401 -17.30 -24.97 -32.63
CA ASP H 401 -18.67 -25.34 -32.26
C ASP H 401 -18.79 -25.39 -30.69
N VAL H 402 -17.73 -25.91 -30.04
CA VAL H 402 -17.64 -25.93 -28.61
C VAL H 402 -17.61 -24.47 -28.06
N ASP H 403 -16.69 -23.61 -28.57
CA ASP H 403 -16.56 -22.21 -28.14
C ASP H 403 -17.84 -21.45 -28.28
N ARG H 404 -18.53 -21.63 -29.42
CA ARG H 404 -19.82 -20.98 -29.66
C ARG H 404 -20.84 -21.36 -28.62
N ARG H 405 -20.88 -22.63 -28.19
CA ARG H 405 -21.83 -23.06 -27.16
C ARG H 405 -21.48 -22.48 -25.82
N VAL H 406 -20.18 -22.36 -25.50
CA VAL H 406 -19.70 -21.77 -24.25
C VAL H 406 -20.11 -20.29 -24.23
N GLN H 407 -19.94 -19.57 -25.36
CA GLN H 407 -20.32 -18.17 -25.51
C GLN H 407 -21.81 -18.01 -25.44
N PHE H 408 -22.58 -18.97 -25.96
CA PHE H 408 -24.03 -18.92 -25.84
C PHE H 408 -24.44 -19.02 -24.34
N GLY H 409 -23.71 -19.85 -23.57
CA GLY H 409 -23.94 -20.00 -22.14
C GLY H 409 -23.63 -18.72 -21.40
N ILE H 410 -22.51 -18.05 -21.77
CA ILE H 410 -22.13 -16.76 -21.19
C ILE H 410 -23.14 -15.66 -21.54
N GLU H 411 -23.53 -15.55 -22.81
CA GLU H 411 -24.47 -14.53 -23.23
C GLU H 411 -25.86 -14.70 -22.60
N SER H 412 -26.33 -15.96 -22.47
CA SER H 412 -27.61 -16.23 -21.81
C SER H 412 -27.49 -15.92 -20.31
N GLY H 413 -26.36 -16.25 -19.70
CA GLY H 413 -26.13 -16.01 -18.29
C GLY H 413 -26.10 -14.53 -17.97
N LYS H 414 -25.50 -13.73 -18.86
CA LYS H 414 -25.42 -12.28 -18.69
C LYS H 414 -26.82 -11.69 -18.82
N LEU H 415 -27.58 -12.13 -19.82
CA LEU H 415 -28.94 -11.63 -20.06
C LEU H 415 -29.88 -11.95 -18.90
N ARG H 416 -29.76 -13.15 -18.33
CA ARG H 416 -30.62 -13.58 -17.24
C ARG H 416 -30.19 -13.14 -15.85
N GLY H 417 -29.04 -12.48 -15.73
CA GLY H 417 -28.55 -12.02 -14.44
C GLY H 417 -27.64 -12.97 -13.69
N PHE H 418 -27.34 -14.17 -14.25
CA PHE H 418 -26.42 -15.11 -13.59
C PHE H 418 -24.97 -14.58 -13.59
N LEU H 419 -24.56 -13.88 -14.66
CA LEU H 419 -23.18 -13.47 -14.85
C LEU H 419 -23.05 -12.00 -15.17
N ARG H 420 -21.87 -11.48 -14.85
CA ARG H 420 -21.51 -10.10 -15.11
C ARG H 420 -20.00 -10.06 -15.44
N VAL H 421 -19.56 -9.03 -16.18
CA VAL H 421 -18.15 -8.85 -16.51
C VAL H 421 -17.30 -8.81 -15.23
N GLY H 422 -16.23 -9.59 -15.21
CA GLY H 422 -15.38 -9.69 -14.03
C GLY H 422 -15.58 -10.97 -13.26
N ASP H 423 -16.74 -11.65 -13.44
CA ASP H 423 -17.00 -12.90 -12.75
C ASP H 423 -16.07 -14.02 -13.22
N LEU H 424 -15.88 -15.03 -12.39
CA LEU H 424 -15.13 -16.22 -12.78
C LEU H 424 -16.16 -17.33 -13.02
N VAL H 425 -15.94 -18.12 -14.06
CA VAL H 425 -16.78 -19.28 -14.35
C VAL H 425 -15.89 -20.50 -14.55
N ILE H 426 -16.43 -21.67 -14.24
CA ILE H 426 -15.74 -22.92 -14.50
C ILE H 426 -16.40 -23.49 -15.75
N VAL H 427 -15.64 -23.83 -16.80
CA VAL H 427 -16.22 -24.38 -18.03
C VAL H 427 -15.85 -25.87 -18.16
N VAL H 428 -16.87 -26.73 -18.30
CA VAL H 428 -16.70 -28.18 -18.39
C VAL H 428 -17.02 -28.69 -19.78
N THR H 429 -16.02 -29.27 -20.46
CA THR H 429 -16.13 -29.80 -21.80
C THR H 429 -15.48 -31.22 -21.89
N GLY H 430 -15.44 -31.79 -23.09
CA GLY H 430 -14.81 -33.07 -23.36
C GLY H 430 -13.74 -32.99 -24.44
N TRP H 431 -13.07 -34.10 -24.70
CA TRP H 431 -11.95 -34.12 -25.66
C TRP H 431 -12.35 -34.48 -27.08
N ARG H 432 -13.59 -34.93 -27.29
CA ARG H 432 -14.07 -35.29 -28.63
C ARG H 432 -15.60 -35.19 -28.69
N PRO H 433 -16.19 -35.10 -29.89
CA PRO H 433 -17.66 -35.06 -29.98
C PRO H 433 -18.32 -36.34 -29.47
N GLY H 434 -19.59 -36.23 -29.15
CA GLY H 434 -20.37 -37.34 -28.66
C GLY H 434 -20.41 -37.40 -27.15
N SER H 435 -21.41 -38.04 -26.65
CA SER H 435 -21.68 -38.26 -25.25
C SER H 435 -20.62 -39.18 -24.62
N GLY H 436 -20.31 -38.94 -23.35
CA GLY H 436 -19.42 -39.79 -22.56
C GLY H 436 -17.95 -39.44 -22.50
N TYR H 437 -17.55 -38.30 -23.09
CA TYR H 437 -16.14 -37.93 -23.12
C TYR H 437 -15.76 -36.66 -22.36
N THR H 438 -16.61 -36.19 -21.42
CA THR H 438 -16.23 -35.01 -20.60
C THR H 438 -14.97 -35.33 -19.79
N ASN H 439 -13.98 -34.47 -19.85
CA ASN H 439 -12.74 -34.67 -19.10
C ASN H 439 -11.97 -33.35 -18.89
N ILE H 440 -12.56 -32.19 -19.18
CA ILE H 440 -11.81 -30.93 -19.08
C ILE H 440 -12.55 -29.92 -18.26
N MET H 441 -11.84 -29.25 -17.36
CA MET H 441 -12.40 -28.10 -16.65
C MET H 441 -11.46 -26.89 -16.81
N ARG H 442 -12.03 -25.72 -17.13
CA ARG H 442 -11.26 -24.49 -17.34
CA ARG H 442 -11.20 -24.52 -17.25
C ARG H 442 -11.74 -23.37 -16.44
N VAL H 443 -10.83 -22.54 -15.90
CA VAL H 443 -11.22 -21.37 -15.12
C VAL H 443 -11.23 -20.16 -16.09
N LEU H 444 -12.37 -19.54 -16.28
CA LEU H 444 -12.54 -18.47 -17.26
C LEU H 444 -13.03 -17.16 -16.63
N SER H 445 -12.46 -16.04 -17.06
CA SER H 445 -12.88 -14.74 -16.59
C SER H 445 -13.91 -14.18 -17.57
N ILE H 446 -15.03 -13.67 -17.07
CA ILE H 446 -16.07 -13.10 -17.93
C ILE H 446 -15.69 -11.70 -18.43
N SER H 447 -15.61 -11.53 -19.74
CA SER H 447 -15.29 -10.25 -20.34
C SER H 447 -16.56 -9.66 -21.02
#